data_2KV3
#
_entry.id   2KV3
#
_entity_poly.entity_id   1
_entity_poly.type   'polypeptide(L)'
_entity_poly.pdbx_seq_one_letter_code
;QSCAPGWFYHKSNCYGYFRKLRNWSDAELECQSYGNGAHLASILSLKEASTIAEYISGYQRSQSIWIGLHDPQKRQQWQW
IDGAMYLYRSWSGKSMGGNKHCAEMSSNNNFLTWSSNECNKRQHFLCKYRP
;
_entity_poly.pdbx_strand_id   A
#
# COMPACT_ATOMS: atom_id res chain seq x y z
N GLN A 1 -16.25 -13.94 -11.27
CA GLN A 1 -16.16 -13.91 -9.78
C GLN A 1 -14.91 -14.67 -9.33
N SER A 2 -14.33 -15.46 -10.20
CA SER A 2 -13.11 -16.23 -9.83
C SER A 2 -11.88 -15.35 -10.04
N CYS A 3 -10.72 -15.89 -9.80
CA CYS A 3 -9.46 -15.10 -9.99
C CYS A 3 -8.92 -15.33 -11.40
N ALA A 4 -9.47 -14.65 -12.38
CA ALA A 4 -8.98 -14.84 -13.77
C ALA A 4 -9.76 -13.91 -14.72
N PRO A 5 -11.07 -13.92 -14.68
CA PRO A 5 -11.90 -13.05 -15.56
C PRO A 5 -11.38 -11.61 -15.60
N GLY A 6 -10.44 -11.34 -16.45
CA GLY A 6 -9.88 -9.95 -16.54
C GLY A 6 -8.86 -9.74 -15.42
N TRP A 7 -8.77 -10.67 -14.51
CA TRP A 7 -7.80 -10.53 -13.38
C TRP A 7 -6.43 -11.02 -13.84
N PHE A 8 -5.37 -10.39 -13.38
CA PHE A 8 -3.99 -10.81 -13.79
C PHE A 8 -3.38 -11.69 -12.70
N TYR A 9 -2.95 -12.88 -13.05
CA TYR A 9 -2.35 -13.78 -12.02
C TYR A 9 -0.85 -13.48 -11.90
N HIS A 10 -0.48 -12.81 -10.82
CA HIS A 10 0.96 -12.45 -10.61
C HIS A 10 1.44 -13.06 -9.29
N LYS A 11 2.65 -13.55 -9.26
CA LYS A 11 3.19 -14.15 -8.00
C LYS A 11 2.25 -15.24 -7.50
N SER A 12 1.62 -15.93 -8.39
CA SER A 12 0.70 -17.03 -8.00
C SER A 12 -0.43 -16.51 -7.11
N ASN A 13 -0.52 -15.21 -6.92
CA ASN A 13 -1.62 -14.65 -6.07
C ASN A 13 -2.44 -13.67 -6.91
N CYS A 14 -3.59 -13.26 -6.43
CA CYS A 14 -4.46 -12.32 -7.20
C CYS A 14 -4.41 -10.93 -6.58
N TYR A 15 -4.06 -9.94 -7.37
CA TYR A 15 -4.00 -8.54 -6.86
C TYR A 15 -4.48 -7.59 -7.96
N GLY A 16 -5.02 -6.45 -7.60
CA GLY A 16 -5.51 -5.51 -8.64
C GLY A 16 -5.53 -4.08 -8.09
N TYR A 17 -5.32 -3.11 -8.94
CA TYR A 17 -5.33 -1.69 -8.49
C TYR A 17 -6.69 -1.07 -8.81
N PHE A 18 -7.13 -0.12 -8.01
CA PHE A 18 -8.45 0.54 -8.25
C PHE A 18 -8.26 2.06 -8.37
N ARG A 19 -8.72 2.63 -9.44
CA ARG A 19 -8.57 4.11 -9.62
C ARG A 19 -9.80 4.81 -9.06
N LYS A 20 -10.09 4.61 -7.80
CA LYS A 20 -11.28 5.27 -7.16
C LYS A 20 -10.80 6.02 -5.90
N LEU A 21 -11.34 7.18 -5.66
CA LEU A 21 -10.92 7.95 -4.46
C LEU A 21 -11.67 7.42 -3.24
N ARG A 22 -10.99 6.68 -2.41
CA ARG A 22 -11.63 6.12 -1.18
C ARG A 22 -10.67 6.28 0.01
N ASN A 23 -11.17 6.72 1.14
CA ASN A 23 -10.28 6.90 2.32
C ASN A 23 -9.67 5.55 2.73
N TRP A 24 -8.54 5.58 3.36
CA TRP A 24 -7.86 4.32 3.78
C TRP A 24 -8.82 3.47 4.63
N SER A 25 -9.70 4.10 5.37
CA SER A 25 -10.63 3.31 6.23
C SER A 25 -11.63 2.56 5.33
N ASP A 26 -12.16 3.21 4.34
CA ASP A 26 -13.12 2.52 3.43
C ASP A 26 -12.35 1.67 2.43
N ALA A 27 -11.11 2.02 2.19
CA ALA A 27 -10.29 1.24 1.23
C ALA A 27 -9.91 -0.11 1.84
N GLU A 28 -9.37 -0.10 3.03
CA GLU A 28 -8.99 -1.38 3.68
C GLU A 28 -10.24 -2.20 3.99
N LEU A 29 -11.23 -1.59 4.58
CA LEU A 29 -12.48 -2.34 4.91
C LEU A 29 -13.03 -2.97 3.63
N GLU A 30 -12.86 -2.31 2.52
CA GLU A 30 -13.37 -2.88 1.23
C GLU A 30 -12.59 -4.15 0.90
N CYS A 31 -11.40 -4.29 1.40
CA CYS A 31 -10.58 -5.51 1.10
C CYS A 31 -10.94 -6.63 2.08
N GLN A 32 -10.62 -6.45 3.34
CA GLN A 32 -10.93 -7.52 4.34
C GLN A 32 -12.40 -7.93 4.20
N SER A 33 -13.18 -7.19 3.47
CA SER A 33 -14.60 -7.55 3.30
C SER A 33 -14.70 -8.96 2.73
N TYR A 34 -13.68 -9.41 2.03
CA TYR A 34 -13.72 -10.78 1.45
C TYR A 34 -13.36 -11.79 2.55
N GLY A 35 -12.88 -11.32 3.66
CA GLY A 35 -12.51 -12.25 4.78
C GLY A 35 -11.47 -13.26 4.30
N ASN A 36 -11.05 -13.16 3.07
CA ASN A 36 -10.03 -14.10 2.55
C ASN A 36 -8.65 -13.58 2.93
N GLY A 37 -8.61 -12.64 3.84
CA GLY A 37 -7.31 -12.06 4.28
C GLY A 37 -6.93 -10.93 3.31
N ALA A 38 -7.89 -10.45 2.57
CA ALA A 38 -7.60 -9.36 1.60
C ALA A 38 -7.26 -8.07 2.35
N HIS A 39 -6.23 -7.39 1.94
CA HIS A 39 -5.85 -6.12 2.64
C HIS A 39 -5.02 -5.24 1.69
N LEU A 40 -4.69 -4.05 2.11
CA LEU A 40 -3.88 -3.15 1.25
C LEU A 40 -2.51 -3.79 1.00
N ALA A 41 -1.89 -3.44 -0.10
CA ALA A 41 -0.55 -4.01 -0.45
C ALA A 41 0.33 -4.19 0.80
N SER A 42 0.81 -5.38 1.02
CA SER A 42 1.70 -5.64 2.20
C SER A 42 3.15 -5.67 1.74
N ILE A 43 4.02 -5.01 2.46
CA ILE A 43 5.47 -4.99 2.06
C ILE A 43 6.36 -5.18 3.30
N LEU A 44 7.12 -6.25 3.32
CA LEU A 44 8.03 -6.52 4.48
C LEU A 44 9.47 -6.28 4.03
N SER A 45 9.71 -6.25 2.74
CA SER A 45 11.10 -6.02 2.24
C SER A 45 11.06 -5.25 0.93
N LEU A 46 12.17 -4.69 0.53
CA LEU A 46 12.21 -3.92 -0.75
C LEU A 46 12.11 -4.90 -1.94
N LYS A 47 12.50 -6.12 -1.74
CA LYS A 47 12.43 -7.11 -2.85
C LYS A 47 11.00 -7.21 -3.39
N GLU A 48 10.03 -7.21 -2.51
CA GLU A 48 8.61 -7.30 -2.98
C GLU A 48 8.21 -5.99 -3.66
N ALA A 49 8.44 -4.88 -3.00
CA ALA A 49 8.08 -3.57 -3.60
C ALA A 49 8.83 -3.38 -4.92
N SER A 50 10.02 -3.89 -5.02
CA SER A 50 10.80 -3.72 -6.29
C SER A 50 10.07 -4.35 -7.47
N THR A 51 9.47 -5.50 -7.29
CA THR A 51 8.77 -6.15 -8.43
C THR A 51 7.41 -5.49 -8.67
N ILE A 52 6.62 -5.33 -7.65
CA ILE A 52 5.30 -4.70 -7.85
C ILE A 52 5.50 -3.27 -8.35
N ALA A 53 6.44 -2.56 -7.79
CA ALA A 53 6.70 -1.17 -8.24
C ALA A 53 6.96 -1.14 -9.73
N GLU A 54 7.69 -2.10 -10.23
CA GLU A 54 7.97 -2.12 -11.69
C GLU A 54 6.65 -2.10 -12.44
N TYR A 55 5.61 -2.66 -11.84
CA TYR A 55 4.28 -2.67 -12.52
C TYR A 55 3.51 -1.38 -12.18
N ILE A 56 3.27 -1.12 -10.92
CA ILE A 56 2.50 0.10 -10.54
C ILE A 56 3.40 1.35 -10.52
N SER A 57 4.66 1.22 -10.87
CA SER A 57 5.59 2.40 -10.86
C SER A 57 4.85 3.65 -11.37
N GLY A 58 4.20 3.57 -12.49
CA GLY A 58 3.45 4.75 -13.00
C GLY A 58 4.42 5.87 -13.46
N TYR A 59 5.66 5.56 -13.73
CA TYR A 59 6.60 6.62 -14.17
C TYR A 59 5.95 7.44 -15.29
N GLN A 60 5.06 6.84 -16.03
CA GLN A 60 4.38 7.59 -17.13
C GLN A 60 3.19 8.37 -16.54
N ARG A 61 2.72 7.94 -15.40
CA ARG A 61 1.58 8.64 -14.75
C ARG A 61 1.52 8.20 -13.28
N SER A 62 2.50 8.59 -12.50
CA SER A 62 2.53 8.20 -11.07
C SER A 62 1.27 8.71 -10.35
N GLN A 63 0.46 7.81 -9.85
CA GLN A 63 -0.79 8.22 -9.12
C GLN A 63 -0.57 8.00 -7.62
N SER A 64 -1.38 8.63 -6.80
CA SER A 64 -1.23 8.45 -5.34
C SER A 64 -1.87 7.13 -4.91
N ILE A 65 -1.06 6.12 -4.70
CA ILE A 65 -1.61 4.78 -4.30
C ILE A 65 -1.31 4.53 -2.81
N TRP A 66 -2.24 3.92 -2.11
CA TRP A 66 -2.03 3.64 -0.66
C TRP A 66 -1.49 2.21 -0.50
N ILE A 67 -0.87 1.96 0.62
CA ILE A 67 -0.31 0.60 0.91
C ILE A 67 -0.74 0.21 2.33
N GLY A 68 -0.47 -0.99 2.76
CA GLY A 68 -0.89 -1.39 4.13
C GLY A 68 0.14 -0.94 5.16
N LEU A 69 0.33 0.35 5.30
CA LEU A 69 1.32 0.89 6.31
C LEU A 69 0.60 1.87 7.22
N HIS A 70 0.62 1.64 8.51
CA HIS A 70 -0.08 2.57 9.44
C HIS A 70 0.61 2.59 10.81
N ASP A 71 0.22 3.48 11.66
CA ASP A 71 0.83 3.57 13.03
C ASP A 71 -0.03 2.77 14.02
N PRO A 72 0.56 2.23 15.06
CA PRO A 72 -0.19 1.43 16.09
C PRO A 72 -1.14 2.32 16.91
N GLN A 73 -0.66 2.86 17.99
CA GLN A 73 -1.48 3.73 18.87
C GLN A 73 -0.67 4.99 19.21
N LYS A 74 -0.06 5.57 18.22
CA LYS A 74 0.78 6.79 18.45
C LYS A 74 2.02 6.40 19.25
N ARG A 75 2.63 5.29 18.90
CA ARG A 75 3.86 4.83 19.62
C ARG A 75 5.08 5.17 18.76
N GLN A 76 4.88 5.96 17.75
CA GLN A 76 6.01 6.35 16.84
C GLN A 76 6.64 5.10 16.24
N GLN A 77 5.83 4.20 15.74
CA GLN A 77 6.36 2.95 15.12
C GLN A 77 5.58 2.69 13.84
N TRP A 78 6.25 2.36 12.79
CA TRP A 78 5.56 2.07 11.49
C TRP A 78 5.45 0.56 11.29
N GLN A 79 4.25 0.05 11.21
CA GLN A 79 4.06 -1.42 11.01
C GLN A 79 2.92 -1.66 10.02
N TRP A 80 2.86 -2.83 9.45
CA TRP A 80 1.78 -3.14 8.47
C TRP A 80 0.60 -3.79 9.18
N ILE A 81 -0.44 -4.09 8.46
CA ILE A 81 -1.63 -4.72 9.08
C ILE A 81 -1.23 -6.00 9.80
N ASP A 82 -0.64 -6.93 9.11
CA ASP A 82 -0.24 -8.22 9.76
C ASP A 82 0.79 -7.93 10.86
N GLY A 83 1.11 -6.68 11.06
CA GLY A 83 2.11 -6.34 12.11
C GLY A 83 3.51 -6.56 11.55
N ALA A 84 3.60 -6.71 10.25
CA ALA A 84 4.94 -6.94 9.63
C ALA A 84 5.96 -5.95 10.22
N MET A 85 7.17 -6.39 10.45
CA MET A 85 8.21 -5.49 11.02
C MET A 85 9.40 -5.36 10.07
N TYR A 86 9.55 -4.22 9.45
CA TYR A 86 10.69 -4.02 8.50
C TYR A 86 11.98 -3.92 9.33
N LEU A 87 13.01 -4.63 8.94
CA LEU A 87 14.29 -4.59 9.70
C LEU A 87 15.19 -3.49 9.11
N TYR A 88 15.43 -2.45 9.85
CA TYR A 88 16.30 -1.36 9.35
C TYR A 88 15.81 -0.93 7.96
N ARG A 89 14.94 0.04 7.91
CA ARG A 89 14.43 0.52 6.59
C ARG A 89 15.40 1.53 5.99
N SER A 90 15.38 1.71 4.71
CA SER A 90 16.31 2.68 4.07
C SER A 90 15.81 4.10 4.33
N TRP A 91 16.69 5.00 4.72
CA TRP A 91 16.27 6.41 4.98
C TRP A 91 17.39 7.35 4.56
N SER A 92 17.27 7.97 3.42
CA SER A 92 18.33 8.90 2.95
C SER A 92 17.78 9.76 1.81
N GLY A 93 17.60 11.03 2.03
CA GLY A 93 17.07 11.91 0.96
C GLY A 93 15.53 11.91 1.00
N LYS A 94 14.97 11.48 2.10
CA LYS A 94 13.49 11.45 2.22
C LYS A 94 13.09 11.70 3.68
N SER A 95 11.83 11.90 3.94
CA SER A 95 11.37 12.15 5.34
C SER A 95 10.01 11.49 5.57
N MET A 96 9.94 10.52 6.43
CA MET A 96 8.65 9.83 6.69
C MET A 96 7.69 10.82 7.35
N GLY A 97 8.18 11.66 8.22
CA GLY A 97 7.29 12.64 8.90
C GLY A 97 6.66 12.00 10.13
N GLY A 98 6.26 10.76 10.02
CA GLY A 98 5.64 10.06 11.20
C GLY A 98 4.54 9.12 10.71
N ASN A 99 4.26 9.11 9.43
CA ASN A 99 3.19 8.23 8.89
C ASN A 99 1.85 8.59 9.52
N LYS A 100 1.84 9.55 10.41
CA LYS A 100 0.57 9.98 11.10
C LYS A 100 -0.35 8.77 11.33
N HIS A 101 -1.55 8.81 10.83
CA HIS A 101 -2.48 7.67 11.01
C HIS A 101 -2.40 6.75 9.79
N CYS A 102 -1.88 7.26 8.70
CA CYS A 102 -1.76 6.44 7.46
C CYS A 102 -0.70 7.05 6.55
N ALA A 103 0.14 6.23 5.97
CA ALA A 103 1.21 6.73 5.07
C ALA A 103 0.83 6.43 3.62
N GLU A 104 1.25 7.25 2.70
CA GLU A 104 0.91 7.02 1.26
C GLU A 104 1.99 7.64 0.38
N MET A 105 1.94 7.38 -0.91
CA MET A 105 2.95 7.95 -1.83
C MET A 105 2.46 9.31 -2.35
N SER A 106 3.25 10.33 -2.19
CA SER A 106 2.83 11.68 -2.67
C SER A 106 2.97 11.74 -4.20
N SER A 107 1.96 12.19 -4.87
CA SER A 107 2.03 12.28 -6.37
C SER A 107 3.06 13.34 -6.75
N ASN A 108 3.41 14.22 -5.85
CA ASN A 108 4.40 15.28 -6.18
C ASN A 108 5.80 14.65 -6.28
N ASN A 109 6.07 13.65 -5.50
CA ASN A 109 7.40 12.99 -5.57
C ASN A 109 7.44 12.02 -6.74
N ASN A 110 8.30 12.24 -7.69
CA ASN A 110 8.39 11.33 -8.86
C ASN A 110 9.06 10.02 -8.44
N PHE A 111 9.83 10.05 -7.38
CA PHE A 111 10.51 8.82 -6.92
C PHE A 111 9.55 7.99 -6.06
N LEU A 112 8.28 8.27 -6.13
CA LEU A 112 7.29 7.50 -5.34
C LEU A 112 7.69 7.53 -3.86
N THR A 113 8.06 8.68 -3.36
CA THR A 113 8.46 8.78 -1.92
C THR A 113 7.22 8.59 -1.04
N TRP A 114 7.40 8.14 0.16
CA TRP A 114 6.24 7.94 1.08
C TRP A 114 5.95 9.24 1.82
N SER A 115 4.72 9.43 2.25
CA SER A 115 4.37 10.68 2.98
C SER A 115 3.31 10.37 4.04
N SER A 116 3.32 11.08 5.14
CA SER A 116 2.31 10.81 6.21
C SER A 116 1.02 11.58 5.91
N ASN A 117 -0.11 10.97 6.12
CA ASN A 117 -1.41 11.65 5.86
C ASN A 117 -2.49 11.05 6.77
N GLU A 118 -3.55 11.77 6.99
CA GLU A 118 -4.63 11.23 7.86
C GLU A 118 -5.40 10.13 7.12
N CYS A 119 -5.87 9.14 7.82
CA CYS A 119 -6.63 8.04 7.16
C CYS A 119 -8.00 8.54 6.74
N ASN A 120 -8.09 9.77 6.28
CA ASN A 120 -9.42 10.33 5.86
C ASN A 120 -9.28 11.00 4.49
N LYS A 121 -8.14 10.89 3.86
CA LYS A 121 -7.95 11.52 2.51
C LYS A 121 -8.38 10.53 1.43
N ARG A 122 -9.51 10.74 0.81
CA ARG A 122 -9.96 9.79 -0.25
C ARG A 122 -9.00 9.82 -1.43
N GLN A 123 -8.36 8.71 -1.69
CA GLN A 123 -7.40 8.64 -2.85
C GLN A 123 -7.41 7.23 -3.43
N HIS A 124 -6.65 6.98 -4.46
CA HIS A 124 -6.62 5.63 -5.07
C HIS A 124 -6.06 4.64 -4.05
N PHE A 125 -6.18 3.36 -4.30
CA PHE A 125 -5.66 2.36 -3.33
C PHE A 125 -5.46 1.01 -4.01
N LEU A 126 -4.44 0.28 -3.63
CA LEU A 126 -4.18 -1.06 -4.25
C LEU A 126 -4.53 -2.14 -3.22
N CYS A 127 -5.21 -3.17 -3.65
CA CYS A 127 -5.61 -4.27 -2.71
C CYS A 127 -4.87 -5.56 -3.08
N LYS A 128 -4.76 -6.47 -2.15
CA LYS A 128 -4.04 -7.76 -2.41
C LYS A 128 -4.89 -8.92 -1.87
N TYR A 129 -4.78 -10.08 -2.47
CA TYR A 129 -5.58 -11.26 -2.00
C TYR A 129 -4.67 -12.48 -1.90
N ARG A 130 -4.82 -13.24 -0.85
CA ARG A 130 -3.97 -14.47 -0.67
C ARG A 130 -4.72 -15.68 -1.25
N PRO A 131 -4.06 -16.53 -2.02
CA PRO A 131 -4.71 -17.74 -2.60
C PRO A 131 -4.94 -18.84 -1.56
N GLN A 1 -12.90 -16.54 -3.11
CA GLN A 1 -11.93 -16.13 -4.17
C GLN A 1 -12.26 -16.86 -5.48
N SER A 2 -11.50 -16.63 -6.50
CA SER A 2 -11.76 -17.32 -7.79
C SER A 2 -10.56 -17.13 -8.74
N CYS A 3 -10.23 -15.91 -9.06
CA CYS A 3 -9.08 -15.68 -9.98
C CYS A 3 -9.24 -16.54 -11.24
N ALA A 4 -9.80 -15.98 -12.27
CA ALA A 4 -9.98 -16.78 -13.53
C ALA A 4 -10.67 -15.90 -14.60
N PRO A 5 -11.76 -15.26 -14.27
CA PRO A 5 -12.50 -14.39 -15.23
C PRO A 5 -11.56 -13.42 -15.98
N GLY A 6 -10.66 -12.79 -15.27
CA GLY A 6 -9.73 -11.84 -15.93
C GLY A 6 -8.78 -11.24 -14.89
N TRP A 7 -8.66 -11.87 -13.76
CA TRP A 7 -7.74 -11.35 -12.71
C TRP A 7 -6.29 -11.70 -13.07
N PHE A 8 -5.37 -10.82 -12.77
CA PHE A 8 -3.94 -11.10 -13.12
C PHE A 8 -3.28 -11.94 -12.01
N TYR A 9 -2.84 -13.13 -12.33
CA TYR A 9 -2.19 -14.00 -11.31
C TYR A 9 -0.70 -13.65 -11.23
N HIS A 10 -0.28 -13.00 -10.17
CA HIS A 10 1.16 -12.61 -10.01
C HIS A 10 1.74 -13.26 -8.76
N LYS A 11 2.96 -13.72 -8.82
CA LYS A 11 3.59 -14.35 -7.63
C LYS A 11 2.66 -15.40 -7.04
N SER A 12 1.89 -16.04 -7.86
CA SER A 12 0.96 -17.10 -7.37
C SER A 12 -0.17 -16.50 -6.53
N ASN A 13 -0.25 -15.19 -6.45
CA ASN A 13 -1.34 -14.54 -5.65
C ASN A 13 -2.15 -13.61 -6.57
N CYS A 14 -3.32 -13.22 -6.16
CA CYS A 14 -4.17 -12.32 -7.00
C CYS A 14 -4.17 -10.90 -6.41
N TYR A 15 -3.90 -9.92 -7.22
CA TYR A 15 -3.89 -8.50 -6.74
C TYR A 15 -4.45 -7.60 -7.84
N GLY A 16 -5.04 -6.50 -7.49
CA GLY A 16 -5.61 -5.58 -8.53
C GLY A 16 -5.62 -4.15 -8.00
N TYR A 17 -5.28 -3.19 -8.83
CA TYR A 17 -5.28 -1.77 -8.39
C TYR A 17 -6.66 -1.17 -8.61
N PHE A 18 -7.05 -0.22 -7.79
CA PHE A 18 -8.39 0.44 -7.93
C PHE A 18 -8.20 1.94 -8.15
N ARG A 19 -8.80 2.48 -9.17
CA ARG A 19 -8.67 3.94 -9.45
C ARG A 19 -9.89 4.67 -8.87
N LYS A 20 -10.10 4.58 -7.58
CA LYS A 20 -11.26 5.26 -6.94
C LYS A 20 -10.79 5.98 -5.68
N LEU A 21 -11.25 7.18 -5.46
CA LEU A 21 -10.82 7.94 -4.27
C LEU A 21 -11.60 7.42 -3.06
N ARG A 22 -10.95 6.67 -2.21
CA ARG A 22 -11.63 6.10 -1.01
C ARG A 22 -10.72 6.21 0.21
N ASN A 23 -11.23 6.70 1.31
CA ASN A 23 -10.42 6.81 2.55
C ASN A 23 -9.85 5.45 2.93
N TRP A 24 -8.73 5.44 3.60
CA TRP A 24 -8.10 4.16 4.00
C TRP A 24 -9.10 3.31 4.79
N SER A 25 -10.00 3.94 5.51
CA SER A 25 -10.99 3.16 6.30
C SER A 25 -11.95 2.45 5.36
N ASP A 26 -12.43 3.14 4.36
CA ASP A 26 -13.37 2.48 3.40
C ASP A 26 -12.57 1.65 2.41
N ALA A 27 -11.32 1.98 2.23
CA ALA A 27 -10.47 1.22 1.27
C ALA A 27 -10.13 -0.14 1.87
N GLU A 28 -9.62 -0.16 3.09
CA GLU A 28 -9.27 -1.46 3.72
C GLU A 28 -10.56 -2.25 3.96
N LEU A 29 -11.57 -1.62 4.47
CA LEU A 29 -12.85 -2.33 4.73
C LEU A 29 -13.34 -2.96 3.42
N GLU A 30 -13.09 -2.31 2.32
CA GLU A 30 -13.53 -2.86 1.00
C GLU A 30 -12.73 -4.13 0.67
N CYS A 31 -11.51 -4.22 1.11
CA CYS A 31 -10.70 -5.44 0.80
C CYS A 31 -11.10 -6.58 1.73
N GLN A 32 -10.88 -6.43 3.02
CA GLN A 32 -11.24 -7.52 3.96
C GLN A 32 -12.68 -7.98 3.70
N SER A 33 -13.41 -7.23 2.92
CA SER A 33 -14.82 -7.63 2.63
C SER A 33 -14.86 -9.05 2.07
N TYR A 34 -13.78 -9.49 1.46
CA TYR A 34 -13.75 -10.87 0.90
C TYR A 34 -13.46 -11.87 2.03
N GLY A 35 -13.08 -11.37 3.18
CA GLY A 35 -12.79 -12.28 4.32
C GLY A 35 -11.68 -13.25 3.94
N ASN A 36 -11.15 -13.14 2.75
CA ASN A 36 -10.06 -14.06 2.33
C ASN A 36 -8.74 -13.49 2.85
N GLY A 37 -8.82 -12.56 3.74
CA GLY A 37 -7.58 -11.93 4.29
C GLY A 37 -7.13 -10.83 3.34
N ALA A 38 -8.03 -10.37 2.51
CA ALA A 38 -7.66 -9.29 1.55
C ALA A 38 -7.38 -7.99 2.30
N HIS A 39 -6.34 -7.30 1.91
CA HIS A 39 -5.99 -6.02 2.59
C HIS A 39 -5.15 -5.15 1.66
N LEU A 40 -4.84 -3.95 2.07
CA LEU A 40 -4.01 -3.05 1.21
C LEU A 40 -2.63 -3.68 1.03
N ALA A 41 -1.97 -3.34 -0.06
CA ALA A 41 -0.61 -3.92 -0.34
C ALA A 41 0.22 -4.01 0.95
N SER A 42 0.97 -5.08 1.08
CA SER A 42 1.81 -5.26 2.31
C SER A 42 3.08 -6.03 1.94
N ILE A 43 4.23 -5.46 2.21
CA ILE A 43 5.51 -6.16 1.86
C ILE A 43 6.55 -5.90 2.95
N LEU A 44 7.34 -6.90 3.27
CA LEU A 44 8.40 -6.75 4.32
C LEU A 44 9.76 -6.67 3.64
N SER A 45 9.89 -7.25 2.47
CA SER A 45 11.20 -7.23 1.74
C SER A 45 11.13 -6.22 0.60
N LEU A 46 12.22 -5.55 0.34
CA LEU A 46 12.25 -4.54 -0.77
C LEU A 46 12.21 -5.26 -2.12
N LYS A 47 12.86 -6.38 -2.22
CA LYS A 47 12.87 -7.11 -3.52
C LYS A 47 11.45 -7.39 -3.99
N GLU A 48 10.58 -7.78 -3.10
CA GLU A 48 9.18 -8.08 -3.50
C GLU A 48 8.50 -6.78 -3.95
N ALA A 49 8.76 -5.70 -3.27
CA ALA A 49 8.12 -4.41 -3.65
C ALA A 49 8.69 -3.93 -4.99
N SER A 50 9.94 -4.20 -5.24
CA SER A 50 10.56 -3.75 -6.52
C SER A 50 9.83 -4.38 -7.70
N THR A 51 9.25 -5.54 -7.53
CA THR A 51 8.54 -6.18 -8.66
C THR A 51 7.16 -5.53 -8.86
N ILE A 52 6.41 -5.39 -7.80
CA ILE A 52 5.06 -4.76 -7.94
C ILE A 52 5.25 -3.31 -8.37
N ALA A 53 6.16 -2.61 -7.74
CA ALA A 53 6.38 -1.19 -8.11
C ALA A 53 6.68 -1.08 -9.59
N GLU A 54 7.40 -2.01 -10.15
CA GLU A 54 7.69 -1.93 -11.61
C GLU A 54 6.37 -1.87 -12.36
N TYR A 55 5.35 -2.48 -11.83
CA TYR A 55 4.02 -2.46 -12.51
C TYR A 55 3.26 -1.18 -12.12
N ILE A 56 3.04 -0.98 -10.84
CA ILE A 56 2.29 0.23 -10.39
C ILE A 56 3.20 1.47 -10.35
N SER A 57 4.44 1.33 -10.77
CA SER A 57 5.39 2.51 -10.73
C SER A 57 4.66 3.81 -11.08
N GLY A 58 3.61 3.74 -11.84
CA GLY A 58 2.84 4.98 -12.17
C GLY A 58 3.65 5.88 -13.11
N TYR A 59 4.67 5.38 -13.76
CA TYR A 59 5.46 6.25 -14.68
C TYR A 59 4.49 6.97 -15.64
N GLN A 60 3.26 6.55 -15.66
CA GLN A 60 2.25 7.20 -16.55
C GLN A 60 1.69 8.42 -15.84
N ARG A 61 2.32 8.83 -14.76
CA ARG A 61 1.84 10.01 -14.00
C ARG A 61 0.64 9.60 -13.14
N SER A 62 0.74 8.49 -12.45
CA SER A 62 -0.38 8.05 -11.59
C SER A 62 -0.39 8.85 -10.29
N GLN A 63 -1.46 8.81 -9.55
CA GLN A 63 -1.52 9.57 -8.27
C GLN A 63 -1.02 8.69 -7.12
N SER A 64 -0.67 9.30 -6.02
CA SER A 64 -0.18 8.52 -4.85
C SER A 64 -1.14 7.36 -4.57
N ILE A 65 -0.61 6.17 -4.42
CA ILE A 65 -1.47 4.98 -4.14
C ILE A 65 -1.32 4.58 -2.66
N TRP A 66 -2.39 4.18 -2.02
CA TRP A 66 -2.31 3.80 -0.59
C TRP A 66 -1.72 2.39 -0.45
N ILE A 67 -1.18 2.10 0.70
CA ILE A 67 -0.58 0.76 0.97
C ILE A 67 -0.98 0.35 2.40
N GLY A 68 -0.70 -0.85 2.81
CA GLY A 68 -1.09 -1.26 4.19
C GLY A 68 -0.05 -0.80 5.21
N LEU A 69 0.16 0.50 5.31
CA LEU A 69 1.16 1.04 6.28
C LEU A 69 0.44 1.99 7.24
N HIS A 70 0.53 1.77 8.52
CA HIS A 70 -0.18 2.67 9.49
C HIS A 70 0.55 2.69 10.83
N ASP A 71 0.16 3.58 11.70
CA ASP A 71 0.80 3.68 13.04
C ASP A 71 -0.04 2.86 14.05
N PRO A 72 0.57 2.38 15.12
CA PRO A 72 -0.15 1.58 16.15
C PRO A 72 -1.12 2.44 16.97
N GLN A 73 -0.66 2.94 18.10
CA GLN A 73 -1.52 3.79 18.98
C GLN A 73 -0.79 5.10 19.24
N LYS A 74 -0.24 5.70 18.21
CA LYS A 74 0.51 6.98 18.37
C LYS A 74 1.81 6.70 19.13
N ARG A 75 2.44 5.59 18.83
CA ARG A 75 3.72 5.25 19.52
C ARG A 75 4.88 5.64 18.59
N GLN A 76 4.58 6.39 17.57
CA GLN A 76 5.63 6.82 16.60
C GLN A 76 6.33 5.61 16.02
N GLN A 77 5.57 4.65 15.52
CA GLN A 77 6.17 3.44 14.91
C GLN A 77 5.40 3.12 13.63
N TRP A 78 6.11 2.82 12.58
CA TRP A 78 5.47 2.50 11.27
C TRP A 78 5.47 0.99 11.07
N GLN A 79 4.32 0.36 11.09
CA GLN A 79 4.26 -1.12 10.91
C GLN A 79 3.05 -1.46 10.02
N TRP A 80 3.11 -2.58 9.34
CA TRP A 80 1.98 -2.99 8.45
C TRP A 80 0.95 -3.77 9.28
N ILE A 81 -0.12 -4.17 8.64
CA ILE A 81 -1.19 -4.92 9.37
C ILE A 81 -0.60 -6.16 10.06
N ASP A 82 0.04 -7.02 9.33
CA ASP A 82 0.62 -8.25 9.96
C ASP A 82 1.66 -7.83 11.00
N GLY A 83 1.87 -6.56 11.16
CA GLY A 83 2.88 -6.10 12.15
C GLY A 83 4.26 -6.21 11.50
N ALA A 84 4.30 -6.39 10.22
CA ALA A 84 5.62 -6.52 9.53
C ALA A 84 6.49 -5.32 9.91
N MET A 85 7.76 -5.53 10.13
CA MET A 85 8.67 -4.41 10.53
C MET A 85 9.81 -4.25 9.51
N TYR A 86 9.75 -3.23 8.70
CA TYR A 86 10.85 -2.99 7.71
C TYR A 86 12.12 -2.65 8.49
N LEU A 87 13.22 -3.28 8.16
CA LEU A 87 14.49 -2.99 8.89
C LEU A 87 15.26 -1.90 8.16
N TYR A 88 15.66 -0.89 8.88
CA TYR A 88 16.42 0.23 8.26
C TYR A 88 15.72 0.65 6.97
N ARG A 89 14.74 1.51 7.06
CA ARG A 89 14.01 1.94 5.84
C ARG A 89 14.79 3.06 5.15
N SER A 90 14.58 3.27 3.88
CA SER A 90 15.31 4.36 3.17
C SER A 90 14.81 5.72 3.65
N TRP A 91 15.64 6.46 4.35
CA TRP A 91 15.21 7.81 4.84
C TRP A 91 16.43 8.71 5.00
N SER A 92 16.66 9.59 4.07
CA SER A 92 17.85 10.49 4.18
C SER A 92 17.72 11.63 3.18
N GLY A 93 17.52 12.84 3.64
CA GLY A 93 17.40 14.00 2.71
C GLY A 93 15.94 14.17 2.27
N LYS A 94 15.01 13.60 2.98
CA LYS A 94 13.57 13.73 2.60
C LYS A 94 12.72 13.88 3.86
N SER A 95 11.48 14.29 3.70
CA SER A 95 10.60 14.46 4.89
C SER A 95 9.82 13.18 5.15
N MET A 96 9.01 13.16 6.18
CA MET A 96 8.23 11.93 6.49
C MET A 96 7.00 12.31 7.32
N GLY A 97 7.14 13.26 8.21
CA GLY A 97 5.98 13.67 9.05
C GLY A 97 5.79 12.67 10.20
N GLY A 98 5.58 11.42 9.87
CA GLY A 98 5.37 10.38 10.93
C GLY A 98 4.25 9.43 10.52
N ASN A 99 3.98 9.31 9.25
CA ASN A 99 2.90 8.40 8.78
C ASN A 99 1.57 8.79 9.44
N LYS A 100 1.57 9.80 10.27
CA LYS A 100 0.30 10.24 10.95
C LYS A 100 -0.55 9.02 11.32
N HIS A 101 -1.72 8.90 10.76
CA HIS A 101 -2.60 7.73 11.05
C HIS A 101 -2.54 6.78 9.85
N CYS A 102 -2.07 7.28 8.73
CA CYS A 102 -1.97 6.43 7.51
C CYS A 102 -0.87 6.99 6.61
N ALA A 103 -0.13 6.13 5.96
CA ALA A 103 0.99 6.59 5.06
C ALA A 103 0.70 6.17 3.62
N GLU A 104 1.37 6.77 2.68
CA GLU A 104 1.15 6.40 1.24
C GLU A 104 2.47 6.57 0.47
N MET A 105 2.49 6.21 -0.79
CA MET A 105 3.72 6.34 -1.61
C MET A 105 3.45 7.26 -2.80
N SER A 106 4.35 8.15 -3.10
CA SER A 106 4.15 9.08 -4.24
C SER A 106 4.44 8.35 -5.56
N SER A 107 3.44 7.79 -6.17
CA SER A 107 3.66 7.07 -7.46
C SER A 107 4.06 8.08 -8.55
N ASN A 108 3.58 9.28 -8.45
CA ASN A 108 3.93 10.30 -9.48
C ASN A 108 5.40 10.67 -9.36
N ASN A 109 5.92 10.67 -8.17
CA ASN A 109 7.36 11.03 -7.98
C ASN A 109 8.24 9.81 -8.31
N ASN A 110 9.17 9.96 -9.21
CA ASN A 110 10.04 8.81 -9.57
C ASN A 110 10.94 8.46 -8.39
N PHE A 111 11.06 9.35 -7.44
CA PHE A 111 11.92 9.06 -6.25
C PHE A 111 11.13 8.24 -5.23
N LEU A 112 9.90 7.94 -5.53
CA LEU A 112 9.09 7.14 -4.57
C LEU A 112 9.13 7.79 -3.19
N THR A 113 8.86 9.06 -3.11
CA THR A 113 8.89 9.75 -1.79
C THR A 113 7.67 9.36 -0.98
N TRP A 114 7.83 9.08 0.29
CA TRP A 114 6.67 8.69 1.14
C TRP A 114 6.03 9.95 1.73
N SER A 115 4.79 9.88 2.11
CA SER A 115 4.10 11.07 2.70
C SER A 115 3.06 10.61 3.73
N SER A 116 3.02 11.26 4.87
CA SER A 116 2.04 10.87 5.91
C SER A 116 0.70 11.57 5.64
N ASN A 117 -0.39 10.90 5.90
CA ASN A 117 -1.73 11.53 5.65
C ASN A 117 -2.76 10.93 6.59
N GLU A 118 -3.75 11.69 6.98
CA GLU A 118 -4.80 11.15 7.89
C GLU A 118 -5.57 10.03 7.19
N CYS A 119 -6.05 9.06 7.92
CA CYS A 119 -6.79 7.94 7.30
C CYS A 119 -8.18 8.42 6.85
N ASN A 120 -8.29 9.65 6.42
CA ASN A 120 -9.61 10.21 5.98
C ASN A 120 -9.52 10.78 4.57
N LYS A 121 -8.37 11.22 4.15
CA LYS A 121 -8.25 11.79 2.77
C LYS A 121 -8.55 10.71 1.74
N ARG A 122 -9.70 10.75 1.13
CA ARG A 122 -10.04 9.70 0.13
C ARG A 122 -9.10 9.80 -1.07
N GLN A 123 -8.41 8.72 -1.35
CA GLN A 123 -7.45 8.71 -2.50
C GLN A 123 -7.40 7.30 -3.10
N HIS A 124 -6.76 7.14 -4.23
CA HIS A 124 -6.68 5.80 -4.87
C HIS A 124 -6.07 4.80 -3.88
N PHE A 125 -6.23 3.53 -4.13
CA PHE A 125 -5.65 2.51 -3.20
C PHE A 125 -5.51 1.18 -3.92
N LEU A 126 -4.53 0.38 -3.54
CA LEU A 126 -4.33 -0.95 -4.19
C LEU A 126 -4.74 -2.04 -3.20
N CYS A 127 -5.31 -3.11 -3.69
CA CYS A 127 -5.75 -4.22 -2.79
C CYS A 127 -4.90 -5.48 -3.07
N LYS A 128 -4.83 -6.37 -2.12
CA LYS A 128 -4.05 -7.62 -2.30
C LYS A 128 -4.84 -8.80 -1.75
N TYR A 129 -4.63 -9.98 -2.29
CA TYR A 129 -5.39 -11.19 -1.81
C TYR A 129 -4.40 -12.34 -1.59
N ARG A 130 -4.65 -13.15 -0.61
CA ARG A 130 -3.73 -14.30 -0.32
C ARG A 130 -4.26 -15.55 -1.05
N PRO A 131 -3.38 -16.41 -1.54
CA PRO A 131 -3.79 -17.65 -2.26
C PRO A 131 -4.41 -18.69 -1.32
N GLN A 1 -12.34 -13.98 -6.31
CA GLN A 1 -11.94 -15.37 -5.99
C GLN A 1 -11.82 -16.19 -7.28
N SER A 2 -12.76 -16.03 -8.17
CA SER A 2 -12.70 -16.80 -9.45
C SER A 2 -11.31 -16.66 -10.07
N CYS A 3 -10.82 -15.46 -10.20
CA CYS A 3 -9.47 -15.26 -10.80
C CYS A 3 -9.38 -16.04 -12.11
N ALA A 4 -9.88 -15.49 -13.18
CA ALA A 4 -9.82 -16.21 -14.49
C ALA A 4 -10.48 -15.34 -15.59
N PRO A 5 -11.68 -14.86 -15.36
CA PRO A 5 -12.39 -14.01 -16.36
C PRO A 5 -11.49 -12.93 -16.97
N GLY A 6 -10.89 -12.12 -16.14
CA GLY A 6 -10.00 -11.04 -16.67
C GLY A 6 -9.07 -10.55 -15.56
N TRP A 7 -8.91 -11.32 -14.52
CA TRP A 7 -8.01 -10.90 -13.40
C TRP A 7 -6.56 -11.21 -13.79
N PHE A 8 -5.64 -10.37 -13.37
CA PHE A 8 -4.21 -10.60 -13.73
C PHE A 8 -3.57 -11.54 -12.69
N TYR A 9 -3.07 -12.67 -13.13
CA TYR A 9 -2.43 -13.62 -12.18
C TYR A 9 -0.96 -13.23 -11.99
N HIS A 10 -0.63 -12.65 -10.86
CA HIS A 10 0.77 -12.23 -10.59
C HIS A 10 1.30 -12.93 -9.33
N LYS A 11 2.54 -13.35 -9.34
CA LYS A 11 3.11 -14.04 -8.14
C LYS A 11 2.16 -15.15 -7.68
N SER A 12 1.49 -15.77 -8.60
CA SER A 12 0.57 -16.88 -8.24
C SER A 12 -0.57 -16.37 -7.34
N ASN A 13 -0.66 -15.08 -7.11
CA ASN A 13 -1.76 -14.54 -6.25
C ASN A 13 -2.60 -13.57 -7.09
N CYS A 14 -3.75 -13.17 -6.61
CA CYS A 14 -4.63 -12.24 -7.38
C CYS A 14 -4.57 -10.84 -6.76
N TYR A 15 -4.23 -9.85 -7.55
CA TYR A 15 -4.17 -8.45 -7.04
C TYR A 15 -4.64 -7.49 -8.13
N GLY A 16 -5.18 -6.36 -7.76
CA GLY A 16 -5.66 -5.40 -8.78
C GLY A 16 -5.71 -3.99 -8.18
N TYR A 17 -5.37 -2.99 -8.96
CA TYR A 17 -5.39 -1.60 -8.44
C TYR A 17 -6.80 -1.01 -8.62
N PHE A 18 -7.21 -0.14 -7.74
CA PHE A 18 -8.56 0.49 -7.84
C PHE A 18 -8.41 2.00 -8.07
N ARG A 19 -9.06 2.52 -9.07
CA ARG A 19 -8.97 3.98 -9.35
C ARG A 19 -10.17 4.70 -8.72
N LYS A 20 -10.31 4.61 -7.43
CA LYS A 20 -11.44 5.28 -6.73
C LYS A 20 -10.92 5.97 -5.46
N LEU A 21 -11.36 7.17 -5.21
CA LEU A 21 -10.89 7.89 -4.00
C LEU A 21 -11.70 7.41 -2.80
N ARG A 22 -11.08 6.62 -1.96
CA ARG A 22 -11.78 6.08 -0.75
C ARG A 22 -10.84 6.18 0.45
N ASN A 23 -11.34 6.61 1.59
CA ASN A 23 -10.48 6.73 2.79
C ASN A 23 -9.88 5.37 3.13
N TRP A 24 -8.71 5.35 3.72
CA TRP A 24 -8.05 4.07 4.08
C TRP A 24 -8.99 3.20 4.91
N SER A 25 -9.87 3.80 5.67
CA SER A 25 -10.79 2.99 6.50
C SER A 25 -11.80 2.27 5.61
N ASP A 26 -12.34 2.96 4.64
CA ASP A 26 -13.31 2.31 3.73
C ASP A 26 -12.55 1.49 2.68
N ALA A 27 -11.33 1.85 2.43
CA ALA A 27 -10.51 1.11 1.44
C ALA A 27 -10.13 -0.25 2.00
N GLU A 28 -9.55 -0.28 3.18
CA GLU A 28 -9.15 -1.58 3.79
C GLU A 28 -10.41 -2.40 4.09
N LEU A 29 -11.45 -1.75 4.53
CA LEU A 29 -12.71 -2.49 4.85
C LEU A 29 -13.29 -3.07 3.55
N GLU A 30 -13.12 -2.36 2.46
CA GLU A 30 -13.67 -2.86 1.17
C GLU A 30 -12.91 -4.13 0.75
N CYS A 31 -11.69 -4.27 1.16
CA CYS A 31 -10.89 -5.48 0.79
C CYS A 31 -11.24 -6.63 1.73
N GLN A 32 -10.99 -6.47 3.00
CA GLN A 32 -11.31 -7.56 3.97
C GLN A 32 -12.74 -8.04 3.75
N SER A 33 -13.52 -7.31 2.99
CA SER A 33 -14.92 -7.72 2.75
C SER A 33 -14.94 -9.14 2.19
N TYR A 34 -13.89 -9.56 1.54
CA TYR A 34 -13.85 -10.93 0.99
C TYR A 34 -13.51 -11.91 2.11
N GLY A 35 -13.11 -11.42 3.24
CA GLY A 35 -12.78 -12.32 4.38
C GLY A 35 -11.68 -13.30 3.97
N ASN A 36 -11.20 -13.20 2.76
CA ASN A 36 -10.13 -14.13 2.30
C ASN A 36 -8.79 -13.56 2.73
N GLY A 37 -8.82 -12.60 3.62
CA GLY A 37 -7.57 -11.97 4.10
C GLY A 37 -7.17 -10.86 3.12
N ALA A 38 -8.12 -10.40 2.33
CA ALA A 38 -7.83 -9.33 1.35
C ALA A 38 -7.55 -8.02 2.10
N HIS A 39 -6.48 -7.35 1.77
CA HIS A 39 -6.15 -6.07 2.45
C HIS A 39 -5.26 -5.21 1.54
N LEU A 40 -4.95 -4.01 1.96
CA LEU A 40 -4.07 -3.14 1.13
C LEU A 40 -2.70 -3.80 0.97
N ALA A 41 -2.00 -3.49 -0.08
CA ALA A 41 -0.66 -4.10 -0.32
C ALA A 41 0.14 -4.18 0.98
N SER A 42 0.93 -5.21 1.15
CA SER A 42 1.74 -5.35 2.39
C SER A 42 3.06 -6.07 2.05
N ILE A 43 4.17 -5.45 2.36
CA ILE A 43 5.49 -6.08 2.04
C ILE A 43 6.50 -5.77 3.15
N LEU A 44 7.28 -6.75 3.55
CA LEU A 44 8.31 -6.53 4.63
C LEU A 44 9.69 -6.49 3.99
N SER A 45 9.87 -7.15 2.88
CA SER A 45 11.21 -7.17 2.20
C SER A 45 11.21 -6.19 1.02
N LEU A 46 12.33 -5.56 0.77
CA LEU A 46 12.41 -4.60 -0.36
C LEU A 46 12.41 -5.37 -1.69
N LYS A 47 13.03 -6.52 -1.73
CA LYS A 47 13.07 -7.30 -3.00
C LYS A 47 11.64 -7.56 -3.49
N GLU A 48 10.75 -7.89 -2.60
CA GLU A 48 9.34 -8.16 -3.03
C GLU A 48 8.71 -6.85 -3.51
N ALA A 49 8.98 -5.77 -2.83
CA ALA A 49 8.40 -4.46 -3.25
C ALA A 49 9.04 -4.00 -4.55
N SER A 50 10.29 -4.32 -4.76
CA SER A 50 10.97 -3.88 -6.01
C SER A 50 10.25 -4.46 -7.24
N THR A 51 9.64 -5.61 -7.11
CA THR A 51 8.94 -6.20 -8.29
C THR A 51 7.59 -5.52 -8.50
N ILE A 52 6.80 -5.40 -7.47
CA ILE A 52 5.47 -4.75 -7.64
C ILE A 52 5.68 -3.27 -7.97
N ALA A 53 6.61 -2.64 -7.30
CA ALA A 53 6.87 -1.20 -7.57
C ALA A 53 7.19 -1.02 -9.05
N GLU A 54 7.91 -1.93 -9.64
CA GLU A 54 8.24 -1.79 -11.09
C GLU A 54 6.92 -1.68 -11.86
N TYR A 55 5.89 -2.33 -11.38
CA TYR A 55 4.58 -2.27 -12.09
C TYR A 55 3.80 -1.02 -11.65
N ILE A 56 3.52 -0.90 -10.38
CA ILE A 56 2.73 0.27 -9.89
C ILE A 56 3.63 1.51 -9.70
N SER A 57 4.90 1.39 -10.00
CA SER A 57 5.83 2.56 -9.82
C SER A 57 5.14 3.86 -10.24
N GLY A 58 4.15 3.78 -11.09
CA GLY A 58 3.43 5.02 -11.51
C GLY A 58 4.32 5.90 -12.39
N TYR A 59 5.38 5.37 -12.94
CA TYR A 59 6.26 6.22 -13.79
C TYR A 59 5.41 6.96 -14.83
N GLN A 60 4.16 6.60 -14.96
CA GLN A 60 3.27 7.27 -15.95
C GLN A 60 2.73 8.55 -15.32
N ARG A 61 3.13 8.84 -14.11
CA ARG A 61 2.64 10.08 -13.43
C ARG A 61 1.23 9.81 -12.87
N SER A 62 1.03 8.68 -12.27
CA SER A 62 -0.31 8.35 -11.70
C SER A 62 -0.48 9.06 -10.36
N GLN A 63 -1.60 8.89 -9.72
CA GLN A 63 -1.83 9.56 -8.41
C GLN A 63 -1.30 8.68 -7.27
N SER A 64 -0.95 9.28 -6.17
CA SER A 64 -0.42 8.49 -5.03
C SER A 64 -1.38 7.33 -4.72
N ILE A 65 -0.84 6.15 -4.59
CA ILE A 65 -1.69 4.95 -4.28
C ILE A 65 -1.47 4.54 -2.82
N TRP A 66 -2.52 4.17 -2.14
CA TRP A 66 -2.39 3.77 -0.71
C TRP A 66 -1.79 2.37 -0.59
N ILE A 67 -1.22 2.07 0.54
CA ILE A 67 -0.62 0.72 0.77
C ILE A 67 -0.99 0.29 2.19
N GLY A 68 -0.64 -0.90 2.59
CA GLY A 68 -0.99 -1.36 3.97
C GLY A 68 0.07 -0.86 4.96
N LEU A 69 0.23 0.43 5.08
CA LEU A 69 1.24 1.01 6.03
C LEU A 69 0.51 1.96 6.99
N HIS A 70 0.62 1.74 8.27
CA HIS A 70 -0.07 2.64 9.24
C HIS A 70 0.67 2.67 10.57
N ASP A 71 0.28 3.57 11.44
CA ASP A 71 0.95 3.69 12.77
C ASP A 71 0.14 2.87 13.80
N PRO A 72 0.79 2.34 14.82
CA PRO A 72 0.10 1.52 15.87
C PRO A 72 -0.91 2.36 16.67
N GLN A 73 -0.42 3.12 17.63
CA GLN A 73 -1.34 3.95 18.46
C GLN A 73 -0.60 5.23 18.89
N LYS A 74 0.06 5.86 17.96
CA LYS A 74 0.83 7.11 18.27
C LYS A 74 2.12 6.75 19.02
N ARG A 75 2.75 5.67 18.64
CA ARG A 75 4.02 5.26 19.31
C ARG A 75 5.20 5.71 18.43
N GLN A 76 4.90 6.38 17.35
CA GLN A 76 5.97 6.86 16.44
C GLN A 76 6.66 5.66 15.79
N GLN A 77 5.89 4.70 15.33
CA GLN A 77 6.47 3.50 14.68
C GLN A 77 5.64 3.19 13.42
N TRP A 78 6.30 2.91 12.34
CA TRP A 78 5.57 2.59 11.07
C TRP A 78 5.60 1.08 10.86
N GLN A 79 4.45 0.46 10.83
CA GLN A 79 4.38 -1.03 10.65
C GLN A 79 3.30 -1.36 9.63
N TRP A 80 3.34 -2.54 9.07
CA TRP A 80 2.32 -2.93 8.06
C TRP A 80 1.12 -3.59 8.75
N ILE A 81 0.13 -3.96 8.00
CA ILE A 81 -1.09 -4.59 8.59
C ILE A 81 -0.71 -5.83 9.40
N ASP A 82 -0.06 -6.79 8.81
CA ASP A 82 0.30 -8.02 9.54
C ASP A 82 1.16 -7.65 10.76
N GLY A 83 1.43 -6.39 10.95
CA GLY A 83 2.28 -5.98 12.09
C GLY A 83 3.73 -6.19 11.70
N ALA A 84 3.97 -6.49 10.45
CA ALA A 84 5.37 -6.70 10.00
C ALA A 84 6.19 -5.47 10.36
N MET A 85 7.39 -5.65 10.85
CA MET A 85 8.25 -4.48 11.24
C MET A 85 9.55 -4.48 10.45
N TYR A 86 9.70 -3.58 9.52
CA TYR A 86 10.96 -3.50 8.75
C TYR A 86 12.08 -3.05 9.71
N LEU A 87 13.22 -3.70 9.69
CA LEU A 87 14.31 -3.32 10.63
C LEU A 87 15.20 -2.26 9.99
N TYR A 88 14.90 -1.01 10.23
CA TYR A 88 15.74 0.08 9.66
C TYR A 88 15.94 -0.16 8.16
N ARG A 89 15.17 0.51 7.34
CA ARG A 89 15.32 0.34 5.87
C ARG A 89 16.45 1.25 5.38
N SER A 90 17.14 0.87 4.34
CA SER A 90 18.24 1.73 3.84
C SER A 90 17.72 3.15 3.63
N TRP A 91 18.18 4.10 4.42
CA TRP A 91 17.70 5.51 4.27
C TRP A 91 18.58 6.24 3.26
N SER A 92 18.11 6.42 2.06
CA SER A 92 18.91 7.14 1.03
C SER A 92 18.01 7.51 -0.14
N GLY A 93 17.72 8.77 -0.31
CA GLY A 93 16.84 9.19 -1.45
C GLY A 93 15.38 9.10 -1.02
N LYS A 94 15.12 9.04 0.26
CA LYS A 94 13.72 8.94 0.76
C LYS A 94 13.57 9.75 2.05
N SER A 95 12.41 10.31 2.27
CA SER A 95 12.18 11.11 3.51
C SER A 95 10.73 10.89 3.98
N MET A 96 10.56 10.28 5.12
CA MET A 96 9.17 10.03 5.64
C MET A 96 8.83 11.07 6.71
N GLY A 97 9.66 11.19 7.71
CA GLY A 97 9.38 12.18 8.79
C GLY A 97 8.33 11.61 9.75
N GLY A 98 7.34 10.94 9.22
CA GLY A 98 6.29 10.35 10.09
C GLY A 98 5.18 9.76 9.22
N ASN A 99 4.04 9.46 9.78
CA ASN A 99 2.93 8.88 8.97
C ASN A 99 1.59 9.17 9.63
N LYS A 100 1.52 10.22 10.43
CA LYS A 100 0.23 10.58 11.11
C LYS A 100 -0.57 9.33 11.48
N HIS A 101 -1.69 9.12 10.84
CA HIS A 101 -2.53 7.92 11.12
C HIS A 101 -2.42 6.95 9.95
N CYS A 102 -1.92 7.42 8.83
CA CYS A 102 -1.78 6.54 7.63
C CYS A 102 -0.68 7.10 6.72
N ALA A 103 -0.15 6.28 5.84
CA ALA A 103 0.94 6.75 4.91
C ALA A 103 0.58 6.33 3.48
N GLU A 104 1.21 6.93 2.50
CA GLU A 104 0.90 6.59 1.08
C GLU A 104 2.15 6.85 0.21
N MET A 105 2.17 6.31 -0.97
CA MET A 105 3.35 6.53 -1.87
C MET A 105 3.13 7.80 -2.69
N SER A 106 3.99 8.77 -2.55
CA SER A 106 3.82 10.03 -3.33
C SER A 106 4.30 9.81 -4.77
N SER A 107 3.41 9.43 -5.64
CA SER A 107 3.81 9.20 -7.06
C SER A 107 4.18 10.53 -7.70
N ASN A 108 3.57 11.60 -7.26
CA ASN A 108 3.89 12.93 -7.85
C ASN A 108 5.39 13.19 -7.75
N ASN A 109 6.02 12.69 -6.71
CA ASN A 109 7.48 12.91 -6.55
C ASN A 109 8.25 11.97 -7.49
N ASN A 110 9.31 12.44 -8.08
CA ASN A 110 10.09 11.57 -9.00
C ASN A 110 10.87 10.53 -8.19
N PHE A 111 11.17 10.83 -6.96
CA PHE A 111 11.92 9.85 -6.11
C PHE A 111 10.95 8.84 -5.52
N LEU A 112 9.70 8.93 -5.87
CA LEU A 112 8.69 7.97 -5.32
C LEU A 112 8.83 7.92 -3.79
N THR A 113 8.96 9.05 -3.16
CA THR A 113 9.11 9.06 -1.68
C THR A 113 7.73 8.87 -1.03
N TRP A 114 7.69 8.43 0.20
CA TRP A 114 6.38 8.23 0.88
C TRP A 114 5.96 9.54 1.55
N SER A 115 4.72 9.66 1.92
CA SER A 115 4.23 10.92 2.59
C SER A 115 3.22 10.56 3.68
N SER A 116 3.13 11.37 4.69
CA SER A 116 2.15 11.07 5.79
C SER A 116 0.78 11.64 5.41
N ASN A 117 -0.27 10.96 5.78
CA ASN A 117 -1.64 11.46 5.45
C ASN A 117 -2.64 10.92 6.48
N GLU A 118 -3.78 11.55 6.59
CA GLU A 118 -4.80 11.07 7.57
C GLU A 118 -5.54 9.88 6.96
N CYS A 119 -6.00 8.97 7.78
CA CYS A 119 -6.72 7.78 7.24
C CYS A 119 -8.14 8.19 6.79
N ASN A 120 -8.37 9.47 6.64
CA ASN A 120 -9.72 9.95 6.20
C ASN A 120 -9.63 10.54 4.79
N LYS A 121 -8.48 11.04 4.41
CA LYS A 121 -8.34 11.64 3.05
C LYS A 121 -8.66 10.57 2.00
N ARG A 122 -9.77 10.71 1.33
CA ARG A 122 -10.14 9.71 0.28
C ARG A 122 -9.15 9.77 -0.87
N GLN A 123 -8.47 8.68 -1.14
CA GLN A 123 -7.48 8.66 -2.25
C GLN A 123 -7.44 7.27 -2.89
N HIS A 124 -6.88 7.15 -4.07
CA HIS A 124 -6.82 5.82 -4.74
C HIS A 124 -6.21 4.80 -3.78
N PHE A 125 -6.36 3.54 -4.06
CA PHE A 125 -5.79 2.50 -3.16
C PHE A 125 -5.65 1.17 -3.91
N LEU A 126 -4.68 0.37 -3.54
CA LEU A 126 -4.48 -0.95 -4.21
C LEU A 126 -4.91 -2.06 -3.25
N CYS A 127 -5.51 -3.11 -3.78
CA CYS A 127 -5.97 -4.24 -2.91
C CYS A 127 -5.18 -5.50 -3.26
N LYS A 128 -5.11 -6.44 -2.36
CA LYS A 128 -4.36 -7.70 -2.62
C LYS A 128 -5.16 -8.89 -2.09
N TYR A 129 -5.00 -10.05 -2.70
CA TYR A 129 -5.76 -11.26 -2.24
C TYR A 129 -4.80 -12.44 -2.12
N ARG A 130 -4.92 -13.22 -1.07
CA ARG A 130 -4.03 -14.39 -0.89
C ARG A 130 -4.71 -15.65 -1.47
N PRO A 131 -3.96 -16.56 -2.04
CA PRO A 131 -4.52 -17.81 -2.62
C PRO A 131 -5.71 -18.35 -1.82
N GLN A 1 -17.19 -17.50 -7.99
CA GLN A 1 -16.27 -16.39 -8.34
C GLN A 1 -15.26 -16.86 -9.39
N SER A 2 -14.29 -16.06 -9.70
CA SER A 2 -13.28 -16.47 -10.72
C SER A 2 -12.13 -15.45 -10.73
N CYS A 3 -11.09 -15.72 -11.48
CA CYS A 3 -9.95 -14.76 -11.54
C CYS A 3 -9.14 -15.03 -12.81
N ALA A 4 -9.60 -14.54 -13.93
CA ALA A 4 -8.84 -14.76 -15.20
C ALA A 4 -9.60 -14.09 -16.36
N PRO A 5 -10.88 -14.35 -16.51
CA PRO A 5 -11.69 -13.74 -17.61
C PRO A 5 -11.48 -12.23 -17.72
N GLY A 6 -10.93 -11.62 -16.70
CA GLY A 6 -10.70 -10.14 -16.73
C GLY A 6 -9.65 -9.77 -15.69
N TRP A 7 -9.55 -10.54 -14.63
CA TRP A 7 -8.55 -10.22 -13.57
C TRP A 7 -7.17 -10.67 -14.04
N PHE A 8 -6.13 -9.94 -13.70
CA PHE A 8 -4.76 -10.34 -14.13
C PHE A 8 -4.14 -11.30 -13.11
N TYR A 9 -3.74 -12.46 -13.55
CA TYR A 9 -3.12 -13.44 -12.61
C TYR A 9 -1.62 -13.15 -12.50
N HIS A 10 -1.20 -12.58 -11.40
CA HIS A 10 0.25 -12.24 -11.20
C HIS A 10 0.79 -12.99 -9.97
N LYS A 11 1.99 -13.48 -10.03
CA LYS A 11 2.58 -14.20 -8.87
C LYS A 11 1.64 -15.32 -8.41
N SER A 12 0.96 -15.92 -9.33
CA SER A 12 0.04 -17.04 -8.98
C SER A 12 -1.09 -16.55 -8.06
N ASN A 13 -1.18 -15.26 -7.82
CA ASN A 13 -2.27 -14.72 -6.95
C ASN A 13 -3.03 -13.64 -7.72
N CYS A 14 -4.17 -13.23 -7.23
CA CYS A 14 -4.97 -12.19 -7.94
C CYS A 14 -4.87 -10.86 -7.20
N TYR A 15 -4.44 -9.82 -7.88
CA TYR A 15 -4.32 -8.48 -7.25
C TYR A 15 -4.71 -7.42 -8.29
N GLY A 16 -5.21 -6.29 -7.86
CA GLY A 16 -5.60 -5.24 -8.85
C GLY A 16 -5.63 -3.87 -8.18
N TYR A 17 -5.59 -2.82 -8.97
CA TYR A 17 -5.62 -1.44 -8.42
C TYR A 17 -7.03 -0.85 -8.58
N PHE A 18 -7.46 -0.03 -7.65
CA PHE A 18 -8.83 0.59 -7.76
C PHE A 18 -8.68 2.09 -7.96
N ARG A 19 -9.32 2.61 -8.97
CA ARG A 19 -9.24 4.08 -9.25
C ARG A 19 -10.44 4.78 -8.62
N LYS A 20 -10.60 4.68 -7.33
CA LYS A 20 -11.75 5.34 -6.64
C LYS A 20 -11.24 6.05 -5.38
N LEU A 21 -11.83 7.15 -5.03
CA LEU A 21 -11.39 7.89 -3.82
C LEU A 21 -12.08 7.28 -2.60
N ARG A 22 -11.36 6.53 -1.82
CA ARG A 22 -11.93 5.90 -0.60
C ARG A 22 -10.94 6.07 0.56
N ASN A 23 -11.44 6.46 1.70
CA ASN A 23 -10.53 6.65 2.86
C ASN A 23 -9.84 5.32 3.20
N TRP A 24 -8.68 5.37 3.81
CA TRP A 24 -7.96 4.11 4.16
C TRP A 24 -8.86 3.21 5.01
N SER A 25 -9.74 3.78 5.77
CA SER A 25 -10.63 2.93 6.62
C SER A 25 -11.62 2.19 5.73
N ASP A 26 -12.19 2.88 4.78
CA ASP A 26 -13.16 2.23 3.86
C ASP A 26 -12.40 1.43 2.80
N ALA A 27 -11.17 1.80 2.55
CA ALA A 27 -10.35 1.09 1.53
C ALA A 27 -9.95 -0.29 2.08
N GLU A 28 -9.40 -0.34 3.25
CA GLU A 28 -8.98 -1.64 3.82
C GLU A 28 -10.21 -2.51 4.08
N LEU A 29 -11.22 -1.94 4.72
CA LEU A 29 -12.45 -2.73 4.99
C LEU A 29 -13.00 -3.29 3.68
N GLU A 30 -12.97 -2.51 2.64
CA GLU A 30 -13.49 -2.99 1.33
C GLU A 30 -12.68 -4.20 0.85
N CYS A 31 -11.45 -4.33 1.30
CA CYS A 31 -10.62 -5.49 0.85
C CYS A 31 -10.92 -6.72 1.71
N GLN A 32 -10.66 -6.65 2.98
CA GLN A 32 -10.93 -7.82 3.85
C GLN A 32 -12.35 -8.35 3.62
N SER A 33 -13.15 -7.59 2.91
CA SER A 33 -14.54 -8.04 2.64
C SER A 33 -14.50 -9.41 1.95
N TYR A 34 -13.42 -9.71 1.28
CA TYR A 34 -13.33 -11.04 0.59
C TYR A 34 -13.03 -12.11 1.63
N GLY A 35 -12.67 -11.72 2.82
CA GLY A 35 -12.36 -12.70 3.89
C GLY A 35 -11.19 -13.58 3.46
N ASN A 36 -10.66 -13.38 2.29
CA ASN A 36 -9.51 -14.19 1.83
C ASN A 36 -8.24 -13.55 2.37
N GLY A 37 -8.39 -12.66 3.32
CA GLY A 37 -7.20 -11.98 3.90
C GLY A 37 -6.81 -10.84 2.96
N ALA A 38 -7.73 -10.39 2.16
CA ALA A 38 -7.43 -9.29 1.21
C ALA A 38 -7.17 -7.99 1.98
N HIS A 39 -6.14 -7.27 1.63
CA HIS A 39 -5.83 -6.00 2.34
C HIS A 39 -4.98 -5.11 1.44
N LEU A 40 -4.70 -3.90 1.88
CA LEU A 40 -3.85 -2.98 1.06
C LEU A 40 -2.47 -3.60 0.88
N ALA A 41 -1.79 -3.23 -0.17
CA ALA A 41 -0.42 -3.79 -0.44
C ALA A 41 0.36 -3.99 0.87
N SER A 42 0.94 -5.15 1.06
CA SER A 42 1.70 -5.43 2.30
C SER A 42 2.93 -6.29 1.97
N ILE A 43 4.11 -5.80 2.24
CA ILE A 43 5.34 -6.60 1.96
C ILE A 43 6.35 -6.41 3.10
N LEU A 44 7.10 -7.44 3.40
CA LEU A 44 8.11 -7.36 4.50
C LEU A 44 9.50 -7.29 3.87
N SER A 45 9.66 -7.85 2.69
CA SER A 45 11.00 -7.84 2.01
C SER A 45 11.00 -6.76 0.93
N LEU A 46 12.08 -6.04 0.81
CA LEU A 46 12.15 -4.96 -0.23
C LEU A 46 12.26 -5.59 -1.62
N LYS A 47 12.78 -6.78 -1.71
CA LYS A 47 12.92 -7.44 -3.05
C LYS A 47 11.54 -7.72 -3.63
N GLU A 48 10.62 -8.18 -2.83
CA GLU A 48 9.25 -8.47 -3.34
C GLU A 48 8.53 -7.16 -3.65
N ALA A 49 8.67 -6.18 -2.79
CA ALA A 49 7.99 -4.87 -3.03
C ALA A 49 8.57 -4.22 -4.28
N SER A 50 9.83 -4.41 -4.54
CA SER A 50 10.46 -3.80 -5.74
C SER A 50 9.77 -4.32 -7.00
N THR A 51 9.48 -5.59 -7.06
CA THR A 51 8.82 -6.15 -8.28
C THR A 51 7.48 -5.46 -8.48
N ILE A 52 6.68 -5.36 -7.46
CA ILE A 52 5.36 -4.68 -7.61
C ILE A 52 5.60 -3.21 -7.95
N ALA A 53 6.52 -2.59 -7.27
CA ALA A 53 6.82 -1.16 -7.54
C ALA A 53 7.16 -0.98 -9.02
N GLU A 54 7.88 -1.90 -9.59
CA GLU A 54 8.24 -1.75 -11.02
C GLU A 54 6.95 -1.64 -11.84
N TYR A 55 5.89 -2.27 -11.38
CA TYR A 55 4.60 -2.19 -12.13
C TYR A 55 3.81 -0.94 -11.70
N ILE A 56 3.50 -0.81 -10.44
CA ILE A 56 2.72 0.37 -9.97
C ILE A 56 3.62 1.59 -9.77
N SER A 57 4.90 1.47 -10.04
CA SER A 57 5.83 2.62 -9.85
C SER A 57 5.17 3.92 -10.33
N GLY A 58 4.19 3.82 -11.18
CA GLY A 58 3.49 5.05 -11.66
C GLY A 58 4.41 5.87 -12.58
N TYR A 59 5.46 5.29 -13.10
CA TYR A 59 6.37 6.07 -14.01
C TYR A 59 5.53 6.75 -15.08
N GLN A 60 4.28 6.37 -15.19
CA GLN A 60 3.40 6.98 -16.22
C GLN A 60 2.72 8.21 -15.62
N ARG A 61 3.18 8.65 -14.48
CA ARG A 61 2.58 9.85 -13.81
C ARG A 61 1.22 9.46 -13.20
N SER A 62 1.18 8.36 -12.52
CA SER A 62 -0.10 7.92 -11.88
C SER A 62 -0.35 8.74 -10.62
N GLN A 63 -1.47 8.53 -9.97
CA GLN A 63 -1.78 9.30 -8.73
C GLN A 63 -1.24 8.56 -7.50
N SER A 64 -1.12 9.23 -6.40
CA SER A 64 -0.60 8.57 -5.18
C SER A 64 -1.47 7.36 -4.83
N ILE A 65 -0.86 6.22 -4.64
CA ILE A 65 -1.65 4.98 -4.30
C ILE A 65 -1.44 4.64 -2.82
N TRP A 66 -2.49 4.27 -2.14
CA TRP A 66 -2.36 3.93 -0.69
C TRP A 66 -1.74 2.53 -0.54
N ILE A 67 -1.16 2.28 0.61
CA ILE A 67 -0.52 0.96 0.89
C ILE A 67 -0.93 0.54 2.31
N GLY A 68 -0.58 -0.65 2.73
CA GLY A 68 -0.97 -1.09 4.10
C GLY A 68 0.01 -0.53 5.14
N LEU A 69 0.04 0.77 5.30
CA LEU A 69 0.98 1.40 6.30
C LEU A 69 0.13 2.23 7.27
N HIS A 70 0.22 1.95 8.54
CA HIS A 70 -0.59 2.72 9.54
C HIS A 70 0.15 2.80 10.87
N ASP A 71 -0.14 3.78 11.67
CA ASP A 71 0.55 3.93 12.99
C ASP A 71 -0.18 3.05 14.03
N PRO A 72 0.53 2.59 15.04
CA PRO A 72 -0.09 1.73 16.11
C PRO A 72 -1.02 2.54 17.02
N GLN A 73 -0.50 3.00 18.14
CA GLN A 73 -1.32 3.80 19.10
C GLN A 73 -0.66 5.17 19.28
N LYS A 74 -0.29 5.79 18.19
CA LYS A 74 0.38 7.13 18.26
C LYS A 74 1.76 6.96 18.90
N ARG A 75 2.46 5.92 18.56
CA ARG A 75 3.82 5.68 19.13
C ARG A 75 4.87 6.10 18.10
N GLN A 76 4.43 6.76 17.05
CA GLN A 76 5.37 7.21 15.99
C GLN A 76 6.13 6.01 15.42
N GLN A 77 5.42 5.01 14.99
CA GLN A 77 6.06 3.80 14.40
C GLN A 77 5.29 3.40 13.14
N TRP A 78 5.99 3.11 12.09
CA TRP A 78 5.32 2.70 10.82
C TRP A 78 5.30 1.18 10.73
N GLN A 79 4.13 0.59 10.77
CA GLN A 79 4.03 -0.90 10.68
C GLN A 79 2.83 -1.25 9.80
N TRP A 80 2.82 -2.44 9.25
CA TRP A 80 1.69 -2.86 8.38
C TRP A 80 0.65 -3.63 9.20
N ILE A 81 -0.41 -4.05 8.57
CA ILE A 81 -1.47 -4.79 9.32
C ILE A 81 -0.85 -5.97 10.10
N ASP A 82 -0.20 -6.87 9.43
CA ASP A 82 0.39 -8.04 10.13
C ASP A 82 1.49 -7.57 11.09
N GLY A 83 1.65 -6.28 11.25
CA GLY A 83 2.70 -5.77 12.16
C GLY A 83 4.05 -5.96 11.47
N ALA A 84 4.02 -6.23 10.20
CA ALA A 84 5.28 -6.43 9.43
C ALA A 84 6.27 -5.31 9.75
N MET A 85 7.54 -5.61 9.72
CA MET A 85 8.59 -4.58 10.01
C MET A 85 9.50 -4.42 8.80
N TYR A 86 9.39 -3.34 8.09
CA TYR A 86 10.27 -3.14 6.89
C TYR A 86 11.72 -3.03 7.36
N LEU A 87 12.62 -3.75 6.73
CA LEU A 87 14.05 -3.69 7.14
C LEU A 87 14.78 -2.63 6.32
N TYR A 88 15.04 -1.49 6.91
CA TYR A 88 15.75 -0.40 6.18
C TYR A 88 14.99 -0.08 4.90
N ARG A 89 14.02 0.76 4.99
CA ARG A 89 13.22 1.13 3.78
C ARG A 89 13.91 2.29 3.05
N SER A 90 13.40 2.67 1.91
CA SER A 90 14.02 3.80 1.16
C SER A 90 13.91 5.08 1.99
N TRP A 91 15.01 5.59 2.48
CA TRP A 91 14.96 6.84 3.30
C TRP A 91 16.30 7.58 3.19
N SER A 92 16.33 8.63 2.41
CA SER A 92 17.61 9.39 2.26
C SER A 92 17.34 10.74 1.62
N GLY A 93 17.49 11.81 2.37
CA GLY A 93 17.25 13.17 1.81
C GLY A 93 15.78 13.57 2.00
N LYS A 94 15.02 12.74 2.68
CA LYS A 94 13.58 13.07 2.90
C LYS A 94 13.14 12.46 4.24
N SER A 95 12.41 13.21 5.01
CA SER A 95 11.93 12.68 6.33
C SER A 95 10.48 12.22 6.20
N MET A 96 10.17 11.04 6.65
CA MET A 96 8.77 10.54 6.54
C MET A 96 7.81 11.61 7.05
N GLY A 97 8.32 12.59 7.75
CA GLY A 97 7.43 13.67 8.27
C GLY A 97 6.75 13.20 9.56
N GLY A 98 6.35 11.96 9.60
CA GLY A 98 5.66 11.42 10.83
C GLY A 98 4.61 10.39 10.42
N ASN A 99 4.39 10.22 9.15
CA ASN A 99 3.37 9.22 8.69
C ASN A 99 2.02 9.53 9.33
N LYS A 100 1.94 10.60 10.09
CA LYS A 100 0.64 10.98 10.76
C LYS A 100 -0.13 9.72 11.19
N HIS A 101 -1.37 9.61 10.82
CA HIS A 101 -2.17 8.41 11.19
C HIS A 101 -2.04 7.36 10.08
N CYS A 102 -1.54 7.76 8.94
CA CYS A 102 -1.38 6.80 7.82
C CYS A 102 -0.30 7.32 6.87
N ALA A 103 0.24 6.45 6.04
CA ALA A 103 1.31 6.88 5.08
C ALA A 103 0.94 6.43 3.66
N GLU A 104 1.57 7.00 2.67
CA GLU A 104 1.26 6.60 1.26
C GLU A 104 2.51 6.82 0.40
N MET A 105 2.57 6.18 -0.75
CA MET A 105 3.74 6.35 -1.65
C MET A 105 3.45 7.46 -2.65
N SER A 106 4.46 8.19 -3.05
CA SER A 106 4.26 9.30 -4.03
C SER A 106 4.70 8.82 -5.43
N SER A 107 3.76 8.51 -6.27
CA SER A 107 4.12 8.03 -7.64
C SER A 107 4.82 9.15 -8.39
N ASN A 108 4.45 10.38 -8.17
CA ASN A 108 5.10 11.52 -8.88
C ASN A 108 6.62 11.44 -8.66
N ASN A 109 7.04 10.98 -7.51
CA ASN A 109 8.50 10.88 -7.24
C ASN A 109 9.02 9.52 -7.71
N ASN A 110 9.60 9.46 -8.87
CA ASN A 110 10.13 8.17 -9.38
C ASN A 110 10.96 7.49 -8.30
N PHE A 111 11.38 8.24 -7.30
CA PHE A 111 12.20 7.63 -6.21
C PHE A 111 11.28 6.96 -5.19
N LEU A 112 10.03 6.78 -5.53
CA LEU A 112 9.09 6.13 -4.57
C LEU A 112 9.18 6.83 -3.21
N THR A 113 9.08 8.13 -3.20
CA THR A 113 9.16 8.88 -1.91
C THR A 113 7.89 8.62 -1.09
N TRP A 114 8.03 8.52 0.21
CA TRP A 114 6.83 8.26 1.06
C TRP A 114 6.20 9.60 1.46
N SER A 115 4.96 9.58 1.90
CA SER A 115 4.28 10.84 2.31
C SER A 115 3.28 10.54 3.43
N SER A 116 3.21 11.39 4.41
CA SER A 116 2.25 11.15 5.53
C SER A 116 0.89 11.72 5.16
N ASN A 117 -0.17 11.07 5.60
CA ASN A 117 -1.54 11.57 5.26
C ASN A 117 -2.52 11.12 6.35
N GLU A 118 -3.65 11.76 6.46
CA GLU A 118 -4.64 11.37 7.49
C GLU A 118 -5.42 10.15 6.99
N CYS A 119 -5.81 9.27 7.87
CA CYS A 119 -6.57 8.06 7.44
C CYS A 119 -8.03 8.43 7.17
N ASN A 120 -8.28 9.64 6.74
CA ASN A 120 -9.68 10.08 6.46
C ASN A 120 -9.73 10.81 5.12
N LYS A 121 -8.67 10.78 4.36
CA LYS A 121 -8.66 11.47 3.05
C LYS A 121 -9.02 10.46 1.95
N ARG A 122 -10.15 10.63 1.32
CA ARG A 122 -10.55 9.66 0.25
C ARG A 122 -9.55 9.75 -0.91
N GLN A 123 -8.79 8.72 -1.12
CA GLN A 123 -7.79 8.74 -2.25
C GLN A 123 -7.70 7.34 -2.87
N HIS A 124 -7.13 7.25 -4.04
CA HIS A 124 -7.01 5.92 -4.72
C HIS A 124 -6.33 4.92 -3.77
N PHE A 125 -6.46 3.65 -4.04
CA PHE A 125 -5.82 2.64 -3.15
C PHE A 125 -5.69 1.31 -3.89
N LEU A 126 -4.67 0.54 -3.59
CA LEU A 126 -4.49 -0.78 -4.29
C LEU A 126 -4.83 -1.90 -3.31
N CYS A 127 -5.41 -2.96 -3.80
CA CYS A 127 -5.79 -4.11 -2.93
C CYS A 127 -4.96 -5.35 -3.33
N LYS A 128 -4.69 -6.21 -2.39
CA LYS A 128 -3.90 -7.44 -2.68
C LYS A 128 -4.61 -8.64 -2.05
N TYR A 129 -4.44 -9.81 -2.61
CA TYR A 129 -5.12 -11.03 -2.06
C TYR A 129 -4.08 -12.16 -1.96
N ARG A 130 -4.18 -12.98 -0.95
CA ARG A 130 -3.21 -14.10 -0.76
C ARG A 130 -3.80 -15.38 -1.41
N PRO A 131 -2.96 -16.23 -1.97
CA PRO A 131 -3.43 -17.49 -2.62
C PRO A 131 -4.62 -18.11 -1.89
N GLN A 1 -13.80 -12.96 -8.32
CA GLN A 1 -13.59 -14.38 -7.91
C GLN A 1 -12.59 -15.04 -8.87
N SER A 2 -12.44 -14.50 -10.04
CA SER A 2 -11.49 -15.09 -11.02
C SER A 2 -10.10 -14.52 -10.77
N CYS A 3 -9.11 -15.05 -11.44
CA CYS A 3 -7.72 -14.55 -11.25
C CYS A 3 -6.80 -15.18 -12.29
N ALA A 4 -6.61 -14.52 -13.41
CA ALA A 4 -5.72 -15.08 -14.46
C ALA A 4 -5.82 -14.23 -15.74
N PRO A 5 -6.97 -14.17 -16.37
CA PRO A 5 -7.16 -13.36 -17.62
C PRO A 5 -6.92 -11.86 -17.37
N GLY A 6 -5.72 -11.41 -17.59
CA GLY A 6 -5.42 -9.96 -17.38
C GLY A 6 -5.02 -9.73 -15.91
N TRP A 7 -5.29 -10.69 -15.07
CA TRP A 7 -4.93 -10.53 -13.63
C TRP A 7 -3.46 -10.89 -13.42
N PHE A 8 -2.75 -10.14 -12.62
CA PHE A 8 -1.32 -10.44 -12.38
C PHE A 8 -1.18 -11.42 -11.22
N TYR A 9 -0.66 -12.60 -11.48
CA TYR A 9 -0.51 -13.62 -10.39
C TYR A 9 0.91 -13.56 -9.82
N HIS A 10 1.04 -13.43 -8.52
CA HIS A 10 2.40 -13.38 -7.89
C HIS A 10 2.50 -14.52 -6.87
N LYS A 11 3.42 -15.43 -7.07
CA LYS A 11 3.52 -16.56 -6.11
C LYS A 11 2.15 -17.20 -5.94
N SER A 12 1.40 -17.24 -6.99
CA SER A 12 0.03 -17.82 -6.93
C SER A 12 -0.87 -16.88 -6.12
N ASN A 13 -0.49 -15.63 -6.03
CA ASN A 13 -1.32 -14.65 -5.26
C ASN A 13 -2.16 -13.86 -6.23
N CYS A 14 -3.10 -13.13 -5.73
CA CYS A 14 -3.98 -12.29 -6.61
C CYS A 14 -4.04 -10.87 -6.04
N TYR A 15 -3.69 -9.90 -6.83
CA TYR A 15 -3.73 -8.48 -6.37
C TYR A 15 -4.15 -7.58 -7.54
N GLY A 16 -4.75 -6.47 -7.25
CA GLY A 16 -5.19 -5.55 -8.35
C GLY A 16 -5.34 -4.13 -7.81
N TYR A 17 -4.87 -3.15 -8.54
CA TYR A 17 -5.00 -1.74 -8.07
C TYR A 17 -6.37 -1.19 -8.47
N PHE A 18 -6.93 -0.32 -7.65
CA PHE A 18 -8.27 0.28 -7.96
C PHE A 18 -8.11 1.77 -8.20
N ARG A 19 -8.63 2.27 -9.29
CA ARG A 19 -8.52 3.72 -9.60
C ARG A 19 -9.76 4.46 -9.10
N LYS A 20 -10.03 4.41 -7.82
CA LYS A 20 -11.22 5.11 -7.26
C LYS A 20 -10.80 5.86 -6.00
N LEU A 21 -11.36 7.02 -5.77
CA LEU A 21 -10.99 7.80 -4.56
C LEU A 21 -11.77 7.28 -3.36
N ARG A 22 -11.11 6.56 -2.50
CA ARG A 22 -11.78 6.00 -1.27
C ARG A 22 -10.86 6.21 -0.08
N ASN A 23 -11.40 6.66 1.03
CA ASN A 23 -10.55 6.89 2.23
C ASN A 23 -9.90 5.57 2.66
N TRP A 24 -8.77 5.65 3.31
CA TRP A 24 -8.07 4.41 3.76
C TRP A 24 -9.02 3.58 4.63
N SER A 25 -9.90 4.22 5.34
CA SER A 25 -10.85 3.46 6.21
C SER A 25 -11.81 2.67 5.35
N ASP A 26 -12.34 3.27 4.32
CA ASP A 26 -13.29 2.56 3.43
C ASP A 26 -12.49 1.68 2.46
N ALA A 27 -11.26 2.03 2.24
CA ALA A 27 -10.41 1.22 1.31
C ALA A 27 -10.06 -0.11 1.97
N GLU A 28 -9.55 -0.07 3.17
CA GLU A 28 -9.19 -1.34 3.87
C GLU A 28 -10.47 -2.13 4.15
N LEU A 29 -11.53 -1.45 4.47
CA LEU A 29 -12.81 -2.16 4.76
C LEU A 29 -13.35 -2.79 3.46
N GLU A 30 -13.13 -2.12 2.36
CA GLU A 30 -13.62 -2.67 1.06
C GLU A 30 -12.85 -3.95 0.71
N CYS A 31 -11.67 -4.11 1.24
CA CYS A 31 -10.86 -5.33 0.94
C CYS A 31 -11.32 -6.48 1.85
N GLN A 32 -11.15 -6.34 3.12
CA GLN A 32 -11.56 -7.43 4.06
C GLN A 32 -13.00 -7.86 3.74
N SER A 33 -13.69 -7.10 2.93
CA SER A 33 -15.09 -7.47 2.59
C SER A 33 -15.13 -8.88 2.01
N TYR A 34 -14.03 -9.32 1.43
CA TYR A 34 -14.01 -10.71 0.86
C TYR A 34 -13.79 -11.71 1.99
N GLY A 35 -13.45 -11.24 3.16
CA GLY A 35 -13.22 -12.17 4.30
C GLY A 35 -12.11 -13.16 3.96
N ASN A 36 -11.54 -13.05 2.80
CA ASN A 36 -10.45 -13.98 2.40
C ASN A 36 -9.14 -13.44 2.97
N GLY A 37 -9.24 -12.51 3.88
CA GLY A 37 -8.00 -11.92 4.49
C GLY A 37 -7.49 -10.83 3.55
N ALA A 38 -8.35 -10.32 2.71
CA ALA A 38 -7.92 -9.26 1.76
C ALA A 38 -7.63 -7.96 2.53
N HIS A 39 -6.55 -7.30 2.18
CA HIS A 39 -6.18 -6.04 2.89
C HIS A 39 -5.28 -5.21 1.97
N LEU A 40 -4.93 -4.02 2.38
CA LEU A 40 -4.04 -3.17 1.53
C LEU A 40 -2.69 -3.88 1.37
N ALA A 41 -2.00 -3.60 0.30
CA ALA A 41 -0.68 -4.26 0.05
C ALA A 41 0.16 -4.28 1.33
N SER A 42 0.80 -5.38 1.62
CA SER A 42 1.66 -5.46 2.84
C SER A 42 2.83 -6.41 2.56
N ILE A 43 4.04 -5.91 2.64
CA ILE A 43 5.25 -6.76 2.36
C ILE A 43 6.35 -6.39 3.35
N LEU A 44 7.29 -7.28 3.56
CA LEU A 44 8.42 -7.00 4.51
C LEU A 44 9.70 -6.74 3.69
N SER A 45 9.79 -7.31 2.51
CA SER A 45 11.02 -7.10 1.68
C SER A 45 10.81 -5.92 0.74
N LEU A 46 11.78 -5.04 0.67
CA LEU A 46 11.66 -3.85 -0.23
C LEU A 46 11.79 -4.30 -1.69
N LYS A 47 12.69 -5.20 -1.97
CA LYS A 47 12.88 -5.67 -3.37
C LYS A 47 11.56 -6.18 -3.93
N GLU A 48 10.81 -6.91 -3.15
CA GLU A 48 9.51 -7.45 -3.66
C GLU A 48 8.53 -6.31 -3.88
N ALA A 49 8.48 -5.37 -2.98
CA ALA A 49 7.53 -4.22 -3.14
C ALA A 49 8.00 -3.31 -4.28
N SER A 50 9.28 -3.16 -4.44
CA SER A 50 9.79 -2.28 -5.54
C SER A 50 9.34 -2.83 -6.89
N THR A 51 9.36 -4.12 -7.05
CA THR A 51 8.94 -4.71 -8.36
C THR A 51 7.49 -4.33 -8.67
N ILE A 52 6.60 -4.48 -7.72
CA ILE A 52 5.18 -4.11 -7.99
C ILE A 52 5.09 -2.64 -8.35
N ALA A 53 5.70 -1.79 -7.58
CA ALA A 53 5.64 -0.33 -7.87
C ALA A 53 6.14 -0.05 -9.28
N GLU A 54 7.16 -0.74 -9.71
CA GLU A 54 7.67 -0.50 -11.08
C GLU A 54 6.55 -0.72 -12.08
N TYR A 55 5.58 -1.55 -11.75
CA TYR A 55 4.45 -1.81 -12.67
C TYR A 55 3.31 -0.81 -12.42
N ILE A 56 2.79 -0.78 -11.22
CA ILE A 56 1.66 0.14 -10.92
C ILE A 56 2.15 1.57 -10.62
N SER A 57 3.44 1.81 -10.67
CA SER A 57 3.94 3.20 -10.37
C SER A 57 3.04 4.23 -11.06
N GLY A 58 2.86 4.11 -12.34
CA GLY A 58 1.94 5.07 -13.05
C GLY A 58 2.52 6.49 -12.99
N TYR A 59 3.79 6.64 -12.71
CA TYR A 59 4.37 8.00 -12.62
C TYR A 59 4.03 8.81 -13.88
N GLN A 60 3.41 8.20 -14.85
CA GLN A 60 3.07 8.93 -16.09
C GLN A 60 1.83 9.80 -15.88
N ARG A 61 0.98 9.48 -14.93
CA ARG A 61 -0.23 10.31 -14.69
C ARG A 61 -1.00 9.80 -13.47
N SER A 62 -0.83 8.55 -13.13
CA SER A 62 -1.57 7.99 -11.96
C SER A 62 -1.22 8.76 -10.69
N GLN A 63 -2.02 8.62 -9.66
CA GLN A 63 -1.77 9.33 -8.37
C GLN A 63 -1.23 8.35 -7.33
N SER A 64 -0.66 8.86 -6.29
CA SER A 64 -0.10 7.98 -5.22
C SER A 64 -1.13 6.91 -4.85
N ILE A 65 -0.67 5.70 -4.67
CA ILE A 65 -1.59 4.58 -4.29
C ILE A 65 -1.37 4.25 -2.81
N TRP A 66 -2.41 3.92 -2.10
CA TRP A 66 -2.25 3.61 -0.64
C TRP A 66 -1.66 2.21 -0.46
N ILE A 67 -1.10 1.96 0.69
CA ILE A 67 -0.50 0.62 0.99
C ILE A 67 -0.88 0.24 2.43
N GLY A 68 -0.55 -0.95 2.87
CA GLY A 68 -0.93 -1.35 4.26
C GLY A 68 0.15 -0.91 5.27
N LEU A 69 0.40 0.37 5.39
CA LEU A 69 1.41 0.88 6.37
C LEU A 69 0.73 1.89 7.30
N HIS A 70 0.78 1.65 8.59
CA HIS A 70 0.11 2.60 9.54
C HIS A 70 0.80 2.57 10.89
N ASP A 71 0.44 3.48 11.76
CA ASP A 71 1.05 3.53 13.12
C ASP A 71 0.14 2.76 14.10
N PRO A 72 0.68 2.23 15.17
CA PRO A 72 -0.11 1.47 16.18
C PRO A 72 -1.09 2.37 16.95
N GLN A 73 -0.66 2.90 18.06
CA GLN A 73 -1.53 3.79 18.89
C GLN A 73 -0.74 5.08 19.19
N LYS A 74 -0.12 5.63 18.19
CA LYS A 74 0.69 6.87 18.37
C LYS A 74 1.93 6.53 19.21
N ARG A 75 2.53 5.40 18.93
CA ARG A 75 3.76 4.99 19.67
C ARG A 75 4.97 5.32 18.81
N GLN A 76 4.77 6.08 17.77
CA GLN A 76 5.87 6.47 16.86
C GLN A 76 6.52 5.22 16.25
N GLN A 77 5.73 4.32 15.75
CA GLN A 77 6.28 3.07 15.13
C GLN A 77 5.53 2.80 13.83
N TRP A 78 6.25 2.55 12.77
CA TRP A 78 5.61 2.26 11.44
C TRP A 78 5.64 0.76 11.15
N GLN A 79 4.50 0.12 11.21
CA GLN A 79 4.42 -1.34 10.93
C GLN A 79 3.24 -1.62 9.99
N TRP A 80 3.25 -2.74 9.34
CA TRP A 80 2.14 -3.09 8.39
C TRP A 80 1.11 -3.97 9.10
N ILE A 81 0.06 -4.33 8.40
CA ILE A 81 -1.00 -5.18 9.00
C ILE A 81 -0.40 -6.46 9.62
N ASP A 82 0.29 -7.24 8.84
CA ASP A 82 0.87 -8.50 9.37
C ASP A 82 1.87 -8.19 10.48
N GLY A 83 2.00 -6.94 10.85
CA GLY A 83 2.98 -6.59 11.91
C GLY A 83 4.37 -6.66 11.30
N ALA A 84 4.44 -6.73 10.00
CA ALA A 84 5.76 -6.81 9.32
C ALA A 84 6.68 -5.72 9.88
N MET A 85 7.89 -6.06 10.24
CA MET A 85 8.83 -5.04 10.80
C MET A 85 10.09 -4.96 9.93
N TYR A 86 10.22 -3.92 9.15
CA TYR A 86 11.43 -3.77 8.30
C TYR A 86 12.65 -3.56 9.22
N LEU A 87 13.71 -4.27 8.98
CA LEU A 87 14.93 -4.11 9.84
C LEU A 87 15.84 -3.03 9.26
N TYR A 88 15.78 -1.84 9.81
CA TYR A 88 16.63 -0.73 9.30
C TYR A 88 16.32 -0.48 7.83
N ARG A 89 15.29 0.28 7.54
CA ARG A 89 14.94 0.57 6.12
C ARG A 89 15.81 1.74 5.64
N SER A 90 15.92 1.90 4.35
CA SER A 90 16.75 3.03 3.83
C SER A 90 16.05 4.36 4.14
N TRP A 91 16.74 5.26 4.80
CA TRP A 91 16.12 6.58 5.12
C TRP A 91 17.22 7.63 5.27
N SER A 92 17.41 8.46 4.28
CA SER A 92 18.46 9.50 4.38
C SER A 92 18.25 10.55 3.29
N GLY A 93 17.88 11.75 3.66
CA GLY A 93 17.66 12.82 2.64
C GLY A 93 16.22 12.77 2.12
N LYS A 94 15.40 11.94 2.73
CA LYS A 94 13.98 11.81 2.27
C LYS A 94 13.04 12.29 3.40
N SER A 95 11.89 12.78 3.04
CA SER A 95 10.93 13.26 4.08
C SER A 95 10.16 12.06 4.64
N MET A 96 9.31 12.30 5.60
CA MET A 96 8.53 11.19 6.20
C MET A 96 7.27 11.76 6.84
N GLY A 97 7.39 12.85 7.55
CA GLY A 97 6.21 13.47 8.20
C GLY A 97 5.86 12.70 9.48
N GLY A 98 5.76 11.40 9.39
CA GLY A 98 5.42 10.57 10.59
C GLY A 98 4.38 9.52 10.21
N ASN A 99 4.06 9.39 8.95
CA ASN A 99 3.07 8.38 8.52
C ASN A 99 1.69 8.73 9.10
N LYS A 100 1.62 9.70 9.97
CA LYS A 100 0.30 10.08 10.58
C LYS A 100 -0.48 8.82 10.95
N HIS A 101 -1.67 8.67 10.43
CA HIS A 101 -2.49 7.46 10.73
C HIS A 101 -2.27 6.43 9.62
N CYS A 102 -1.77 6.87 8.50
CA CYS A 102 -1.52 5.94 7.36
C CYS A 102 -0.55 6.61 6.37
N ALA A 103 0.38 5.85 5.85
CA ALA A 103 1.38 6.42 4.90
C ALA A 103 1.03 5.99 3.47
N GLU A 104 1.59 6.68 2.50
CA GLU A 104 1.31 6.33 1.07
C GLU A 104 2.56 6.59 0.24
N MET A 105 2.62 6.05 -0.95
CA MET A 105 3.82 6.27 -1.81
C MET A 105 3.65 7.56 -2.62
N SER A 106 4.58 8.46 -2.52
CA SER A 106 4.46 9.74 -3.28
C SER A 106 4.78 9.49 -4.76
N SER A 107 3.78 9.20 -5.54
CA SER A 107 4.02 8.94 -6.99
C SER A 107 4.45 10.24 -7.67
N ASN A 108 3.94 11.36 -7.23
CA ASN A 108 4.32 12.65 -7.86
C ASN A 108 5.86 12.79 -7.85
N ASN A 109 6.50 12.27 -6.85
CA ASN A 109 7.98 12.38 -6.78
C ASN A 109 8.61 11.36 -7.74
N ASN A 110 9.69 11.70 -8.38
CA ASN A 110 10.33 10.75 -9.32
C ASN A 110 11.04 9.65 -8.52
N PHE A 111 11.49 9.95 -7.34
CA PHE A 111 12.17 8.91 -6.51
C PHE A 111 11.13 8.07 -5.78
N LEU A 112 9.87 8.31 -6.03
CA LEU A 112 8.81 7.51 -5.36
C LEU A 112 9.02 7.57 -3.84
N THR A 113 9.18 8.73 -3.29
CA THR A 113 9.40 8.84 -1.82
C THR A 113 8.08 8.57 -1.10
N TRP A 114 8.14 8.26 0.17
CA TRP A 114 6.89 7.98 0.94
C TRP A 114 6.34 9.30 1.49
N SER A 115 5.08 9.32 1.86
CA SER A 115 4.48 10.57 2.41
C SER A 115 3.41 10.21 3.44
N SER A 116 3.26 11.01 4.46
CA SER A 116 2.23 10.72 5.50
C SER A 116 0.87 11.30 5.05
N ASN A 117 -0.20 10.65 5.40
CA ASN A 117 -1.54 11.15 4.99
C ASN A 117 -2.59 10.69 6.01
N GLU A 118 -3.56 11.53 6.30
CA GLU A 118 -4.61 11.14 7.28
C GLU A 118 -5.50 10.06 6.66
N CYS A 119 -5.93 9.12 7.46
CA CYS A 119 -6.80 8.03 6.93
C CYS A 119 -8.21 8.58 6.67
N ASN A 120 -8.29 9.78 6.16
CA ASN A 120 -9.63 10.39 5.86
C ASN A 120 -9.58 11.11 4.52
N LYS A 121 -8.54 10.87 3.74
CA LYS A 121 -8.42 11.53 2.41
C LYS A 121 -8.79 10.51 1.33
N ARG A 122 -9.86 10.73 0.64
CA ARG A 122 -10.26 9.76 -0.43
C ARG A 122 -9.21 9.76 -1.54
N GLN A 123 -8.50 8.67 -1.68
CA GLN A 123 -7.45 8.58 -2.73
C GLN A 123 -7.37 7.13 -3.25
N HIS A 124 -6.77 6.94 -4.39
CA HIS A 124 -6.66 5.56 -4.95
C HIS A 124 -6.16 4.60 -3.86
N PHE A 125 -6.25 3.31 -4.09
CA PHE A 125 -5.78 2.34 -3.06
C PHE A 125 -5.51 0.98 -3.72
N LEU A 126 -4.60 0.22 -3.17
CA LEU A 126 -4.27 -1.13 -3.74
C LEU A 126 -4.84 -2.22 -2.81
N CYS A 127 -5.44 -3.23 -3.38
CA CYS A 127 -6.02 -4.34 -2.55
C CYS A 127 -5.24 -5.63 -2.85
N LYS A 128 -4.97 -6.42 -1.84
CA LYS A 128 -4.20 -7.70 -2.03
C LYS A 128 -5.04 -8.87 -1.52
N TYR A 129 -4.83 -10.03 -2.07
CA TYR A 129 -5.61 -11.24 -1.64
C TYR A 129 -4.64 -12.41 -1.42
N ARG A 130 -4.82 -13.14 -0.35
CA ARG A 130 -3.91 -14.30 -0.07
C ARG A 130 -4.53 -15.59 -0.64
N PRO A 131 -3.73 -16.51 -1.12
CA PRO A 131 -4.25 -17.79 -1.70
C PRO A 131 -4.83 -18.72 -0.63
N GLN A 1 -16.93 -13.11 -6.73
CA GLN A 1 -15.47 -13.38 -6.60
C GLN A 1 -14.92 -13.84 -7.95
N SER A 2 -13.77 -13.36 -8.33
CA SER A 2 -13.18 -13.76 -9.64
C SER A 2 -11.74 -13.25 -9.73
N CYS A 3 -10.91 -13.93 -10.48
CA CYS A 3 -9.49 -13.47 -10.61
C CYS A 3 -8.89 -14.09 -11.88
N ALA A 4 -9.32 -13.64 -13.02
CA ALA A 4 -8.77 -14.18 -14.30
C ALA A 4 -9.06 -13.20 -15.44
N PRO A 5 -10.31 -12.97 -15.78
CA PRO A 5 -10.67 -12.02 -16.88
C PRO A 5 -10.21 -10.58 -16.57
N GLY A 6 -8.99 -10.25 -16.94
CA GLY A 6 -8.47 -8.87 -16.68
C GLY A 6 -7.49 -8.92 -15.51
N TRP A 7 -7.67 -9.86 -14.62
CA TRP A 7 -6.76 -9.96 -13.45
C TRP A 7 -5.47 -10.68 -13.89
N PHE A 8 -4.33 -10.28 -13.35
CA PHE A 8 -3.04 -10.92 -13.74
C PHE A 8 -2.54 -11.79 -12.58
N TYR A 9 -2.09 -12.99 -12.87
CA TYR A 9 -1.59 -13.88 -11.79
C TYR A 9 -0.10 -13.55 -11.52
N HIS A 10 0.17 -12.88 -10.45
CA HIS A 10 1.59 -12.50 -10.10
C HIS A 10 1.97 -13.10 -8.75
N LYS A 11 3.18 -13.57 -8.62
CA LYS A 11 3.63 -14.16 -7.33
C LYS A 11 2.66 -15.26 -6.88
N SER A 12 2.10 -15.96 -7.80
CA SER A 12 1.16 -17.07 -7.46
C SER A 12 -0.03 -16.55 -6.67
N ASN A 13 -0.15 -15.25 -6.51
CA ASN A 13 -1.33 -14.69 -5.75
C ASN A 13 -2.10 -13.72 -6.66
N CYS A 14 -3.27 -13.33 -6.26
CA CYS A 14 -4.10 -12.40 -7.10
C CYS A 14 -4.08 -10.99 -6.49
N TYR A 15 -3.74 -10.01 -7.27
CA TYR A 15 -3.70 -8.60 -6.77
C TYR A 15 -4.17 -7.66 -7.88
N GLY A 16 -4.74 -6.54 -7.51
CA GLY A 16 -5.22 -5.58 -8.55
C GLY A 16 -5.27 -4.17 -7.97
N TYR A 17 -5.44 -3.17 -8.82
CA TYR A 17 -5.49 -1.75 -8.33
C TYR A 17 -6.88 -1.16 -8.60
N PHE A 18 -7.35 -0.31 -7.73
CA PHE A 18 -8.69 0.33 -7.92
C PHE A 18 -8.51 1.83 -8.11
N ARG A 19 -9.11 2.38 -9.12
CA ARG A 19 -8.99 3.85 -9.38
C ARG A 19 -10.20 4.58 -8.80
N LYS A 20 -10.39 4.47 -7.51
CA LYS A 20 -11.56 5.14 -6.84
C LYS A 20 -11.06 5.90 -5.61
N LEU A 21 -11.60 7.06 -5.35
CA LEU A 21 -11.17 7.84 -4.17
C LEU A 21 -11.91 7.32 -2.94
N ARG A 22 -11.22 6.59 -2.10
CA ARG A 22 -11.87 6.04 -0.86
C ARG A 22 -10.91 6.19 0.31
N ASN A 23 -11.41 6.62 1.44
CA ASN A 23 -10.54 6.79 2.63
C ASN A 23 -9.99 5.44 3.06
N TRP A 24 -8.78 5.40 3.55
CA TRP A 24 -8.17 4.11 4.00
C TRP A 24 -9.19 3.29 4.80
N SER A 25 -10.08 3.94 5.49
CA SER A 25 -11.08 3.18 6.30
C SER A 25 -12.07 2.50 5.36
N ASP A 26 -12.51 3.19 4.35
CA ASP A 26 -13.47 2.59 3.40
C ASP A 26 -12.70 1.70 2.42
N ALA A 27 -11.45 1.97 2.23
CA ALA A 27 -10.63 1.15 1.30
C ALA A 27 -10.33 -0.20 1.92
N GLU A 28 -9.83 -0.21 3.12
CA GLU A 28 -9.50 -1.51 3.78
C GLU A 28 -10.78 -2.36 3.89
N LEU A 29 -11.83 -1.80 4.41
CA LEU A 29 -13.10 -2.59 4.54
C LEU A 29 -13.50 -3.12 3.17
N GLU A 30 -13.23 -2.38 2.13
CA GLU A 30 -13.59 -2.84 0.76
C GLU A 30 -12.81 -4.12 0.43
N CYS A 31 -11.70 -4.34 1.10
CA CYS A 31 -10.89 -5.57 0.82
C CYS A 31 -11.30 -6.71 1.76
N GLN A 32 -11.06 -6.56 3.04
CA GLN A 32 -11.44 -7.65 3.99
C GLN A 32 -12.90 -8.05 3.74
N SER A 33 -13.62 -7.27 2.98
CA SER A 33 -15.04 -7.62 2.71
C SER A 33 -15.11 -9.02 2.10
N TYR A 34 -14.05 -9.47 1.46
CA TYR A 34 -14.06 -10.83 0.87
C TYR A 34 -13.80 -11.86 1.96
N GLY A 35 -13.38 -11.41 3.12
CA GLY A 35 -13.12 -12.35 4.24
C GLY A 35 -12.04 -13.35 3.83
N ASN A 36 -11.53 -13.24 2.64
CA ASN A 36 -10.46 -14.18 2.19
C ASN A 36 -9.12 -13.65 2.68
N GLY A 37 -9.17 -12.73 3.59
CA GLY A 37 -7.90 -12.15 4.13
C GLY A 37 -7.44 -11.04 3.20
N ALA A 38 -8.34 -10.53 2.39
CA ALA A 38 -7.97 -9.44 1.44
C ALA A 38 -7.67 -8.16 2.23
N HIS A 39 -6.60 -7.48 1.89
CA HIS A 39 -6.27 -6.22 2.61
C HIS A 39 -5.37 -5.35 1.73
N LEU A 40 -5.05 -4.16 2.19
CA LEU A 40 -4.16 -3.27 1.38
C LEU A 40 -2.79 -3.93 1.20
N ALA A 41 -2.10 -3.58 0.15
CA ALA A 41 -0.75 -4.17 -0.15
C ALA A 41 0.03 -4.45 1.14
N SER A 42 0.97 -5.37 1.07
CA SER A 42 1.81 -5.71 2.27
C SER A 42 3.28 -5.74 1.84
N ILE A 43 4.14 -5.03 2.53
CA ILE A 43 5.58 -5.01 2.14
C ILE A 43 6.48 -5.09 3.39
N LEU A 44 7.45 -5.97 3.37
CA LEU A 44 8.39 -6.11 4.52
C LEU A 44 9.75 -5.55 4.10
N SER A 45 10.04 -5.57 2.82
CA SER A 45 11.34 -5.04 2.33
C SER A 45 11.13 -4.35 0.98
N LEU A 46 12.11 -3.60 0.53
CA LEU A 46 11.97 -2.89 -0.77
C LEU A 46 12.04 -3.90 -1.92
N LYS A 47 12.62 -5.05 -1.70
CA LYS A 47 12.73 -6.06 -2.79
C LYS A 47 11.33 -6.36 -3.34
N GLU A 48 10.36 -6.50 -2.48
CA GLU A 48 8.98 -6.79 -2.97
C GLU A 48 8.41 -5.54 -3.64
N ALA A 49 8.62 -4.40 -3.05
CA ALA A 49 8.11 -3.14 -3.65
C ALA A 49 8.77 -2.90 -5.01
N SER A 50 10.00 -3.31 -5.16
CA SER A 50 10.71 -3.09 -6.45
C SER A 50 9.99 -3.81 -7.59
N THR A 51 9.46 -4.98 -7.34
CA THR A 51 8.77 -5.73 -8.44
C THR A 51 7.36 -5.16 -8.66
N ILE A 52 6.60 -5.00 -7.62
CA ILE A 52 5.23 -4.45 -7.80
C ILE A 52 5.32 -3.02 -8.33
N ALA A 53 6.21 -2.24 -7.80
CA ALA A 53 6.35 -0.83 -8.27
C ALA A 53 6.63 -0.83 -9.76
N GLU A 54 7.40 -1.76 -10.25
CA GLU A 54 7.68 -1.77 -11.71
C GLU A 54 6.35 -1.85 -12.46
N TYR A 55 5.37 -2.48 -11.88
CA TYR A 55 4.05 -2.58 -12.56
C TYR A 55 3.20 -1.33 -12.26
N ILE A 56 2.94 -1.06 -11.00
CA ILE A 56 2.10 0.14 -10.65
C ILE A 56 2.94 1.41 -10.65
N SER A 57 4.21 1.32 -10.99
CA SER A 57 5.09 2.54 -10.99
C SER A 57 4.31 3.76 -11.51
N GLY A 58 3.59 3.62 -12.60
CA GLY A 58 2.79 4.78 -13.10
C GLY A 58 3.71 5.89 -13.67
N TYR A 59 4.93 5.58 -14.02
CA TYR A 59 5.83 6.64 -14.56
C TYR A 59 5.09 7.40 -15.66
N GLN A 60 4.18 6.76 -16.34
CA GLN A 60 3.41 7.47 -17.41
C GLN A 60 2.28 8.27 -16.75
N ARG A 61 1.90 7.88 -15.56
CA ARG A 61 0.81 8.59 -14.84
C ARG A 61 0.90 8.20 -13.36
N SER A 62 1.91 8.66 -12.69
CA SER A 62 2.08 8.31 -11.24
C SER A 62 0.86 8.76 -10.45
N GLN A 63 0.09 7.82 -9.94
CA GLN A 63 -1.12 8.16 -9.14
C GLN A 63 -0.83 7.87 -7.66
N SER A 64 -1.46 8.58 -6.77
CA SER A 64 -1.22 8.33 -5.32
C SER A 64 -1.99 7.09 -4.89
N ILE A 65 -1.31 5.98 -4.71
CA ILE A 65 -2.00 4.72 -4.29
C ILE A 65 -1.70 4.41 -2.83
N TRP A 66 -2.66 3.93 -2.11
CA TRP A 66 -2.46 3.61 -0.66
C TRP A 66 -1.83 2.22 -0.51
N ILE A 67 -1.27 1.97 0.64
CA ILE A 67 -0.64 0.65 0.93
C ILE A 67 -1.04 0.24 2.35
N GLY A 68 -0.77 -0.97 2.75
CA GLY A 68 -1.16 -1.39 4.14
C GLY A 68 -0.09 -0.95 5.13
N LEU A 69 0.14 0.34 5.26
CA LEU A 69 1.14 0.86 6.23
C LEU A 69 0.47 1.88 7.15
N HIS A 70 0.53 1.68 8.44
CA HIS A 70 -0.13 2.64 9.37
C HIS A 70 0.58 2.64 10.73
N ASP A 71 0.23 3.58 11.58
CA ASP A 71 0.87 3.65 12.93
C ASP A 71 -0.04 2.92 13.95
N PRO A 72 0.50 2.41 15.02
CA PRO A 72 -0.28 1.69 16.06
C PRO A 72 -1.19 2.63 16.86
N GLN A 73 -0.70 3.12 17.97
CA GLN A 73 -1.50 4.05 18.84
C GLN A 73 -0.69 5.31 19.09
N LYS A 74 -0.11 5.85 18.05
CA LYS A 74 0.73 7.08 18.19
C LYS A 74 1.99 6.74 18.99
N ARG A 75 2.56 5.58 18.73
CA ARG A 75 3.80 5.16 19.45
C ARG A 75 5.00 5.48 18.55
N GLN A 76 4.76 6.18 17.48
CA GLN A 76 5.86 6.54 16.53
C GLN A 76 6.47 5.27 15.95
N GLN A 77 5.65 4.38 15.46
CA GLN A 77 6.16 3.11 14.87
C GLN A 77 5.40 2.83 13.58
N TRP A 78 6.11 2.52 12.53
CA TRP A 78 5.45 2.22 11.23
C TRP A 78 5.42 0.71 11.02
N GLN A 79 4.24 0.12 10.99
CA GLN A 79 4.13 -1.36 10.79
C GLN A 79 2.96 -1.67 9.87
N TRP A 80 3.00 -2.79 9.20
CA TRP A 80 1.90 -3.16 8.27
C TRP A 80 0.84 -3.97 9.02
N ILE A 81 -0.20 -4.35 8.35
CA ILE A 81 -1.27 -5.15 9.00
C ILE A 81 -0.69 -6.41 9.64
N ASP A 82 -0.02 -7.22 8.87
CA ASP A 82 0.56 -8.47 9.43
C ASP A 82 1.58 -8.12 10.52
N GLY A 83 1.76 -6.86 10.78
CA GLY A 83 2.74 -6.47 11.82
C GLY A 83 4.13 -6.47 11.20
N ALA A 84 4.22 -6.51 9.89
CA ALA A 84 5.55 -6.51 9.22
C ALA A 84 6.42 -5.41 9.85
N MET A 85 7.66 -5.70 10.13
CA MET A 85 8.56 -4.66 10.75
C MET A 85 9.76 -4.40 9.85
N TYR A 86 9.80 -3.26 9.22
CA TYR A 86 10.97 -2.93 8.35
C TYR A 86 12.20 -2.85 9.26
N LEU A 87 13.24 -3.58 8.94
CA LEU A 87 14.47 -3.54 9.79
C LEU A 87 15.46 -2.50 9.27
N TYR A 88 15.72 -1.51 10.06
CA TYR A 88 16.67 -0.45 9.63
C TYR A 88 16.26 0.09 8.27
N ARG A 89 15.30 0.96 8.25
CA ARG A 89 14.83 1.53 6.95
C ARG A 89 15.75 2.69 6.54
N SER A 90 16.17 2.73 5.31
CA SER A 90 17.07 3.82 4.86
C SER A 90 16.40 5.17 5.12
N TRP A 91 17.12 6.11 5.68
CA TRP A 91 16.53 7.45 5.95
C TRP A 91 17.62 8.52 5.81
N SER A 92 17.64 9.22 4.72
CA SER A 92 18.67 10.27 4.53
C SER A 92 18.28 11.18 3.36
N GLY A 93 17.93 12.40 3.64
CA GLY A 93 17.52 13.34 2.55
C GLY A 93 16.02 13.21 2.29
N LYS A 94 15.34 12.48 3.14
CA LYS A 94 13.86 12.28 2.96
C LYS A 94 13.14 12.81 4.20
N SER A 95 11.82 12.74 4.20
CA SER A 95 11.04 13.23 5.38
C SER A 95 9.98 12.19 5.74
N MET A 96 9.29 12.39 6.83
CA MET A 96 8.25 11.41 7.25
C MET A 96 7.47 11.99 8.44
N GLY A 97 8.16 12.41 9.46
CA GLY A 97 7.46 12.99 10.65
C GLY A 97 6.91 11.85 11.52
N GLY A 98 6.05 11.04 10.98
CA GLY A 98 5.47 9.92 11.77
C GLY A 98 4.30 9.30 11.00
N ASN A 99 4.39 9.28 9.69
CA ASN A 99 3.30 8.70 8.86
C ASN A 99 1.93 9.14 9.40
N LYS A 100 1.90 10.18 10.18
CA LYS A 100 0.61 10.69 10.75
C LYS A 100 -0.29 9.51 11.16
N HIS A 101 -1.53 9.51 10.74
CA HIS A 101 -2.43 8.38 11.10
C HIS A 101 -2.30 7.28 10.06
N CYS A 102 -1.69 7.57 8.94
CA CYS A 102 -1.51 6.54 7.88
C CYS A 102 -0.42 7.02 6.91
N ALA A 103 0.07 6.15 6.05
CA ALA A 103 1.15 6.53 5.09
C ALA A 103 0.78 6.09 3.66
N GLU A 104 1.45 6.64 2.69
CA GLU A 104 1.16 6.29 1.27
C GLU A 104 2.47 6.24 0.49
N MET A 105 2.51 5.49 -0.59
CA MET A 105 3.76 5.40 -1.40
C MET A 105 3.75 6.50 -2.46
N SER A 106 4.81 7.26 -2.56
CA SER A 106 4.85 8.35 -3.58
C SER A 106 5.30 7.78 -4.92
N SER A 107 4.38 7.36 -5.74
CA SER A 107 4.75 6.80 -7.07
C SER A 107 5.31 7.92 -7.96
N ASN A 108 5.07 9.15 -7.60
CA ASN A 108 5.58 10.28 -8.43
C ASN A 108 7.09 10.42 -8.23
N ASN A 109 7.58 10.13 -7.06
CA ASN A 109 9.04 10.25 -6.81
C ASN A 109 9.76 9.00 -7.34
N ASN A 110 10.76 9.19 -8.15
CA ASN A 110 11.48 8.02 -8.70
C ASN A 110 12.22 7.29 -7.58
N PHE A 111 12.53 7.98 -6.52
CA PHE A 111 13.25 7.33 -5.38
C PHE A 111 12.23 6.63 -4.48
N LEU A 112 10.99 6.57 -4.90
CA LEU A 112 9.95 5.89 -4.07
C LEU A 112 10.03 6.41 -2.63
N THR A 113 10.03 7.70 -2.45
CA THR A 113 10.11 8.26 -1.08
C THR A 113 8.78 8.04 -0.36
N TRP A 114 8.80 7.96 0.94
CA TRP A 114 7.52 7.76 1.70
C TRP A 114 6.88 9.11 1.99
N SER A 115 5.61 9.13 2.29
CA SER A 115 4.92 10.42 2.58
C SER A 115 3.81 10.18 3.61
N SER A 116 3.73 11.01 4.61
CA SER A 116 2.67 10.84 5.64
C SER A 116 1.38 11.51 5.16
N ASN A 117 0.26 10.97 5.52
CA ASN A 117 -1.04 11.57 5.09
C ASN A 117 -2.13 11.23 6.10
N GLU A 118 -3.07 12.10 6.30
CA GLU A 118 -4.15 11.80 7.29
C GLU A 118 -4.91 10.56 6.82
N CYS A 119 -5.20 9.67 7.73
CA CYS A 119 -5.93 8.43 7.33
C CYS A 119 -7.41 8.73 7.09
N ASN A 120 -7.70 9.86 6.51
CA ASN A 120 -9.12 10.24 6.23
C ASN A 120 -9.24 10.94 4.89
N LYS A 121 -8.20 10.90 4.08
CA LYS A 121 -8.26 11.56 2.75
C LYS A 121 -8.64 10.52 1.69
N ARG A 122 -9.78 10.68 1.08
CA ARG A 122 -10.22 9.68 0.05
C ARG A 122 -9.25 9.70 -1.14
N GLN A 123 -8.61 8.59 -1.41
CA GLN A 123 -7.65 8.51 -2.54
C GLN A 123 -7.70 7.11 -3.16
N HIS A 124 -6.87 6.84 -4.14
CA HIS A 124 -6.87 5.50 -4.77
C HIS A 124 -6.34 4.48 -3.75
N PHE A 125 -6.46 3.21 -4.03
CA PHE A 125 -5.95 2.19 -3.06
C PHE A 125 -5.65 0.87 -3.77
N LEU A 126 -4.70 0.12 -3.26
CA LEU A 126 -4.34 -1.19 -3.87
C LEU A 126 -4.86 -2.30 -2.96
N CYS A 127 -5.45 -3.33 -3.53
CA CYS A 127 -6.00 -4.46 -2.72
C CYS A 127 -5.22 -5.74 -3.03
N LYS A 128 -4.92 -6.51 -2.02
CA LYS A 128 -4.16 -7.79 -2.23
C LYS A 128 -5.00 -8.97 -1.76
N TYR A 129 -4.81 -10.13 -2.34
CA TYR A 129 -5.61 -11.33 -1.94
C TYR A 129 -4.68 -12.52 -1.75
N ARG A 130 -4.89 -13.28 -0.71
CA ARG A 130 -4.02 -14.47 -0.45
C ARG A 130 -4.67 -15.72 -1.08
N PRO A 131 -3.88 -16.65 -1.58
CA PRO A 131 -4.42 -17.89 -2.21
C PRO A 131 -5.68 -18.42 -1.50
N GLN A 1 -15.26 -19.97 -8.24
CA GLN A 1 -14.20 -18.93 -8.17
C GLN A 1 -13.30 -19.04 -9.40
N SER A 2 -12.51 -18.04 -9.66
CA SER A 2 -11.60 -18.09 -10.84
C SER A 2 -10.60 -16.93 -10.77
N CYS A 3 -9.51 -17.04 -11.49
CA CYS A 3 -8.49 -15.95 -11.47
C CYS A 3 -7.55 -16.13 -12.66
N ALA A 4 -7.96 -15.69 -13.82
CA ALA A 4 -7.08 -15.83 -15.02
C ALA A 4 -7.75 -15.17 -16.23
N PRO A 5 -8.89 -15.67 -16.66
CA PRO A 5 -9.62 -15.08 -17.84
C PRO A 5 -10.11 -13.66 -17.56
N GLY A 6 -9.39 -12.92 -16.75
CA GLY A 6 -9.82 -11.52 -16.44
C GLY A 6 -8.91 -10.95 -15.36
N TRP A 7 -8.70 -11.69 -14.30
CA TRP A 7 -7.82 -11.20 -13.20
C TRP A 7 -6.35 -11.48 -13.56
N PHE A 8 -5.46 -10.61 -13.18
CA PHE A 8 -4.01 -10.84 -13.52
C PHE A 8 -3.37 -11.73 -12.45
N TYR A 9 -2.83 -12.85 -12.85
CA TYR A 9 -2.18 -13.77 -11.86
C TYR A 9 -0.73 -13.34 -11.66
N HIS A 10 -0.44 -12.71 -10.54
CA HIS A 10 0.95 -12.25 -10.25
C HIS A 10 1.45 -12.89 -8.95
N LYS A 11 2.69 -13.27 -8.90
CA LYS A 11 3.24 -13.91 -7.66
C LYS A 11 2.38 -15.10 -7.26
N SER A 12 1.82 -15.76 -8.21
CA SER A 12 0.97 -16.95 -7.90
C SER A 12 -0.25 -16.52 -7.08
N ASN A 13 -0.43 -15.24 -6.85
CA ASN A 13 -1.61 -14.76 -6.07
C ASN A 13 -2.42 -13.79 -6.92
N CYS A 14 -3.61 -13.46 -6.51
CA CYS A 14 -4.46 -12.51 -7.32
C CYS A 14 -4.49 -11.14 -6.66
N TYR A 15 -4.13 -10.12 -7.38
CA TYR A 15 -4.12 -8.74 -6.82
C TYR A 15 -4.56 -7.76 -7.92
N GLY A 16 -5.14 -6.65 -7.55
CA GLY A 16 -5.59 -5.67 -8.58
C GLY A 16 -5.64 -4.26 -7.98
N TYR A 17 -5.39 -3.26 -8.79
CA TYR A 17 -5.42 -1.86 -8.29
C TYR A 17 -6.83 -1.29 -8.46
N PHE A 18 -7.23 -0.39 -7.60
CA PHE A 18 -8.59 0.23 -7.69
C PHE A 18 -8.47 1.73 -7.94
N ARG A 19 -9.14 2.23 -8.94
CA ARG A 19 -9.07 3.69 -9.23
C ARG A 19 -10.32 4.37 -8.64
N LYS A 20 -10.51 4.25 -7.36
CA LYS A 20 -11.69 4.89 -6.69
C LYS A 20 -11.22 5.71 -5.50
N LEU A 21 -11.85 6.83 -5.26
CA LEU A 21 -11.43 7.70 -4.13
C LEU A 21 -12.11 7.19 -2.85
N ARG A 22 -11.36 6.53 -2.01
CA ARG A 22 -11.94 6.00 -0.74
C ARG A 22 -10.95 6.19 0.41
N ASN A 23 -11.42 6.64 1.54
CA ASN A 23 -10.49 6.84 2.69
C ASN A 23 -9.86 5.51 3.07
N TRP A 24 -8.71 5.56 3.72
CA TRP A 24 -8.03 4.30 4.11
C TRP A 24 -8.97 3.42 4.95
N SER A 25 -9.85 4.03 5.69
CA SER A 25 -10.80 3.24 6.52
C SER A 25 -11.76 2.47 5.62
N ASP A 26 -12.31 3.12 4.63
CA ASP A 26 -13.25 2.43 3.71
C ASP A 26 -12.45 1.62 2.70
N ALA A 27 -11.21 1.98 2.48
CA ALA A 27 -10.38 1.23 1.50
C ALA A 27 -9.98 -0.13 2.10
N GLU A 28 -9.45 -0.13 3.28
CA GLU A 28 -9.04 -1.41 3.91
C GLU A 28 -10.28 -2.31 4.06
N LEU A 29 -11.34 -1.78 4.62
CA LEU A 29 -12.57 -2.60 4.80
C LEU A 29 -13.00 -3.15 3.44
N GLU A 30 -12.87 -2.37 2.40
CA GLU A 30 -13.27 -2.85 1.05
C GLU A 30 -12.51 -4.13 0.71
N CYS A 31 -11.29 -4.24 1.18
CA CYS A 31 -10.49 -5.46 0.89
C CYS A 31 -10.84 -6.55 1.90
N GLN A 32 -10.59 -6.31 3.16
CA GLN A 32 -10.90 -7.33 4.20
C GLN A 32 -12.35 -7.80 4.02
N SER A 33 -13.11 -7.10 3.24
CA SER A 33 -14.53 -7.50 3.02
C SER A 33 -14.57 -8.95 2.54
N TYR A 34 -13.52 -9.41 1.91
CA TYR A 34 -13.50 -10.82 1.43
C TYR A 34 -13.12 -11.75 2.59
N GLY A 35 -12.67 -11.19 3.67
CA GLY A 35 -12.29 -12.04 4.85
C GLY A 35 -11.24 -13.06 4.43
N ASN A 36 -10.81 -13.04 3.21
CA ASN A 36 -9.78 -14.01 2.75
C ASN A 36 -8.41 -13.46 3.12
N GLY A 37 -8.39 -12.47 3.96
CA GLY A 37 -7.09 -11.86 4.37
C GLY A 37 -6.73 -10.76 3.37
N ALA A 38 -7.69 -10.31 2.60
CA ALA A 38 -7.42 -9.25 1.60
C ALA A 38 -7.15 -7.93 2.32
N HIS A 39 -6.15 -7.21 1.91
CA HIS A 39 -5.83 -5.91 2.57
C HIS A 39 -5.02 -5.03 1.61
N LEU A 40 -4.72 -3.82 2.00
CA LEU A 40 -3.93 -2.92 1.12
C LEU A 40 -2.55 -3.54 0.87
N ALA A 41 -1.93 -3.18 -0.23
CA ALA A 41 -0.59 -3.73 -0.60
C ALA A 41 0.26 -4.01 0.66
N SER A 42 1.15 -4.97 0.57
CA SER A 42 2.02 -5.30 1.74
C SER A 42 3.46 -5.48 1.25
N ILE A 43 4.39 -4.81 1.88
CA ILE A 43 5.82 -4.92 1.46
C ILE A 43 6.72 -5.12 2.70
N LEU A 44 7.38 -6.24 2.78
CA LEU A 44 8.29 -6.52 3.94
C LEU A 44 9.74 -6.40 3.48
N SER A 45 9.97 -6.42 2.19
CA SER A 45 11.36 -6.30 1.66
C SER A 45 11.35 -5.54 0.34
N LEU A 46 12.48 -5.07 -0.08
CA LEU A 46 12.56 -4.30 -1.36
C LEU A 46 12.35 -5.27 -2.54
N LYS A 47 12.69 -6.52 -2.36
CA LYS A 47 12.52 -7.50 -3.47
C LYS A 47 11.06 -7.50 -3.95
N GLU A 48 10.13 -7.45 -3.04
CA GLU A 48 8.69 -7.44 -3.45
C GLU A 48 8.36 -6.12 -4.13
N ALA A 49 8.72 -5.02 -3.52
CA ALA A 49 8.44 -3.70 -4.12
C ALA A 49 9.07 -3.62 -5.52
N SER A 50 10.17 -4.26 -5.73
CA SER A 50 10.82 -4.18 -7.07
C SER A 50 9.90 -4.74 -8.16
N THR A 51 9.25 -5.84 -7.91
CA THR A 51 8.35 -6.41 -8.96
C THR A 51 7.03 -5.64 -9.02
N ILE A 52 6.40 -5.42 -7.91
CA ILE A 52 5.11 -4.68 -7.92
C ILE A 52 5.35 -3.25 -8.42
N ALA A 53 6.39 -2.62 -7.96
CA ALA A 53 6.66 -1.22 -8.39
C ALA A 53 6.79 -1.18 -9.91
N GLU A 54 7.39 -2.18 -10.50
CA GLU A 54 7.55 -2.17 -11.98
C GLU A 54 6.16 -2.04 -12.61
N TYR A 55 5.15 -2.56 -11.97
CA TYR A 55 3.78 -2.46 -12.54
C TYR A 55 3.11 -1.15 -12.09
N ILE A 56 2.97 -0.95 -10.80
CA ILE A 56 2.31 0.30 -10.30
C ILE A 56 3.29 1.48 -10.26
N SER A 57 4.51 1.29 -10.71
CA SER A 57 5.53 2.39 -10.68
C SER A 57 4.87 3.73 -11.03
N GLY A 58 3.78 3.71 -11.75
CA GLY A 58 3.09 4.99 -12.09
C GLY A 58 3.92 5.81 -13.08
N TYR A 59 4.88 5.20 -13.74
CA TYR A 59 5.71 5.99 -14.71
C TYR A 59 4.78 6.77 -15.65
N GLN A 60 3.52 6.47 -15.63
CA GLN A 60 2.55 7.19 -16.50
C GLN A 60 2.04 8.43 -15.77
N ARG A 61 2.68 8.78 -14.68
CA ARG A 61 2.24 9.98 -13.90
C ARG A 61 0.90 9.67 -13.21
N SER A 62 0.80 8.55 -12.57
CA SER A 62 -0.48 8.19 -11.88
C SER A 62 -0.58 8.97 -10.57
N GLN A 63 -1.65 8.79 -9.84
CA GLN A 63 -1.82 9.53 -8.55
C GLN A 63 -1.27 8.69 -7.40
N SER A 64 -0.95 9.31 -6.30
CA SER A 64 -0.40 8.56 -5.14
C SER A 64 -1.34 7.41 -4.81
N ILE A 65 -0.81 6.22 -4.65
CA ILE A 65 -1.65 5.03 -4.32
C ILE A 65 -1.42 4.66 -2.85
N TRP A 66 -2.46 4.28 -2.17
CA TRP A 66 -2.33 3.92 -0.73
C TRP A 66 -1.72 2.52 -0.58
N ILE A 67 -1.15 2.24 0.56
CA ILE A 67 -0.54 0.91 0.83
C ILE A 67 -0.91 0.51 2.25
N GLY A 68 -0.61 -0.70 2.66
CA GLY A 68 -0.99 -1.12 4.04
C GLY A 68 0.07 -0.65 5.05
N LEU A 69 0.27 0.63 5.17
CA LEU A 69 1.27 1.18 6.15
C LEU A 69 0.56 2.20 7.03
N HIS A 70 0.51 1.97 8.32
CA HIS A 70 -0.20 2.94 9.22
C HIS A 70 0.40 2.89 10.63
N ASP A 71 0.01 3.82 11.46
CA ASP A 71 0.52 3.85 12.86
C ASP A 71 -0.43 3.04 13.76
N PRO A 72 0.06 2.48 14.84
CA PRO A 72 -0.78 1.67 15.78
C PRO A 72 -1.76 2.55 16.59
N GLN A 73 -1.37 2.93 17.78
CA GLN A 73 -2.24 3.79 18.64
C GLN A 73 -1.50 5.07 18.99
N LYS A 74 -0.88 5.68 18.01
CA LYS A 74 -0.10 6.94 18.27
C LYS A 74 1.13 6.59 19.11
N ARG A 75 1.76 5.48 18.81
CA ARG A 75 2.99 5.08 19.58
C ARG A 75 4.21 5.47 18.77
N GLN A 76 4.01 6.20 17.70
CA GLN A 76 5.15 6.63 16.83
C GLN A 76 5.84 5.40 16.25
N GLN A 77 5.08 4.50 15.68
CA GLN A 77 5.66 3.29 15.06
C GLN A 77 4.99 3.05 13.71
N TRP A 78 5.77 2.77 12.71
CA TRP A 78 5.21 2.51 11.34
C TRP A 78 5.24 1.01 11.07
N GLN A 79 4.09 0.39 11.03
CA GLN A 79 4.03 -1.08 10.78
C GLN A 79 2.85 -1.37 9.85
N TRP A 80 2.86 -2.51 9.22
CA TRP A 80 1.74 -2.87 8.29
C TRP A 80 0.64 -3.59 9.05
N ILE A 81 -0.42 -3.93 8.36
CA ILE A 81 -1.56 -4.63 9.01
C ILE A 81 -1.05 -5.90 9.73
N ASP A 82 -0.42 -6.79 9.02
CA ASP A 82 0.09 -8.05 9.66
C ASP A 82 1.16 -7.69 10.69
N GLY A 83 1.42 -6.43 10.90
CA GLY A 83 2.47 -6.03 11.87
C GLY A 83 3.83 -6.17 11.20
N ALA A 84 3.85 -6.32 9.91
CA ALA A 84 5.14 -6.47 9.20
C ALA A 84 6.10 -5.37 9.64
N MET A 85 7.37 -5.66 9.72
CA MET A 85 8.37 -4.62 10.15
C MET A 85 9.40 -4.41 9.04
N TYR A 86 9.34 -3.30 8.37
CA TYR A 86 10.33 -3.03 7.29
C TYR A 86 11.72 -2.91 7.93
N LEU A 87 12.67 -3.68 7.47
CA LEU A 87 14.04 -3.61 8.07
C LEU A 87 14.89 -2.59 7.31
N TYR A 88 15.15 -1.47 7.91
CA TYR A 88 15.98 -0.43 7.23
C TYR A 88 15.28 -0.02 5.93
N ARG A 89 14.30 0.84 6.02
CA ARG A 89 13.57 1.28 4.80
C ARG A 89 14.35 2.42 4.13
N SER A 90 13.90 2.85 2.98
CA SER A 90 14.60 3.95 2.27
C SER A 90 14.37 5.28 3.02
N TRP A 91 15.41 5.83 3.61
CA TRP A 91 15.23 7.12 4.35
C TRP A 91 16.55 7.89 4.34
N SER A 92 16.67 8.89 3.51
CA SER A 92 17.93 9.68 3.46
C SER A 92 17.70 10.98 2.70
N GLY A 93 17.76 12.09 3.38
CA GLY A 93 17.56 13.42 2.70
C GLY A 93 16.10 13.86 2.83
N LYS A 94 15.25 13.05 3.41
CA LYS A 94 13.82 13.44 3.56
C LYS A 94 13.21 12.72 4.76
N SER A 95 12.32 13.37 5.46
CA SER A 95 11.68 12.72 6.65
C SER A 95 10.28 12.22 6.27
N MET A 96 9.91 11.07 6.75
CA MET A 96 8.57 10.52 6.42
C MET A 96 7.49 11.37 7.11
N GLY A 97 7.90 12.27 7.95
CA GLY A 97 6.91 13.14 8.66
C GLY A 97 6.39 12.41 9.90
N GLY A 98 6.16 11.13 9.80
CA GLY A 98 5.65 10.35 10.98
C GLY A 98 4.52 9.43 10.53
N ASN A 99 4.30 9.31 9.25
CA ASN A 99 3.19 8.44 8.74
C ASN A 99 1.86 8.84 9.40
N LYS A 100 1.87 9.89 10.20
CA LYS A 100 0.62 10.35 10.87
C LYS A 100 -0.28 9.17 11.23
N HIS A 101 -1.51 9.19 10.78
CA HIS A 101 -2.44 8.05 11.08
C HIS A 101 -2.35 7.05 9.93
N CYS A 102 -1.84 7.47 8.80
CA CYS A 102 -1.72 6.57 7.62
C CYS A 102 -0.53 7.02 6.77
N ALA A 103 -0.10 6.20 5.85
CA ALA A 103 1.06 6.57 4.97
C ALA A 103 0.78 6.16 3.53
N GLU A 104 1.44 6.79 2.59
CA GLU A 104 1.20 6.45 1.15
C GLU A 104 2.54 6.57 0.40
N MET A 105 2.66 5.88 -0.71
CA MET A 105 3.93 5.95 -1.49
C MET A 105 3.85 7.14 -2.47
N SER A 106 4.83 8.00 -2.42
CA SER A 106 4.83 9.19 -3.33
C SER A 106 5.68 8.89 -4.57
N SER A 107 5.06 8.56 -5.67
CA SER A 107 5.83 8.25 -6.89
C SER A 107 6.50 9.53 -7.41
N ASN A 108 6.17 10.65 -6.83
CA ASN A 108 6.79 11.93 -7.28
C ASN A 108 8.23 12.02 -6.74
N ASN A 109 8.46 11.49 -5.57
CA ASN A 109 9.84 11.54 -4.99
C ASN A 109 10.74 10.56 -5.74
N ASN A 110 11.86 11.03 -6.22
CA ASN A 110 12.79 10.13 -6.97
C ASN A 110 13.39 9.11 -6.00
N PHE A 111 13.50 9.45 -4.74
CA PHE A 111 14.08 8.49 -3.75
C PHE A 111 13.00 7.52 -3.30
N LEU A 112 11.86 7.53 -3.94
CA LEU A 112 10.77 6.60 -3.53
C LEU A 112 10.49 6.76 -2.04
N THR A 113 10.49 7.97 -1.54
CA THR A 113 10.23 8.18 -0.10
C THR A 113 8.72 8.13 0.15
N TRP A 114 8.33 7.71 1.33
CA TRP A 114 6.87 7.63 1.65
C TRP A 114 6.39 8.98 2.19
N SER A 115 5.09 9.18 2.22
CA SER A 115 4.52 10.47 2.73
C SER A 115 3.43 10.17 3.75
N SER A 116 3.29 10.98 4.75
CA SER A 116 2.25 10.73 5.79
C SER A 116 0.93 11.39 5.37
N ASN A 117 -0.17 10.79 5.72
CA ASN A 117 -1.50 11.36 5.36
C ASN A 117 -2.54 10.91 6.38
N GLU A 118 -3.57 11.69 6.58
CA GLU A 118 -4.63 11.30 7.56
C GLU A 118 -5.46 10.15 6.98
N CYS A 119 -5.92 9.26 7.81
CA CYS A 119 -6.73 8.11 7.30
C CYS A 119 -8.15 8.56 6.99
N ASN A 120 -8.33 9.80 6.57
CA ASN A 120 -9.70 10.30 6.25
C ASN A 120 -9.70 11.00 4.89
N LYS A 121 -8.60 11.02 4.20
CA LYS A 121 -8.55 11.67 2.86
C LYS A 121 -8.87 10.61 1.79
N ARG A 122 -9.97 10.75 1.11
CA ARG A 122 -10.32 9.75 0.07
C ARG A 122 -9.28 9.79 -1.06
N GLN A 123 -8.62 8.69 -1.30
CA GLN A 123 -7.58 8.63 -2.37
C GLN A 123 -7.56 7.23 -2.98
N HIS A 124 -7.03 7.08 -4.16
CA HIS A 124 -6.96 5.74 -4.80
C HIS A 124 -6.25 4.77 -3.85
N PHE A 125 -6.37 3.49 -4.10
CA PHE A 125 -5.70 2.51 -3.19
C PHE A 125 -5.54 1.17 -3.91
N LEU A 126 -4.56 0.40 -3.54
CA LEU A 126 -4.34 -0.93 -4.18
C LEU A 126 -4.75 -2.03 -3.21
N CYS A 127 -5.30 -3.11 -3.72
CA CYS A 127 -5.75 -4.23 -2.83
C CYS A 127 -4.90 -5.46 -3.12
N LYS A 128 -4.63 -6.25 -2.10
CA LYS A 128 -3.81 -7.49 -2.27
C LYS A 128 -4.55 -8.67 -1.63
N TYR A 129 -4.34 -9.86 -2.13
CA TYR A 129 -5.02 -11.06 -1.56
C TYR A 129 -3.98 -12.18 -1.37
N ARG A 130 -4.03 -12.86 -0.26
CA ARG A 130 -3.05 -13.95 0.01
C ARG A 130 -3.66 -15.30 -0.45
N PRO A 131 -2.85 -16.21 -0.94
CA PRO A 131 -3.34 -17.54 -1.42
C PRO A 131 -3.79 -18.44 -0.25
N GLN A 1 -13.70 -17.12 -11.00
CA GLN A 1 -13.12 -17.60 -9.71
C GLN A 1 -11.77 -18.27 -9.98
N SER A 2 -11.47 -18.56 -11.22
CA SER A 2 -10.17 -19.21 -11.55
C SER A 2 -9.04 -18.19 -11.42
N CYS A 3 -9.36 -16.93 -11.44
CA CYS A 3 -8.30 -15.90 -11.32
C CYS A 3 -7.16 -16.21 -12.31
N ALA A 4 -7.40 -16.00 -13.58
CA ALA A 4 -6.35 -16.28 -14.59
C ALA A 4 -6.77 -15.70 -15.96
N PRO A 5 -7.84 -16.18 -16.54
CA PRO A 5 -8.32 -15.67 -17.87
C PRO A 5 -8.76 -14.20 -17.79
N GLY A 6 -8.15 -13.42 -16.93
CA GLY A 6 -8.54 -12.00 -16.81
C GLY A 6 -7.81 -11.37 -15.63
N TRP A 7 -7.80 -12.03 -14.51
CA TRP A 7 -7.10 -11.48 -13.31
C TRP A 7 -5.60 -11.74 -13.44
N PHE A 8 -4.79 -10.84 -12.96
CA PHE A 8 -3.31 -11.03 -13.05
C PHE A 8 -2.82 -11.87 -11.87
N TYR A 9 -2.28 -13.04 -12.14
CA TYR A 9 -1.78 -13.90 -11.04
C TYR A 9 -0.35 -13.51 -10.69
N HIS A 10 -0.15 -12.89 -9.54
CA HIS A 10 1.22 -12.46 -9.11
C HIS A 10 1.59 -13.15 -7.80
N LYS A 11 2.81 -13.58 -7.67
CA LYS A 11 3.23 -14.26 -6.40
C LYS A 11 2.25 -15.37 -6.05
N SER A 12 1.71 -16.00 -7.04
CA SER A 12 0.75 -17.12 -6.79
C SER A 12 -0.51 -16.59 -6.10
N ASN A 13 -0.63 -15.28 -5.95
CA ASN A 13 -1.84 -14.69 -5.29
C ASN A 13 -2.55 -13.78 -6.30
N CYS A 14 -3.76 -13.37 -5.99
CA CYS A 14 -4.53 -12.49 -6.92
C CYS A 14 -4.55 -11.06 -6.36
N TYR A 15 -4.12 -10.10 -7.14
CA TYR A 15 -4.11 -8.69 -6.67
C TYR A 15 -4.47 -7.77 -7.84
N GLY A 16 -5.05 -6.63 -7.57
CA GLY A 16 -5.43 -5.70 -8.66
C GLY A 16 -5.49 -4.26 -8.14
N TYR A 17 -5.17 -3.30 -8.95
CA TYR A 17 -5.21 -1.88 -8.50
C TYR A 17 -6.63 -1.32 -8.67
N PHE A 18 -7.03 -0.40 -7.84
CA PHE A 18 -8.40 0.20 -7.93
C PHE A 18 -8.26 1.71 -8.15
N ARG A 19 -8.91 2.22 -9.16
CA ARG A 19 -8.82 3.68 -9.45
C ARG A 19 -10.04 4.41 -8.86
N LYS A 20 -10.20 4.34 -7.56
CA LYS A 20 -11.35 5.03 -6.89
C LYS A 20 -10.82 5.74 -5.64
N LEU A 21 -11.25 6.95 -5.42
CA LEU A 21 -10.78 7.71 -4.23
C LEU A 21 -11.57 7.27 -3.00
N ARG A 22 -10.95 6.51 -2.15
CA ARG A 22 -11.64 6.02 -0.91
C ARG A 22 -10.68 6.14 0.27
N ASN A 23 -11.16 6.60 1.40
CA ASN A 23 -10.27 6.73 2.59
C ASN A 23 -9.69 5.37 2.97
N TRP A 24 -8.54 5.36 3.58
CA TRP A 24 -7.90 4.08 3.97
C TRP A 24 -8.86 3.26 4.85
N SER A 25 -9.71 3.91 5.59
CA SER A 25 -10.66 3.16 6.46
C SER A 25 -11.69 2.46 5.59
N ASP A 26 -12.20 3.15 4.61
CA ASP A 26 -13.22 2.52 3.71
C ASP A 26 -12.51 1.64 2.69
N ALA A 27 -11.25 1.93 2.44
CA ALA A 27 -10.49 1.12 1.46
C ALA A 27 -10.15 -0.24 2.05
N GLU A 28 -9.63 -0.27 3.25
CA GLU A 28 -9.28 -1.57 3.89
C GLU A 28 -10.56 -2.37 4.15
N LEU A 29 -11.55 -1.78 4.76
CA LEU A 29 -12.81 -2.51 5.04
C LEU A 29 -13.40 -3.02 3.72
N GLU A 30 -13.24 -2.29 2.66
CA GLU A 30 -13.80 -2.73 1.35
C GLU A 30 -13.09 -4.02 0.90
N CYS A 31 -11.89 -4.23 1.35
CA CYS A 31 -11.13 -5.46 0.95
C CYS A 31 -11.53 -6.63 1.87
N GLN A 32 -11.28 -6.50 3.13
CA GLN A 32 -11.63 -7.60 4.08
C GLN A 32 -13.08 -8.03 3.86
N SER A 33 -13.83 -7.27 3.10
CA SER A 33 -15.25 -7.64 2.86
C SER A 33 -15.32 -9.05 2.28
N TYR A 34 -14.27 -9.50 1.64
CA TYR A 34 -14.28 -10.87 1.07
C TYR A 34 -13.99 -11.88 2.18
N GLY A 35 -13.57 -11.39 3.32
CA GLY A 35 -13.27 -12.31 4.46
C GLY A 35 -12.17 -13.30 4.06
N ASN A 36 -11.69 -13.21 2.85
CA ASN A 36 -10.61 -14.14 2.41
C ASN A 36 -9.28 -13.60 2.92
N GLY A 37 -9.33 -12.63 3.78
CA GLY A 37 -8.09 -12.03 4.33
C GLY A 37 -7.63 -10.95 3.36
N ALA A 38 -8.52 -10.46 2.55
CA ALA A 38 -8.16 -9.41 1.56
C ALA A 38 -7.82 -8.12 2.30
N HIS A 39 -6.74 -7.48 1.91
CA HIS A 39 -6.34 -6.21 2.58
C HIS A 39 -5.44 -5.39 1.64
N LEU A 40 -5.08 -4.20 2.04
CA LEU A 40 -4.19 -3.36 1.18
C LEU A 40 -2.85 -4.07 1.00
N ALA A 41 -2.16 -3.78 -0.07
CA ALA A 41 -0.83 -4.43 -0.31
C ALA A 41 -0.02 -4.48 0.98
N SER A 42 0.76 -5.51 1.17
CA SER A 42 1.59 -5.61 2.42
C SER A 42 2.89 -6.34 2.11
N ILE A 43 4.01 -5.67 2.31
CA ILE A 43 5.33 -6.31 2.03
C ILE A 43 6.31 -5.96 3.16
N LEU A 44 7.12 -6.90 3.58
CA LEU A 44 8.11 -6.63 4.66
C LEU A 44 9.45 -6.25 4.03
N SER A 45 9.71 -6.73 2.83
CA SER A 45 10.99 -6.40 2.15
C SER A 45 10.78 -5.23 1.18
N LEU A 46 11.67 -4.27 1.20
CA LEU A 46 11.52 -3.10 0.30
C LEU A 46 11.82 -3.53 -1.15
N LYS A 47 12.80 -4.38 -1.32
CA LYS A 47 13.14 -4.84 -2.71
C LYS A 47 11.91 -5.45 -3.38
N GLU A 48 11.14 -6.21 -2.65
CA GLU A 48 9.93 -6.83 -3.26
C GLU A 48 8.87 -5.74 -3.49
N ALA A 49 8.75 -4.81 -2.58
CA ALA A 49 7.73 -3.74 -2.74
C ALA A 49 8.15 -2.82 -3.90
N SER A 50 9.43 -2.58 -4.05
CA SER A 50 9.90 -1.69 -5.15
C SER A 50 9.51 -2.30 -6.50
N THR A 51 9.63 -3.59 -6.65
CA THR A 51 9.28 -4.22 -7.94
C THR A 51 7.81 -3.94 -8.28
N ILE A 52 6.93 -4.17 -7.34
CA ILE A 52 5.49 -3.91 -7.62
C ILE A 52 5.29 -2.43 -7.92
N ALA A 53 5.88 -1.58 -7.12
CA ALA A 53 5.73 -0.12 -7.36
C ALA A 53 6.18 0.24 -8.78
N GLU A 54 7.23 -0.37 -9.24
CA GLU A 54 7.70 -0.07 -10.62
C GLU A 54 6.56 -0.36 -11.60
N TYR A 55 5.68 -1.27 -11.25
CA TYR A 55 4.55 -1.60 -12.16
C TYR A 55 3.34 -0.71 -11.86
N ILE A 56 2.84 -0.73 -10.65
CA ILE A 56 1.66 0.11 -10.31
C ILE A 56 2.04 1.55 -10.02
N SER A 57 3.31 1.89 -10.06
CA SER A 57 3.70 3.31 -9.76
C SER A 57 2.80 4.26 -10.55
N GLY A 58 2.70 4.09 -11.84
CA GLY A 58 1.81 4.97 -12.63
C GLY A 58 2.33 6.41 -12.63
N TYR A 59 3.57 6.62 -12.28
CA TYR A 59 4.13 8.00 -12.25
C TYR A 59 3.84 8.71 -13.59
N GLN A 60 3.31 8.00 -14.55
CA GLN A 60 3.03 8.62 -15.87
C GLN A 60 1.78 9.49 -15.79
N ARG A 61 0.90 9.24 -14.84
CA ARG A 61 -0.34 10.07 -14.73
C ARG A 61 -1.13 9.64 -13.49
N SER A 62 -0.92 8.45 -13.01
CA SER A 62 -1.69 7.98 -11.83
C SER A 62 -1.24 8.74 -10.58
N GLN A 63 -2.01 8.65 -9.52
CA GLN A 63 -1.65 9.36 -8.25
C GLN A 63 -1.14 8.36 -7.23
N SER A 64 -0.51 8.83 -6.20
CA SER A 64 0.04 7.92 -5.15
C SER A 64 -0.99 6.84 -4.81
N ILE A 65 -0.55 5.62 -4.68
CA ILE A 65 -1.48 4.50 -4.34
C ILE A 65 -1.29 4.11 -2.87
N TRP A 66 -2.35 3.80 -2.18
CA TRP A 66 -2.23 3.44 -0.74
C TRP A 66 -1.70 2.00 -0.60
N ILE A 67 -1.14 1.71 0.54
CA ILE A 67 -0.59 0.34 0.81
C ILE A 67 -0.98 -0.05 2.24
N GLY A 68 -0.68 -1.26 2.66
CA GLY A 68 -1.07 -1.67 4.04
C GLY A 68 -0.01 -1.21 5.05
N LEU A 69 0.18 0.09 5.16
CA LEU A 69 1.20 0.64 6.13
C LEU A 69 0.47 1.64 7.04
N HIS A 70 0.50 1.42 8.34
CA HIS A 70 -0.21 2.37 9.25
C HIS A 70 0.49 2.41 10.61
N ASP A 71 0.14 3.37 11.43
CA ASP A 71 0.77 3.50 12.77
C ASP A 71 -0.05 2.67 13.78
N PRO A 72 0.56 2.20 14.84
CA PRO A 72 -0.15 1.39 15.88
C PRO A 72 -1.11 2.24 16.72
N GLN A 73 -0.66 2.70 17.86
CA GLN A 73 -1.52 3.54 18.76
C GLN A 73 -0.84 4.91 18.93
N LYS A 74 -0.39 5.48 17.85
CA LYS A 74 0.30 6.80 17.91
C LYS A 74 1.64 6.63 18.63
N ARG A 75 2.32 5.54 18.37
CA ARG A 75 3.64 5.28 19.02
C ARG A 75 4.75 5.68 18.03
N GLN A 76 4.38 6.34 16.97
CA GLN A 76 5.37 6.77 15.95
C GLN A 76 6.14 5.55 15.42
N GLN A 77 5.43 4.54 14.99
CA GLN A 77 6.09 3.32 14.45
C GLN A 77 5.36 2.89 13.19
N TRP A 78 6.08 2.56 12.17
CA TRP A 78 5.44 2.12 10.89
C TRP A 78 5.41 0.59 10.84
N GLN A 79 4.23 0.02 10.80
CA GLN A 79 4.12 -1.47 10.75
C GLN A 79 2.99 -1.86 9.78
N TRP A 80 3.11 -3.00 9.18
CA TRP A 80 2.05 -3.45 8.21
C TRP A 80 0.95 -4.20 8.95
N ILE A 81 -0.06 -4.63 8.23
CA ILE A 81 -1.19 -5.35 8.86
C ILE A 81 -0.68 -6.55 9.67
N ASP A 82 0.04 -7.44 9.05
CA ASP A 82 0.54 -8.64 9.79
C ASP A 82 1.45 -8.20 10.94
N GLY A 83 1.61 -6.92 11.12
CA GLY A 83 2.50 -6.43 12.21
C GLY A 83 3.94 -6.60 11.75
N ALA A 84 4.12 -6.84 10.47
CA ALA A 84 5.50 -7.01 9.94
C ALA A 84 6.37 -5.83 10.41
N MET A 85 7.62 -6.08 10.74
CA MET A 85 8.50 -4.96 11.21
C MET A 85 9.74 -4.81 10.33
N TYR A 86 9.77 -3.78 9.52
CA TYR A 86 10.98 -3.53 8.68
C TYR A 86 11.92 -2.62 9.49
N LEU A 87 13.18 -2.97 9.56
CA LEU A 87 14.14 -2.15 10.38
C LEU A 87 15.46 -1.97 9.64
N TYR A 88 16.15 -0.91 9.92
CA TYR A 88 17.46 -0.65 9.24
C TYR A 88 17.16 -0.39 7.76
N ARG A 89 16.21 0.46 7.48
CA ARG A 89 15.87 0.76 6.07
C ARG A 89 16.81 1.85 5.54
N SER A 90 16.85 2.03 4.25
CA SER A 90 17.74 3.10 3.69
C SER A 90 17.14 4.46 4.06
N TRP A 91 17.84 5.27 4.81
CA TRP A 91 17.30 6.61 5.21
C TRP A 91 18.38 7.67 5.07
N SER A 92 18.31 8.46 4.03
CA SER A 92 19.31 9.54 3.83
C SER A 92 18.82 10.51 2.76
N GLY A 93 18.44 11.69 3.14
CA GLY A 93 17.94 12.68 2.14
C GLY A 93 16.45 12.47 1.93
N LYS A 94 15.82 11.69 2.77
CA LYS A 94 14.36 11.41 2.63
C LYS A 94 13.60 12.02 3.82
N SER A 95 12.36 12.40 3.60
CA SER A 95 11.55 13.00 4.71
C SER A 95 10.10 12.55 4.57
N MET A 96 9.36 12.54 5.66
CA MET A 96 7.93 12.10 5.60
C MET A 96 7.17 12.71 6.78
N GLY A 97 7.89 13.15 7.78
CA GLY A 97 7.21 13.76 8.98
C GLY A 97 7.02 12.68 10.05
N GLY A 98 6.29 11.64 9.73
CA GLY A 98 6.06 10.56 10.74
C GLY A 98 4.95 9.62 10.26
N ASN A 99 4.78 9.49 8.97
CA ASN A 99 3.72 8.58 8.45
C ASN A 99 2.36 8.93 9.08
N LYS A 100 2.31 9.97 9.89
CA LYS A 100 1.03 10.38 10.54
C LYS A 100 0.20 9.15 10.92
N HIS A 101 -1.04 9.09 10.52
CA HIS A 101 -1.89 7.91 10.85
C HIS A 101 -1.82 6.90 9.69
N CYS A 102 -1.31 7.33 8.57
CA CYS A 102 -1.21 6.41 7.40
C CYS A 102 -0.13 6.94 6.45
N ALA A 103 0.51 6.05 5.72
CA ALA A 103 1.59 6.48 4.77
C ALA A 103 1.17 6.15 3.34
N GLU A 104 1.82 6.76 2.38
CA GLU A 104 1.47 6.50 0.95
C GLU A 104 2.71 6.68 0.08
N MET A 105 2.75 6.03 -1.06
CA MET A 105 3.94 6.17 -1.96
C MET A 105 3.75 7.37 -2.88
N SER A 106 4.64 8.32 -2.82
CA SER A 106 4.50 9.52 -3.70
C SER A 106 4.90 9.15 -5.13
N SER A 107 3.96 8.75 -5.94
CA SER A 107 4.29 8.38 -7.34
C SER A 107 4.71 9.63 -8.11
N ASN A 108 4.18 10.77 -7.76
CA ASN A 108 4.54 12.02 -8.47
C ASN A 108 6.06 12.18 -8.46
N ASN A 109 6.71 11.74 -7.42
CA ASN A 109 8.19 11.87 -7.35
C ASN A 109 8.83 10.80 -8.22
N ASN A 110 9.78 11.17 -9.05
CA ASN A 110 10.45 10.16 -9.92
C ASN A 110 11.30 9.23 -9.06
N PHE A 111 11.73 9.68 -7.91
CA PHE A 111 12.56 8.82 -7.03
C PHE A 111 11.66 7.89 -6.21
N LEU A 112 10.37 8.02 -6.36
CA LEU A 112 9.44 7.14 -5.60
C LEU A 112 9.60 7.42 -4.10
N THR A 113 9.54 8.67 -3.71
CA THR A 113 9.69 9.01 -2.27
C THR A 113 8.39 8.71 -1.53
N TRP A 114 8.47 8.43 -0.25
CA TRP A 114 7.24 8.13 0.54
C TRP A 114 6.69 9.42 1.14
N SER A 115 5.45 9.42 1.56
CA SER A 115 4.87 10.66 2.16
C SER A 115 3.84 10.27 3.21
N SER A 116 3.74 11.02 4.27
CA SER A 116 2.75 10.70 5.34
C SER A 116 1.40 11.33 4.98
N ASN A 117 0.32 10.72 5.37
CA ASN A 117 -1.03 11.28 5.05
C ASN A 117 -2.03 10.83 6.10
N GLU A 118 -3.14 11.51 6.22
CA GLU A 118 -4.16 11.11 7.22
C GLU A 118 -4.97 9.94 6.68
N CYS A 119 -5.46 9.09 7.54
CA CYS A 119 -6.25 7.91 7.06
C CYS A 119 -7.67 8.35 6.72
N ASN A 120 -7.88 9.62 6.46
CA ASN A 120 -9.25 10.12 6.12
C ASN A 120 -9.24 10.78 4.74
N LYS A 121 -8.09 10.90 4.13
CA LYS A 121 -8.03 11.53 2.78
C LYS A 121 -8.40 10.48 1.73
N ARG A 122 -9.50 10.66 1.06
CA ARG A 122 -9.91 9.66 0.03
C ARG A 122 -8.90 9.66 -1.12
N GLN A 123 -8.26 8.54 -1.35
CA GLN A 123 -7.25 8.46 -2.46
C GLN A 123 -7.27 7.06 -3.07
N HIS A 124 -6.70 6.89 -4.23
CA HIS A 124 -6.68 5.54 -4.88
C HIS A 124 -6.04 4.53 -3.91
N PHE A 125 -6.26 3.26 -4.13
CA PHE A 125 -5.67 2.24 -3.22
C PHE A 125 -5.63 0.89 -3.92
N LEU A 126 -4.69 0.04 -3.57
CA LEU A 126 -4.59 -1.30 -4.21
C LEU A 126 -5.05 -2.36 -3.20
N CYS A 127 -5.67 -3.41 -3.68
CA CYS A 127 -6.16 -4.49 -2.78
C CYS A 127 -5.39 -5.78 -3.09
N LYS A 128 -5.31 -6.68 -2.13
CA LYS A 128 -4.57 -7.96 -2.35
C LYS A 128 -5.45 -9.12 -1.86
N TYR A 129 -5.29 -10.29 -2.43
CA TYR A 129 -6.11 -11.46 -2.01
C TYR A 129 -5.20 -12.68 -1.84
N ARG A 130 -5.40 -13.43 -0.78
CA ARG A 130 -4.55 -14.64 -0.54
C ARG A 130 -5.24 -15.86 -1.14
N PRO A 131 -4.50 -16.83 -1.66
CA PRO A 131 -5.08 -18.06 -2.27
C PRO A 131 -6.34 -18.53 -1.52
N GLN A 1 -12.89 -11.87 -7.40
CA GLN A 1 -13.01 -13.32 -7.07
C GLN A 1 -12.05 -14.13 -7.95
N SER A 2 -11.56 -13.53 -9.01
CA SER A 2 -10.62 -14.26 -9.90
C SER A 2 -9.20 -14.18 -9.34
N CYS A 3 -8.25 -14.74 -10.03
CA CYS A 3 -6.84 -14.71 -9.53
C CYS A 3 -5.91 -15.28 -10.62
N ALA A 4 -6.41 -15.39 -11.82
CA ALA A 4 -5.58 -15.94 -12.93
C ALA A 4 -6.13 -15.46 -14.28
N PRO A 5 -7.32 -15.86 -14.66
CA PRO A 5 -7.94 -15.44 -15.96
C PRO A 5 -8.13 -13.93 -16.04
N GLY A 6 -7.09 -13.20 -16.36
CA GLY A 6 -7.18 -11.71 -16.47
C GLY A 6 -6.53 -11.07 -15.25
N TRP A 7 -6.52 -11.76 -14.14
CA TRP A 7 -5.90 -11.21 -12.91
C TRP A 7 -4.40 -11.51 -12.92
N PHE A 8 -3.59 -10.63 -12.40
CA PHE A 8 -2.11 -10.87 -12.39
C PHE A 8 -1.72 -11.71 -11.18
N TYR A 9 -1.20 -12.89 -11.42
CA TYR A 9 -0.78 -13.77 -10.28
C TYR A 9 0.71 -13.58 -10.00
N HIS A 10 1.04 -12.90 -8.93
CA HIS A 10 2.47 -12.65 -8.58
C HIS A 10 2.77 -13.25 -7.20
N LYS A 11 3.92 -13.84 -7.03
CA LYS A 11 4.29 -14.43 -5.72
C LYS A 11 3.18 -15.37 -5.26
N SER A 12 2.55 -16.01 -6.19
CA SER A 12 1.45 -16.96 -5.87
C SER A 12 0.26 -16.20 -5.25
N ASN A 13 0.32 -14.90 -5.22
CA ASN A 13 -0.81 -14.09 -4.66
C ASN A 13 -1.48 -13.33 -5.80
N CYS A 14 -2.62 -12.75 -5.55
CA CYS A 14 -3.33 -11.98 -6.62
C CYS A 14 -3.74 -10.61 -6.06
N TYR A 15 -3.35 -9.56 -6.73
CA TYR A 15 -3.71 -8.18 -6.27
C TYR A 15 -4.20 -7.38 -7.48
N GLY A 16 -5.05 -6.41 -7.26
CA GLY A 16 -5.59 -5.59 -8.40
C GLY A 16 -5.58 -4.12 -8.02
N TYR A 17 -5.24 -3.26 -8.94
CA TYR A 17 -5.22 -1.80 -8.66
C TYR A 17 -6.64 -1.23 -8.76
N PHE A 18 -6.93 -0.21 -8.00
CA PHE A 18 -8.29 0.41 -8.05
C PHE A 18 -8.15 1.92 -8.27
N ARG A 19 -8.75 2.41 -9.31
CA ARG A 19 -8.66 3.88 -9.60
C ARG A 19 -9.90 4.58 -9.05
N LYS A 20 -10.11 4.49 -7.75
CA LYS A 20 -11.29 5.14 -7.13
C LYS A 20 -10.85 5.89 -5.87
N LEU A 21 -11.37 7.06 -5.65
CA LEU A 21 -10.98 7.84 -4.45
C LEU A 21 -11.76 7.31 -3.25
N ARG A 22 -11.10 6.59 -2.39
CA ARG A 22 -11.78 6.02 -1.18
C ARG A 22 -10.85 6.16 0.04
N ASN A 23 -11.39 6.58 1.15
CA ASN A 23 -10.56 6.76 2.37
C ASN A 23 -10.00 5.39 2.79
N TRP A 24 -8.80 5.39 3.31
CA TRP A 24 -8.17 4.11 3.76
C TRP A 24 -9.16 3.28 4.57
N SER A 25 -10.06 3.93 5.27
CA SER A 25 -11.04 3.15 6.08
C SER A 25 -12.03 2.44 5.15
N ASP A 26 -12.50 3.11 4.13
CA ASP A 26 -13.45 2.47 3.19
C ASP A 26 -12.67 1.59 2.21
N ALA A 27 -11.42 1.90 2.02
CA ALA A 27 -10.58 1.11 1.07
C ALA A 27 -10.27 -0.26 1.69
N GLU A 28 -9.75 -0.26 2.89
CA GLU A 28 -9.43 -1.56 3.55
C GLU A 28 -10.71 -2.35 3.78
N LEU A 29 -11.71 -1.74 4.34
CA LEU A 29 -12.99 -2.44 4.60
C LEU A 29 -13.51 -3.05 3.29
N GLU A 30 -13.31 -2.36 2.20
CA GLU A 30 -13.79 -2.89 0.88
C GLU A 30 -13.01 -4.14 0.52
N CYS A 31 -11.82 -4.28 1.03
CA CYS A 31 -10.99 -5.49 0.70
C CYS A 31 -11.43 -6.67 1.58
N GLN A 32 -11.22 -6.58 2.87
CA GLN A 32 -11.63 -7.70 3.76
C GLN A 32 -13.07 -8.11 3.45
N SER A 33 -13.78 -7.31 2.71
CA SER A 33 -15.19 -7.66 2.37
C SER A 33 -15.24 -9.04 1.72
N TYR A 34 -14.16 -9.45 1.09
CA TYR A 34 -14.14 -10.79 0.44
C TYR A 34 -13.94 -11.86 1.51
N GLY A 35 -13.58 -11.47 2.70
CA GLY A 35 -13.37 -12.46 3.80
C GLY A 35 -12.24 -13.42 3.41
N ASN A 36 -11.67 -13.25 2.25
CA ASN A 36 -10.55 -14.13 1.82
C ASN A 36 -9.27 -13.61 2.46
N GLY A 37 -9.41 -12.71 3.38
CA GLY A 37 -8.20 -12.12 4.04
C GLY A 37 -7.67 -11.00 3.16
N ALA A 38 -8.51 -10.49 2.31
CA ALA A 38 -8.09 -9.40 1.39
C ALA A 38 -7.82 -8.13 2.20
N HIS A 39 -6.73 -7.47 1.91
CA HIS A 39 -6.39 -6.22 2.65
C HIS A 39 -5.44 -5.37 1.80
N LEU A 40 -5.11 -4.19 2.25
CA LEU A 40 -4.18 -3.32 1.46
C LEU A 40 -2.83 -4.03 1.32
N ALA A 41 -2.12 -3.72 0.28
CA ALA A 41 -0.80 -4.36 0.04
C ALA A 41 0.01 -4.46 1.34
N SER A 42 0.96 -5.36 1.39
CA SER A 42 1.81 -5.52 2.60
C SER A 42 3.25 -5.80 2.15
N ILE A 43 4.18 -4.95 2.51
CA ILE A 43 5.60 -5.14 2.09
C ILE A 43 6.50 -5.31 3.32
N LEU A 44 7.33 -6.32 3.33
CA LEU A 44 8.26 -6.55 4.47
C LEU A 44 9.67 -6.17 4.01
N SER A 45 9.87 -6.05 2.73
CA SER A 45 11.22 -5.69 2.20
C SER A 45 11.05 -4.86 0.92
N LEU A 46 12.01 -4.03 0.60
CA LEU A 46 11.90 -3.19 -0.63
C LEU A 46 12.01 -4.08 -1.88
N LYS A 47 12.61 -5.23 -1.76
CA LYS A 47 12.75 -6.12 -2.95
C LYS A 47 11.38 -6.41 -3.57
N GLU A 48 10.39 -6.65 -2.75
CA GLU A 48 9.03 -6.94 -3.29
C GLU A 48 8.42 -5.68 -3.90
N ALA A 49 8.43 -4.59 -3.16
CA ALA A 49 7.84 -3.33 -3.69
C ALA A 49 8.52 -2.94 -5.00
N SER A 50 9.78 -3.23 -5.14
CA SER A 50 10.50 -2.85 -6.39
C SER A 50 9.87 -3.57 -7.58
N THR A 51 9.45 -4.79 -7.42
CA THR A 51 8.84 -5.53 -8.56
C THR A 51 7.40 -5.07 -8.78
N ILE A 52 6.61 -5.00 -7.75
CA ILE A 52 5.20 -4.56 -7.92
C ILE A 52 5.15 -3.12 -8.41
N ALA A 53 5.94 -2.26 -7.83
CA ALA A 53 5.94 -0.83 -8.26
C ALA A 53 6.27 -0.74 -9.75
N GLU A 54 7.16 -1.55 -10.23
CA GLU A 54 7.51 -1.48 -11.68
C GLU A 54 6.26 -1.68 -12.52
N TYR A 55 5.35 -2.50 -12.07
CA TYR A 55 4.10 -2.74 -12.85
C TYR A 55 3.01 -1.75 -12.43
N ILE A 56 2.64 -1.74 -11.18
CA ILE A 56 1.57 -0.82 -10.70
C ILE A 56 2.10 0.61 -10.46
N SER A 57 3.35 0.87 -10.74
CA SER A 57 3.90 2.25 -10.51
C SER A 57 2.84 3.30 -10.87
N GLY A 58 1.98 2.98 -11.79
CA GLY A 58 0.89 3.93 -12.16
C GLY A 58 1.46 5.15 -12.90
N TYR A 59 2.75 5.19 -13.09
CA TYR A 59 3.34 6.35 -13.81
C TYR A 59 2.65 6.51 -15.16
N GLN A 60 1.78 5.60 -15.51
CA GLN A 60 1.08 5.70 -16.83
C GLN A 60 -0.15 6.62 -16.70
N ARG A 61 -0.69 6.77 -15.52
CA ARG A 61 -1.87 7.66 -15.35
C ARG A 61 -2.29 7.67 -13.88
N SER A 62 -2.08 6.59 -13.18
CA SER A 62 -2.49 6.53 -11.74
C SER A 62 -1.36 7.05 -10.85
N GLN A 63 -1.56 8.18 -10.21
CA GLN A 63 -0.51 8.75 -9.32
C GLN A 63 -0.92 8.58 -7.85
N SER A 64 -0.03 8.10 -7.02
CA SER A 64 -0.34 7.94 -5.57
C SER A 64 -1.25 6.73 -5.33
N ILE A 65 -0.81 5.83 -4.48
CA ILE A 65 -1.63 4.61 -4.15
C ILE A 65 -1.39 4.25 -2.68
N TRP A 66 -2.40 3.78 -2.00
CA TRP A 66 -2.23 3.44 -0.55
C TRP A 66 -1.65 2.03 -0.39
N ILE A 67 -1.10 1.76 0.76
CA ILE A 67 -0.52 0.43 1.07
C ILE A 67 -0.93 0.04 2.50
N GLY A 68 -0.65 -1.15 2.94
CA GLY A 68 -1.05 -1.55 4.32
C GLY A 68 -0.01 -1.08 5.34
N LEU A 69 0.20 0.21 5.44
CA LEU A 69 1.19 0.76 6.44
C LEU A 69 0.44 1.67 7.41
N HIS A 70 0.57 1.45 8.69
CA HIS A 70 -0.16 2.30 9.69
C HIS A 70 0.62 2.37 11.00
N ASP A 71 0.47 3.45 11.73
CA ASP A 71 1.18 3.59 13.03
C ASP A 71 0.31 2.99 14.14
N PRO A 72 0.91 2.51 15.21
CA PRO A 72 0.16 1.90 16.35
C PRO A 72 -0.70 2.93 17.09
N GLN A 73 -0.14 3.57 18.09
CA GLN A 73 -0.90 4.60 18.87
C GLN A 73 0.02 5.77 19.17
N LYS A 74 0.74 6.23 18.18
CA LYS A 74 1.69 7.37 18.37
C LYS A 74 2.92 6.89 19.15
N ARG A 75 3.38 5.71 18.86
CA ARG A 75 4.59 5.17 19.54
C ARG A 75 5.80 5.37 18.64
N GLN A 76 5.64 6.16 17.61
CA GLN A 76 6.76 6.41 16.66
C GLN A 76 7.27 5.10 16.09
N GLN A 77 6.37 4.23 15.69
CA GLN A 77 6.78 2.91 15.11
C GLN A 77 5.89 2.64 13.90
N TRP A 78 6.48 2.22 12.81
CA TRP A 78 5.70 1.92 11.58
C TRP A 78 5.53 0.41 11.45
N GLN A 79 4.32 -0.05 11.36
CA GLN A 79 4.06 -1.52 11.23
C GLN A 79 2.93 -1.73 10.22
N TRP A 80 2.90 -2.88 9.59
CA TRP A 80 1.84 -3.15 8.58
C TRP A 80 0.69 -3.92 9.23
N ILE A 81 -0.34 -4.23 8.48
CA ILE A 81 -1.50 -4.96 9.04
C ILE A 81 -1.06 -6.22 9.77
N ASP A 82 -0.37 -7.11 9.10
CA ASP A 82 0.07 -8.37 9.77
C ASP A 82 1.06 -8.06 10.89
N GLY A 83 1.28 -6.81 11.17
CA GLY A 83 2.23 -6.45 12.25
C GLY A 83 3.64 -6.64 11.70
N ALA A 84 3.75 -6.76 10.41
CA ALA A 84 5.09 -6.96 9.78
C ALA A 84 6.05 -5.89 10.29
N MET A 85 7.32 -6.20 10.38
CA MET A 85 8.32 -5.21 10.87
C MET A 85 9.38 -4.97 9.79
N TYR A 86 9.37 -3.81 9.19
CA TYR A 86 10.38 -3.51 8.14
C TYR A 86 11.77 -3.52 8.79
N LEU A 87 12.71 -4.20 8.20
CA LEU A 87 14.08 -4.25 8.79
C LEU A 87 14.94 -3.15 8.18
N TYR A 88 15.47 -2.29 9.01
CA TYR A 88 16.33 -1.17 8.49
C TYR A 88 15.65 -0.54 7.27
N ARG A 89 14.84 0.46 7.49
CA ARG A 89 14.16 1.12 6.34
C ARG A 89 15.10 2.16 5.72
N SER A 90 15.24 2.15 4.43
CA SER A 90 16.14 3.14 3.77
C SER A 90 15.70 4.56 4.12
N TRP A 91 16.60 5.39 4.59
CA TRP A 91 16.22 6.78 4.93
C TRP A 91 17.39 7.72 4.65
N SER A 92 17.33 8.44 3.56
CA SER A 92 18.44 9.37 3.21
C SER A 92 17.97 10.34 2.12
N GLY A 93 17.80 11.59 2.45
CA GLY A 93 17.35 12.57 1.42
C GLY A 93 15.82 12.60 1.39
N LYS A 94 15.18 12.05 2.39
CA LYS A 94 13.70 12.03 2.42
C LYS A 94 13.21 12.10 3.88
N SER A 95 11.93 12.29 4.09
CA SER A 95 11.40 12.38 5.48
C SER A 95 10.01 11.72 5.52
N MET A 96 9.84 10.73 6.35
CA MET A 96 8.50 10.07 6.44
C MET A 96 7.52 11.00 7.15
N GLY A 97 8.01 11.86 8.00
CA GLY A 97 7.10 12.80 8.72
C GLY A 97 6.52 12.10 9.95
N GLY A 98 6.18 10.84 9.83
CA GLY A 98 5.60 10.09 11.00
C GLY A 98 4.43 9.22 10.54
N ASN A 99 4.19 9.15 9.25
CA ASN A 99 3.07 8.32 8.74
C ASN A 99 1.74 8.76 9.39
N LYS A 100 1.79 9.71 10.29
CA LYS A 100 0.54 10.21 10.94
C LYS A 100 -0.40 9.03 11.25
N HIS A 101 -1.66 9.14 10.91
CA HIS A 101 -2.59 8.01 11.18
C HIS A 101 -2.40 6.94 10.11
N CYS A 102 -1.86 7.32 8.99
CA CYS A 102 -1.61 6.34 7.88
C CYS A 102 -0.58 6.93 6.91
N ALA A 103 0.02 6.11 6.08
CA ALA A 103 1.05 6.61 5.12
C ALA A 103 0.67 6.23 3.69
N GLU A 104 1.27 6.87 2.72
CA GLU A 104 0.94 6.55 1.29
C GLU A 104 2.17 6.82 0.41
N MET A 105 2.23 6.21 -0.74
CA MET A 105 3.38 6.43 -1.65
C MET A 105 3.09 7.64 -2.54
N SER A 106 3.90 8.66 -2.46
CA SER A 106 3.66 9.87 -3.31
C SER A 106 4.43 9.72 -4.63
N SER A 107 3.78 9.19 -5.65
CA SER A 107 4.47 9.01 -6.95
C SER A 107 4.74 10.38 -7.58
N ASN A 108 4.10 11.40 -7.10
CA ASN A 108 4.33 12.76 -7.67
C ASN A 108 5.83 13.08 -7.64
N ASN A 109 6.52 12.60 -6.63
CA ASN A 109 7.98 12.87 -6.53
C ASN A 109 8.75 11.81 -7.33
N ASN A 110 9.83 12.20 -7.95
CA ASN A 110 10.62 11.21 -8.74
C ASN A 110 11.46 10.36 -7.80
N PHE A 111 11.58 10.76 -6.56
CA PHE A 111 12.39 9.97 -5.58
C PHE A 111 11.55 8.82 -5.04
N LEU A 112 10.33 8.71 -5.46
CA LEU A 112 9.47 7.60 -4.95
C LEU A 112 9.42 7.64 -3.42
N THR A 113 9.56 8.81 -2.84
CA THR A 113 9.53 8.91 -1.36
C THR A 113 8.09 8.86 -0.87
N TRP A 114 7.85 8.26 0.27
CA TRP A 114 6.46 8.18 0.79
C TRP A 114 6.14 9.44 1.60
N SER A 115 4.88 9.69 1.88
CA SER A 115 4.49 10.91 2.66
C SER A 115 3.44 10.54 3.69
N SER A 116 3.41 11.24 4.80
CA SER A 116 2.41 10.93 5.86
C SER A 116 1.10 11.67 5.55
N ASN A 117 -0.01 11.06 5.84
CA ASN A 117 -1.32 11.72 5.55
C ASN A 117 -2.37 11.19 6.53
N GLU A 118 -3.44 11.91 6.72
CA GLU A 118 -4.50 11.43 7.65
C GLU A 118 -5.17 10.19 7.05
N CYS A 119 -5.52 9.23 7.87
CA CYS A 119 -6.16 8.00 7.34
C CYS A 119 -7.62 8.29 6.97
N ASN A 120 -7.87 9.45 6.42
CA ASN A 120 -9.26 9.81 6.02
C ASN A 120 -9.24 10.57 4.69
N LYS A 121 -8.14 10.52 3.99
CA LYS A 121 -8.06 11.24 2.67
C LYS A 121 -8.52 10.29 1.56
N ARG A 122 -9.64 10.57 0.95
CA ARG A 122 -10.14 9.68 -0.14
C ARG A 122 -9.18 9.70 -1.32
N GLN A 123 -8.51 8.60 -1.57
CA GLN A 123 -7.55 8.54 -2.72
C GLN A 123 -7.53 7.12 -3.30
N HIS A 124 -6.72 6.89 -4.29
CA HIS A 124 -6.64 5.52 -4.91
C HIS A 124 -6.15 4.51 -3.85
N PHE A 125 -6.23 3.24 -4.13
CA PHE A 125 -5.77 2.23 -3.13
C PHE A 125 -5.44 0.89 -3.81
N LEU A 126 -4.54 0.14 -3.21
CA LEU A 126 -4.15 -1.19 -3.77
C LEU A 126 -4.74 -2.29 -2.89
N CYS A 127 -5.38 -3.28 -3.49
CA CYS A 127 -5.98 -4.39 -2.69
C CYS A 127 -5.23 -5.69 -3.00
N LYS A 128 -4.97 -6.49 -1.99
CA LYS A 128 -4.21 -7.78 -2.19
C LYS A 128 -5.10 -8.94 -1.75
N TYR A 129 -4.88 -10.11 -2.33
CA TYR A 129 -5.71 -11.31 -1.97
C TYR A 129 -4.78 -12.51 -1.73
N ARG A 130 -5.07 -13.30 -0.74
CA ARG A 130 -4.20 -14.50 -0.43
C ARG A 130 -5.10 -15.74 -0.25
N PRO A 131 -4.66 -16.91 -0.65
CA PRO A 131 -5.45 -18.15 -0.50
C PRO A 131 -6.28 -18.18 0.80
N GLN A 1 -13.41 -16.51 -6.08
CA GLN A 1 -12.39 -16.91 -5.06
C GLN A 1 -11.13 -17.42 -5.77
N SER A 2 -11.30 -18.06 -6.90
CA SER A 2 -10.12 -18.59 -7.64
C SER A 2 -9.29 -17.41 -8.18
N CYS A 3 -9.92 -16.28 -8.38
CA CYS A 3 -9.21 -15.07 -8.90
C CYS A 3 -8.20 -15.48 -9.99
N ALA A 4 -8.59 -15.40 -11.23
CA ALA A 4 -7.66 -15.78 -12.33
C ALA A 4 -8.25 -15.33 -13.68
N PRO A 5 -9.50 -15.66 -13.96
CA PRO A 5 -10.16 -15.25 -15.24
C PRO A 5 -10.04 -13.74 -15.49
N GLY A 6 -9.02 -13.32 -16.19
CA GLY A 6 -8.85 -11.86 -16.47
C GLY A 6 -8.03 -11.23 -15.33
N TRP A 7 -7.94 -11.90 -14.22
CA TRP A 7 -7.16 -11.35 -13.08
C TRP A 7 -5.67 -11.62 -13.32
N PHE A 8 -4.81 -10.72 -12.92
CA PHE A 8 -3.35 -10.92 -13.13
C PHE A 8 -2.76 -11.77 -11.99
N TYR A 9 -2.25 -12.93 -12.30
CA TYR A 9 -1.66 -13.80 -11.25
C TYR A 9 -0.20 -13.40 -11.03
N HIS A 10 0.09 -12.72 -9.94
CA HIS A 10 1.49 -12.28 -9.65
C HIS A 10 1.95 -12.87 -8.32
N LYS A 11 3.18 -13.28 -8.22
CA LYS A 11 3.70 -13.86 -6.95
C LYS A 11 2.79 -14.98 -6.48
N SER A 12 2.22 -15.69 -7.41
CA SER A 12 1.32 -16.82 -7.07
C SER A 12 0.09 -16.33 -6.28
N ASN A 13 -0.08 -15.04 -6.13
CA ASN A 13 -1.27 -14.51 -5.40
C ASN A 13 -2.05 -13.58 -6.34
N CYS A 14 -3.25 -13.22 -5.97
CA CYS A 14 -4.08 -12.33 -6.85
C CYS A 14 -4.14 -10.92 -6.27
N TYR A 15 -3.83 -9.94 -7.07
CA TYR A 15 -3.86 -8.52 -6.59
C TYR A 15 -4.37 -7.63 -7.73
N GLY A 16 -4.98 -6.52 -7.43
CA GLY A 16 -5.50 -5.64 -8.51
C GLY A 16 -5.58 -4.19 -8.00
N TYR A 17 -5.19 -3.25 -8.82
CA TYR A 17 -5.25 -1.83 -8.41
C TYR A 17 -6.66 -1.27 -8.67
N PHE A 18 -7.16 -0.46 -7.78
CA PHE A 18 -8.53 0.12 -7.96
C PHE A 18 -8.41 1.61 -8.25
N ARG A 19 -9.01 2.06 -9.32
CA ARG A 19 -8.92 3.51 -9.66
C ARG A 19 -10.15 4.24 -9.11
N LYS A 20 -10.34 4.20 -7.83
CA LYS A 20 -11.52 4.88 -7.20
C LYS A 20 -11.03 5.70 -6.00
N LEU A 21 -11.54 6.89 -5.83
CA LEU A 21 -11.10 7.72 -4.68
C LEU A 21 -11.86 7.28 -3.43
N ARG A 22 -11.21 6.56 -2.57
CA ARG A 22 -11.87 6.08 -1.31
C ARG A 22 -10.91 6.27 -0.13
N ASN A 23 -11.41 6.74 0.98
CA ASN A 23 -10.53 6.94 2.17
C ASN A 23 -9.93 5.59 2.60
N TRP A 24 -8.77 5.63 3.19
CA TRP A 24 -8.11 4.36 3.64
C TRP A 24 -9.06 3.57 4.54
N SER A 25 -9.90 4.25 5.29
CA SER A 25 -10.84 3.53 6.19
C SER A 25 -11.83 2.72 5.35
N ASP A 26 -12.38 3.33 4.34
CA ASP A 26 -13.36 2.61 3.48
C ASP A 26 -12.60 1.72 2.50
N ALA A 27 -11.37 2.05 2.22
CA ALA A 27 -10.57 1.23 1.28
C ALA A 27 -10.19 -0.09 1.93
N GLU A 28 -9.61 -0.04 3.10
CA GLU A 28 -9.21 -1.30 3.79
C GLU A 28 -10.47 -2.09 4.16
N LEU A 29 -11.46 -1.43 4.70
CA LEU A 29 -12.72 -2.15 5.08
C LEU A 29 -13.30 -2.82 3.83
N GLU A 30 -13.17 -2.19 2.70
CA GLU A 30 -13.73 -2.79 1.45
C GLU A 30 -12.96 -4.06 1.09
N CYS A 31 -11.70 -4.14 1.44
CA CYS A 31 -10.91 -5.36 1.10
C CYS A 31 -11.26 -6.49 2.07
N GLN A 32 -10.98 -6.30 3.34
CA GLN A 32 -11.29 -7.38 4.32
C GLN A 32 -12.73 -7.86 4.14
N SER A 33 -13.51 -7.15 3.37
CA SER A 33 -14.91 -7.57 3.14
C SER A 33 -14.94 -9.00 2.58
N TYR A 34 -13.88 -9.41 1.93
CA TYR A 34 -13.85 -10.79 1.37
C TYR A 34 -13.53 -11.78 2.49
N GLY A 35 -13.13 -11.28 3.63
CA GLY A 35 -12.81 -12.19 4.77
C GLY A 35 -11.69 -13.16 4.37
N ASN A 36 -11.22 -13.07 3.16
CA ASN A 36 -10.12 -13.98 2.72
C ASN A 36 -8.79 -13.39 3.16
N GLY A 37 -8.85 -12.42 4.04
CA GLY A 37 -7.61 -11.76 4.52
C GLY A 37 -7.22 -10.67 3.52
N ALA A 38 -8.15 -10.25 2.71
CA ALA A 38 -7.85 -9.20 1.71
C ALA A 38 -7.56 -7.87 2.42
N HIS A 39 -6.49 -7.22 2.06
CA HIS A 39 -6.14 -5.93 2.71
C HIS A 39 -5.23 -5.10 1.80
N LEU A 40 -4.91 -3.91 2.18
CA LEU A 40 -4.01 -3.06 1.34
C LEU A 40 -2.65 -3.73 1.22
N ALA A 41 -1.93 -3.44 0.18
CA ALA A 41 -0.58 -4.07 -0.03
C ALA A 41 0.19 -4.13 1.29
N SER A 42 0.96 -5.18 1.48
CA SER A 42 1.76 -5.33 2.73
C SER A 42 3.04 -6.09 2.41
N ILE A 43 4.20 -5.48 2.62
CA ILE A 43 5.49 -6.17 2.30
C ILE A 43 6.53 -5.87 3.39
N LEU A 44 7.43 -6.78 3.62
CA LEU A 44 8.49 -6.58 4.66
C LEU A 44 9.82 -6.33 3.94
N SER A 45 9.98 -6.85 2.74
CA SER A 45 11.24 -6.66 1.96
C SER A 45 10.99 -5.69 0.80
N LEU A 46 11.89 -4.78 0.58
CA LEU A 46 11.71 -3.80 -0.53
C LEU A 46 11.93 -4.51 -1.88
N LYS A 47 12.65 -5.60 -1.88
CA LYS A 47 12.90 -6.31 -3.17
C LYS A 47 11.56 -6.67 -3.82
N GLU A 48 10.63 -7.15 -3.04
CA GLU A 48 9.31 -7.52 -3.62
C GLU A 48 8.56 -6.23 -4.01
N ALA A 49 8.67 -5.22 -3.20
CA ALA A 49 7.97 -3.93 -3.52
C ALA A 49 8.52 -3.36 -4.82
N SER A 50 9.78 -3.57 -5.10
CA SER A 50 10.37 -3.02 -6.35
C SER A 50 9.66 -3.62 -7.57
N THR A 51 9.45 -4.91 -7.59
CA THR A 51 8.78 -5.53 -8.77
C THR A 51 7.37 -4.93 -8.94
N ILE A 52 6.61 -4.87 -7.90
CA ILE A 52 5.24 -4.29 -8.01
C ILE A 52 5.36 -2.82 -8.40
N ALA A 53 6.29 -2.13 -7.78
CA ALA A 53 6.47 -0.68 -8.10
C ALA A 53 6.73 -0.52 -9.59
N GLU A 54 7.46 -1.41 -10.18
CA GLU A 54 7.73 -1.28 -11.64
C GLU A 54 6.39 -1.24 -12.38
N TYR A 55 5.41 -1.92 -11.85
CA TYR A 55 4.07 -1.93 -12.53
C TYR A 55 3.24 -0.71 -12.08
N ILE A 56 2.99 -0.58 -10.81
CA ILE A 56 2.18 0.57 -10.32
C ILE A 56 3.03 1.84 -10.18
N SER A 57 4.30 1.78 -10.53
CA SER A 57 5.19 2.99 -10.41
C SER A 57 4.43 4.25 -10.84
N GLY A 58 3.42 4.10 -11.65
CA GLY A 58 2.65 5.30 -12.08
C GLY A 58 3.49 6.19 -13.02
N TYR A 59 4.54 5.66 -13.59
CA TYR A 59 5.37 6.50 -14.50
C TYR A 59 4.47 7.18 -15.53
N GLN A 60 3.23 6.76 -15.60
CA GLN A 60 2.27 7.37 -16.57
C GLN A 60 1.60 8.56 -15.90
N ARG A 61 2.10 9.00 -14.78
CA ARG A 61 1.49 10.15 -14.06
C ARG A 61 0.22 9.68 -13.33
N SER A 62 0.29 8.57 -12.66
CA SER A 62 -0.92 8.06 -11.94
C SER A 62 -1.10 8.84 -10.64
N GLN A 63 -2.13 8.54 -9.89
CA GLN A 63 -2.37 9.28 -8.61
C GLN A 63 -1.73 8.52 -7.45
N SER A 64 -1.43 9.20 -6.38
CA SER A 64 -0.80 8.53 -5.21
C SER A 64 -1.61 7.29 -4.84
N ILE A 65 -0.96 6.16 -4.69
CA ILE A 65 -1.68 4.91 -4.32
C ILE A 65 -1.39 4.57 -2.85
N TRP A 66 -2.40 4.16 -2.13
CA TRP A 66 -2.20 3.83 -0.69
C TRP A 66 -1.64 2.41 -0.55
N ILE A 67 -1.04 2.12 0.58
CA ILE A 67 -0.48 0.77 0.85
C ILE A 67 -0.88 0.36 2.27
N GLY A 68 -0.57 -0.83 2.70
CA GLY A 68 -0.98 -1.26 4.07
C GLY A 68 0.05 -0.83 5.11
N LEU A 69 0.24 0.47 5.29
CA LEU A 69 1.21 0.96 6.33
C LEU A 69 0.47 1.94 7.25
N HIS A 70 0.55 1.74 8.53
CA HIS A 70 -0.16 2.65 9.48
C HIS A 70 0.53 2.68 10.83
N ASP A 71 0.11 3.57 11.69
CA ASP A 71 0.72 3.66 13.06
C ASP A 71 -0.16 2.83 14.02
N PRO A 72 0.42 2.27 15.06
CA PRO A 72 -0.34 1.45 16.05
C PRO A 72 -1.30 2.30 16.90
N GLN A 73 -0.82 2.81 18.00
CA GLN A 73 -1.66 3.66 18.90
C GLN A 73 -0.87 4.91 19.26
N LYS A 74 -0.27 5.53 18.28
CA LYS A 74 0.54 6.77 18.54
C LYS A 74 1.82 6.37 19.29
N ARG A 75 2.39 5.25 18.95
CA ARG A 75 3.64 4.79 19.62
C ARG A 75 4.84 5.14 18.72
N GLN A 76 4.59 5.93 17.72
CA GLN A 76 5.68 6.33 16.78
C GLN A 76 6.32 5.10 16.15
N GLN A 77 5.52 4.22 15.59
CA GLN A 77 6.06 3.00 14.94
C GLN A 77 5.33 2.77 13.61
N TRP A 78 6.07 2.53 12.58
CA TRP A 78 5.45 2.30 11.23
C TRP A 78 5.47 0.80 10.90
N GLN A 79 4.35 0.14 11.05
CA GLN A 79 4.27 -1.33 10.76
C GLN A 79 3.10 -1.60 9.82
N TRP A 80 3.13 -2.72 9.14
CA TRP A 80 2.02 -3.06 8.20
C TRP A 80 1.00 -3.97 8.88
N ILE A 81 -0.03 -4.34 8.17
CA ILE A 81 -1.09 -5.21 8.74
C ILE A 81 -0.46 -6.49 9.32
N ASP A 82 0.26 -7.24 8.52
CA ASP A 82 0.87 -8.50 9.04
C ASP A 82 1.79 -8.19 10.21
N GLY A 83 1.91 -6.95 10.58
CA GLY A 83 2.82 -6.59 11.71
C GLY A 83 4.24 -6.63 11.18
N ALA A 84 4.38 -6.70 9.88
CA ALA A 84 5.74 -6.74 9.28
C ALA A 84 6.60 -5.63 9.89
N MET A 85 7.80 -5.94 10.31
CA MET A 85 8.68 -4.91 10.92
C MET A 85 9.97 -4.76 10.11
N TYR A 86 10.10 -3.68 9.40
CA TYR A 86 11.34 -3.46 8.59
C TYR A 86 12.53 -3.30 9.55
N LEU A 87 13.61 -4.01 9.32
CA LEU A 87 14.79 -3.89 10.21
C LEU A 87 15.74 -2.83 9.67
N TYR A 88 15.66 -1.62 10.18
CA TYR A 88 16.56 -0.53 9.68
C TYR A 88 16.34 -0.33 8.19
N ARG A 89 15.35 0.44 7.83
CA ARG A 89 15.08 0.68 6.37
C ARG A 89 15.97 1.81 5.85
N SER A 90 15.92 2.08 4.57
CA SER A 90 16.77 3.16 4.01
C SER A 90 16.28 4.51 4.53
N TRP A 91 17.16 5.32 5.07
CA TRP A 91 16.74 6.65 5.59
C TRP A 91 17.91 7.62 5.50
N SER A 92 17.89 8.49 4.52
CA SER A 92 18.99 9.47 4.38
C SER A 92 18.54 10.59 3.43
N GLY A 93 18.35 11.77 3.94
CA GLY A 93 17.92 12.91 3.07
C GLY A 93 16.39 12.94 2.99
N LYS A 94 15.73 12.11 3.76
CA LYS A 94 14.23 12.09 3.74
C LYS A 94 13.72 11.77 5.15
N SER A 95 12.46 12.00 5.39
CA SER A 95 11.88 11.72 6.74
C SER A 95 10.45 11.22 6.60
N MET A 96 10.09 10.17 7.30
CA MET A 96 8.71 9.64 7.20
C MET A 96 7.72 10.68 7.73
N GLY A 97 8.19 11.59 8.55
CA GLY A 97 7.28 12.64 9.10
C GLY A 97 6.54 12.07 10.32
N GLY A 98 6.12 10.84 10.25
CA GLY A 98 5.38 10.23 11.40
C GLY A 98 4.29 9.29 10.88
N ASN A 99 4.13 9.21 9.58
CA ASN A 99 3.09 8.32 9.01
C ASN A 99 1.72 8.70 9.57
N LYS A 100 1.65 9.74 10.38
CA LYS A 100 0.35 10.18 10.98
C LYS A 100 -0.52 8.96 11.32
N HIS A 101 -1.69 8.88 10.75
CA HIS A 101 -2.59 7.71 11.01
C HIS A 101 -2.48 6.74 9.83
N CYS A 102 -1.89 7.20 8.75
CA CYS A 102 -1.72 6.33 7.55
C CYS A 102 -0.58 6.88 6.69
N ALA A 103 0.13 6.01 6.00
CA ALA A 103 1.27 6.47 5.14
C ALA A 103 0.98 6.12 3.68
N GLU A 104 1.61 6.80 2.77
CA GLU A 104 1.39 6.54 1.32
C GLU A 104 2.65 6.90 0.53
N MET A 105 2.66 6.65 -0.75
CA MET A 105 3.85 6.98 -1.59
C MET A 105 3.39 7.67 -2.88
N SER A 106 3.97 8.79 -3.20
CA SER A 106 3.57 9.51 -4.43
C SER A 106 4.14 8.78 -5.66
N SER A 107 3.30 8.15 -6.42
CA SER A 107 3.80 7.42 -7.63
C SER A 107 4.40 8.41 -8.62
N ASN A 108 4.21 9.68 -8.39
CA ASN A 108 4.77 10.70 -9.32
C ASN A 108 6.29 10.77 -9.15
N ASN A 109 6.78 10.55 -7.96
CA ASN A 109 8.25 10.59 -7.74
C ASN A 109 8.87 9.26 -8.17
N ASN A 110 9.97 9.31 -8.87
CA ASN A 110 10.62 8.05 -9.32
C ASN A 110 11.34 7.40 -8.14
N PHE A 111 11.51 8.13 -7.06
CA PHE A 111 12.21 7.55 -5.87
C PHE A 111 11.18 6.87 -4.97
N LEU A 112 9.92 6.92 -5.32
CA LEU A 112 8.88 6.28 -4.48
C LEU A 112 9.05 6.75 -3.03
N THR A 113 9.13 8.04 -2.82
CA THR A 113 9.30 8.55 -1.43
C THR A 113 8.00 8.33 -0.64
N TRP A 114 8.11 8.00 0.62
CA TRP A 114 6.88 7.77 1.44
C TRP A 114 6.43 9.10 2.04
N SER A 115 5.17 9.20 2.39
CA SER A 115 4.65 10.47 2.99
C SER A 115 3.53 10.14 3.97
N SER A 116 3.42 10.89 5.04
CA SER A 116 2.35 10.62 6.04
C SER A 116 1.06 11.34 5.61
N ASN A 117 -0.06 10.73 5.85
CA ASN A 117 -1.35 11.37 5.46
C ASN A 117 -2.48 10.87 6.36
N GLU A 118 -3.43 11.71 6.67
CA GLU A 118 -4.56 11.27 7.55
C GLU A 118 -5.36 10.18 6.83
N CYS A 119 -5.84 9.21 7.56
CA CYS A 119 -6.63 8.12 6.93
C CYS A 119 -8.01 8.64 6.53
N ASN A 120 -8.09 9.85 6.04
CA ASN A 120 -9.40 10.45 5.64
C ASN A 120 -9.28 11.06 4.24
N LYS A 121 -8.17 10.88 3.58
CA LYS A 121 -7.99 11.46 2.21
C LYS A 121 -8.51 10.47 1.17
N ARG A 122 -9.68 10.71 0.62
CA ARG A 122 -10.23 9.78 -0.41
C ARG A 122 -9.33 9.79 -1.65
N GLN A 123 -8.60 8.72 -1.87
CA GLN A 123 -7.70 8.65 -3.05
C GLN A 123 -7.64 7.22 -3.57
N HIS A 124 -6.95 6.99 -4.65
CA HIS A 124 -6.85 5.61 -5.22
C HIS A 124 -6.18 4.69 -4.20
N PHE A 125 -6.29 3.40 -4.38
CA PHE A 125 -5.66 2.46 -3.41
C PHE A 125 -5.50 1.08 -4.05
N LEU A 126 -4.51 0.32 -3.62
CA LEU A 126 -4.28 -1.04 -4.19
C LEU A 126 -4.68 -2.08 -3.15
N CYS A 127 -5.33 -3.15 -3.58
CA CYS A 127 -5.77 -4.22 -2.63
C CYS A 127 -5.00 -5.52 -2.94
N LYS A 128 -4.91 -6.41 -1.98
CA LYS A 128 -4.18 -7.69 -2.20
C LYS A 128 -5.03 -8.85 -1.65
N TYR A 129 -4.89 -10.02 -2.23
CA TYR A 129 -5.68 -11.19 -1.76
C TYR A 129 -4.75 -12.40 -1.60
N ARG A 130 -4.90 -13.15 -0.55
CA ARG A 130 -4.02 -14.33 -0.33
C ARG A 130 -4.73 -15.58 -0.89
N PRO A 131 -3.99 -16.53 -1.43
CA PRO A 131 -4.58 -17.78 -2.00
C PRO A 131 -5.79 -18.27 -1.19
N GLN A 1 -13.71 -12.90 -4.31
CA GLN A 1 -12.74 -13.93 -4.75
C GLN A 1 -12.92 -14.21 -6.25
N SER A 2 -11.97 -13.81 -7.05
CA SER A 2 -12.09 -14.06 -8.51
C SER A 2 -10.71 -13.95 -9.17
N CYS A 3 -10.37 -14.90 -10.00
CA CYS A 3 -9.04 -14.87 -10.68
C CYS A 3 -9.13 -15.64 -12.00
N ALA A 4 -9.54 -14.98 -13.05
CA ALA A 4 -9.65 -15.66 -14.36
C ALA A 4 -10.01 -14.64 -15.46
N PRO A 5 -10.94 -13.75 -15.19
CA PRO A 5 -11.37 -12.71 -16.17
C PRO A 5 -10.27 -11.70 -16.48
N GLY A 6 -9.09 -12.17 -16.79
CA GLY A 6 -7.97 -11.23 -17.11
C GLY A 6 -7.29 -10.77 -15.82
N TRP A 7 -7.30 -11.61 -14.81
CA TRP A 7 -6.66 -11.21 -13.52
C TRP A 7 -5.14 -11.44 -13.62
N PHE A 8 -4.36 -10.60 -13.01
CA PHE A 8 -2.88 -10.76 -13.07
C PHE A 8 -2.42 -11.73 -11.98
N TYR A 9 -1.84 -12.84 -12.36
CA TYR A 9 -1.37 -13.83 -11.35
C TYR A 9 0.07 -13.50 -10.95
N HIS A 10 0.26 -12.95 -9.78
CA HIS A 10 1.64 -12.59 -9.31
C HIS A 10 1.95 -13.35 -8.01
N LYS A 11 3.15 -13.83 -7.87
CA LYS A 11 3.53 -14.58 -6.63
C LYS A 11 2.45 -15.60 -6.31
N SER A 12 1.83 -16.13 -7.32
CA SER A 12 0.78 -17.17 -7.11
C SER A 12 -0.42 -16.59 -6.35
N ASN A 13 -0.43 -15.29 -6.09
CA ASN A 13 -1.60 -14.68 -5.37
C ASN A 13 -2.34 -13.76 -6.33
N CYS A 14 -3.52 -13.32 -5.95
CA CYS A 14 -4.32 -12.43 -6.85
C CYS A 14 -4.28 -11.00 -6.31
N TYR A 15 -4.00 -10.04 -7.17
CA TYR A 15 -3.93 -8.62 -6.73
C TYR A 15 -4.50 -7.74 -7.85
N GLY A 16 -5.03 -6.59 -7.51
CA GLY A 16 -5.60 -5.70 -8.56
C GLY A 16 -5.64 -4.26 -8.04
N TYR A 17 -5.53 -3.30 -8.92
CA TYR A 17 -5.57 -1.86 -8.50
C TYR A 17 -6.97 -1.28 -8.77
N PHE A 18 -7.45 -0.47 -7.87
CA PHE A 18 -8.80 0.16 -8.06
C PHE A 18 -8.64 1.67 -8.24
N ARG A 19 -9.21 2.20 -9.29
CA ARG A 19 -9.09 3.67 -9.54
C ARG A 19 -10.33 4.37 -8.99
N LYS A 20 -10.58 4.24 -7.71
CA LYS A 20 -11.77 4.89 -7.07
C LYS A 20 -11.28 5.70 -5.87
N LEU A 21 -11.85 6.86 -5.67
CA LEU A 21 -11.42 7.70 -4.52
C LEU A 21 -12.11 7.21 -3.25
N ARG A 22 -11.38 6.54 -2.41
CA ARG A 22 -11.96 6.01 -1.13
C ARG A 22 -10.94 6.21 -0.01
N ASN A 23 -11.39 6.66 1.13
CA ASN A 23 -10.45 6.87 2.27
C ASN A 23 -9.79 5.56 2.66
N TRP A 24 -8.65 5.61 3.29
CA TRP A 24 -7.94 4.37 3.70
C TRP A 24 -8.85 3.53 4.61
N SER A 25 -9.72 4.17 5.35
CA SER A 25 -10.62 3.40 6.25
C SER A 25 -11.65 2.65 5.41
N ASP A 26 -12.17 3.29 4.42
CA ASP A 26 -13.17 2.62 3.54
C ASP A 26 -12.43 1.73 2.53
N ALA A 27 -11.19 2.05 2.27
CA ALA A 27 -10.41 1.23 1.30
C ALA A 27 -10.04 -0.10 1.95
N GLU A 28 -9.47 -0.07 3.12
CA GLU A 28 -9.09 -1.34 3.81
C GLU A 28 -10.37 -2.11 4.16
N LEU A 29 -11.40 -1.41 4.55
CA LEU A 29 -12.67 -2.09 4.91
C LEU A 29 -13.28 -2.72 3.67
N GLU A 30 -13.14 -2.08 2.53
CA GLU A 30 -13.71 -2.64 1.28
C GLU A 30 -12.98 -3.93 0.89
N CYS A 31 -11.73 -4.03 1.21
CA CYS A 31 -10.97 -5.27 0.86
C CYS A 31 -11.34 -6.41 1.82
N GLN A 32 -11.04 -6.25 3.07
CA GLN A 32 -11.37 -7.33 4.05
C GLN A 32 -12.83 -7.74 3.89
N SER A 33 -13.59 -6.99 3.14
CA SER A 33 -15.03 -7.36 2.94
C SER A 33 -15.11 -8.78 2.37
N TYR A 34 -14.09 -9.23 1.70
CA TYR A 34 -14.12 -10.60 1.13
C TYR A 34 -13.84 -11.61 2.25
N GLY A 35 -13.42 -11.14 3.39
CA GLY A 35 -13.13 -12.05 4.53
C GLY A 35 -12.04 -13.06 4.14
N ASN A 36 -11.55 -12.98 2.93
CA ASN A 36 -10.48 -13.91 2.50
C ASN A 36 -9.15 -13.34 2.96
N GLY A 37 -9.19 -12.39 3.83
CA GLY A 37 -7.93 -11.76 4.32
C GLY A 37 -7.49 -10.69 3.33
N ALA A 38 -8.41 -10.23 2.51
CA ALA A 38 -8.06 -9.19 1.50
C ALA A 38 -7.73 -7.88 2.22
N HIS A 39 -6.63 -7.27 1.87
CA HIS A 39 -6.24 -5.99 2.53
C HIS A 39 -5.30 -5.19 1.63
N LEU A 40 -4.92 -4.01 2.04
CA LEU A 40 -3.99 -3.18 1.23
C LEU A 40 -2.65 -3.91 1.07
N ALA A 41 -1.92 -3.62 0.02
CA ALA A 41 -0.63 -4.29 -0.23
C ALA A 41 0.17 -4.47 1.07
N SER A 42 1.03 -5.47 1.10
CA SER A 42 1.87 -5.73 2.32
C SER A 42 3.34 -5.78 1.89
N ILE A 43 4.21 -5.08 2.59
CA ILE A 43 5.66 -5.07 2.21
C ILE A 43 6.54 -5.22 3.46
N LEU A 44 7.46 -6.17 3.42
CA LEU A 44 8.38 -6.39 4.58
C LEU A 44 9.77 -5.88 4.20
N SER A 45 10.08 -5.87 2.92
CA SER A 45 11.43 -5.39 2.47
C SER A 45 11.27 -4.56 1.19
N LEU A 46 12.27 -3.80 0.84
CA LEU A 46 12.20 -2.97 -0.39
C LEU A 46 12.27 -3.86 -1.63
N LYS A 47 12.81 -5.04 -1.51
CA LYS A 47 12.92 -5.95 -2.68
C LYS A 47 11.53 -6.16 -3.30
N GLU A 48 10.53 -6.34 -2.48
CA GLU A 48 9.16 -6.55 -3.02
C GLU A 48 8.63 -5.22 -3.60
N ALA A 49 8.87 -4.13 -2.92
CA ALA A 49 8.39 -2.82 -3.43
C ALA A 49 8.97 -2.57 -4.82
N SER A 50 10.16 -3.02 -5.08
CA SER A 50 10.78 -2.79 -6.41
C SER A 50 9.95 -3.50 -7.49
N THR A 51 9.61 -4.73 -7.28
CA THR A 51 8.80 -5.46 -8.31
C THR A 51 7.36 -4.94 -8.30
N ILE A 52 6.80 -4.72 -7.15
CA ILE A 52 5.39 -4.22 -7.08
C ILE A 52 5.31 -2.86 -7.76
N ALA A 53 6.17 -1.96 -7.40
CA ALA A 53 6.15 -0.60 -7.99
C ALA A 53 6.30 -0.68 -9.51
N GLU A 54 7.08 -1.61 -10.00
CA GLU A 54 7.26 -1.71 -11.46
C GLU A 54 5.90 -1.93 -12.12
N TYR A 55 5.00 -2.62 -11.46
CA TYR A 55 3.66 -2.86 -12.04
C TYR A 55 2.69 -1.74 -11.65
N ILE A 56 2.50 -1.52 -10.37
CA ILE A 56 1.54 -0.46 -9.93
C ILE A 56 2.18 0.93 -9.99
N SER A 57 3.41 1.04 -10.44
CA SER A 57 4.08 2.38 -10.51
C SER A 57 3.08 3.45 -10.97
N GLY A 58 2.39 3.21 -12.05
CA GLY A 58 1.39 4.20 -12.53
C GLY A 58 2.09 5.47 -13.04
N TYR A 59 3.39 5.49 -13.04
CA TYR A 59 4.12 6.70 -13.54
C TYR A 59 3.59 7.08 -14.93
N GLN A 60 2.70 6.31 -15.50
CA GLN A 60 2.19 6.64 -16.87
C GLN A 60 0.84 7.35 -16.78
N ARG A 61 0.13 7.19 -15.70
CA ARG A 61 -1.20 7.86 -15.60
C ARG A 61 -1.82 7.63 -14.23
N SER A 62 -1.47 6.56 -13.57
CA SER A 62 -2.09 6.28 -12.23
C SER A 62 -1.42 7.16 -11.16
N GLN A 63 -2.18 7.66 -10.23
CA GLN A 63 -1.61 8.53 -9.15
C GLN A 63 -1.19 7.67 -7.96
N SER A 64 -0.40 8.22 -7.08
CA SER A 64 0.07 7.47 -5.88
C SER A 64 -1.07 6.62 -5.31
N ILE A 65 -0.80 5.36 -5.05
CA ILE A 65 -1.85 4.45 -4.49
C ILE A 65 -1.52 4.17 -3.01
N TRP A 66 -2.53 3.93 -2.21
CA TRP A 66 -2.27 3.67 -0.76
C TRP A 66 -1.72 2.24 -0.58
N ILE A 67 -1.06 2.01 0.54
CA ILE A 67 -0.49 0.68 0.84
C ILE A 67 -0.89 0.30 2.28
N GLY A 68 -0.64 -0.92 2.69
CA GLY A 68 -1.04 -1.33 4.07
C GLY A 68 0.06 -0.93 5.07
N LEU A 69 0.29 0.35 5.25
CA LEU A 69 1.32 0.83 6.23
C LEU A 69 0.67 1.82 7.19
N HIS A 70 0.72 1.57 8.47
CA HIS A 70 0.08 2.50 9.44
C HIS A 70 0.78 2.46 10.79
N ASP A 71 0.45 3.37 11.66
CA ASP A 71 1.07 3.41 13.02
C ASP A 71 0.15 2.66 14.01
N PRO A 72 0.69 2.13 15.07
CA PRO A 72 -0.11 1.39 16.09
C PRO A 72 -1.03 2.31 16.90
N GLN A 73 -0.57 2.79 18.02
CA GLN A 73 -1.37 3.71 18.88
C GLN A 73 -0.56 4.96 19.17
N LYS A 74 0.05 5.51 18.15
CA LYS A 74 0.89 6.73 18.32
C LYS A 74 2.14 6.37 19.12
N ARG A 75 2.71 5.22 18.83
CA ARG A 75 3.94 4.77 19.54
C ARG A 75 5.15 5.08 18.66
N GLN A 76 4.93 5.84 17.62
CA GLN A 76 6.03 6.19 16.69
C GLN A 76 6.65 4.93 16.09
N GLN A 77 5.82 4.05 15.58
CA GLN A 77 6.33 2.78 14.97
C GLN A 77 5.58 2.54 13.66
N TRP A 78 6.29 2.23 12.63
CA TRP A 78 5.65 1.96 11.30
C TRP A 78 5.57 0.45 11.07
N GLN A 79 4.38 -0.10 11.01
CA GLN A 79 4.24 -1.57 10.79
C GLN A 79 3.07 -1.83 9.83
N TRP A 80 3.14 -2.91 9.10
CA TRP A 80 2.04 -3.23 8.14
C TRP A 80 0.96 -4.04 8.85
N ILE A 81 -0.08 -4.39 8.13
CA ILE A 81 -1.18 -5.18 8.75
C ILE A 81 -0.64 -6.47 9.37
N ASP A 82 0.04 -7.29 8.61
CA ASP A 82 0.58 -8.56 9.17
C ASP A 82 1.57 -8.24 10.29
N GLY A 83 1.77 -7.00 10.59
CA GLY A 83 2.74 -6.63 11.65
C GLY A 83 4.14 -6.65 11.06
N ALA A 84 4.24 -6.68 9.76
CA ALA A 84 5.59 -6.70 9.11
C ALA A 84 6.48 -5.64 9.76
N MET A 85 7.72 -5.95 10.04
CA MET A 85 8.63 -4.96 10.69
C MET A 85 9.83 -4.68 9.79
N TYR A 86 9.88 -3.52 9.19
CA TYR A 86 11.04 -3.17 8.33
C TYR A 86 12.29 -3.12 9.23
N LEU A 87 13.34 -3.79 8.84
CA LEU A 87 14.58 -3.79 9.68
C LEU A 87 15.49 -2.65 9.24
N TYR A 88 15.81 -1.77 10.15
CA TYR A 88 16.71 -0.62 9.81
C TYR A 88 16.28 -0.01 8.46
N ARG A 89 15.36 0.91 8.49
CA ARG A 89 14.90 1.54 7.22
C ARG A 89 15.87 2.66 6.84
N SER A 90 16.23 2.75 5.59
CA SER A 90 17.16 3.82 5.15
C SER A 90 16.53 5.18 5.40
N TRP A 91 17.28 6.11 5.92
CA TRP A 91 16.73 7.47 6.19
C TRP A 91 17.86 8.49 6.13
N SER A 92 17.95 9.21 5.04
CA SER A 92 19.03 10.23 4.91
C SER A 92 18.71 11.16 3.73
N GLY A 93 18.38 12.39 4.00
CA GLY A 93 18.06 13.34 2.90
C GLY A 93 16.57 13.25 2.57
N LYS A 94 15.79 12.70 3.47
CA LYS A 94 14.32 12.57 3.22
C LYS A 94 13.56 12.86 4.50
N SER A 95 12.25 12.86 4.45
CA SER A 95 11.45 13.15 5.68
C SER A 95 10.17 12.29 5.65
N MET A 96 9.97 11.48 6.67
CA MET A 96 8.75 10.63 6.71
C MET A 96 7.59 11.42 7.32
N GLY A 97 7.82 12.03 8.46
CA GLY A 97 6.73 12.83 9.12
C GLY A 97 6.17 12.03 10.29
N GLY A 98 5.95 10.75 10.11
CA GLY A 98 5.40 9.90 11.21
C GLY A 98 4.26 9.03 10.66
N ASN A 99 4.12 8.96 9.37
CA ASN A 99 3.05 8.12 8.76
C ASN A 99 1.68 8.53 9.34
N LYS A 100 1.66 9.48 10.25
CA LYS A 100 0.35 9.93 10.84
C LYS A 100 -0.54 8.72 11.14
N HIS A 101 -1.74 8.70 10.61
CA HIS A 101 -2.64 7.53 10.84
C HIS A 101 -2.39 6.51 9.74
N CYS A 102 -1.81 6.95 8.64
CA CYS A 102 -1.52 6.03 7.51
C CYS A 102 -0.48 6.68 6.60
N ALA A 103 0.30 5.89 5.92
CA ALA A 103 1.35 6.44 5.01
C ALA A 103 1.06 6.04 3.56
N GLU A 104 1.67 6.70 2.62
CA GLU A 104 1.45 6.38 1.18
C GLU A 104 2.72 6.66 0.39
N MET A 105 2.94 5.93 -0.68
CA MET A 105 4.17 6.15 -1.49
C MET A 105 3.89 7.24 -2.52
N SER A 106 4.81 8.16 -2.69
CA SER A 106 4.61 9.25 -3.69
C SER A 106 5.16 8.82 -5.04
N SER A 107 4.32 8.27 -5.89
CA SER A 107 4.80 7.83 -7.23
C SER A 107 5.18 9.04 -8.07
N ASN A 108 4.69 10.20 -7.71
CA ASN A 108 5.02 11.41 -8.49
C ASN A 108 6.48 11.81 -8.23
N ASN A 109 6.97 11.56 -7.05
CA ASN A 109 8.38 11.91 -6.73
C ASN A 109 9.31 10.87 -7.34
N ASN A 110 10.41 11.30 -7.92
CA ASN A 110 11.35 10.32 -8.53
C ASN A 110 12.18 9.66 -7.43
N PHE A 111 12.22 10.25 -6.27
CA PHE A 111 13.01 9.63 -5.16
C PHE A 111 12.18 8.57 -4.46
N LEU A 112 10.99 8.31 -4.95
CA LEU A 112 10.13 7.27 -4.32
C LEU A 112 10.06 7.52 -2.82
N THR A 113 10.02 8.76 -2.41
CA THR A 113 9.95 9.07 -0.95
C THR A 113 8.53 8.82 -0.45
N TRP A 114 8.40 8.41 0.79
CA TRP A 114 7.04 8.15 1.35
C TRP A 114 6.47 9.45 1.93
N SER A 115 5.19 9.49 2.17
CA SER A 115 4.57 10.73 2.75
C SER A 115 3.49 10.33 3.75
N SER A 116 3.41 11.03 4.85
CA SER A 116 2.38 10.71 5.88
C SER A 116 1.07 11.42 5.52
N ASN A 117 -0.05 10.77 5.77
CA ASN A 117 -1.36 11.41 5.43
C ASN A 117 -2.44 10.88 6.37
N GLU A 118 -3.54 11.59 6.48
CA GLU A 118 -4.63 11.13 7.39
C GLU A 118 -5.46 10.06 6.69
N CYS A 119 -5.99 9.12 7.44
CA CYS A 119 -6.81 8.04 6.83
C CYS A 119 -8.19 8.57 6.47
N ASN A 120 -8.27 9.81 6.04
CA ASN A 120 -9.59 10.40 5.67
C ASN A 120 -9.50 11.05 4.28
N LYS A 121 -8.38 10.92 3.62
CA LYS A 121 -8.24 11.53 2.26
C LYS A 121 -8.70 10.51 1.22
N ARG A 122 -9.85 10.71 0.65
CA ARG A 122 -10.36 9.73 -0.36
C ARG A 122 -9.45 9.74 -1.59
N GLN A 123 -8.77 8.66 -1.84
CA GLN A 123 -7.86 8.57 -3.02
C GLN A 123 -7.86 7.13 -3.54
N HIS A 124 -7.11 6.87 -4.58
CA HIS A 124 -7.06 5.49 -5.13
C HIS A 124 -6.41 4.56 -4.09
N PHE A 125 -6.50 3.27 -4.29
CA PHE A 125 -5.89 2.33 -3.29
C PHE A 125 -5.63 0.98 -3.96
N LEU A 126 -4.71 0.21 -3.41
CA LEU A 126 -4.41 -1.14 -3.99
C LEU A 126 -4.97 -2.21 -3.07
N CYS A 127 -5.57 -3.24 -3.63
CA CYS A 127 -6.14 -4.35 -2.81
C CYS A 127 -5.35 -5.63 -3.06
N LYS A 128 -5.05 -6.37 -2.04
CA LYS A 128 -4.27 -7.64 -2.19
C LYS A 128 -5.12 -8.80 -1.69
N TYR A 129 -4.91 -9.98 -2.22
CA TYR A 129 -5.70 -11.17 -1.78
C TYR A 129 -4.75 -12.35 -1.53
N ARG A 130 -5.07 -13.18 -0.57
CA ARG A 130 -4.19 -14.36 -0.25
C ARG A 130 -5.07 -15.62 -0.18
N PRO A 131 -4.55 -16.76 -0.59
CA PRO A 131 -5.33 -18.04 -0.57
C PRO A 131 -5.54 -18.55 0.87
N GLN A 1 -14.12 -19.94 -6.28
CA GLN A 1 -13.32 -18.71 -6.54
C GLN A 1 -12.59 -18.85 -7.87
N SER A 2 -11.88 -17.84 -8.29
CA SER A 2 -11.15 -17.91 -9.58
C SER A 2 -10.05 -16.85 -9.60
N CYS A 3 -9.06 -17.03 -10.44
CA CYS A 3 -7.94 -16.04 -10.50
C CYS A 3 -7.05 -16.36 -11.70
N ALA A 4 -7.45 -15.98 -12.87
CA ALA A 4 -6.61 -16.26 -14.08
C ALA A 4 -7.32 -15.72 -15.34
N PRO A 5 -8.57 -16.04 -15.54
CA PRO A 5 -9.34 -15.57 -16.73
C PRO A 5 -9.18 -14.07 -16.97
N GLY A 6 -8.61 -13.36 -16.02
CA GLY A 6 -8.42 -11.89 -16.21
C GLY A 6 -7.59 -11.34 -15.06
N TRP A 7 -7.63 -11.96 -13.92
CA TRP A 7 -6.84 -11.47 -12.76
C TRP A 7 -5.37 -11.83 -12.96
N PHE A 8 -4.46 -10.98 -12.53
CA PHE A 8 -3.02 -11.28 -12.71
C PHE A 8 -2.50 -12.11 -11.54
N TYR A 9 -2.05 -13.32 -11.80
CA TYR A 9 -1.53 -14.18 -10.70
C TYR A 9 -0.02 -13.96 -10.56
N HIS A 10 0.39 -13.29 -9.51
CA HIS A 10 1.85 -13.01 -9.29
C HIS A 10 2.30 -13.64 -7.97
N LYS A 11 3.48 -14.19 -7.94
CA LYS A 11 3.99 -14.80 -6.68
C LYS A 11 2.97 -15.82 -6.16
N SER A 12 2.27 -16.43 -7.06
CA SER A 12 1.26 -17.45 -6.67
C SER A 12 0.08 -16.82 -5.93
N ASN A 13 0.02 -15.50 -5.85
CA ASN A 13 -1.14 -14.84 -5.15
C ASN A 13 -1.84 -13.90 -6.13
N CYS A 14 -3.01 -13.44 -5.78
CA CYS A 14 -3.78 -12.52 -6.70
C CYS A 14 -3.79 -11.10 -6.12
N TYR A 15 -3.51 -10.13 -6.94
CA TYR A 15 -3.50 -8.70 -6.47
C TYR A 15 -4.05 -7.80 -7.59
N GLY A 16 -4.65 -6.69 -7.24
CA GLY A 16 -5.20 -5.79 -8.29
C GLY A 16 -5.27 -4.36 -7.75
N TYR A 17 -5.30 -3.39 -8.63
CA TYR A 17 -5.38 -1.95 -8.17
C TYR A 17 -6.81 -1.43 -8.35
N PHE A 18 -7.22 -0.54 -7.48
CA PHE A 18 -8.61 0.03 -7.57
C PHE A 18 -8.51 1.54 -7.80
N ARG A 19 -9.21 2.03 -8.80
CA ARG A 19 -9.17 3.49 -9.10
C ARG A 19 -10.38 4.17 -8.48
N LYS A 20 -10.50 4.10 -7.17
CA LYS A 20 -11.65 4.75 -6.46
C LYS A 20 -11.11 5.56 -5.28
N LEU A 21 -11.65 6.72 -5.04
CA LEU A 21 -11.16 7.56 -3.92
C LEU A 21 -11.87 7.14 -2.64
N ARG A 22 -11.18 6.45 -1.77
CA ARG A 22 -11.79 6.00 -0.48
C ARG A 22 -10.74 6.07 0.64
N ASN A 23 -11.15 6.51 1.81
CA ASN A 23 -10.21 6.60 2.96
C ASN A 23 -9.69 5.21 3.31
N TRP A 24 -8.60 5.14 4.03
CA TRP A 24 -8.02 3.83 4.41
C TRP A 24 -9.05 2.97 5.13
N SER A 25 -9.96 3.56 5.84
CA SER A 25 -10.99 2.75 6.55
C SER A 25 -11.94 2.13 5.54
N ASP A 26 -12.35 2.90 4.57
CA ASP A 26 -13.28 2.37 3.54
C ASP A 26 -12.48 1.55 2.52
N ALA A 27 -11.21 1.86 2.40
CA ALA A 27 -10.36 1.11 1.43
C ALA A 27 -10.08 -0.30 1.96
N GLU A 28 -9.62 -0.38 3.18
CA GLU A 28 -9.33 -1.73 3.76
C GLU A 28 -10.58 -2.60 3.67
N LEU A 29 -11.71 -2.06 4.03
CA LEU A 29 -12.97 -2.85 3.95
C LEU A 29 -13.26 -3.18 2.48
N GLU A 30 -12.92 -2.30 1.59
CA GLU A 30 -13.18 -2.56 0.14
C GLU A 30 -12.52 -3.87 -0.27
N CYS A 31 -11.31 -4.11 0.16
CA CYS A 31 -10.62 -5.37 -0.20
C CYS A 31 -11.26 -6.52 0.59
N GLN A 32 -11.31 -6.40 1.88
CA GLN A 32 -11.92 -7.47 2.73
C GLN A 32 -13.30 -7.80 2.20
N SER A 33 -13.80 -7.02 1.28
CA SER A 33 -15.16 -7.30 0.73
C SER A 33 -15.21 -8.73 0.20
N TYR A 34 -14.08 -9.29 -0.16
CA TYR A 34 -14.07 -10.69 -0.68
C TYR A 34 -14.08 -11.65 0.52
N GLY A 35 -13.87 -11.14 1.70
CA GLY A 35 -13.88 -12.02 2.91
C GLY A 35 -12.77 -13.07 2.82
N ASN A 36 -11.94 -12.98 1.81
CA ASN A 36 -10.84 -13.96 1.68
C ASN A 36 -9.67 -13.48 2.53
N GLY A 37 -9.93 -12.53 3.38
CA GLY A 37 -8.84 -11.98 4.25
C GLY A 37 -8.05 -10.96 3.43
N ALA A 38 -8.66 -10.45 2.40
CA ALA A 38 -7.97 -9.45 1.54
C ALA A 38 -7.66 -8.18 2.34
N HIS A 39 -6.58 -7.52 2.03
CA HIS A 39 -6.21 -6.27 2.77
C HIS A 39 -5.26 -5.43 1.91
N LEU A 40 -4.91 -4.26 2.37
CA LEU A 40 -4.00 -3.39 1.56
C LEU A 40 -2.65 -4.09 1.39
N ALA A 41 -1.95 -3.76 0.34
CA ALA A 41 -0.62 -4.40 0.06
C ALA A 41 0.18 -4.58 1.35
N SER A 42 1.11 -5.51 1.34
CA SER A 42 1.97 -5.76 2.53
C SER A 42 3.43 -5.81 2.09
N ILE A 43 4.26 -4.94 2.61
CA ILE A 43 5.70 -4.90 2.21
C ILE A 43 6.60 -5.07 3.43
N LEU A 44 7.37 -6.12 3.47
CA LEU A 44 8.32 -6.35 4.61
C LEU A 44 9.74 -6.09 4.10
N SER A 45 9.91 -6.11 2.80
CA SER A 45 11.26 -5.85 2.21
C SER A 45 11.09 -5.05 0.92
N LEU A 46 12.12 -4.36 0.50
CA LEU A 46 12.02 -3.56 -0.75
C LEU A 46 11.96 -4.49 -1.97
N LYS A 47 12.44 -5.69 -1.84
CA LYS A 47 12.43 -6.62 -3.01
C LYS A 47 10.99 -6.78 -3.53
N GLU A 48 10.03 -6.89 -2.66
CA GLU A 48 8.62 -7.04 -3.12
C GLU A 48 8.13 -5.73 -3.72
N ALA A 49 8.30 -4.64 -3.01
CA ALA A 49 7.84 -3.33 -3.53
C ALA A 49 8.60 -2.99 -4.82
N SER A 50 9.83 -3.40 -4.94
CA SER A 50 10.61 -3.09 -6.17
C SER A 50 9.94 -3.70 -7.41
N THR A 51 9.47 -4.92 -7.32
CA THR A 51 8.83 -5.55 -8.51
C THR A 51 7.41 -5.02 -8.67
N ILE A 52 6.62 -5.02 -7.63
CA ILE A 52 5.23 -4.52 -7.76
C ILE A 52 5.26 -3.05 -8.18
N ALA A 53 6.14 -2.28 -7.61
CA ALA A 53 6.22 -0.85 -7.97
C ALA A 53 6.49 -0.70 -9.47
N GLU A 54 7.30 -1.55 -10.03
CA GLU A 54 7.57 -1.44 -11.48
C GLU A 54 6.24 -1.53 -12.23
N TYR A 55 5.28 -2.21 -11.68
CA TYR A 55 3.96 -2.31 -12.35
C TYR A 55 3.06 -1.11 -11.96
N ILE A 56 2.81 -0.94 -10.68
CA ILE A 56 1.94 0.20 -10.24
C ILE A 56 2.73 1.51 -10.17
N SER A 57 3.99 1.50 -10.53
CA SER A 57 4.82 2.75 -10.47
C SER A 57 3.99 3.97 -10.92
N GLY A 58 2.97 3.75 -11.70
CA GLY A 58 2.10 4.89 -12.14
C GLY A 58 2.83 5.81 -13.12
N TYR A 59 3.91 5.38 -13.72
CA TYR A 59 4.62 6.26 -14.69
C TYR A 59 3.60 6.79 -15.71
N GLN A 60 2.42 6.25 -15.72
CA GLN A 60 1.37 6.71 -16.66
C GLN A 60 0.64 7.90 -16.03
N ARG A 61 1.18 8.44 -14.96
CA ARG A 61 0.53 9.58 -14.27
C ARG A 61 -0.64 9.07 -13.43
N SER A 62 -0.43 8.01 -12.69
CA SER A 62 -1.52 7.46 -11.85
C SER A 62 -1.62 8.27 -10.55
N GLN A 63 -2.62 8.01 -9.74
CA GLN A 63 -2.79 8.76 -8.47
C GLN A 63 -2.09 8.00 -7.33
N SER A 64 -1.63 8.71 -6.33
CA SER A 64 -0.95 8.03 -5.19
C SER A 64 -1.78 6.85 -4.73
N ILE A 65 -1.17 5.70 -4.58
CA ILE A 65 -1.91 4.48 -4.14
C ILE A 65 -1.56 4.18 -2.68
N TRP A 66 -2.52 3.72 -1.92
CA TRP A 66 -2.27 3.41 -0.48
C TRP A 66 -1.68 2.00 -0.32
N ILE A 67 -1.03 1.77 0.78
CA ILE A 67 -0.42 0.44 1.06
C ILE A 67 -0.81 0.05 2.50
N GLY A 68 -0.52 -1.15 2.93
CA GLY A 68 -0.90 -1.54 4.32
C GLY A 68 0.15 -1.05 5.31
N LEU A 69 0.35 0.24 5.40
CA LEU A 69 1.36 0.81 6.36
C LEU A 69 0.66 1.83 7.26
N HIS A 70 0.70 1.66 8.56
CA HIS A 70 0.02 2.63 9.46
C HIS A 70 0.72 2.68 10.82
N ASP A 71 0.40 3.65 11.62
CA ASP A 71 1.03 3.79 12.97
C ASP A 71 0.14 3.08 14.01
N PRO A 72 0.71 2.60 15.09
CA PRO A 72 -0.08 1.90 16.16
C PRO A 72 -0.97 2.87 16.94
N GLN A 73 -0.47 3.39 18.03
CA GLN A 73 -1.25 4.35 18.87
C GLN A 73 -0.41 5.60 19.10
N LYS A 74 0.19 6.12 18.04
CA LYS A 74 1.05 7.33 18.16
C LYS A 74 2.28 6.98 18.99
N ARG A 75 2.86 5.84 18.74
CA ARG A 75 4.08 5.41 19.50
C ARG A 75 5.31 5.70 18.63
N GLN A 76 5.10 6.38 17.53
CA GLN A 76 6.23 6.70 16.61
C GLN A 76 6.82 5.40 16.05
N GLN A 77 5.98 4.51 15.60
CA GLN A 77 6.47 3.22 15.03
C GLN A 77 5.69 2.91 13.76
N TRP A 78 6.36 2.55 12.72
CA TRP A 78 5.67 2.22 11.43
C TRP A 78 5.59 0.70 11.27
N GLN A 79 4.40 0.16 11.24
CA GLN A 79 4.24 -1.32 11.10
C GLN A 79 3.08 -1.62 10.14
N TRP A 80 3.06 -2.78 9.56
CA TRP A 80 1.98 -3.15 8.62
C TRP A 80 0.85 -3.84 9.37
N ILE A 81 -0.20 -4.21 8.69
CA ILE A 81 -1.34 -4.89 9.35
C ILE A 81 -0.86 -6.15 10.07
N ASP A 82 -0.22 -7.05 9.37
CA ASP A 82 0.26 -8.30 10.02
C ASP A 82 1.29 -7.95 11.10
N GLY A 83 1.54 -6.69 11.30
CA GLY A 83 2.54 -6.29 12.32
C GLY A 83 3.94 -6.45 11.73
N ALA A 84 4.02 -6.61 10.44
CA ALA A 84 5.36 -6.78 9.79
C ALA A 84 6.34 -5.76 10.36
N MET A 85 7.56 -6.15 10.58
CA MET A 85 8.58 -5.20 11.15
C MET A 85 9.76 -5.05 10.20
N TYR A 86 9.87 -3.92 9.56
CA TYR A 86 11.01 -3.69 8.63
C TYR A 86 12.31 -3.67 9.44
N LEU A 87 13.32 -4.36 9.00
CA LEU A 87 14.61 -4.38 9.75
C LEU A 87 15.51 -3.24 9.25
N TYR A 88 15.62 -2.19 10.01
CA TYR A 88 16.48 -1.05 9.58
C TYR A 88 15.99 -0.54 8.24
N ARG A 89 15.12 0.45 8.25
CA ARG A 89 14.60 1.00 6.97
C ARG A 89 15.59 2.03 6.43
N SER A 90 15.41 2.48 5.21
CA SER A 90 16.35 3.48 4.63
C SER A 90 15.86 4.89 4.96
N TRP A 91 16.57 5.61 5.78
CA TRP A 91 16.15 7.00 6.14
C TRP A 91 17.38 7.83 6.49
N SER A 92 17.76 8.73 5.63
CA SER A 92 18.95 9.58 5.90
C SER A 92 18.91 10.82 5.01
N GLY A 93 18.68 11.97 5.57
CA GLY A 93 18.62 13.21 4.76
C GLY A 93 17.19 13.43 4.27
N LYS A 94 16.24 12.77 4.89
CA LYS A 94 14.82 12.92 4.47
C LYS A 94 13.91 12.64 5.67
N SER A 95 12.78 13.30 5.75
CA SER A 95 11.84 13.10 6.89
C SER A 95 10.43 12.84 6.35
N MET A 96 9.88 11.69 6.61
CA MET A 96 8.51 11.37 6.11
C MET A 96 7.48 12.09 6.99
N GLY A 97 7.90 12.65 8.09
CA GLY A 97 6.95 13.36 9.00
C GLY A 97 6.54 12.42 10.15
N GLY A 98 6.32 11.16 9.85
CA GLY A 98 5.92 10.19 10.90
C GLY A 98 4.77 9.31 10.39
N ASN A 99 4.60 9.23 9.10
CA ASN A 99 3.49 8.39 8.54
C ASN A 99 2.15 8.78 9.19
N LYS A 100 2.16 9.80 10.01
CA LYS A 100 0.89 10.25 10.68
C LYS A 100 0.00 9.04 11.02
N HIS A 101 -1.24 9.07 10.63
CA HIS A 101 -2.15 7.91 10.90
C HIS A 101 -2.09 6.95 9.73
N CYS A 102 -1.63 7.41 8.59
CA CYS A 102 -1.55 6.55 7.39
C CYS A 102 -0.46 7.09 6.45
N ALA A 103 0.26 6.21 5.80
CA ALA A 103 1.35 6.65 4.87
C ALA A 103 0.95 6.36 3.42
N GLU A 104 1.55 7.06 2.50
CA GLU A 104 1.23 6.84 1.05
C GLU A 104 2.49 7.07 0.22
N MET A 105 2.40 6.85 -1.07
CA MET A 105 3.60 7.04 -1.96
C MET A 105 3.17 7.85 -3.20
N SER A 106 3.91 8.87 -3.52
CA SER A 106 3.55 9.70 -4.71
C SER A 106 3.93 8.94 -5.99
N SER A 107 2.98 8.27 -6.59
CA SER A 107 3.29 7.52 -7.84
C SER A 107 3.79 8.49 -8.90
N ASN A 108 3.46 9.75 -8.79
CA ASN A 108 3.93 10.75 -9.79
C ASN A 108 5.44 10.95 -9.64
N ASN A 109 5.95 10.85 -8.44
CA ASN A 109 7.41 11.03 -8.24
C ASN A 109 8.15 9.76 -8.69
N ASN A 110 8.99 9.88 -9.69
CA ASN A 110 9.73 8.68 -10.17
C ASN A 110 10.63 8.15 -9.05
N PHE A 111 10.91 8.96 -8.07
CA PHE A 111 11.78 8.50 -6.95
C PHE A 111 10.94 7.75 -5.92
N LEU A 112 9.65 7.66 -6.14
CA LEU A 112 8.78 6.95 -5.17
C LEU A 112 9.05 7.45 -3.75
N THR A 113 9.02 8.74 -3.56
CA THR A 113 9.29 9.29 -2.20
C THR A 113 8.12 8.94 -1.27
N TRP A 114 8.38 8.81 0.00
CA TRP A 114 7.29 8.47 0.95
C TRP A 114 6.62 9.76 1.44
N SER A 115 5.38 9.69 1.83
CA SER A 115 4.67 10.92 2.31
C SER A 115 3.64 10.53 3.38
N SER A 116 3.66 11.17 4.51
CA SER A 116 2.69 10.83 5.58
C SER A 116 1.39 11.62 5.35
N ASN A 117 0.26 11.03 5.64
CA ASN A 117 -1.04 11.73 5.43
C ASN A 117 -2.07 11.16 6.39
N GLU A 118 -3.14 11.88 6.66
CA GLU A 118 -4.18 11.36 7.58
C GLU A 118 -4.90 10.19 6.91
N CYS A 119 -5.53 9.35 7.69
CA CYS A 119 -6.23 8.17 7.12
C CYS A 119 -7.57 8.57 6.51
N ASN A 120 -8.03 9.77 6.77
CA ASN A 120 -9.34 10.21 6.21
C ASN A 120 -9.16 10.79 4.80
N LYS A 121 -7.94 10.95 4.35
CA LYS A 121 -7.73 11.49 2.98
C LYS A 121 -8.17 10.44 1.97
N ARG A 122 -9.39 10.53 1.50
CA ARG A 122 -9.89 9.52 0.52
C ARG A 122 -9.12 9.61 -0.80
N GLN A 123 -8.46 8.53 -1.16
CA GLN A 123 -7.68 8.49 -2.43
C GLN A 123 -7.67 7.06 -2.98
N HIS A 124 -6.94 6.82 -4.04
CA HIS A 124 -6.89 5.43 -4.62
C HIS A 124 -6.35 4.46 -3.57
N PHE A 125 -6.47 3.18 -3.82
CA PHE A 125 -5.96 2.18 -2.83
C PHE A 125 -5.69 0.84 -3.52
N LEU A 126 -4.78 0.07 -2.98
CA LEU A 126 -4.45 -1.26 -3.60
C LEU A 126 -5.02 -2.38 -2.71
N CYS A 127 -5.56 -3.40 -3.31
CA CYS A 127 -6.15 -4.54 -2.52
C CYS A 127 -5.30 -5.79 -2.76
N LYS A 128 -5.02 -6.54 -1.73
CA LYS A 128 -4.20 -7.79 -1.87
C LYS A 128 -5.03 -8.99 -1.42
N TYR A 129 -4.77 -10.15 -1.97
CA TYR A 129 -5.54 -11.37 -1.59
C TYR A 129 -4.58 -12.53 -1.32
N ARG A 130 -4.82 -13.28 -0.27
CA ARG A 130 -3.93 -14.43 0.07
C ARG A 130 -4.81 -15.67 0.34
N PRO A 131 -4.46 -16.83 -0.18
CA PRO A 131 -5.26 -18.07 0.05
C PRO A 131 -5.06 -18.64 1.46
N GLN A 1 -17.82 -10.03 -8.47
CA GLN A 1 -16.48 -10.12 -9.11
C GLN A 1 -15.76 -11.38 -8.62
N SER A 2 -14.65 -11.71 -9.22
CA SER A 2 -13.90 -12.93 -8.78
C SER A 2 -12.50 -12.90 -9.39
N CYS A 3 -11.57 -13.59 -8.77
CA CYS A 3 -10.18 -13.60 -9.32
C CYS A 3 -10.10 -14.59 -10.49
N ALA A 4 -10.29 -14.10 -11.69
CA ALA A 4 -10.23 -15.01 -12.86
C ALA A 4 -10.54 -14.22 -14.15
N PRO A 5 -11.75 -13.71 -14.28
CA PRO A 5 -12.15 -12.93 -15.49
C PRO A 5 -11.32 -11.64 -15.63
N GLY A 6 -10.21 -11.72 -16.31
CA GLY A 6 -9.36 -10.50 -16.49
C GLY A 6 -8.42 -10.33 -15.29
N TRP A 7 -8.55 -11.17 -14.30
CA TRP A 7 -7.66 -11.05 -13.12
C TRP A 7 -6.28 -11.61 -13.45
N PHE A 8 -5.23 -11.03 -12.92
CA PHE A 8 -3.85 -11.53 -13.22
C PHE A 8 -3.35 -12.39 -12.06
N TYR A 9 -2.89 -13.57 -12.35
CA TYR A 9 -2.38 -14.47 -11.26
C TYR A 9 -0.91 -14.14 -11.00
N HIS A 10 -0.62 -13.47 -9.92
CA HIS A 10 0.80 -13.11 -9.58
C HIS A 10 1.19 -13.71 -8.24
N LYS A 11 2.39 -14.19 -8.11
CA LYS A 11 2.84 -14.78 -6.82
C LYS A 11 1.82 -15.83 -6.35
N SER A 12 1.21 -16.51 -7.26
CA SER A 12 0.23 -17.57 -6.89
C SER A 12 -0.93 -16.96 -6.08
N ASN A 13 -0.96 -15.66 -5.94
CA ASN A 13 -2.09 -15.02 -5.18
C ASN A 13 -2.84 -14.05 -6.10
N CYS A 14 -3.99 -13.58 -5.70
CA CYS A 14 -4.78 -12.66 -6.56
C CYS A 14 -4.69 -11.23 -6.02
N TYR A 15 -4.29 -10.31 -6.87
CA TYR A 15 -4.17 -8.88 -6.44
C TYR A 15 -4.60 -7.99 -7.61
N GLY A 16 -5.09 -6.81 -7.33
CA GLY A 16 -5.53 -5.91 -8.44
C GLY A 16 -5.54 -4.46 -7.96
N TYR A 17 -5.30 -3.53 -8.84
CA TYR A 17 -5.29 -2.10 -8.47
C TYR A 17 -6.71 -1.52 -8.62
N PHE A 18 -7.06 -0.56 -7.80
CA PHE A 18 -8.41 0.06 -7.90
C PHE A 18 -8.27 1.54 -8.24
N ARG A 19 -8.91 1.97 -9.29
CA ARG A 19 -8.82 3.40 -9.72
C ARG A 19 -10.00 4.18 -9.13
N LYS A 20 -10.10 4.22 -7.82
CA LYS A 20 -11.22 4.96 -7.17
C LYS A 20 -10.66 5.69 -5.95
N LEU A 21 -11.08 6.91 -5.74
CA LEU A 21 -10.57 7.67 -4.56
C LEU A 21 -11.39 7.30 -3.33
N ARG A 22 -10.84 6.49 -2.47
CA ARG A 22 -11.55 6.08 -1.22
C ARG A 22 -10.60 6.27 -0.03
N ASN A 23 -11.09 6.76 1.08
CA ASN A 23 -10.21 6.95 2.26
C ASN A 23 -9.69 5.59 2.72
N TRP A 24 -8.53 5.55 3.31
CA TRP A 24 -7.95 4.26 3.79
C TRP A 24 -8.99 3.50 4.63
N SER A 25 -9.86 4.20 5.30
CA SER A 25 -10.88 3.51 6.14
C SER A 25 -11.88 2.80 5.23
N ASP A 26 -12.32 3.46 4.19
CA ASP A 26 -13.28 2.81 3.26
C ASP A 26 -12.52 1.88 2.33
N ALA A 27 -11.27 2.14 2.13
CA ALA A 27 -10.44 1.28 1.23
C ALA A 27 -10.17 -0.06 1.93
N GLU A 28 -9.67 -0.02 3.13
CA GLU A 28 -9.37 -1.28 3.86
C GLU A 28 -10.66 -2.06 4.09
N LEU A 29 -11.66 -1.42 4.62
CA LEU A 29 -12.96 -2.12 4.87
C LEU A 29 -13.45 -2.75 3.56
N GLU A 30 -13.21 -2.11 2.46
CA GLU A 30 -13.66 -2.66 1.15
C GLU A 30 -12.91 -3.96 0.85
N CYS A 31 -11.79 -4.18 1.49
CA CYS A 31 -11.01 -5.43 1.24
C CYS A 31 -11.39 -6.51 2.26
N GLN A 32 -11.09 -6.30 3.52
CA GLN A 32 -11.44 -7.33 4.54
C GLN A 32 -12.92 -7.72 4.38
N SER A 33 -13.67 -6.98 3.62
CA SER A 33 -15.10 -7.31 3.43
C SER A 33 -15.22 -8.75 2.90
N TYR A 34 -14.21 -9.23 2.25
CA TYR A 34 -14.28 -10.63 1.71
C TYR A 34 -13.96 -11.61 2.84
N GLY A 35 -13.49 -11.12 3.96
CA GLY A 35 -13.16 -12.01 5.10
C GLY A 35 -12.13 -13.06 4.67
N ASN A 36 -11.69 -13.01 3.44
CA ASN A 36 -10.68 -13.99 2.98
C ASN A 36 -9.29 -13.48 3.37
N GLY A 37 -9.27 -12.50 4.24
CA GLY A 37 -7.95 -11.94 4.68
C GLY A 37 -7.53 -10.87 3.68
N ALA A 38 -8.46 -10.38 2.90
CA ALA A 38 -8.13 -9.34 1.89
C ALA A 38 -7.76 -8.04 2.61
N HIS A 39 -6.70 -7.41 2.19
CA HIS A 39 -6.28 -6.14 2.85
C HIS A 39 -5.38 -5.34 1.88
N LEU A 40 -5.02 -4.14 2.25
CA LEU A 40 -4.15 -3.33 1.37
C LEU A 40 -2.81 -4.03 1.19
N ALA A 41 -2.13 -3.79 0.10
CA ALA A 41 -0.81 -4.46 -0.15
C ALA A 41 0.04 -4.43 1.13
N SER A 42 0.99 -5.32 1.23
CA SER A 42 1.86 -5.35 2.44
C SER A 42 3.27 -5.82 2.03
N ILE A 43 4.27 -5.01 2.26
CA ILE A 43 5.66 -5.40 1.87
C ILE A 43 6.65 -4.96 2.96
N LEU A 44 7.62 -5.80 3.24
CA LEU A 44 8.65 -5.47 4.27
C LEU A 44 9.97 -5.15 3.57
N SER A 45 10.18 -5.70 2.39
CA SER A 45 11.45 -5.43 1.64
C SER A 45 11.16 -4.51 0.45
N LEU A 46 12.05 -3.58 0.19
CA LEU A 46 11.83 -2.65 -0.95
C LEU A 46 12.02 -3.37 -2.29
N LYS A 47 12.74 -4.46 -2.29
CA LYS A 47 12.96 -5.19 -3.58
C LYS A 47 11.62 -5.54 -4.21
N GLU A 48 10.68 -5.99 -3.42
CA GLU A 48 9.34 -6.34 -3.98
C GLU A 48 8.60 -5.06 -4.35
N ALA A 49 8.61 -4.08 -3.49
CA ALA A 49 7.89 -2.81 -3.78
C ALA A 49 8.43 -2.21 -5.08
N SER A 50 9.69 -2.38 -5.36
CA SER A 50 10.27 -1.81 -6.60
C SER A 50 9.68 -2.54 -7.82
N THR A 51 9.36 -3.79 -7.68
CA THR A 51 8.80 -4.55 -8.83
C THR A 51 7.31 -4.22 -9.00
N ILE A 52 6.55 -4.27 -7.93
CA ILE A 52 5.11 -3.96 -8.06
C ILE A 52 4.92 -2.47 -8.36
N ALA A 53 5.65 -1.63 -7.70
CA ALA A 53 5.51 -0.16 -7.95
C ALA A 53 5.75 0.16 -9.41
N GLU A 54 6.76 -0.39 -10.01
CA GLU A 54 7.03 -0.09 -11.43
C GLU A 54 5.79 -0.46 -12.24
N TYR A 55 5.04 -1.42 -11.78
CA TYR A 55 3.81 -1.83 -12.52
C TYR A 55 2.62 -0.93 -12.13
N ILE A 56 2.28 -0.88 -10.87
CA ILE A 56 1.12 -0.04 -10.44
C ILE A 56 1.53 1.43 -10.28
N SER A 57 2.79 1.76 -10.47
CA SER A 57 3.24 3.18 -10.32
C SER A 57 2.18 4.13 -10.88
N GLY A 58 1.63 3.82 -12.02
CA GLY A 58 0.57 4.70 -12.61
C GLY A 58 1.16 6.04 -13.04
N TYR A 59 2.45 6.15 -13.17
CA TYR A 59 3.05 7.44 -13.60
C TYR A 59 2.40 7.90 -14.90
N GLN A 60 1.56 7.09 -15.48
CA GLN A 60 0.90 7.47 -16.76
C GLN A 60 -0.33 8.33 -16.47
N ARG A 61 -0.89 8.24 -15.29
CA ARG A 61 -2.08 9.05 -14.96
C ARG A 61 -2.43 8.87 -13.47
N SER A 62 -2.12 7.73 -12.93
CA SER A 62 -2.43 7.48 -11.48
C SER A 62 -1.16 7.69 -10.65
N GLN A 63 -1.14 8.73 -9.85
CA GLN A 63 0.07 9.02 -9.00
C GLN A 63 -0.22 8.68 -7.53
N SER A 64 0.69 7.99 -6.90
CA SER A 64 0.51 7.65 -5.46
C SER A 64 -0.58 6.59 -5.27
N ILE A 65 -0.26 5.54 -4.57
CA ILE A 65 -1.25 4.45 -4.30
C ILE A 65 -1.10 4.04 -2.84
N TRP A 66 -2.18 3.77 -2.15
CA TRP A 66 -2.05 3.40 -0.72
C TRP A 66 -1.56 1.95 -0.57
N ILE A 67 -0.98 1.64 0.56
CA ILE A 67 -0.47 0.27 0.83
C ILE A 67 -0.86 -0.10 2.27
N GLY A 68 -0.57 -1.29 2.70
CA GLY A 68 -0.96 -1.68 4.10
C GLY A 68 0.10 -1.21 5.10
N LEU A 69 0.31 0.08 5.20
CA LEU A 69 1.30 0.65 6.17
C LEU A 69 0.57 1.67 7.03
N HIS A 70 0.51 1.46 8.32
CA HIS A 70 -0.21 2.44 9.20
C HIS A 70 0.38 2.43 10.61
N ASP A 71 -0.03 3.36 11.42
CA ASP A 71 0.48 3.42 12.82
C ASP A 71 -0.41 2.53 13.72
N PRO A 72 0.14 2.00 14.79
CA PRO A 72 -0.63 1.12 15.73
C PRO A 72 -1.69 1.89 16.51
N GLN A 73 -1.37 2.32 17.70
CA GLN A 73 -2.34 3.08 18.56
C GLN A 73 -1.75 4.45 18.88
N LYS A 74 -1.21 5.11 17.89
CA LYS A 74 -0.59 6.45 18.11
C LYS A 74 0.67 6.28 18.97
N ARG A 75 1.42 5.26 18.71
CA ARG A 75 2.67 5.01 19.50
C ARG A 75 3.86 5.55 18.69
N GLN A 76 3.57 6.23 17.61
CA GLN A 76 4.65 6.80 16.75
C GLN A 76 5.50 5.66 16.17
N GLN A 77 4.85 4.65 15.63
CA GLN A 77 5.58 3.51 15.04
C GLN A 77 4.91 3.14 13.72
N TRP A 78 5.67 2.90 12.70
CA TRP A 78 5.09 2.53 11.38
C TRP A 78 5.23 1.01 11.18
N GLN A 79 4.13 0.31 11.07
CA GLN A 79 4.19 -1.18 10.88
C GLN A 79 3.13 -1.60 9.86
N TRP A 80 3.29 -2.76 9.29
CA TRP A 80 2.31 -3.25 8.28
C TRP A 80 1.29 -4.17 8.94
N ILE A 81 0.36 -4.66 8.18
CA ILE A 81 -0.69 -5.57 8.74
C ILE A 81 -0.04 -6.75 9.48
N ASP A 82 0.78 -7.52 8.81
CA ASP A 82 1.42 -8.68 9.48
C ASP A 82 2.25 -8.21 10.68
N GLY A 83 2.26 -6.93 10.93
CA GLY A 83 3.06 -6.41 12.06
C GLY A 83 4.51 -6.35 11.63
N ALA A 84 4.75 -6.51 10.35
CA ALA A 84 6.15 -6.48 9.85
C ALA A 84 6.80 -5.17 10.29
N MET A 85 8.10 -5.18 10.53
CA MET A 85 8.79 -3.93 10.98
C MET A 85 9.91 -3.56 10.00
N TYR A 86 9.72 -2.52 9.22
CA TYR A 86 10.77 -2.09 8.26
C TYR A 86 11.83 -1.28 9.04
N LEU A 87 13.07 -1.69 8.96
CA LEU A 87 14.17 -0.97 9.69
C LEU A 87 15.11 -0.34 8.66
N TYR A 88 15.72 0.75 9.00
CA TYR A 88 16.63 1.42 8.03
C TYR A 88 15.89 1.65 6.72
N ARG A 89 14.86 2.44 6.75
CA ARG A 89 14.07 2.69 5.51
C ARG A 89 14.74 3.80 4.69
N SER A 90 14.26 4.04 3.50
CA SER A 90 14.87 5.09 2.65
C SER A 90 14.56 6.47 3.25
N TRP A 91 15.56 7.25 3.57
CA TRP A 91 15.31 8.60 4.15
C TRP A 91 16.47 9.52 3.80
N SER A 92 16.27 10.40 2.86
CA SER A 92 17.36 11.35 2.47
C SER A 92 16.78 12.48 1.64
N GLY A 93 16.76 13.67 2.19
CA GLY A 93 16.20 14.84 1.43
C GLY A 93 14.70 14.94 1.69
N LYS A 94 14.18 14.14 2.57
CA LYS A 94 12.72 14.18 2.87
C LYS A 94 12.49 13.81 4.34
N SER A 95 11.27 13.86 4.80
CA SER A 95 10.98 13.52 6.23
C SER A 95 9.63 12.82 6.32
N MET A 96 9.60 11.64 6.86
CA MET A 96 8.31 10.89 6.97
C MET A 96 7.47 11.52 8.08
N GLY A 97 8.10 12.10 9.07
CA GLY A 97 7.35 12.73 10.19
C GLY A 97 6.90 11.64 11.16
N GLY A 98 6.11 10.70 10.71
CA GLY A 98 5.65 9.61 11.62
C GLY A 98 4.50 8.84 10.97
N ASN A 99 4.46 8.81 9.66
CA ASN A 99 3.36 8.07 8.97
C ASN A 99 2.00 8.47 9.57
N LYS A 100 1.98 9.49 10.39
CA LYS A 100 0.70 9.95 11.02
C LYS A 100 -0.23 8.77 11.32
N HIS A 101 -1.41 8.76 10.77
CA HIS A 101 -2.34 7.63 11.02
C HIS A 101 -2.23 6.64 9.84
N CYS A 102 -1.70 7.09 8.75
CA CYS A 102 -1.55 6.20 7.55
C CYS A 102 -0.33 6.66 6.74
N ALA A 103 0.12 5.85 5.81
CA ALA A 103 1.31 6.22 4.98
C ALA A 103 1.05 5.89 3.51
N GLU A 104 1.82 6.46 2.62
CA GLU A 104 1.63 6.19 1.17
C GLU A 104 2.98 6.37 0.46
N MET A 105 3.02 6.10 -0.83
CA MET A 105 4.31 6.25 -1.58
C MET A 105 4.02 6.92 -2.93
N SER A 106 4.60 8.06 -3.18
CA SER A 106 4.38 8.76 -4.47
C SER A 106 5.41 8.28 -5.50
N SER A 107 4.95 7.75 -6.60
CA SER A 107 5.91 7.27 -7.64
C SER A 107 6.64 8.46 -8.26
N ASN A 108 6.25 9.65 -7.91
CA ASN A 108 6.93 10.85 -8.48
C ASN A 108 8.35 10.95 -7.93
N ASN A 109 8.59 10.40 -6.76
CA ASN A 109 9.96 10.47 -6.18
C ASN A 109 10.84 9.39 -6.83
N ASN A 110 11.90 9.79 -7.46
CA ASN A 110 12.80 8.79 -8.12
C ASN A 110 13.27 7.77 -7.07
N PHE A 111 13.45 8.20 -5.85
CA PHE A 111 13.89 7.26 -4.78
C PHE A 111 12.68 6.57 -4.17
N LEU A 112 11.52 6.78 -4.71
CA LEU A 112 10.30 6.14 -4.16
C LEU A 112 10.23 6.42 -2.66
N THR A 113 10.35 7.65 -2.26
CA THR A 113 10.30 7.98 -0.81
C THR A 113 8.86 7.85 -0.30
N TRP A 114 8.69 7.46 0.92
CA TRP A 114 7.31 7.32 1.49
C TRP A 114 6.85 8.66 2.06
N SER A 115 5.57 8.81 2.30
CA SER A 115 5.05 10.09 2.86
C SER A 115 3.91 9.79 3.84
N SER A 116 3.76 10.59 4.85
CA SER A 116 2.68 10.35 5.84
C SER A 116 1.38 11.00 5.36
N ASN A 117 0.25 10.43 5.72
CA ASN A 117 -1.05 11.01 5.27
C ASN A 117 -2.13 10.63 6.30
N GLU A 118 -3.15 11.43 6.44
CA GLU A 118 -4.22 11.10 7.40
C GLU A 118 -5.11 10.01 6.79
N CYS A 119 -5.55 9.08 7.58
CA CYS A 119 -6.41 7.98 7.04
C CYS A 119 -7.79 8.54 6.65
N ASN A 120 -7.83 9.73 6.12
CA ASN A 120 -9.14 10.34 5.72
C ASN A 120 -9.03 11.00 4.34
N LYS A 121 -7.92 10.84 3.67
CA LYS A 121 -7.76 11.46 2.33
C LYS A 121 -8.21 10.46 1.26
N ARG A 122 -9.32 10.71 0.61
CA ARG A 122 -9.81 9.76 -0.43
C ARG A 122 -8.80 9.72 -1.58
N GLN A 123 -8.14 8.61 -1.77
CA GLN A 123 -7.14 8.49 -2.88
C GLN A 123 -7.13 7.06 -3.42
N HIS A 124 -6.56 6.86 -4.59
CA HIS A 124 -6.52 5.49 -5.17
C HIS A 124 -5.90 4.52 -4.16
N PHE A 125 -6.12 3.24 -4.33
CA PHE A 125 -5.54 2.26 -3.37
C PHE A 125 -5.51 0.86 -4.00
N LEU A 126 -4.56 0.05 -3.64
CA LEU A 126 -4.46 -1.33 -4.21
C LEU A 126 -4.87 -2.34 -3.13
N CYS A 127 -5.53 -3.40 -3.53
CA CYS A 127 -5.98 -4.44 -2.54
C CYS A 127 -5.24 -5.75 -2.83
N LYS A 128 -5.14 -6.62 -1.85
CA LYS A 128 -4.44 -7.92 -2.05
C LYS A 128 -5.31 -9.05 -1.48
N TYR A 129 -5.19 -10.23 -2.04
CA TYR A 129 -5.99 -11.40 -1.55
C TYR A 129 -5.08 -12.61 -1.39
N ARG A 130 -5.26 -13.35 -0.32
CA ARG A 130 -4.40 -14.57 -0.08
C ARG A 130 -5.33 -15.75 0.29
N PRO A 131 -5.47 -16.74 -0.57
CA PRO A 131 -6.34 -17.91 -0.27
C PRO A 131 -5.62 -18.98 0.57
N GLN A 1 -14.05 -15.61 -9.72
CA GLN A 1 -13.72 -16.89 -9.04
C GLN A 1 -12.30 -17.31 -9.42
N SER A 2 -11.99 -17.35 -10.68
CA SER A 2 -10.61 -17.75 -11.10
C SER A 2 -9.68 -16.56 -10.96
N CYS A 3 -8.48 -16.66 -11.47
CA CYS A 3 -7.51 -15.53 -11.36
C CYS A 3 -6.37 -15.74 -12.36
N ALA A 4 -6.62 -15.46 -13.61
CA ALA A 4 -5.55 -15.64 -14.63
C ALA A 4 -5.95 -14.93 -15.94
N PRO A 5 -7.02 -15.36 -16.58
CA PRO A 5 -7.50 -14.72 -17.86
C PRO A 5 -7.97 -13.28 -17.62
N GLY A 6 -7.08 -12.42 -17.19
CA GLY A 6 -7.47 -11.00 -16.94
C GLY A 6 -6.75 -10.50 -15.69
N TRP A 7 -6.83 -11.25 -14.62
CA TRP A 7 -6.16 -10.83 -13.36
C TRP A 7 -4.67 -11.21 -13.43
N PHE A 8 -3.80 -10.40 -12.88
CA PHE A 8 -2.34 -10.72 -12.92
C PHE A 8 -1.98 -11.63 -11.77
N TYR A 9 -1.53 -12.82 -12.06
CA TYR A 9 -1.14 -13.79 -10.98
C TYR A 9 0.37 -13.67 -10.73
N HIS A 10 0.76 -13.11 -9.60
CA HIS A 10 2.21 -12.97 -9.28
C HIS A 10 2.52 -13.70 -7.98
N LYS A 11 3.64 -14.38 -7.92
CA LYS A 11 4.01 -15.11 -6.68
C LYS A 11 2.81 -15.92 -6.16
N SER A 12 2.00 -16.38 -7.05
CA SER A 12 0.82 -17.21 -6.65
C SER A 12 -0.23 -16.36 -5.91
N ASN A 13 -0.03 -15.06 -5.82
CA ASN A 13 -1.04 -14.20 -5.12
C ASN A 13 -1.72 -13.30 -6.16
N CYS A 14 -2.95 -12.93 -5.91
CA CYS A 14 -3.70 -12.07 -6.87
C CYS A 14 -3.84 -10.65 -6.30
N TYR A 15 -3.47 -9.66 -7.06
CA TYR A 15 -3.58 -8.25 -6.59
C TYR A 15 -3.99 -7.36 -7.76
N GLY A 16 -4.64 -6.26 -7.50
CA GLY A 16 -5.07 -5.36 -8.60
C GLY A 16 -5.17 -3.92 -8.08
N TYR A 17 -4.89 -2.96 -8.92
CA TYR A 17 -4.97 -1.53 -8.49
C TYR A 17 -6.40 -1.03 -8.68
N PHE A 18 -6.82 -0.10 -7.87
CA PHE A 18 -8.21 0.46 -8.00
C PHE A 18 -8.13 1.97 -8.19
N ARG A 19 -8.78 2.49 -9.19
CA ARG A 19 -8.76 3.96 -9.45
C ARG A 19 -10.01 4.59 -8.82
N LYS A 20 -10.16 4.44 -7.53
CA LYS A 20 -11.36 5.03 -6.83
C LYS A 20 -10.87 5.82 -5.62
N LEU A 21 -11.49 6.92 -5.32
CA LEU A 21 -11.07 7.74 -4.15
C LEU A 21 -11.78 7.24 -2.90
N ARG A 22 -11.08 6.55 -2.05
CA ARG A 22 -11.70 6.02 -0.79
C ARG A 22 -10.71 6.16 0.36
N ASN A 23 -11.17 6.64 1.50
CA ASN A 23 -10.26 6.78 2.68
C ASN A 23 -9.67 5.42 3.04
N TRP A 24 -8.50 5.43 3.63
CA TRP A 24 -7.84 4.15 4.01
C TRP A 24 -8.77 3.31 4.89
N SER A 25 -9.63 3.93 5.65
CA SER A 25 -10.55 3.15 6.52
C SER A 25 -11.57 2.41 5.66
N ASP A 26 -12.13 3.09 4.69
CA ASP A 26 -13.12 2.42 3.81
C ASP A 26 -12.38 1.57 2.77
N ALA A 27 -11.15 1.92 2.50
CA ALA A 27 -10.36 1.14 1.50
C ALA A 27 -9.99 -0.22 2.10
N GLU A 28 -9.39 -0.21 3.26
CA GLU A 28 -9.00 -1.49 3.91
C GLU A 28 -10.25 -2.28 4.27
N LEU A 29 -11.26 -1.62 4.78
CA LEU A 29 -12.50 -2.33 5.15
C LEU A 29 -13.13 -2.94 3.90
N GLU A 30 -13.02 -2.27 2.78
CA GLU A 30 -13.61 -2.81 1.52
C GLU A 30 -12.87 -4.07 1.09
N CYS A 31 -11.63 -4.20 1.45
CA CYS A 31 -10.86 -5.42 1.05
C CYS A 31 -11.20 -6.58 1.97
N GLN A 32 -10.90 -6.46 3.24
CA GLN A 32 -11.20 -7.56 4.20
C GLN A 32 -12.66 -8.01 4.01
N SER A 33 -13.43 -7.25 3.29
CA SER A 33 -14.86 -7.64 3.08
C SER A 33 -14.92 -9.03 2.46
N TYR A 34 -13.88 -9.43 1.76
CA TYR A 34 -13.88 -10.78 1.14
C TYR A 34 -13.57 -11.83 2.21
N GLY A 35 -13.14 -11.40 3.37
CA GLY A 35 -12.83 -12.35 4.47
C GLY A 35 -11.72 -13.33 4.02
N ASN A 36 -11.26 -13.20 2.81
CA ASN A 36 -10.18 -14.09 2.31
C ASN A 36 -8.85 -13.53 2.78
N GLY A 37 -8.89 -12.59 3.69
CA GLY A 37 -7.64 -11.97 4.19
C GLY A 37 -7.23 -10.86 3.22
N ALA A 38 -8.16 -10.39 2.45
CA ALA A 38 -7.85 -9.31 1.47
C ALA A 38 -7.51 -8.03 2.24
N HIS A 39 -6.44 -7.38 1.87
CA HIS A 39 -6.06 -6.12 2.58
C HIS A 39 -5.14 -5.28 1.67
N LEU A 40 -4.79 -4.10 2.11
CA LEU A 40 -3.90 -3.23 1.29
C LEU A 40 -2.55 -3.92 1.10
N ALA A 41 -1.87 -3.60 0.03
CA ALA A 41 -0.55 -4.24 -0.25
C ALA A 41 0.28 -4.37 1.04
N SER A 42 0.98 -5.46 1.19
CA SER A 42 1.83 -5.67 2.41
C SER A 42 3.26 -5.96 1.96
N ILE A 43 4.21 -5.11 2.34
CA ILE A 43 5.63 -5.31 1.93
C ILE A 43 6.52 -5.47 3.17
N LEU A 44 7.22 -6.57 3.27
CA LEU A 44 8.14 -6.79 4.42
C LEU A 44 9.58 -6.65 3.90
N SER A 45 9.74 -6.70 2.60
CA SER A 45 11.10 -6.55 2.01
C SER A 45 11.00 -5.73 0.72
N LEU A 46 12.04 -5.02 0.37
CA LEU A 46 11.99 -4.20 -0.88
C LEU A 46 11.98 -5.09 -2.12
N LYS A 47 12.43 -6.31 -2.00
CA LYS A 47 12.45 -7.21 -3.18
C LYS A 47 11.04 -7.33 -3.76
N GLU A 48 10.05 -7.46 -2.93
CA GLU A 48 8.66 -7.59 -3.45
C GLU A 48 8.19 -6.24 -4.00
N ALA A 49 8.33 -5.21 -3.23
CA ALA A 49 7.89 -3.85 -3.70
C ALA A 49 8.63 -3.48 -4.99
N SER A 50 9.84 -3.92 -5.14
CA SER A 50 10.61 -3.58 -6.38
C SER A 50 9.89 -4.13 -7.62
N THR A 51 9.36 -5.31 -7.56
CA THR A 51 8.68 -5.88 -8.75
C THR A 51 7.29 -5.28 -8.90
N ILE A 52 6.50 -5.26 -7.86
CA ILE A 52 5.13 -4.68 -7.97
C ILE A 52 5.24 -3.20 -8.31
N ALA A 53 6.14 -2.50 -7.66
CA ALA A 53 6.30 -1.05 -7.94
C ALA A 53 6.56 -0.83 -9.43
N GLU A 54 7.35 -1.68 -10.03
CA GLU A 54 7.62 -1.50 -11.48
C GLU A 54 6.30 -1.49 -12.22
N TYR A 55 5.31 -2.17 -11.68
CA TYR A 55 3.97 -2.20 -12.35
C TYR A 55 3.10 -1.04 -11.84
N ILE A 56 2.90 -0.95 -10.54
CA ILE A 56 2.04 0.15 -9.99
C ILE A 56 2.82 1.47 -9.85
N SER A 57 4.07 1.48 -10.27
CA SER A 57 4.90 2.74 -10.15
C SER A 57 4.05 3.96 -10.51
N GLY A 58 2.96 3.77 -11.22
CA GLY A 58 2.09 4.93 -11.57
C GLY A 58 2.61 5.63 -12.82
N TYR A 59 3.80 5.31 -13.25
CA TYR A 59 4.35 5.97 -14.47
C TYR A 59 3.37 5.75 -15.63
N GLN A 60 2.34 4.97 -15.43
CA GLN A 60 1.36 4.72 -16.53
C GLN A 60 0.21 5.72 -16.46
N ARG A 61 -0.05 6.29 -15.30
CA ARG A 61 -1.15 7.29 -15.13
C ARG A 61 -1.63 7.26 -13.66
N SER A 62 -1.70 6.10 -13.08
CA SER A 62 -2.17 6.01 -11.67
C SER A 62 -1.24 6.83 -10.77
N GLN A 63 -1.74 7.91 -10.20
CA GLN A 63 -0.90 8.77 -9.32
C GLN A 63 -1.29 8.56 -7.85
N SER A 64 -0.32 8.50 -6.98
CA SER A 64 -0.62 8.32 -5.52
C SER A 64 -1.41 7.03 -5.28
N ILE A 65 -0.90 6.16 -4.43
CA ILE A 65 -1.61 4.88 -4.12
C ILE A 65 -1.34 4.52 -2.67
N TRP A 66 -2.34 4.04 -1.97
CA TRP A 66 -2.14 3.67 -0.53
C TRP A 66 -1.59 2.25 -0.43
N ILE A 67 -0.97 1.96 0.69
CA ILE A 67 -0.39 0.60 0.93
C ILE A 67 -0.78 0.18 2.36
N GLY A 68 -0.45 -1.01 2.77
CA GLY A 68 -0.83 -1.44 4.15
C GLY A 68 0.18 -0.94 5.17
N LEU A 69 0.34 0.36 5.29
CA LEU A 69 1.30 0.93 6.30
C LEU A 69 0.53 1.92 7.18
N HIS A 70 0.48 1.70 8.45
CA HIS A 70 -0.27 2.63 9.36
C HIS A 70 0.35 2.63 10.75
N ASP A 71 -0.07 3.54 11.59
CA ASP A 71 0.48 3.60 12.97
C ASP A 71 -0.37 2.73 13.90
N PRO A 72 0.21 2.18 14.95
CA PRO A 72 -0.54 1.32 15.91
C PRO A 72 -1.53 2.13 16.77
N GLN A 73 -1.08 2.57 17.92
CA GLN A 73 -1.96 3.37 18.84
C GLN A 73 -1.29 4.71 19.11
N LYS A 74 -0.78 5.35 18.09
CA LYS A 74 -0.10 6.66 18.27
C LYS A 74 1.21 6.43 19.04
N ARG A 75 1.90 5.35 18.75
CA ARG A 75 3.18 5.05 19.45
C ARG A 75 4.34 5.49 18.54
N GLN A 76 4.03 6.13 17.45
CA GLN A 76 5.08 6.60 16.51
C GLN A 76 5.85 5.39 15.95
N GLN A 77 5.14 4.43 15.41
CA GLN A 77 5.79 3.23 14.83
C GLN A 77 5.11 2.91 13.50
N TRP A 78 5.88 2.59 12.50
CA TRP A 78 5.31 2.26 11.17
C TRP A 78 5.31 0.74 11.00
N GLN A 79 4.16 0.14 10.97
CA GLN A 79 4.08 -1.34 10.81
C GLN A 79 2.91 -1.67 9.88
N TRP A 80 2.88 -2.88 9.38
CA TRP A 80 1.79 -3.29 8.45
C TRP A 80 0.72 -4.06 9.21
N ILE A 81 -0.32 -4.46 8.53
CA ILE A 81 -1.42 -5.20 9.19
C ILE A 81 -0.89 -6.41 9.95
N ASP A 82 -0.21 -7.30 9.29
CA ASP A 82 0.32 -8.51 9.98
C ASP A 82 1.33 -8.09 11.03
N GLY A 83 1.51 -6.82 11.23
CA GLY A 83 2.51 -6.37 12.24
C GLY A 83 3.89 -6.58 11.66
N ALA A 84 3.96 -6.80 10.38
CA ALA A 84 5.28 -7.04 9.72
C ALA A 84 6.28 -5.98 10.20
N MET A 85 7.52 -6.36 10.37
CA MET A 85 8.55 -5.39 10.86
C MET A 85 9.67 -5.24 9.82
N TYR A 86 9.71 -4.12 9.16
CA TYR A 86 10.79 -3.89 8.15
C TYR A 86 12.13 -3.80 8.89
N LEU A 87 13.13 -4.48 8.42
CA LEU A 87 14.46 -4.43 9.11
C LEU A 87 15.31 -3.29 8.55
N TYR A 88 15.34 -2.18 9.24
CA TYR A 88 16.15 -1.03 8.76
C TYR A 88 15.72 -0.65 7.35
N ARG A 89 14.76 0.21 7.23
CA ARG A 89 14.30 0.63 5.87
C ARG A 89 15.21 1.75 5.37
N SER A 90 15.17 2.05 4.10
CA SER A 90 16.04 3.13 3.56
C SER A 90 15.68 4.45 4.26
N TRP A 91 16.56 4.98 5.06
CA TRP A 91 16.25 6.26 5.76
C TRP A 91 17.55 7.00 6.05
N SER A 92 17.84 8.03 5.29
CA SER A 92 19.09 8.80 5.53
C SER A 92 19.03 10.12 4.76
N GLY A 93 18.91 11.22 5.45
CA GLY A 93 18.84 12.54 4.76
C GLY A 93 17.38 12.86 4.42
N LYS A 94 16.47 12.06 4.90
CA LYS A 94 15.04 12.29 4.61
C LYS A 94 14.18 11.76 5.76
N SER A 95 13.02 12.30 5.97
CA SER A 95 12.13 11.84 7.08
C SER A 95 10.70 11.72 6.57
N MET A 96 10.06 10.60 6.81
CA MET A 96 8.66 10.41 6.34
C MET A 96 7.76 11.49 6.96
N GLY A 97 8.32 12.34 7.78
CA GLY A 97 7.50 13.41 8.41
C GLY A 97 6.83 12.87 9.68
N GLY A 98 6.37 11.65 9.64
CA GLY A 98 5.71 11.07 10.85
C GLY A 98 4.67 10.02 10.42
N ASN A 99 4.44 9.87 9.14
CA ASN A 99 3.45 8.88 8.66
C ASN A 99 2.08 9.15 9.28
N LYS A 100 1.98 10.18 10.10
CA LYS A 100 0.67 10.54 10.74
C LYS A 100 -0.11 9.26 11.10
N HIS A 101 -1.33 9.14 10.64
CA HIS A 101 -2.14 7.94 10.96
C HIS A 101 -2.04 6.95 9.79
N CYS A 102 -1.56 7.41 8.66
CA CYS A 102 -1.44 6.52 7.47
C CYS A 102 -0.38 7.10 6.52
N ALA A 103 0.39 6.26 5.88
CA ALA A 103 1.44 6.74 4.94
C ALA A 103 1.05 6.37 3.51
N GLU A 104 1.67 7.02 2.54
CA GLU A 104 1.34 6.72 1.11
C GLU A 104 2.56 7.01 0.24
N MET A 105 2.58 6.50 -0.95
CA MET A 105 3.74 6.75 -1.87
C MET A 105 3.48 8.03 -2.67
N SER A 106 4.37 8.98 -2.59
CA SER A 106 4.16 10.25 -3.35
C SER A 106 4.54 10.03 -4.82
N SER A 107 3.56 9.75 -5.66
CA SER A 107 3.86 9.53 -7.09
C SER A 107 4.32 10.85 -7.72
N ASN A 108 3.86 11.96 -7.21
CA ASN A 108 4.27 13.27 -7.79
C ASN A 108 5.80 13.35 -7.82
N ASN A 109 6.46 12.73 -6.87
CA ASN A 109 7.95 12.77 -6.84
C ASN A 109 8.50 11.76 -7.84
N ASN A 110 9.63 12.04 -8.43
CA ASN A 110 10.22 11.09 -9.41
C ASN A 110 10.89 9.93 -8.66
N PHE A 111 11.45 10.20 -7.51
CA PHE A 111 12.12 9.12 -6.74
C PHE A 111 11.07 8.35 -5.93
N LEU A 112 9.82 8.51 -6.23
CA LEU A 112 8.76 7.78 -5.48
C LEU A 112 8.97 8.00 -3.98
N THR A 113 9.10 9.23 -3.57
CA THR A 113 9.31 9.52 -2.12
C THR A 113 8.02 9.20 -1.35
N TRP A 114 8.15 8.84 -0.10
CA TRP A 114 6.93 8.52 0.71
C TRP A 114 6.39 9.80 1.34
N SER A 115 5.16 9.79 1.76
CA SER A 115 4.57 11.02 2.39
C SER A 115 3.53 10.60 3.44
N SER A 116 3.42 11.34 4.51
CA SER A 116 2.43 11.00 5.56
C SER A 116 1.07 11.59 5.19
N ASN A 117 0.00 10.95 5.57
CA ASN A 117 -1.36 11.47 5.24
C ASN A 117 -2.36 10.98 6.28
N GLU A 118 -3.48 11.63 6.40
CA GLU A 118 -4.50 11.19 7.40
C GLU A 118 -5.29 10.02 6.82
N CYS A 119 -5.68 9.08 7.64
CA CYS A 119 -6.45 7.91 7.14
C CYS A 119 -7.88 8.34 6.78
N ASN A 120 -8.06 9.58 6.38
CA ASN A 120 -9.43 10.08 6.03
C ASN A 120 -9.43 10.64 4.60
N LYS A 121 -8.33 11.16 4.14
CA LYS A 121 -8.28 11.72 2.76
C LYS A 121 -8.60 10.61 1.75
N ARG A 122 -9.74 10.66 1.12
CA ARG A 122 -10.10 9.61 0.13
C ARG A 122 -9.21 9.74 -1.11
N GLN A 123 -8.50 8.69 -1.43
CA GLN A 123 -7.60 8.71 -2.63
C GLN A 123 -7.54 7.31 -3.25
N HIS A 124 -6.74 7.14 -4.26
CA HIS A 124 -6.62 5.79 -4.91
C HIS A 124 -6.08 4.79 -3.88
N PHE A 125 -6.24 3.52 -4.12
CA PHE A 125 -5.73 2.51 -3.17
C PHE A 125 -5.59 1.15 -3.85
N LEU A 126 -4.61 0.36 -3.48
CA LEU A 126 -4.42 -0.98 -4.10
C LEU A 126 -4.84 -2.06 -3.10
N CYS A 127 -5.43 -3.13 -3.57
CA CYS A 127 -5.87 -4.23 -2.68
C CYS A 127 -5.05 -5.49 -2.99
N LYS A 128 -4.95 -6.40 -2.05
CA LYS A 128 -4.18 -7.65 -2.28
C LYS A 128 -5.02 -8.85 -1.86
N TYR A 129 -4.81 -9.99 -2.47
CA TYR A 129 -5.61 -11.20 -2.12
C TYR A 129 -4.68 -12.40 -1.95
N ARG A 130 -4.89 -13.20 -0.94
CA ARG A 130 -4.02 -14.40 -0.71
C ARG A 130 -4.92 -15.63 -0.46
N PRO A 131 -4.63 -16.77 -1.07
CA PRO A 131 -5.46 -17.99 -0.87
C PRO A 131 -5.20 -18.66 0.49
N GLN A 1 -15.00 -9.33 -9.37
CA GLN A 1 -15.57 -10.55 -10.01
C GLN A 1 -14.78 -11.78 -9.55
N SER A 2 -13.63 -12.00 -10.14
CA SER A 2 -12.81 -13.18 -9.73
C SER A 2 -11.37 -12.98 -10.21
N CYS A 3 -10.45 -13.73 -9.67
CA CYS A 3 -9.02 -13.58 -10.09
C CYS A 3 -8.81 -14.28 -11.43
N ALA A 4 -9.09 -13.61 -12.51
CA ALA A 4 -8.90 -14.25 -13.85
C ALA A 4 -9.26 -13.23 -14.95
N PRO A 5 -10.51 -12.81 -15.03
CA PRO A 5 -10.94 -11.82 -16.07
C PRO A 5 -10.21 -10.47 -15.92
N GLY A 6 -9.09 -10.33 -16.56
CA GLY A 6 -8.33 -9.04 -16.46
C GLY A 6 -7.39 -9.09 -15.26
N TRP A 7 -7.59 -10.03 -14.37
CA TRP A 7 -6.71 -10.14 -13.18
C TRP A 7 -5.41 -10.84 -13.57
N PHE A 8 -4.30 -10.44 -12.99
CA PHE A 8 -2.98 -11.07 -13.33
C PHE A 8 -2.47 -11.90 -12.14
N TYR A 9 -2.02 -13.10 -12.40
CA TYR A 9 -1.51 -13.95 -11.30
C TYR A 9 -0.03 -13.63 -11.06
N HIS A 10 0.26 -12.93 -9.99
CA HIS A 10 1.69 -12.56 -9.67
C HIS A 10 2.10 -13.15 -8.32
N LYS A 11 3.31 -13.61 -8.20
CA LYS A 11 3.78 -14.20 -6.91
C LYS A 11 2.83 -15.31 -6.45
N SER A 12 2.26 -16.01 -7.37
CA SER A 12 1.33 -17.12 -7.01
C SER A 12 0.14 -16.60 -6.21
N ASN A 13 0.01 -15.30 -6.06
CA ASN A 13 -1.15 -14.72 -5.30
C ASN A 13 -1.89 -13.74 -6.22
N CYS A 14 -3.06 -13.32 -5.83
CA CYS A 14 -3.86 -12.37 -6.68
C CYS A 14 -3.82 -10.96 -6.06
N TYR A 15 -3.46 -9.98 -6.84
CA TYR A 15 -3.42 -8.58 -6.35
C TYR A 15 -3.87 -7.66 -7.47
N GLY A 16 -4.46 -6.54 -7.14
CA GLY A 16 -4.93 -5.60 -8.21
C GLY A 16 -5.08 -4.18 -7.66
N TYR A 17 -4.83 -3.20 -8.47
CA TYR A 17 -4.97 -1.79 -8.01
C TYR A 17 -6.40 -1.31 -8.25
N PHE A 18 -6.89 -0.42 -7.41
CA PHE A 18 -8.29 0.09 -7.57
C PHE A 18 -8.24 1.60 -7.85
N ARG A 19 -8.91 2.03 -8.88
CA ARG A 19 -8.92 3.49 -9.23
C ARG A 19 -10.15 4.14 -8.58
N LYS A 20 -10.24 4.09 -7.27
CA LYS A 20 -11.40 4.70 -6.56
C LYS A 20 -10.89 5.56 -5.40
N LEU A 21 -11.48 6.70 -5.20
CA LEU A 21 -11.03 7.59 -4.09
C LEU A 21 -11.74 7.16 -2.81
N ARG A 22 -11.02 6.53 -1.92
CA ARG A 22 -11.62 6.06 -0.64
C ARG A 22 -10.60 6.22 0.49
N ASN A 23 -11.02 6.72 1.62
CA ASN A 23 -10.09 6.90 2.78
C ASN A 23 -9.49 5.55 3.18
N TRP A 24 -8.40 5.58 3.90
CA TRP A 24 -7.75 4.31 4.32
C TRP A 24 -8.75 3.42 5.06
N SER A 25 -9.69 3.98 5.75
CA SER A 25 -10.69 3.15 6.48
C SER A 25 -11.63 2.48 5.49
N ASP A 26 -12.08 3.20 4.52
CA ASP A 26 -12.99 2.62 3.50
C ASP A 26 -12.17 1.83 2.49
N ALA A 27 -10.91 2.14 2.36
CA ALA A 27 -10.04 1.42 1.40
C ALA A 27 -9.75 0.01 1.95
N GLU A 28 -9.30 -0.08 3.17
CA GLU A 28 -9.02 -1.43 3.75
C GLU A 28 -10.33 -2.22 3.79
N LEU A 29 -11.40 -1.55 4.11
CA LEU A 29 -12.72 -2.24 4.16
C LEU A 29 -13.07 -2.74 2.76
N GLU A 30 -12.67 -2.01 1.76
CA GLU A 30 -12.97 -2.42 0.35
C GLU A 30 -12.22 -3.71 0.02
N CYS A 31 -11.03 -3.87 0.52
CA CYS A 31 -10.26 -5.11 0.22
C CYS A 31 -10.89 -6.29 0.97
N GLN A 32 -10.83 -6.28 2.27
CA GLN A 32 -11.42 -7.39 3.08
C GLN A 32 -12.86 -7.64 2.64
N SER A 33 -13.41 -6.77 1.83
CA SER A 33 -14.83 -6.95 1.40
C SER A 33 -15.00 -8.34 0.76
N TYR A 34 -13.94 -8.90 0.24
CA TYR A 34 -14.07 -10.26 -0.38
C TYR A 34 -14.11 -11.32 0.73
N GLY A 35 -13.81 -10.92 1.94
CA GLY A 35 -13.85 -11.89 3.07
C GLY A 35 -12.76 -12.95 2.89
N ASN A 36 -11.97 -12.84 1.86
CA ASN A 36 -10.88 -13.84 1.63
C ASN A 36 -9.68 -13.42 2.46
N GLY A 37 -9.89 -12.51 3.37
CA GLY A 37 -8.77 -12.03 4.22
C GLY A 37 -7.98 -10.99 3.44
N ALA A 38 -8.60 -10.40 2.45
CA ALA A 38 -7.91 -9.39 1.62
C ALA A 38 -7.59 -8.15 2.46
N HIS A 39 -6.52 -7.47 2.14
CA HIS A 39 -6.15 -6.24 2.90
C HIS A 39 -5.25 -5.35 2.03
N LEU A 40 -4.91 -4.18 2.50
CA LEU A 40 -4.04 -3.28 1.70
C LEU A 40 -2.68 -3.96 1.49
N ALA A 41 -2.00 -3.60 0.44
CA ALA A 41 -0.67 -4.22 0.13
C ALA A 41 0.15 -4.43 1.42
N SER A 42 1.07 -5.37 1.39
CA SER A 42 1.92 -5.63 2.59
C SER A 42 3.32 -5.99 2.13
N ILE A 43 4.31 -5.23 2.53
CA ILE A 43 5.72 -5.50 2.11
C ILE A 43 6.66 -5.37 3.31
N LEU A 44 7.53 -6.33 3.49
CA LEU A 44 8.51 -6.30 4.62
C LEU A 44 9.90 -5.99 4.05
N SER A 45 10.07 -6.15 2.76
CA SER A 45 11.40 -5.89 2.12
C SER A 45 11.20 -5.08 0.83
N LEU A 46 12.20 -4.35 0.43
CA LEU A 46 12.10 -3.54 -0.81
C LEU A 46 12.09 -4.45 -2.04
N LYS A 47 12.61 -5.65 -1.91
CA LYS A 47 12.63 -6.57 -3.08
C LYS A 47 11.22 -6.73 -3.64
N GLU A 48 10.25 -6.87 -2.79
CA GLU A 48 8.85 -7.02 -3.29
C GLU A 48 8.37 -5.67 -3.83
N ALA A 49 8.73 -4.60 -3.17
CA ALA A 49 8.32 -3.25 -3.65
C ALA A 49 8.90 -2.98 -5.03
N SER A 50 10.06 -3.49 -5.30
CA SER A 50 10.69 -3.24 -6.62
C SER A 50 9.85 -3.86 -7.74
N THR A 51 9.33 -5.04 -7.55
CA THR A 51 8.51 -5.67 -8.62
C THR A 51 7.11 -5.09 -8.61
N ILE A 52 6.48 -5.00 -7.47
CA ILE A 52 5.11 -4.44 -7.41
C ILE A 52 5.13 -2.99 -7.89
N ALA A 53 6.08 -2.23 -7.42
CA ALA A 53 6.15 -0.79 -7.83
C ALA A 53 6.32 -0.69 -9.34
N GLU A 54 7.05 -1.60 -9.95
CA GLU A 54 7.24 -1.52 -11.41
C GLU A 54 5.86 -1.54 -12.09
N TYR A 55 4.90 -2.20 -11.50
CA TYR A 55 3.55 -2.26 -12.11
C TYR A 55 2.73 -1.03 -11.70
N ILE A 56 2.53 -0.84 -10.43
CA ILE A 56 1.71 0.33 -9.95
C ILE A 56 2.56 1.61 -9.90
N SER A 57 3.81 1.54 -10.30
CA SER A 57 4.69 2.76 -10.24
C SER A 57 3.91 4.01 -10.73
N GLY A 58 2.81 3.82 -11.43
CA GLY A 58 2.01 5.01 -11.87
C GLY A 58 2.73 5.81 -12.96
N TYR A 59 3.68 5.24 -13.63
CA TYR A 59 4.40 5.99 -14.70
C TYR A 59 3.38 6.62 -15.64
N GLN A 60 2.14 6.23 -15.52
CA GLN A 60 1.06 6.81 -16.39
C GLN A 60 0.46 8.02 -15.69
N ARG A 61 1.09 8.49 -14.65
CA ARG A 61 0.55 9.67 -13.91
C ARG A 61 -0.63 9.23 -13.04
N SER A 62 -0.47 8.13 -12.34
CA SER A 62 -1.58 7.65 -11.47
C SER A 62 -1.62 8.47 -10.18
N GLN A 63 -2.63 8.28 -9.37
CA GLN A 63 -2.72 9.05 -8.09
C GLN A 63 -2.03 8.28 -6.97
N SER A 64 -1.68 8.97 -5.91
CA SER A 64 -1.00 8.27 -4.78
C SER A 64 -1.80 7.03 -4.39
N ILE A 65 -1.15 5.90 -4.26
CA ILE A 65 -1.85 4.64 -3.89
C ILE A 65 -1.54 4.29 -2.44
N TRP A 66 -2.53 3.94 -1.68
CA TRP A 66 -2.32 3.59 -0.24
C TRP A 66 -1.72 2.18 -0.13
N ILE A 67 -1.07 1.91 0.97
CA ILE A 67 -0.46 0.56 1.20
C ILE A 67 -0.84 0.13 2.63
N GLY A 68 -0.48 -1.07 3.02
CA GLY A 68 -0.84 -1.53 4.39
C GLY A 68 0.18 -1.02 5.41
N LEU A 69 0.30 0.27 5.57
CA LEU A 69 1.27 0.85 6.55
C LEU A 69 0.50 1.79 7.48
N HIS A 70 0.52 1.55 8.77
CA HIS A 70 -0.23 2.44 9.70
C HIS A 70 0.47 2.49 11.05
N ASP A 71 0.17 3.49 11.84
CA ASP A 71 0.80 3.63 13.19
C ASP A 71 -0.03 2.83 14.21
N PRO A 72 0.59 2.32 15.26
CA PRO A 72 -0.13 1.54 16.30
C PRO A 72 -1.10 2.41 17.12
N GLN A 73 -0.63 2.97 18.19
CA GLN A 73 -1.49 3.84 19.06
C GLN A 73 -0.75 5.15 19.32
N LYS A 74 -0.19 5.74 18.29
CA LYS A 74 0.57 7.00 18.44
C LYS A 74 1.87 6.72 19.20
N ARG A 75 2.50 5.61 18.87
CA ARG A 75 3.78 5.25 19.55
C ARG A 75 4.95 5.60 18.61
N GLN A 76 4.64 6.33 17.56
CA GLN A 76 5.69 6.74 16.58
C GLN A 76 6.38 5.49 16.01
N GLN A 77 5.62 4.55 15.55
CA GLN A 77 6.20 3.31 14.97
C GLN A 77 5.43 2.95 13.70
N TRP A 78 6.13 2.65 12.64
CA TRP A 78 5.46 2.29 11.36
C TRP A 78 5.48 0.77 11.19
N GLN A 79 4.33 0.15 11.16
CA GLN A 79 4.28 -1.34 10.99
C GLN A 79 3.12 -1.68 10.06
N TRP A 80 3.13 -2.87 9.51
CA TRP A 80 2.04 -3.28 8.56
C TRP A 80 1.01 -4.14 9.28
N ILE A 81 -0.01 -4.55 8.59
CA ILE A 81 -1.07 -5.39 9.22
C ILE A 81 -0.45 -6.64 9.87
N ASP A 82 0.26 -7.43 9.13
CA ASP A 82 0.87 -8.66 9.71
C ASP A 82 1.81 -8.27 10.85
N GLY A 83 1.93 -7.00 11.13
CA GLY A 83 2.84 -6.57 12.22
C GLY A 83 4.26 -6.65 11.68
N ALA A 84 4.40 -6.78 10.40
CA ALA A 84 5.77 -6.85 9.80
C ALA A 84 6.62 -5.70 10.33
N MET A 85 7.87 -5.96 10.65
CA MET A 85 8.75 -4.87 11.18
C MET A 85 9.97 -4.68 10.28
N TYR A 86 10.01 -3.60 9.54
CA TYR A 86 11.19 -3.33 8.66
C TYR A 86 12.42 -3.15 9.55
N LEU A 87 13.51 -3.78 9.20
CA LEU A 87 14.76 -3.65 10.03
C LEU A 87 15.59 -2.49 9.51
N TYR A 88 15.67 -1.42 10.27
CA TYR A 88 16.48 -0.26 9.83
C TYR A 88 16.08 0.13 8.41
N ARG A 89 15.22 1.11 8.26
CA ARG A 89 14.79 1.53 6.90
C ARG A 89 15.84 2.50 6.33
N SER A 90 16.35 2.21 5.16
CA SER A 90 17.36 3.12 4.56
C SER A 90 16.78 4.52 4.44
N TRP A 91 17.54 5.53 4.80
CA TRP A 91 17.03 6.93 4.71
C TRP A 91 18.15 7.85 4.24
N SER A 92 18.15 8.21 3.00
CA SER A 92 19.22 9.12 2.47
C SER A 92 18.78 9.67 1.11
N GLY A 93 18.50 10.94 1.04
CA GLY A 93 18.06 11.53 -0.26
C GLY A 93 16.54 11.40 -0.39
N LYS A 94 15.87 11.16 0.71
CA LYS A 94 14.38 11.00 0.67
C LYS A 94 13.78 11.71 1.89
N SER A 95 12.60 12.26 1.73
CA SER A 95 11.92 12.99 2.86
C SER A 95 10.63 12.26 3.24
N MET A 96 10.15 12.48 4.43
CA MET A 96 8.89 11.81 4.87
C MET A 96 8.25 12.63 5.99
N GLY A 97 9.04 13.05 6.94
CA GLY A 97 8.47 13.87 8.06
C GLY A 97 7.80 12.95 9.08
N GLY A 98 7.12 11.94 8.62
CA GLY A 98 6.43 11.01 9.56
C GLY A 98 5.44 10.17 8.76
N ASN A 99 4.37 9.74 9.39
CA ASN A 99 3.38 8.92 8.64
C ASN A 99 1.97 9.13 9.23
N LYS A 100 1.78 10.21 9.96
CA LYS A 100 0.44 10.51 10.57
C LYS A 100 -0.27 9.21 11.00
N HIS A 101 -1.47 9.00 10.55
CA HIS A 101 -2.21 7.75 10.92
C HIS A 101 -1.97 6.71 9.83
N CYS A 102 -1.52 7.13 8.67
CA CYS A 102 -1.26 6.16 7.57
C CYS A 102 -0.35 6.82 6.53
N ALA A 103 0.54 6.05 5.95
CA ALA A 103 1.47 6.59 4.92
C ALA A 103 1.00 6.15 3.54
N GLU A 104 1.47 6.80 2.51
CA GLU A 104 1.05 6.44 1.12
C GLU A 104 2.20 6.68 0.14
N MET A 105 2.10 6.17 -1.05
CA MET A 105 3.18 6.36 -2.06
C MET A 105 2.90 7.62 -2.88
N SER A 106 3.83 8.52 -2.93
CA SER A 106 3.61 9.77 -3.72
C SER A 106 3.75 9.46 -5.21
N SER A 107 2.67 9.15 -5.86
CA SER A 107 2.73 8.83 -7.32
C SER A 107 3.16 10.07 -8.08
N ASN A 108 2.69 11.23 -7.69
CA ASN A 108 3.07 12.47 -8.41
C ASN A 108 4.60 12.58 -8.47
N ASN A 109 5.28 12.11 -7.45
CA ASN A 109 6.77 12.18 -7.46
C ASN A 109 7.33 11.03 -8.30
N ASN A 110 8.12 11.34 -9.28
CA ASN A 110 8.70 10.27 -10.13
C ASN A 110 9.59 9.36 -9.28
N PHE A 111 9.96 9.80 -8.11
CA PHE A 111 10.82 8.97 -7.23
C PHE A 111 9.96 7.97 -6.46
N LEU A 112 8.66 8.05 -6.62
CA LEU A 112 7.76 7.09 -5.89
C LEU A 112 8.14 7.07 -4.42
N THR A 113 8.47 8.20 -3.86
CA THR A 113 8.85 8.25 -2.42
C THR A 113 7.59 8.11 -1.56
N TRP A 114 7.76 7.82 -0.29
CA TRP A 114 6.57 7.67 0.60
C TRP A 114 6.19 9.04 1.18
N SER A 115 4.98 9.18 1.65
CA SER A 115 4.53 10.49 2.21
C SER A 115 3.51 10.23 3.31
N SER A 116 3.41 11.11 4.28
CA SER A 116 2.43 10.91 5.38
C SER A 116 1.07 11.46 4.95
N ASN A 117 0.00 10.83 5.38
CA ASN A 117 -1.36 11.30 5.01
C ASN A 117 -2.35 10.89 6.09
N GLU A 118 -3.49 11.55 6.15
CA GLU A 118 -4.50 11.19 7.18
C GLU A 118 -5.38 10.04 6.65
N CYS A 119 -5.81 9.18 7.52
CA CYS A 119 -6.68 8.04 7.07
C CYS A 119 -8.07 8.57 6.71
N ASN A 120 -8.17 9.79 6.26
CA ASN A 120 -9.48 10.39 5.89
C ASN A 120 -9.44 10.92 4.45
N LYS A 121 -8.32 11.41 4.01
CA LYS A 121 -8.23 11.93 2.62
C LYS A 121 -8.51 10.78 1.65
N ARG A 122 -9.67 10.75 1.05
CA ARG A 122 -10.00 9.64 0.11
C ARG A 122 -9.09 9.70 -1.11
N GLN A 123 -8.43 8.61 -1.39
CA GLN A 123 -7.50 8.55 -2.57
C GLN A 123 -7.52 7.13 -3.15
N HIS A 124 -6.69 6.86 -4.12
CA HIS A 124 -6.64 5.49 -4.71
C HIS A 124 -6.08 4.52 -3.68
N PHE A 125 -6.26 3.24 -3.90
CA PHE A 125 -5.73 2.24 -2.91
C PHE A 125 -5.60 0.88 -3.58
N LEU A 126 -4.63 0.10 -3.18
CA LEU A 126 -4.45 -1.26 -3.78
C LEU A 126 -4.84 -2.32 -2.75
N CYS A 127 -5.45 -3.39 -3.20
CA CYS A 127 -5.89 -4.48 -2.27
C CYS A 127 -5.07 -5.73 -2.57
N LYS A 128 -4.86 -6.55 -1.57
CA LYS A 128 -4.07 -7.81 -1.75
C LYS A 128 -4.96 -9.00 -1.40
N TYR A 129 -4.74 -10.14 -1.99
CA TYR A 129 -5.57 -11.34 -1.69
C TYR A 129 -4.67 -12.55 -1.46
N ARG A 130 -4.96 -13.34 -0.45
CA ARG A 130 -4.13 -14.54 -0.16
C ARG A 130 -4.78 -15.77 -0.79
N PRO A 131 -4.00 -16.73 -1.26
CA PRO A 131 -4.54 -17.96 -1.90
C PRO A 131 -5.21 -18.89 -0.87
N GLN A 1 -13.95 -13.58 -4.42
CA GLN A 1 -13.50 -14.99 -4.50
C GLN A 1 -13.19 -15.35 -5.95
N SER A 2 -13.69 -14.58 -6.89
CA SER A 2 -13.41 -14.87 -8.32
C SER A 2 -12.03 -14.35 -8.69
N CYS A 3 -11.18 -15.20 -9.22
CA CYS A 3 -9.81 -14.75 -9.61
C CYS A 3 -9.36 -15.55 -10.83
N ALA A 4 -9.90 -15.26 -11.98
CA ALA A 4 -9.49 -16.01 -13.22
C ALA A 4 -10.13 -15.38 -14.47
N PRO A 5 -11.38 -14.96 -14.39
CA PRO A 5 -12.08 -14.36 -15.57
C PRO A 5 -11.41 -13.06 -16.05
N GLY A 6 -10.21 -12.79 -15.61
CA GLY A 6 -9.51 -11.55 -16.05
C GLY A 6 -8.55 -11.09 -14.95
N TRP A 7 -8.41 -11.88 -13.91
CA TRP A 7 -7.50 -11.50 -12.80
C TRP A 7 -6.06 -11.90 -13.15
N PHE A 8 -5.10 -11.12 -12.74
CA PHE A 8 -3.68 -11.45 -13.06
C PHE A 8 -3.09 -12.33 -11.96
N TYR A 9 -2.53 -13.45 -12.31
CA TYR A 9 -1.93 -14.35 -11.29
C TYR A 9 -0.49 -13.92 -11.01
N HIS A 10 -0.26 -13.29 -9.88
CA HIS A 10 1.12 -12.83 -9.53
C HIS A 10 1.56 -13.49 -8.21
N LYS A 11 2.81 -13.89 -8.12
CA LYS A 11 3.29 -14.53 -6.87
C LYS A 11 2.31 -15.61 -6.40
N SER A 12 1.67 -16.25 -7.33
CA SER A 12 0.71 -17.33 -6.96
C SER A 12 -0.45 -16.77 -6.13
N ASN A 13 -0.53 -15.47 -5.96
CA ASN A 13 -1.65 -14.86 -5.17
C ASN A 13 -2.47 -13.95 -6.09
N CYS A 14 -3.62 -13.52 -5.65
CA CYS A 14 -4.48 -12.64 -6.49
C CYS A 14 -4.41 -11.20 -5.97
N TYR A 15 -4.06 -10.27 -6.84
CA TYR A 15 -3.97 -8.84 -6.44
C TYR A 15 -4.46 -7.96 -7.59
N GLY A 16 -4.98 -6.80 -7.30
CA GLY A 16 -5.47 -5.91 -8.39
C GLY A 16 -5.52 -4.47 -7.90
N TYR A 17 -5.07 -3.55 -8.71
CA TYR A 17 -5.09 -2.11 -8.30
C TYR A 17 -6.48 -1.52 -8.58
N PHE A 18 -6.93 -0.60 -7.76
CA PHE A 18 -8.27 0.03 -7.97
C PHE A 18 -8.09 1.52 -8.27
N ARG A 19 -8.69 1.99 -9.33
CA ARG A 19 -8.56 3.43 -9.69
C ARG A 19 -9.78 4.20 -9.15
N LYS A 20 -9.98 4.18 -7.85
CA LYS A 20 -11.13 4.90 -7.25
C LYS A 20 -10.65 5.70 -6.03
N LEU A 21 -11.21 6.85 -5.80
CA LEU A 21 -10.77 7.67 -4.63
C LEU A 21 -11.55 7.22 -3.39
N ARG A 22 -10.89 6.50 -2.53
CA ARG A 22 -11.55 6.01 -1.27
C ARG A 22 -10.60 6.22 -0.09
N ASN A 23 -11.09 6.76 0.99
CA ASN A 23 -10.20 7.00 2.15
C ASN A 23 -9.61 5.67 2.62
N TRP A 24 -8.50 5.71 3.31
CA TRP A 24 -7.86 4.45 3.79
C TRP A 24 -8.84 3.64 4.66
N SER A 25 -9.74 4.30 5.34
CA SER A 25 -10.69 3.55 6.21
C SER A 25 -11.69 2.81 5.31
N ASP A 26 -12.17 3.45 4.28
CA ASP A 26 -13.13 2.79 3.37
C ASP A 26 -12.36 1.87 2.43
N ALA A 27 -11.11 2.18 2.19
CA ALA A 27 -10.28 1.33 1.28
C ALA A 27 -9.95 0.01 1.96
N GLU A 28 -9.44 0.06 3.16
CA GLU A 28 -9.08 -1.20 3.87
C GLU A 28 -10.35 -2.01 4.14
N LEU A 29 -11.36 -1.41 4.71
CA LEU A 29 -12.62 -2.16 5.00
C LEU A 29 -13.13 -2.80 3.70
N GLU A 30 -12.94 -2.14 2.59
CA GLU A 30 -13.41 -2.71 1.30
C GLU A 30 -12.66 -4.01 1.02
N CYS A 31 -11.48 -4.15 1.57
CA CYS A 31 -10.68 -5.40 1.32
C CYS A 31 -11.05 -6.48 2.35
N GLN A 32 -10.75 -6.26 3.60
CA GLN A 32 -11.08 -7.28 4.64
C GLN A 32 -12.56 -7.67 4.51
N SER A 33 -13.31 -6.92 3.74
CA SER A 33 -14.75 -7.25 3.58
C SER A 33 -14.90 -8.68 3.08
N TYR A 34 -13.90 -9.21 2.41
CA TYR A 34 -13.99 -10.60 1.90
C TYR A 34 -13.64 -11.57 3.05
N GLY A 35 -13.13 -11.05 4.13
CA GLY A 35 -12.78 -11.92 5.29
C GLY A 35 -11.71 -12.94 4.88
N ASN A 36 -11.28 -12.92 3.66
CA ASN A 36 -10.24 -13.88 3.22
C ASN A 36 -8.87 -13.35 3.64
N GLY A 37 -8.88 -12.35 4.47
CA GLY A 37 -7.58 -11.75 4.94
C GLY A 37 -7.16 -10.70 3.92
N ALA A 38 -8.08 -10.25 3.10
CA ALA A 38 -7.75 -9.23 2.07
C ALA A 38 -7.41 -7.91 2.75
N HIS A 39 -6.37 -7.25 2.30
CA HIS A 39 -5.98 -5.94 2.92
C HIS A 39 -5.13 -5.15 1.92
N LEU A 40 -4.79 -3.93 2.25
CA LEU A 40 -3.94 -3.10 1.34
C LEU A 40 -2.59 -3.80 1.15
N ALA A 41 -1.93 -3.55 0.05
CA ALA A 41 -0.62 -4.20 -0.22
C ALA A 41 0.23 -4.30 1.05
N SER A 42 0.66 -5.49 1.40
CA SER A 42 1.50 -5.69 2.63
C SER A 42 2.87 -6.22 2.22
N ILE A 43 3.92 -5.50 2.50
CA ILE A 43 5.29 -5.94 2.11
C ILE A 43 6.28 -5.63 3.24
N LEU A 44 7.30 -6.46 3.39
CA LEU A 44 8.33 -6.22 4.45
C LEU A 44 9.63 -5.74 3.80
N SER A 45 9.84 -6.10 2.56
CA SER A 45 11.09 -5.68 1.83
C SER A 45 10.72 -4.78 0.65
N LEU A 46 11.51 -3.78 0.38
CA LEU A 46 11.22 -2.87 -0.76
C LEU A 46 11.50 -3.60 -2.08
N LYS A 47 12.33 -4.61 -2.05
CA LYS A 47 12.64 -5.34 -3.31
C LYS A 47 11.34 -5.84 -3.94
N GLU A 48 10.43 -6.34 -3.16
CA GLU A 48 9.15 -6.82 -3.71
C GLU A 48 8.31 -5.62 -4.15
N ALA A 49 8.23 -4.62 -3.32
CA ALA A 49 7.42 -3.41 -3.68
C ALA A 49 8.00 -2.76 -4.94
N SER A 50 9.29 -2.81 -5.12
CA SER A 50 9.90 -2.19 -6.32
C SER A 50 9.36 -2.86 -7.59
N THR A 51 9.37 -4.16 -7.64
CA THR A 51 8.86 -4.87 -8.85
C THR A 51 7.40 -4.50 -9.08
N ILE A 52 6.59 -4.55 -8.06
CA ILE A 52 5.15 -4.22 -8.22
C ILE A 52 5.01 -2.77 -8.68
N ALA A 53 5.69 -1.86 -8.02
CA ALA A 53 5.59 -0.43 -8.40
C ALA A 53 5.97 -0.25 -9.87
N GLU A 54 6.95 -0.98 -10.33
CA GLU A 54 7.36 -0.84 -11.75
C GLU A 54 6.15 -1.13 -12.64
N TYR A 55 5.24 -1.95 -12.19
CA TYR A 55 4.04 -2.28 -13.01
C TYR A 55 2.91 -1.29 -12.72
N ILE A 56 2.45 -1.21 -11.49
CA ILE A 56 1.32 -0.28 -11.17
C ILE A 56 1.81 1.16 -10.97
N SER A 57 3.09 1.42 -11.11
CA SER A 57 3.59 2.82 -10.90
C SER A 57 2.64 3.81 -11.58
N GLY A 58 2.39 3.63 -12.86
CA GLY A 58 1.45 4.55 -13.55
C GLY A 58 2.01 5.97 -13.60
N TYR A 59 3.28 6.14 -13.37
CA TYR A 59 3.87 7.51 -13.37
C TYR A 59 3.46 8.25 -14.66
N GLN A 60 2.81 7.58 -15.57
CA GLN A 60 2.40 8.26 -16.83
C GLN A 60 1.20 9.18 -16.58
N ARG A 61 0.45 8.92 -15.55
CA ARG A 61 -0.72 9.79 -15.24
C ARG A 61 -1.37 9.36 -13.93
N SER A 62 -1.21 8.13 -13.55
CA SER A 62 -1.84 7.65 -12.28
C SER A 62 -1.29 8.44 -11.08
N GLN A 63 -2.00 8.41 -9.98
CA GLN A 63 -1.57 9.15 -8.76
C GLN A 63 -1.04 8.15 -7.72
N SER A 64 -0.33 8.64 -6.75
CA SER A 64 0.22 7.74 -5.70
C SER A 64 -0.83 6.71 -5.27
N ILE A 65 -0.40 5.50 -5.05
CA ILE A 65 -1.34 4.41 -4.64
C ILE A 65 -1.14 4.12 -3.15
N TRP A 66 -2.20 3.84 -2.44
CA TRP A 66 -2.08 3.57 -0.98
C TRP A 66 -1.52 2.16 -0.75
N ILE A 67 -0.95 1.94 0.40
CA ILE A 67 -0.37 0.61 0.76
C ILE A 67 -0.78 0.27 2.19
N GLY A 68 -0.46 -0.91 2.68
CA GLY A 68 -0.85 -1.28 4.06
C GLY A 68 0.22 -0.87 5.07
N LEU A 69 0.45 0.41 5.25
CA LEU A 69 1.45 0.90 6.25
C LEU A 69 0.77 1.90 7.18
N HIS A 70 0.70 1.60 8.45
CA HIS A 70 0.02 2.54 9.39
C HIS A 70 0.62 2.40 10.80
N ASP A 71 0.26 3.30 11.68
CA ASP A 71 0.78 3.24 13.07
C ASP A 71 -0.18 2.40 13.94
N PRO A 72 0.29 1.82 15.01
CA PRO A 72 -0.55 0.97 15.91
C PRO A 72 -1.59 1.82 16.65
N GLN A 73 -1.26 2.29 17.82
CA GLN A 73 -2.20 3.12 18.63
C GLN A 73 -1.48 4.39 19.08
N LYS A 74 -0.79 5.02 18.16
CA LYS A 74 -0.03 6.27 18.50
C LYS A 74 1.15 5.90 19.37
N ARG A 75 1.82 4.81 19.05
CA ARG A 75 3.01 4.38 19.85
C ARG A 75 4.27 4.81 19.09
N GLN A 76 4.10 5.63 18.08
CA GLN A 76 5.26 6.11 17.27
C GLN A 76 5.98 4.92 16.65
N GLN A 77 5.24 4.01 16.06
CA GLN A 77 5.85 2.82 15.41
C GLN A 77 5.15 2.58 14.07
N TRP A 78 5.91 2.33 13.05
CA TRP A 78 5.31 2.08 11.70
C TRP A 78 5.30 0.57 11.43
N GLN A 79 4.13 0.01 11.28
CA GLN A 79 4.03 -1.47 11.01
C GLN A 79 2.94 -1.69 9.96
N TRP A 80 2.98 -2.81 9.28
CA TRP A 80 1.97 -3.10 8.24
C TRP A 80 0.86 -3.97 8.82
N ILE A 81 -0.12 -4.30 8.03
CA ILE A 81 -1.25 -5.14 8.52
C ILE A 81 -0.70 -6.44 9.16
N ASP A 82 0.03 -7.22 8.42
CA ASP A 82 0.57 -8.49 8.98
C ASP A 82 1.51 -8.19 10.15
N GLY A 83 1.62 -6.95 10.53
CA GLY A 83 2.54 -6.60 11.65
C GLY A 83 3.97 -6.62 11.12
N ALA A 84 4.11 -6.63 9.82
CA ALA A 84 5.47 -6.66 9.23
C ALA A 84 6.34 -5.59 9.89
N MET A 85 7.53 -5.94 10.31
CA MET A 85 8.43 -4.94 10.97
C MET A 85 9.74 -4.80 10.18
N TYR A 86 9.91 -3.70 9.50
CA TYR A 86 11.18 -3.49 8.73
C TYR A 86 12.36 -3.42 9.71
N LEU A 87 13.41 -4.14 9.45
CA LEU A 87 14.59 -4.10 10.36
C LEU A 87 15.56 -3.02 9.86
N TYR A 88 15.59 -1.90 10.53
CA TYR A 88 16.50 -0.80 10.11
C TYR A 88 16.21 -0.42 8.65
N ARG A 89 15.23 0.41 8.43
CA ARG A 89 14.89 0.82 7.04
C ARG A 89 15.79 1.97 6.61
N SER A 90 15.87 2.25 5.34
CA SER A 90 16.73 3.37 4.86
C SER A 90 16.17 4.69 5.39
N TRP A 91 16.95 5.44 6.13
CA TRP A 91 16.45 6.74 6.68
C TRP A 91 17.63 7.69 6.89
N SER A 92 17.80 8.64 6.01
CA SER A 92 18.92 9.59 6.16
C SER A 92 18.67 10.82 5.28
N GLY A 93 18.41 11.95 5.89
CA GLY A 93 18.15 13.19 5.10
C GLY A 93 16.65 13.29 4.77
N LYS A 94 15.87 12.38 5.27
CA LYS A 94 14.41 12.40 4.98
C LYS A 94 13.65 11.98 6.25
N SER A 95 12.42 12.37 6.37
CA SER A 95 11.62 11.99 7.59
C SER A 95 10.16 11.74 7.20
N MET A 96 9.58 10.70 7.71
CA MET A 96 8.16 10.40 7.37
C MET A 96 7.23 11.26 8.25
N GLY A 97 7.78 11.93 9.23
CA GLY A 97 6.93 12.77 10.11
C GLY A 97 6.25 11.89 11.15
N GLY A 98 5.81 10.73 10.75
CA GLY A 98 5.13 9.81 11.72
C GLY A 98 4.07 8.95 11.00
N ASN A 99 4.04 9.00 9.69
CA ASN A 99 3.03 8.19 8.95
C ASN A 99 1.63 8.51 9.46
N LYS A 100 1.50 9.47 10.35
CA LYS A 100 0.16 9.84 10.89
C LYS A 100 -0.67 8.58 11.14
N HIS A 101 -1.82 8.47 10.51
CA HIS A 101 -2.68 7.26 10.70
C HIS A 101 -2.41 6.30 9.55
N CYS A 102 -1.83 6.78 8.49
CA CYS A 102 -1.52 5.89 7.32
C CYS A 102 -0.48 6.58 6.44
N ALA A 103 0.43 5.81 5.87
CA ALA A 103 1.49 6.38 5.01
C ALA A 103 1.17 6.08 3.54
N GLU A 104 1.81 6.78 2.64
CA GLU A 104 1.56 6.55 1.18
C GLU A 104 2.84 6.84 0.40
N MET A 105 2.96 6.32 -0.79
CA MET A 105 4.18 6.58 -1.60
C MET A 105 3.99 7.86 -2.41
N SER A 106 4.85 8.83 -2.19
CA SER A 106 4.72 10.12 -2.94
C SER A 106 5.27 9.94 -4.35
N SER A 107 4.42 9.69 -5.31
CA SER A 107 4.91 9.51 -6.70
C SER A 107 5.45 10.83 -7.23
N ASN A 108 5.00 11.94 -6.68
CA ASN A 108 5.48 13.26 -7.16
C ASN A 108 7.01 13.31 -7.05
N ASN A 109 7.57 12.66 -6.07
CA ASN A 109 9.04 12.67 -5.91
C ASN A 109 9.67 11.63 -6.84
N ASN A 110 10.82 11.90 -7.38
CA ASN A 110 11.47 10.93 -8.30
C ASN A 110 12.11 9.80 -7.47
N PHE A 111 12.54 10.10 -6.28
CA PHE A 111 13.18 9.06 -5.43
C PHE A 111 12.09 8.24 -4.72
N LEU A 112 10.88 8.32 -5.20
CA LEU A 112 9.77 7.54 -4.55
C LEU A 112 9.79 7.79 -3.04
N THR A 113 9.85 9.02 -2.64
CA THR A 113 9.87 9.34 -1.18
C THR A 113 8.49 9.04 -0.58
N TRP A 114 8.46 8.55 0.64
CA TRP A 114 7.15 8.25 1.28
C TRP A 114 6.63 9.50 1.98
N SER A 115 5.37 9.53 2.30
CA SER A 115 4.80 10.73 3.00
C SER A 115 3.67 10.29 3.93
N SER A 116 3.51 10.97 5.04
CA SER A 116 2.42 10.59 5.99
C SER A 116 1.12 11.27 5.56
N ASN A 117 0.01 10.62 5.77
CA ASN A 117 -1.30 11.23 5.36
C ASN A 117 -2.41 10.70 6.26
N GLU A 118 -3.42 11.51 6.51
CA GLU A 118 -4.55 11.05 7.38
C GLU A 118 -5.37 10.00 6.63
N CYS A 119 -5.98 9.09 7.35
CA CYS A 119 -6.81 8.04 6.68
C CYS A 119 -8.16 8.64 6.27
N ASN A 120 -8.18 9.89 5.88
CA ASN A 120 -9.46 10.54 5.47
C ASN A 120 -9.33 11.14 4.06
N LYS A 121 -8.15 11.14 3.50
CA LYS A 121 -7.98 11.70 2.13
C LYS A 121 -8.32 10.63 1.11
N ARG A 122 -9.42 10.78 0.40
CA ARG A 122 -9.80 9.76 -0.60
C ARG A 122 -8.76 9.71 -1.72
N GLN A 123 -8.11 8.59 -1.89
CA GLN A 123 -7.08 8.47 -2.97
C GLN A 123 -7.07 7.04 -3.50
N HIS A 124 -6.48 6.82 -4.65
CA HIS A 124 -6.43 5.45 -5.21
C HIS A 124 -5.87 4.49 -4.16
N PHE A 125 -6.08 3.21 -4.33
CA PHE A 125 -5.55 2.24 -3.32
C PHE A 125 -5.48 0.84 -3.95
N LEU A 126 -4.54 0.04 -3.52
CA LEU A 126 -4.41 -1.35 -4.07
C LEU A 126 -4.91 -2.36 -3.03
N CYS A 127 -5.55 -3.40 -3.48
CA CYS A 127 -6.08 -4.45 -2.55
C CYS A 127 -5.34 -5.76 -2.82
N LYS A 128 -5.04 -6.51 -1.77
CA LYS A 128 -4.32 -7.81 -1.94
C LYS A 128 -5.20 -8.94 -1.41
N TYR A 129 -5.04 -10.13 -1.94
CA TYR A 129 -5.86 -11.29 -1.49
C TYR A 129 -4.96 -12.51 -1.31
N ARG A 130 -5.14 -13.25 -0.25
CA ARG A 130 -4.30 -14.46 0.01
C ARG A 130 -5.22 -15.64 0.37
N PRO A 131 -4.87 -16.85 -0.02
CA PRO A 131 -5.70 -18.05 0.28
C PRO A 131 -5.66 -18.43 1.77
N GLN A 1 -12.47 -13.32 -6.34
CA GLN A 1 -12.28 -14.71 -5.81
C GLN A 1 -11.44 -15.52 -6.79
N SER A 2 -11.75 -15.46 -8.06
CA SER A 2 -10.96 -16.23 -9.06
C SER A 2 -9.69 -15.47 -9.41
N CYS A 3 -9.02 -15.85 -10.46
CA CYS A 3 -7.77 -15.15 -10.85
C CYS A 3 -7.51 -15.38 -12.34
N ALA A 4 -8.14 -14.62 -13.19
CA ALA A 4 -7.92 -14.80 -14.65
C ALA A 4 -8.73 -13.74 -15.43
N PRO A 5 -9.98 -13.54 -15.10
CA PRO A 5 -10.85 -12.54 -15.79
C PRO A 5 -10.25 -11.12 -15.76
N GLY A 6 -9.18 -10.91 -16.48
CA GLY A 6 -8.53 -9.56 -16.48
C GLY A 6 -7.59 -9.44 -15.29
N TRP A 7 -7.67 -10.36 -14.37
CA TRP A 7 -6.78 -10.30 -13.17
C TRP A 7 -5.46 -11.04 -13.49
N PHE A 8 -4.35 -10.48 -13.08
CA PHE A 8 -3.04 -11.14 -13.37
C PHE A 8 -2.56 -11.92 -12.14
N TYR A 9 -2.28 -13.19 -12.29
CA TYR A 9 -1.81 -14.01 -11.14
C TYR A 9 -0.28 -13.97 -11.08
N HIS A 10 0.26 -13.25 -10.12
CA HIS A 10 1.75 -13.14 -9.98
C HIS A 10 2.17 -13.65 -8.61
N LYS A 11 3.29 -14.33 -8.52
CA LYS A 11 3.77 -14.84 -7.20
C LYS A 11 2.70 -15.72 -6.55
N SER A 12 1.95 -16.42 -7.34
CA SER A 12 0.90 -17.31 -6.78
C SER A 12 -0.14 -16.50 -6.02
N ASN A 13 -0.05 -15.19 -6.02
CA ASN A 13 -1.06 -14.35 -5.31
C ASN A 13 -1.67 -13.37 -6.31
N CYS A 14 -2.93 -13.05 -6.13
CA CYS A 14 -3.61 -12.11 -7.09
C CYS A 14 -3.79 -10.73 -6.44
N TYR A 15 -3.42 -9.70 -7.16
CA TYR A 15 -3.58 -8.30 -6.62
C TYR A 15 -3.97 -7.39 -7.79
N GLY A 16 -4.66 -6.32 -7.52
CA GLY A 16 -5.07 -5.40 -8.63
C GLY A 16 -5.23 -3.98 -8.09
N TYR A 17 -4.91 -3.00 -8.88
CA TYR A 17 -5.04 -1.59 -8.44
C TYR A 17 -6.46 -1.10 -8.72
N PHE A 18 -6.96 -0.19 -7.91
CA PHE A 18 -8.35 0.33 -8.11
C PHE A 18 -8.30 1.85 -8.31
N ARG A 19 -8.91 2.34 -9.34
CA ARG A 19 -8.90 3.82 -9.60
C ARG A 19 -10.18 4.43 -9.03
N LYS A 20 -10.37 4.30 -7.73
CA LYS A 20 -11.60 4.87 -7.09
C LYS A 20 -11.19 5.71 -5.87
N LEU A 21 -11.83 6.82 -5.66
CA LEU A 21 -11.49 7.68 -4.50
C LEU A 21 -12.21 7.15 -3.26
N ARG A 22 -11.48 6.52 -2.38
CA ARG A 22 -12.09 5.97 -1.13
C ARG A 22 -11.12 6.18 0.03
N ASN A 23 -11.61 6.65 1.15
CA ASN A 23 -10.71 6.88 2.31
C ASN A 23 -10.07 5.56 2.73
N TRP A 24 -8.95 5.62 3.40
CA TRP A 24 -8.25 4.38 3.83
C TRP A 24 -9.18 3.52 4.70
N SER A 25 -10.10 4.12 5.41
CA SER A 25 -11.01 3.32 6.27
C SER A 25 -11.99 2.55 5.37
N ASP A 26 -12.52 3.20 4.37
CA ASP A 26 -13.47 2.52 3.46
C ASP A 26 -12.68 1.67 2.47
N ALA A 27 -11.44 2.02 2.24
CA ALA A 27 -10.60 1.24 1.28
C ALA A 27 -10.24 -0.11 1.89
N GLU A 28 -9.77 -0.12 3.11
CA GLU A 28 -9.40 -1.41 3.76
C GLU A 28 -10.65 -2.27 3.96
N LEU A 29 -11.68 -1.73 4.53
CA LEU A 29 -12.92 -2.53 4.76
C LEU A 29 -13.41 -3.08 3.43
N GLU A 30 -13.22 -2.34 2.36
CA GLU A 30 -13.69 -2.83 1.03
C GLU A 30 -12.89 -4.07 0.63
N CYS A 31 -11.74 -4.29 1.23
CA CYS A 31 -10.91 -5.48 0.90
C CYS A 31 -11.26 -6.65 1.82
N GLN A 32 -10.99 -6.52 3.09
CA GLN A 32 -11.31 -7.63 4.03
C GLN A 32 -12.76 -8.08 3.83
N SER A 33 -13.53 -7.32 3.10
CA SER A 33 -14.95 -7.70 2.87
C SER A 33 -15.00 -9.11 2.28
N TYR A 34 -13.96 -9.52 1.61
CA TYR A 34 -13.96 -10.89 1.02
C TYR A 34 -13.62 -11.91 2.11
N GLY A 35 -13.17 -11.43 3.24
CA GLY A 35 -12.83 -12.37 4.35
C GLY A 35 -11.71 -13.32 3.92
N ASN A 36 -11.26 -13.20 2.71
CA ASN A 36 -10.15 -14.09 2.24
C ASN A 36 -8.83 -13.52 2.75
N GLY A 37 -8.91 -12.56 3.63
CA GLY A 37 -7.68 -11.94 4.17
C GLY A 37 -7.25 -10.81 3.24
N ALA A 38 -8.16 -10.36 2.41
CA ALA A 38 -7.83 -9.27 1.45
C ALA A 38 -7.53 -7.98 2.22
N HIS A 39 -6.49 -7.30 1.86
CA HIS A 39 -6.15 -6.02 2.57
C HIS A 39 -5.27 -5.15 1.67
N LEU A 40 -4.96 -3.96 2.12
CA LEU A 40 -4.11 -3.05 1.30
C LEU A 40 -2.73 -3.69 1.09
N ALA A 41 -2.06 -3.34 0.02
CA ALA A 41 -0.72 -3.92 -0.29
C ALA A 41 0.10 -4.11 0.99
N SER A 42 1.11 -4.94 0.92
CA SER A 42 1.99 -5.18 2.12
C SER A 42 3.44 -5.31 1.64
N ILE A 43 4.36 -4.70 2.36
CA ILE A 43 5.80 -4.77 1.94
C ILE A 43 6.69 -5.07 3.17
N LEU A 44 7.36 -6.18 3.16
CA LEU A 44 8.28 -6.53 4.29
C LEU A 44 9.72 -6.37 3.80
N SER A 45 9.93 -6.52 2.52
CA SER A 45 11.30 -6.37 1.94
C SER A 45 11.20 -5.63 0.61
N LEU A 46 12.31 -5.15 0.11
CA LEU A 46 12.28 -4.41 -1.19
C LEU A 46 12.02 -5.39 -2.33
N LYS A 47 12.33 -6.64 -2.15
CA LYS A 47 12.11 -7.64 -3.23
C LYS A 47 10.64 -7.62 -3.67
N GLU A 48 9.73 -7.55 -2.74
CA GLU A 48 8.28 -7.53 -3.12
C GLU A 48 7.93 -6.19 -3.76
N ALA A 49 8.28 -5.11 -3.11
CA ALA A 49 7.97 -3.76 -3.67
C ALA A 49 8.72 -3.54 -4.98
N SER A 50 9.88 -4.10 -5.13
CA SER A 50 10.65 -3.89 -6.39
C SER A 50 9.87 -4.42 -7.60
N THR A 51 9.22 -5.54 -7.47
CA THR A 51 8.47 -6.10 -8.64
C THR A 51 7.14 -5.35 -8.83
N ILE A 52 6.37 -5.21 -7.78
CA ILE A 52 5.07 -4.50 -7.91
C ILE A 52 5.33 -3.04 -8.28
N ALA A 53 6.29 -2.42 -7.66
CA ALA A 53 6.58 -0.99 -7.96
C ALA A 53 6.85 -0.85 -9.46
N GLU A 54 7.54 -1.79 -10.04
CA GLU A 54 7.83 -1.68 -11.49
C GLU A 54 6.50 -1.57 -12.24
N TYR A 55 5.46 -2.17 -11.71
CA TYR A 55 4.13 -2.09 -12.37
C TYR A 55 3.38 -0.83 -11.92
N ILE A 56 3.14 -0.68 -10.64
CA ILE A 56 2.39 0.52 -10.14
C ILE A 56 3.32 1.73 -10.00
N SER A 57 4.57 1.59 -10.36
CA SER A 57 5.54 2.75 -10.22
C SER A 57 4.85 4.06 -10.61
N GLY A 58 3.84 4.00 -11.44
CA GLY A 58 3.14 5.27 -11.82
C GLY A 58 4.03 6.15 -12.69
N TYR A 59 5.06 5.61 -13.28
CA TYR A 59 5.95 6.46 -14.14
C TYR A 59 5.10 7.24 -15.13
N GLN A 60 3.84 6.90 -15.24
CA GLN A 60 2.94 7.61 -16.19
C GLN A 60 2.32 8.81 -15.47
N ARG A 61 2.84 9.14 -14.31
CA ARG A 61 2.29 10.29 -13.55
C ARG A 61 0.96 9.89 -12.90
N SER A 62 0.92 8.73 -12.29
CA SER A 62 -0.35 8.27 -11.65
C SER A 62 -0.55 9.03 -10.33
N GLN A 63 -1.64 8.78 -9.65
CA GLN A 63 -1.91 9.48 -8.36
C GLN A 63 -1.37 8.65 -7.20
N SER A 64 -1.01 9.29 -6.12
CA SER A 64 -0.48 8.55 -4.95
C SER A 64 -1.43 7.41 -4.60
N ILE A 65 -0.91 6.21 -4.45
CA ILE A 65 -1.76 5.04 -4.10
C ILE A 65 -1.52 4.66 -2.64
N TRP A 66 -2.53 4.19 -1.95
CA TRP A 66 -2.36 3.84 -0.51
C TRP A 66 -1.78 2.42 -0.38
N ILE A 67 -1.19 2.14 0.76
CA ILE A 67 -0.60 0.79 1.03
C ILE A 67 -0.95 0.40 2.47
N GLY A 68 -0.65 -0.80 2.89
CA GLY A 68 -1.00 -1.21 4.29
C GLY A 68 0.08 -0.74 5.26
N LEU A 69 0.31 0.55 5.37
CA LEU A 69 1.34 1.08 6.31
C LEU A 69 0.66 2.07 7.27
N HIS A 70 0.75 1.84 8.56
CA HIS A 70 0.10 2.76 9.52
C HIS A 70 0.85 2.75 10.86
N ASP A 71 0.49 3.65 11.74
CA ASP A 71 1.16 3.70 13.08
C ASP A 71 0.35 2.85 14.07
N PRO A 72 0.99 2.27 15.06
CA PRO A 72 0.29 1.42 16.08
C PRO A 72 -0.67 2.24 16.95
N GLN A 73 -0.19 2.77 18.05
CA GLN A 73 -1.05 3.59 18.96
C GLN A 73 -0.30 4.87 19.33
N LYS A 74 0.29 5.50 18.36
CA LYS A 74 1.05 6.76 18.60
C LYS A 74 2.36 6.47 19.34
N ARG A 75 3.01 5.39 18.99
CA ARG A 75 4.31 5.05 19.66
C ARG A 75 5.45 5.47 18.74
N GLN A 76 5.13 6.18 17.70
CA GLN A 76 6.17 6.66 16.73
C GLN A 76 6.85 5.45 16.08
N GLN A 77 6.08 4.52 15.59
CA GLN A 77 6.64 3.33 14.92
C GLN A 77 5.82 3.03 13.66
N TRP A 78 6.47 2.77 12.58
CA TRP A 78 5.75 2.47 11.31
C TRP A 78 5.70 0.95 11.09
N GLN A 79 4.53 0.38 11.09
CA GLN A 79 4.41 -1.10 10.89
C GLN A 79 3.20 -1.38 10.01
N TRP A 80 3.14 -2.55 9.43
CA TRP A 80 1.99 -2.91 8.54
C TRP A 80 0.90 -3.58 9.37
N ILE A 81 -0.19 -3.94 8.74
CA ILE A 81 -1.31 -4.60 9.47
C ILE A 81 -0.80 -5.87 10.14
N ASP A 82 -0.24 -6.78 9.40
CA ASP A 82 0.26 -8.04 10.01
C ASP A 82 1.36 -7.72 11.02
N GLY A 83 1.65 -6.46 11.20
CA GLY A 83 2.72 -6.09 12.16
C GLY A 83 4.08 -6.26 11.49
N ALA A 84 4.08 -6.42 10.19
CA ALA A 84 5.36 -6.61 9.46
C ALA A 84 6.39 -5.59 9.96
N MET A 85 7.63 -5.98 10.08
CA MET A 85 8.70 -5.05 10.58
C MET A 85 9.78 -4.87 9.52
N TYR A 86 9.83 -3.72 8.90
CA TYR A 86 10.89 -3.46 7.88
C TYR A 86 12.13 -2.90 8.58
N LEU A 87 13.29 -3.44 8.30
CA LEU A 87 14.53 -2.95 8.97
C LEU A 87 15.35 -2.11 7.98
N TYR A 88 15.89 -1.02 8.43
CA TYR A 88 16.69 -0.16 7.52
C TYR A 88 15.85 0.19 6.30
N ARG A 89 14.84 1.00 6.48
CA ARG A 89 13.97 1.38 5.34
C ARG A 89 14.62 2.53 4.57
N SER A 90 14.04 2.93 3.46
CA SER A 90 14.63 4.04 2.68
C SER A 90 14.45 5.36 3.46
N TRP A 91 15.52 5.93 3.94
CA TRP A 91 15.40 7.22 4.69
C TRP A 91 16.71 8.01 4.57
N SER A 92 16.72 9.02 3.74
CA SER A 92 17.97 9.83 3.59
C SER A 92 17.63 11.18 2.94
N GLY A 93 17.75 12.24 3.68
CA GLY A 93 17.45 13.60 3.10
C GLY A 93 15.98 13.95 3.34
N LYS A 94 15.24 13.07 3.96
CA LYS A 94 13.80 13.36 4.22
C LYS A 94 13.34 12.58 5.46
N SER A 95 12.11 12.75 5.85
CA SER A 95 11.59 12.02 7.05
C SER A 95 10.12 11.65 6.83
N MET A 96 9.75 10.45 7.19
CA MET A 96 8.34 10.02 6.99
C MET A 96 7.40 11.05 7.61
N GLY A 97 7.91 11.86 8.51
CA GLY A 97 7.05 12.89 9.16
C GLY A 97 6.32 12.27 10.34
N GLY A 98 5.85 11.05 10.19
CA GLY A 98 5.12 10.38 11.32
C GLY A 98 4.10 9.39 10.76
N ASN A 99 3.88 9.41 9.47
CA ASN A 99 2.90 8.47 8.86
C ASN A 99 1.51 8.71 9.46
N LYS A 100 1.40 9.67 10.36
CA LYS A 100 0.09 10.00 10.99
C LYS A 100 -0.72 8.72 11.24
N HIS A 101 -1.91 8.63 10.69
CA HIS A 101 -2.74 7.41 10.89
C HIS A 101 -2.49 6.45 9.72
N CYS A 102 -1.96 6.95 8.64
CA CYS A 102 -1.69 6.06 7.46
C CYS A 102 -0.70 6.77 6.52
N ALA A 103 0.19 6.02 5.93
CA ALA A 103 1.19 6.60 4.99
C ALA A 103 0.89 6.16 3.57
N GLU A 104 1.43 6.85 2.59
CA GLU A 104 1.19 6.48 1.17
C GLU A 104 2.48 6.64 0.38
N MET A 105 2.62 5.95 -0.72
CA MET A 105 3.85 6.07 -1.56
C MET A 105 3.71 7.23 -2.53
N SER A 106 4.66 8.14 -2.51
CA SER A 106 4.58 9.30 -3.44
C SER A 106 5.09 8.89 -4.82
N SER A 107 4.22 8.46 -5.68
CA SER A 107 4.65 8.03 -7.04
C SER A 107 5.16 9.25 -7.82
N ASN A 108 4.88 10.43 -7.34
CA ASN A 108 5.34 11.65 -8.04
C ASN A 108 6.84 11.86 -7.78
N ASN A 109 7.30 11.48 -6.62
CA ASN A 109 8.75 11.64 -6.31
C ASN A 109 9.56 10.53 -6.97
N ASN A 110 10.57 10.87 -7.71
CA ASN A 110 11.40 9.82 -8.38
C ASN A 110 12.04 8.91 -7.32
N PHE A 111 12.22 9.43 -6.13
CA PHE A 111 12.84 8.60 -5.05
C PHE A 111 11.78 7.71 -4.41
N LEU A 112 10.57 7.73 -4.95
CA LEU A 112 9.47 6.89 -4.39
C LEU A 112 9.46 6.97 -2.86
N THR A 113 9.68 8.14 -2.31
CA THR A 113 9.69 8.27 -0.83
C THR A 113 8.26 8.14 -0.29
N TRP A 114 8.12 7.87 0.98
CA TRP A 114 6.76 7.72 1.57
C TRP A 114 6.24 9.10 2.01
N SER A 115 4.96 9.21 2.24
CA SER A 115 4.37 10.52 2.67
C SER A 115 3.31 10.26 3.74
N SER A 116 3.19 11.15 4.70
CA SER A 116 2.18 10.95 5.77
C SER A 116 0.83 11.52 5.32
N ASN A 117 -0.24 10.86 5.66
CA ASN A 117 -1.60 11.34 5.25
C ASN A 117 -2.63 10.87 6.28
N GLU A 118 -3.74 11.56 6.38
CA GLU A 118 -4.78 11.15 7.36
C GLU A 118 -5.68 10.08 6.74
N CYS A 119 -6.12 9.13 7.53
CA CYS A 119 -6.99 8.06 6.99
C CYS A 119 -8.38 8.61 6.69
N ASN A 120 -8.46 9.82 6.19
CA ASN A 120 -9.79 10.43 5.87
C ASN A 120 -9.73 11.14 4.51
N LYS A 121 -8.68 10.93 3.76
CA LYS A 121 -8.56 11.58 2.42
C LYS A 121 -8.96 10.57 1.34
N ARG A 122 -10.08 10.74 0.72
CA ARG A 122 -10.51 9.76 -0.33
C ARG A 122 -9.53 9.81 -1.51
N GLN A 123 -8.84 8.73 -1.75
CA GLN A 123 -7.87 8.68 -2.89
C GLN A 123 -7.83 7.26 -3.46
N HIS A 124 -7.04 7.03 -4.47
CA HIS A 124 -6.96 5.66 -5.06
C HIS A 124 -6.31 4.72 -4.04
N PHE A 125 -6.40 3.43 -4.26
CA PHE A 125 -5.79 2.47 -3.29
C PHE A 125 -5.59 1.12 -3.97
N LEU A 126 -4.60 0.37 -3.54
CA LEU A 126 -4.34 -0.98 -4.15
C LEU A 126 -4.76 -2.06 -3.15
N CYS A 127 -5.36 -3.12 -3.62
CA CYS A 127 -5.80 -4.22 -2.71
C CYS A 127 -5.01 -5.48 -3.02
N LYS A 128 -4.87 -6.36 -2.06
CA LYS A 128 -4.10 -7.63 -2.26
C LYS A 128 -4.97 -8.81 -1.83
N TYR A 129 -4.77 -9.96 -2.42
CA TYR A 129 -5.59 -11.17 -2.05
C TYR A 129 -4.67 -12.37 -1.85
N ARG A 130 -4.92 -13.15 -0.83
CA ARG A 130 -4.07 -14.35 -0.55
C ARG A 130 -4.97 -15.57 -0.32
N PRO A 131 -5.03 -16.52 -1.23
CA PRO A 131 -5.88 -17.73 -1.06
C PRO A 131 -5.21 -18.81 -0.22
N GLN A 1 -12.00 -14.27 -4.97
CA GLN A 1 -10.77 -14.67 -5.72
C GLN A 1 -11.13 -15.09 -7.14
N SER A 2 -10.16 -15.30 -7.98
CA SER A 2 -10.46 -15.72 -9.37
C SER A 2 -9.15 -16.09 -10.08
N CYS A 3 -8.25 -15.15 -10.21
CA CYS A 3 -6.96 -15.46 -10.89
C CYS A 3 -7.23 -16.10 -12.24
N ALA A 4 -7.63 -15.32 -13.22
CA ALA A 4 -7.91 -15.92 -14.56
C ALA A 4 -8.40 -14.83 -15.55
N PRO A 5 -9.54 -14.23 -15.31
CA PRO A 5 -10.11 -13.18 -16.22
C PRO A 5 -9.20 -11.94 -16.37
N GLY A 6 -8.02 -12.13 -16.90
CA GLY A 6 -7.12 -10.96 -17.11
C GLY A 6 -6.45 -10.55 -15.79
N TRP A 7 -6.73 -11.24 -14.72
CA TRP A 7 -6.11 -10.86 -13.43
C TRP A 7 -4.65 -11.34 -13.42
N PHE A 8 -3.77 -10.58 -12.80
CA PHE A 8 -2.34 -10.98 -12.77
C PHE A 8 -2.06 -11.90 -11.57
N TYR A 9 -1.60 -13.09 -11.82
CA TYR A 9 -1.31 -14.05 -10.70
C TYR A 9 0.20 -14.04 -10.44
N HIS A 10 0.63 -13.42 -9.37
CA HIS A 10 2.09 -13.35 -9.04
C HIS A 10 2.35 -14.01 -7.67
N LYS A 11 3.45 -14.71 -7.55
CA LYS A 11 3.77 -15.36 -6.26
C LYS A 11 2.58 -16.16 -5.74
N SER A 12 1.82 -16.70 -6.62
CA SER A 12 0.64 -17.53 -6.21
C SER A 12 -0.45 -16.65 -5.57
N ASN A 13 -0.28 -15.35 -5.56
CA ASN A 13 -1.33 -14.45 -4.97
C ASN A 13 -1.82 -13.49 -6.05
N CYS A 14 -3.08 -13.17 -6.04
CA CYS A 14 -3.65 -12.25 -7.08
C CYS A 14 -3.94 -10.88 -6.47
N TYR A 15 -3.68 -9.83 -7.20
CA TYR A 15 -3.94 -8.45 -6.69
C TYR A 15 -4.45 -7.59 -7.84
N GLY A 16 -5.22 -6.58 -7.55
CA GLY A 16 -5.76 -5.69 -8.63
C GLY A 16 -5.83 -4.26 -8.13
N TYR A 17 -5.66 -3.30 -9.00
CA TYR A 17 -5.71 -1.87 -8.58
C TYR A 17 -7.10 -1.29 -8.85
N PHE A 18 -7.51 -0.34 -8.05
CA PHE A 18 -8.85 0.29 -8.23
C PHE A 18 -8.68 1.81 -8.34
N ARG A 19 -9.19 2.38 -9.41
CA ARG A 19 -9.07 3.86 -9.59
C ARG A 19 -10.32 4.52 -9.01
N LYS A 20 -10.58 4.31 -7.75
CA LYS A 20 -11.77 4.93 -7.09
C LYS A 20 -11.30 5.73 -5.88
N LEU A 21 -11.85 6.90 -5.66
CA LEU A 21 -11.42 7.70 -4.50
C LEU A 21 -12.10 7.18 -3.24
N ARG A 22 -11.38 6.46 -2.43
CA ARG A 22 -11.95 5.89 -1.17
C ARG A 22 -10.96 6.11 -0.02
N ASN A 23 -11.45 6.49 1.13
CA ASN A 23 -10.55 6.72 2.29
C ASN A 23 -9.87 5.42 2.68
N TRP A 24 -8.74 5.49 3.32
CA TRP A 24 -8.02 4.24 3.73
C TRP A 24 -8.94 3.39 4.61
N SER A 25 -9.79 4.01 5.38
CA SER A 25 -10.69 3.23 6.26
C SER A 25 -11.69 2.46 5.40
N ASP A 26 -12.23 3.11 4.39
CA ASP A 26 -13.20 2.41 3.50
C ASP A 26 -12.43 1.55 2.51
N ALA A 27 -11.19 1.88 2.27
CA ALA A 27 -10.37 1.09 1.30
C ALA A 27 -10.04 -0.27 1.93
N GLU A 28 -9.50 -0.26 3.13
CA GLU A 28 -9.15 -1.55 3.79
C GLU A 28 -10.44 -2.35 4.05
N LEU A 29 -11.49 -1.68 4.44
CA LEU A 29 -12.78 -2.39 4.70
C LEU A 29 -13.32 -2.95 3.38
N GLU A 30 -13.25 -2.17 2.33
CA GLU A 30 -13.77 -2.65 1.02
C GLU A 30 -13.06 -3.96 0.65
N CYS A 31 -11.82 -4.10 1.04
CA CYS A 31 -11.08 -5.35 0.71
C CYS A 31 -11.48 -6.44 1.68
N GLN A 32 -11.21 -6.27 2.95
CA GLN A 32 -11.58 -7.30 3.96
C GLN A 32 -13.06 -7.68 3.77
N SER A 33 -13.77 -6.92 3.00
CA SER A 33 -15.21 -7.22 2.77
C SER A 33 -15.33 -8.66 2.24
N TYR A 34 -14.30 -9.15 1.60
CA TYR A 34 -14.36 -10.55 1.07
C TYR A 34 -14.07 -11.52 2.21
N GLY A 35 -13.61 -11.03 3.33
CA GLY A 35 -13.32 -11.93 4.48
C GLY A 35 -12.29 -12.99 4.08
N ASN A 36 -11.83 -12.95 2.85
CA ASN A 36 -10.81 -13.94 2.40
C ASN A 36 -9.45 -13.45 2.82
N GLY A 37 -9.42 -12.47 3.69
CA GLY A 37 -8.11 -11.91 4.15
C GLY A 37 -7.67 -10.83 3.17
N ALA A 38 -8.58 -10.35 2.37
CA ALA A 38 -8.22 -9.30 1.37
C ALA A 38 -7.87 -8.00 2.11
N HIS A 39 -6.77 -7.40 1.78
CA HIS A 39 -6.36 -6.14 2.47
C HIS A 39 -5.38 -5.35 1.59
N LEU A 40 -4.99 -4.19 2.03
CA LEU A 40 -4.04 -3.36 1.24
C LEU A 40 -2.71 -4.11 1.10
N ALA A 41 -1.96 -3.83 0.06
CA ALA A 41 -0.66 -4.53 -0.15
C ALA A 41 0.13 -4.62 1.16
N SER A 42 0.89 -5.67 1.32
CA SER A 42 1.71 -5.82 2.57
C SER A 42 3.00 -6.57 2.24
N ILE A 43 4.14 -5.94 2.46
CA ILE A 43 5.45 -6.61 2.15
C ILE A 43 6.45 -6.31 3.28
N LEU A 44 7.36 -7.22 3.53
CA LEU A 44 8.38 -7.02 4.61
C LEU A 44 9.76 -6.75 3.96
N SER A 45 9.98 -7.25 2.77
CA SER A 45 11.31 -7.06 2.11
C SER A 45 11.25 -5.86 1.14
N LEU A 46 12.35 -5.17 0.99
CA LEU A 46 12.39 -4.00 0.07
C LEU A 46 12.37 -4.50 -1.38
N LYS A 47 13.13 -5.51 -1.68
CA LYS A 47 13.16 -6.03 -3.08
C LYS A 47 11.73 -6.40 -3.51
N GLU A 48 10.97 -7.01 -2.65
CA GLU A 48 9.57 -7.38 -3.02
C GLU A 48 8.72 -6.11 -3.13
N ALA A 49 8.89 -5.20 -2.21
CA ALA A 49 8.08 -3.95 -2.25
C ALA A 49 8.52 -3.08 -3.44
N SER A 50 9.78 -3.11 -3.77
CA SER A 50 10.27 -2.29 -4.90
C SER A 50 9.63 -2.79 -6.20
N THR A 51 9.59 -4.08 -6.39
CA THR A 51 8.97 -4.63 -7.64
C THR A 51 7.50 -4.21 -7.70
N ILE A 52 6.86 -4.09 -6.57
CA ILE A 52 5.43 -3.70 -6.57
C ILE A 52 5.31 -2.23 -6.95
N ALA A 53 6.05 -1.39 -6.29
CA ALA A 53 5.98 0.08 -6.59
C ALA A 53 6.46 0.36 -8.01
N GLU A 54 7.51 -0.28 -8.45
CA GLU A 54 8.00 -0.04 -9.82
C GLU A 54 6.89 -0.34 -10.83
N TYR A 55 5.98 -1.21 -10.48
CA TYR A 55 4.87 -1.54 -11.42
C TYR A 55 3.67 -0.61 -11.20
N ILE A 56 3.13 -0.59 -10.01
CA ILE A 56 1.93 0.28 -9.75
C ILE A 56 2.34 1.74 -9.49
N SER A 57 3.61 2.05 -9.43
CA SER A 57 4.00 3.47 -9.16
C SER A 57 3.17 4.40 -10.04
N GLY A 58 3.18 4.20 -11.33
CA GLY A 58 2.36 5.05 -12.22
C GLY A 58 2.85 6.50 -12.20
N TYR A 59 4.06 6.73 -11.74
CA TYR A 59 4.58 8.12 -11.66
C TYR A 59 4.40 8.82 -13.02
N GLN A 60 3.96 8.11 -14.01
CA GLN A 60 3.79 8.74 -15.35
C GLN A 60 2.54 9.61 -15.38
N ARG A 61 1.57 9.33 -14.53
CA ARG A 61 0.33 10.15 -14.51
C ARG A 61 -0.59 9.70 -13.38
N SER A 62 -0.45 8.48 -12.95
CA SER A 62 -1.34 7.97 -11.85
C SER A 62 -1.12 8.78 -10.57
N GLN A 63 -1.98 8.59 -9.60
CA GLN A 63 -1.85 9.34 -8.30
C GLN A 63 -1.33 8.41 -7.22
N SER A 64 -0.84 8.96 -6.15
CA SER A 64 -0.31 8.12 -5.05
C SER A 64 -1.30 6.99 -4.72
N ILE A 65 -0.82 5.79 -4.60
CA ILE A 65 -1.71 4.64 -4.26
C ILE A 65 -1.47 4.25 -2.80
N TRP A 66 -2.51 3.92 -2.08
CA TRP A 66 -2.35 3.56 -0.64
C TRP A 66 -1.79 2.13 -0.52
N ILE A 67 -1.16 1.84 0.60
CA ILE A 67 -0.59 0.49 0.85
C ILE A 67 -0.94 0.08 2.28
N GLY A 68 -0.63 -1.12 2.69
CA GLY A 68 -0.99 -1.55 4.07
C GLY A 68 0.09 -1.11 5.08
N LEU A 69 0.31 0.19 5.22
CA LEU A 69 1.33 0.69 6.19
C LEU A 69 0.62 1.64 7.17
N HIS A 70 0.74 1.39 8.45
CA HIS A 70 0.06 2.27 9.45
C HIS A 70 0.83 2.29 10.77
N ASP A 71 0.71 3.35 11.52
CA ASP A 71 1.41 3.44 12.83
C ASP A 71 0.49 2.86 13.93
N PRO A 72 1.06 2.39 15.02
CA PRO A 72 0.26 1.79 16.14
C PRO A 72 -0.56 2.85 16.89
N GLN A 73 0.01 3.40 17.94
CA GLN A 73 -0.70 4.43 18.75
C GLN A 73 0.23 5.63 18.96
N LYS A 74 0.87 6.07 17.90
CA LYS A 74 1.82 7.21 18.00
C LYS A 74 3.03 6.79 18.83
N ARG A 75 3.51 5.58 18.61
CA ARG A 75 4.70 5.08 19.35
C ARG A 75 5.94 5.25 18.47
N GLN A 76 5.78 5.94 17.37
CA GLN A 76 6.91 6.17 16.43
C GLN A 76 7.39 4.83 15.86
N GLN A 77 6.48 4.00 15.43
CA GLN A 77 6.85 2.68 14.85
C GLN A 77 5.99 2.45 13.61
N TRP A 78 6.61 2.08 12.53
CA TRP A 78 5.85 1.81 11.26
C TRP A 78 5.72 0.30 11.05
N GLN A 79 4.52 -0.20 11.01
CA GLN A 79 4.31 -1.67 10.81
C GLN A 79 3.13 -1.88 9.85
N TRP A 80 3.10 -3.00 9.20
CA TRP A 80 1.99 -3.28 8.23
C TRP A 80 0.89 -4.09 8.92
N ILE A 81 -0.16 -4.39 8.20
CA ILE A 81 -1.29 -5.17 8.78
C ILE A 81 -0.78 -6.48 9.40
N ASP A 82 -0.11 -7.30 8.66
CA ASP A 82 0.38 -8.60 9.20
C ASP A 82 1.34 -8.34 10.36
N GLY A 83 1.53 -7.11 10.74
CA GLY A 83 2.47 -6.81 11.84
C GLY A 83 3.88 -6.88 11.29
N ALA A 84 4.02 -6.97 9.99
CA ALA A 84 5.36 -7.03 9.38
C ALA A 84 6.22 -5.91 9.95
N MET A 85 7.44 -6.21 10.35
CA MET A 85 8.32 -5.15 10.93
C MET A 85 9.61 -5.00 10.11
N TYR A 86 9.73 -3.94 9.36
CA TYR A 86 10.96 -3.73 8.55
C TYR A 86 12.14 -3.51 9.52
N LEU A 87 13.23 -4.20 9.31
CA LEU A 87 14.41 -4.05 10.21
C LEU A 87 15.34 -2.98 9.66
N TYR A 88 15.73 -2.05 10.48
CA TYR A 88 16.66 -0.97 10.01
C TYR A 88 16.11 -0.42 8.68
N ARG A 89 15.26 0.56 8.74
CA ARG A 89 14.69 1.12 7.48
C ARG A 89 15.67 2.15 6.91
N SER A 90 16.05 1.98 5.66
CA SER A 90 17.01 2.94 5.04
C SER A 90 16.39 4.35 5.03
N TRP A 91 17.15 5.34 5.40
CA TRP A 91 16.61 6.74 5.40
C TRP A 91 17.73 7.70 5.01
N SER A 92 17.73 8.16 3.80
CA SER A 92 18.80 9.11 3.35
C SER A 92 18.36 9.76 2.03
N GLY A 93 18.07 11.02 2.05
CA GLY A 93 17.64 11.72 0.79
C GLY A 93 16.13 11.58 0.64
N LYS A 94 15.44 11.27 1.70
CA LYS A 94 13.95 11.12 1.63
C LYS A 94 13.33 11.53 2.96
N SER A 95 12.04 11.51 3.06
CA SER A 95 11.37 11.89 4.34
C SER A 95 10.13 11.02 4.56
N MET A 96 9.43 11.21 5.64
CA MET A 96 8.21 10.39 5.91
C MET A 96 7.21 11.22 6.72
N GLY A 97 7.70 12.10 7.55
CA GLY A 97 6.78 12.94 8.37
C GLY A 97 6.30 12.15 9.59
N GLY A 98 6.02 10.89 9.42
CA GLY A 98 5.56 10.05 10.57
C GLY A 98 4.40 9.14 10.13
N ASN A 99 4.18 9.03 8.84
CA ASN A 99 3.09 8.16 8.34
C ASN A 99 1.74 8.56 8.98
N LYS A 100 1.73 9.48 9.90
CA LYS A 100 0.44 9.90 10.54
C LYS A 100 -0.43 8.68 10.84
N HIS A 101 -1.65 8.66 10.37
CA HIS A 101 -2.53 7.49 10.62
C HIS A 101 -2.31 6.48 9.50
N CYS A 102 -1.75 6.93 8.41
CA CYS A 102 -1.48 6.01 7.27
C CYS A 102 -0.48 6.68 6.33
N ALA A 103 0.34 5.91 5.66
CA ALA A 103 1.35 6.49 4.72
C ALA A 103 0.96 6.16 3.28
N GLU A 104 1.54 6.87 2.35
CA GLU A 104 1.23 6.63 0.90
C GLU A 104 2.48 6.90 0.06
N MET A 105 2.49 6.44 -1.17
CA MET A 105 3.67 6.68 -2.05
C MET A 105 3.44 7.95 -2.88
N SER A 106 4.37 8.87 -2.83
CA SER A 106 4.20 10.13 -3.62
C SER A 106 4.48 9.85 -5.11
N SER A 107 3.45 9.57 -5.86
CA SER A 107 3.65 9.29 -7.32
C SER A 107 4.11 10.57 -8.02
N ASN A 108 3.68 11.71 -7.55
CA ASN A 108 4.09 12.98 -8.20
C ASN A 108 5.62 13.11 -8.16
N ASN A 109 6.24 12.61 -7.13
CA ASN A 109 7.72 12.70 -7.04
C ASN A 109 8.36 11.59 -7.88
N ASN A 110 9.15 11.94 -8.86
CA ASN A 110 9.79 10.91 -9.71
C ASN A 110 10.76 10.08 -8.87
N PHE A 111 11.11 10.57 -7.71
CA PHE A 111 12.06 9.82 -6.84
C PHE A 111 11.28 8.81 -5.99
N LEU A 112 10.03 8.61 -6.28
CA LEU A 112 9.21 7.65 -5.50
C LEU A 112 9.36 7.95 -4.00
N THR A 113 9.18 9.19 -3.62
CA THR A 113 9.31 9.56 -2.19
C THR A 113 8.02 9.21 -1.45
N TRP A 114 8.11 8.74 -0.23
CA TRP A 114 6.89 8.40 0.54
C TRP A 114 6.39 9.64 1.28
N SER A 115 5.13 9.66 1.66
CA SER A 115 4.59 10.84 2.40
C SER A 115 3.51 10.38 3.38
N SER A 116 3.31 11.12 4.44
CA SER A 116 2.27 10.73 5.44
C SER A 116 0.90 11.28 4.98
N ASN A 117 -0.16 10.63 5.36
CA ASN A 117 -1.51 11.11 4.94
C ASN A 117 -2.55 10.67 5.99
N GLU A 118 -3.59 11.44 6.15
CA GLU A 118 -4.63 11.06 7.15
C GLU A 118 -5.53 9.98 6.56
N CYS A 119 -5.93 9.02 7.37
CA CYS A 119 -6.81 7.93 6.86
C CYS A 119 -8.22 8.46 6.61
N ASN A 120 -8.33 9.67 6.11
CA ASN A 120 -9.68 10.25 5.84
C ASN A 120 -9.67 10.97 4.47
N LYS A 121 -8.62 10.82 3.71
CA LYS A 121 -8.56 11.47 2.37
C LYS A 121 -8.95 10.45 1.31
N ARG A 122 -10.10 10.61 0.70
CA ARG A 122 -10.54 9.64 -0.32
C ARG A 122 -9.60 9.67 -1.53
N GLN A 123 -8.91 8.58 -1.78
CA GLN A 123 -7.97 8.52 -2.94
C GLN A 123 -7.95 7.10 -3.51
N HIS A 124 -7.16 6.88 -4.54
CA HIS A 124 -7.09 5.51 -5.13
C HIS A 124 -6.40 4.57 -4.14
N PHE A 125 -6.50 3.29 -4.33
CA PHE A 125 -5.84 2.36 -3.38
C PHE A 125 -5.65 0.98 -4.03
N LEU A 126 -4.75 0.19 -3.52
CA LEU A 126 -4.51 -1.17 -4.09
C LEU A 126 -5.09 -2.23 -3.15
N CYS A 127 -5.52 -3.34 -3.69
CA CYS A 127 -6.11 -4.43 -2.85
C CYS A 127 -5.33 -5.73 -3.12
N LYS A 128 -5.14 -6.52 -2.09
CA LYS A 128 -4.39 -7.81 -2.25
C LYS A 128 -5.32 -8.96 -1.87
N TYR A 129 -5.12 -10.12 -2.45
CA TYR A 129 -5.98 -11.29 -2.12
C TYR A 129 -5.11 -12.53 -1.87
N ARG A 130 -5.46 -13.32 -0.88
CA ARG A 130 -4.66 -14.54 -0.57
C ARG A 130 -5.24 -15.74 -1.33
N PRO A 131 -4.42 -16.67 -1.76
CA PRO A 131 -4.90 -17.87 -2.51
C PRO A 131 -5.65 -18.84 -1.59
N GLN A 1 -15.09 -15.26 -7.62
CA GLN A 1 -14.32 -16.33 -6.92
C GLN A 1 -13.23 -16.88 -7.86
N SER A 2 -13.33 -16.57 -9.13
CA SER A 2 -12.31 -17.07 -10.09
C SER A 2 -11.07 -16.16 -10.05
N CYS A 3 -10.14 -16.38 -10.93
CA CYS A 3 -8.91 -15.53 -10.94
C CYS A 3 -8.08 -15.87 -12.17
N ALA A 4 -8.52 -15.45 -13.33
CA ALA A 4 -7.74 -15.74 -14.57
C ALA A 4 -8.47 -15.13 -15.78
N PRO A 5 -9.75 -15.39 -15.94
CA PRO A 5 -10.53 -14.84 -17.09
C PRO A 5 -10.30 -13.34 -17.27
N GLY A 6 -9.74 -12.69 -16.28
CA GLY A 6 -9.50 -11.23 -16.40
C GLY A 6 -8.54 -10.78 -15.30
N TRP A 7 -8.52 -11.48 -14.20
CA TRP A 7 -7.60 -11.10 -13.08
C TRP A 7 -6.19 -11.61 -13.39
N PHE A 8 -5.18 -10.88 -13.02
CA PHE A 8 -3.78 -11.34 -13.30
C PHE A 8 -3.29 -12.25 -12.17
N TYR A 9 -2.96 -13.46 -12.48
CA TYR A 9 -2.46 -14.41 -11.43
C TYR A 9 -0.94 -14.25 -11.31
N HIS A 10 -0.48 -13.61 -10.25
CA HIS A 10 0.99 -13.40 -10.05
C HIS A 10 1.43 -14.05 -8.74
N LYS A 11 2.59 -14.65 -8.73
CA LYS A 11 3.10 -15.28 -7.47
C LYS A 11 2.06 -16.24 -6.88
N SER A 12 1.30 -16.87 -7.73
CA SER A 12 0.28 -17.84 -7.24
C SER A 12 -0.82 -17.12 -6.46
N ASN A 13 -0.80 -15.80 -6.42
CA ASN A 13 -1.86 -15.05 -5.68
C ASN A 13 -2.50 -14.05 -6.64
N CYS A 14 -3.70 -13.59 -6.34
CA CYS A 14 -4.40 -12.63 -7.24
C CYS A 14 -4.38 -11.23 -6.62
N TYR A 15 -4.13 -10.23 -7.42
CA TYR A 15 -4.11 -8.82 -6.91
C TYR A 15 -4.70 -7.90 -7.98
N GLY A 16 -5.26 -6.79 -7.58
CA GLY A 16 -5.85 -5.86 -8.58
C GLY A 16 -5.77 -4.43 -8.03
N TYR A 17 -6.03 -3.45 -8.88
CA TYR A 17 -5.97 -2.02 -8.43
C TYR A 17 -7.33 -1.37 -8.63
N PHE A 18 -7.72 -0.50 -7.72
CA PHE A 18 -9.04 0.20 -7.84
C PHE A 18 -8.81 1.68 -8.09
N ARG A 19 -9.39 2.20 -9.13
CA ARG A 19 -9.21 3.65 -9.46
C ARG A 19 -10.37 4.44 -8.87
N LYS A 20 -10.53 4.40 -7.57
CA LYS A 20 -11.65 5.15 -6.91
C LYS A 20 -11.10 5.88 -5.69
N LEU A 21 -11.53 7.09 -5.47
CA LEU A 21 -11.02 7.85 -4.30
C LEU A 21 -11.76 7.37 -3.05
N ARG A 22 -11.08 6.60 -2.23
CA ARG A 22 -11.72 6.07 -0.98
C ARG A 22 -10.72 6.20 0.18
N ASN A 23 -11.20 6.61 1.32
CA ASN A 23 -10.30 6.77 2.50
C ASN A 23 -9.70 5.41 2.88
N TRP A 24 -8.57 5.42 3.55
CA TRP A 24 -7.92 4.13 3.94
C TRP A 24 -8.90 3.28 4.75
N SER A 25 -9.78 3.90 5.50
CA SER A 25 -10.74 3.11 6.33
C SER A 25 -11.73 2.40 5.40
N ASP A 26 -12.23 3.09 4.41
CA ASP A 26 -13.19 2.45 3.48
C ASP A 26 -12.42 1.61 2.46
N ALA A 27 -11.18 1.94 2.25
CA ALA A 27 -10.35 1.17 1.28
C ALA A 27 -10.01 -0.20 1.88
N GLU A 28 -9.49 -0.22 3.07
CA GLU A 28 -9.15 -1.52 3.72
C GLU A 28 -10.42 -2.34 3.94
N LEU A 29 -11.43 -1.74 4.53
CA LEU A 29 -12.69 -2.48 4.77
C LEU A 29 -13.19 -3.06 3.45
N GLU A 30 -13.14 -2.28 2.40
CA GLU A 30 -13.61 -2.78 1.07
C GLU A 30 -12.85 -4.06 0.71
N CYS A 31 -11.67 -4.24 1.25
CA CYS A 31 -10.88 -5.47 0.91
C CYS A 31 -11.28 -6.61 1.85
N GLN A 32 -10.98 -6.50 3.12
CA GLN A 32 -11.34 -7.60 4.06
C GLN A 32 -12.82 -7.95 3.89
N SER A 33 -13.55 -7.15 3.17
CA SER A 33 -15.00 -7.44 2.97
C SER A 33 -15.14 -8.84 2.37
N TYR A 34 -14.14 -9.30 1.68
CA TYR A 34 -14.22 -10.67 1.07
C TYR A 34 -13.94 -11.71 2.16
N GLY A 35 -13.47 -11.27 3.30
CA GLY A 35 -13.19 -12.22 4.41
C GLY A 35 -12.13 -13.23 3.98
N ASN A 36 -11.64 -13.11 2.78
CA ASN A 36 -10.59 -14.06 2.30
C ASN A 36 -9.24 -13.56 2.78
N GLY A 37 -9.24 -12.64 3.71
CA GLY A 37 -7.97 -12.09 4.23
C GLY A 37 -7.49 -10.99 3.27
N ALA A 38 -8.39 -10.47 2.49
CA ALA A 38 -8.01 -9.40 1.52
C ALA A 38 -7.66 -8.11 2.28
N HIS A 39 -6.59 -7.47 1.89
CA HIS A 39 -6.19 -6.21 2.58
C HIS A 39 -5.29 -5.37 1.66
N LEU A 40 -4.92 -4.20 2.09
CA LEU A 40 -4.04 -3.33 1.24
C LEU A 40 -2.71 -4.04 1.03
N ALA A 41 -2.04 -3.74 -0.06
CA ALA A 41 -0.72 -4.39 -0.36
C ALA A 41 0.12 -4.57 0.90
N SER A 42 1.08 -5.46 0.86
CA SER A 42 1.96 -5.70 2.05
C SER A 42 3.42 -5.54 1.62
N ILE A 43 4.25 -4.98 2.47
CA ILE A 43 5.69 -4.77 2.11
C ILE A 43 6.59 -5.11 3.31
N LEU A 44 7.44 -6.10 3.16
CA LEU A 44 8.35 -6.50 4.28
C LEU A 44 9.78 -6.05 3.93
N SER A 45 10.10 -5.93 2.68
CA SER A 45 11.48 -5.51 2.28
C SER A 45 11.44 -4.68 0.99
N LEU A 46 12.55 -4.12 0.61
CA LEU A 46 12.59 -3.29 -0.63
C LEU A 46 12.33 -4.20 -1.85
N LYS A 47 12.76 -5.44 -1.76
CA LYS A 47 12.55 -6.37 -2.90
C LYS A 47 11.06 -6.41 -3.26
N GLU A 48 10.20 -6.45 -2.27
CA GLU A 48 8.75 -6.49 -2.55
C GLU A 48 8.29 -5.12 -3.09
N ALA A 49 8.69 -4.06 -2.43
CA ALA A 49 8.28 -2.70 -2.89
C ALA A 49 8.83 -2.44 -4.30
N SER A 50 9.99 -2.96 -4.60
CA SER A 50 10.58 -2.71 -5.95
C SER A 50 9.76 -3.43 -7.02
N THR A 51 9.41 -4.67 -6.79
CA THR A 51 8.62 -5.41 -7.81
C THR A 51 7.19 -4.86 -7.88
N ILE A 52 6.58 -4.62 -6.76
CA ILE A 52 5.18 -4.10 -6.77
C ILE A 52 5.17 -2.65 -7.28
N ALA A 53 5.99 -1.83 -6.73
CA ALA A 53 6.02 -0.40 -7.15
C ALA A 53 6.41 -0.29 -8.63
N GLU A 54 7.37 -1.04 -9.07
CA GLU A 54 7.76 -0.96 -10.50
C GLU A 54 6.55 -1.26 -11.38
N TYR A 55 5.61 -2.02 -10.88
CA TYR A 55 4.40 -2.34 -11.70
C TYR A 55 3.30 -1.31 -11.44
N ILE A 56 2.87 -1.16 -10.22
CA ILE A 56 1.77 -0.19 -9.92
C ILE A 56 2.30 1.25 -9.77
N SER A 57 3.59 1.48 -9.90
CA SER A 57 4.10 2.87 -9.74
C SER A 57 3.23 3.83 -10.56
N GLY A 58 3.07 3.58 -11.83
CA GLY A 58 2.20 4.47 -12.65
C GLY A 58 2.78 5.88 -12.73
N TYR A 59 4.03 6.05 -12.39
CA TYR A 59 4.65 7.41 -12.43
C TYR A 59 4.39 8.09 -13.78
N GLN A 60 3.77 7.41 -14.72
CA GLN A 60 3.52 8.03 -16.04
C GLN A 60 2.19 8.79 -16.04
N ARG A 61 1.30 8.46 -15.15
CA ARG A 61 0.00 9.19 -15.14
C ARG A 61 -0.84 8.83 -13.90
N SER A 62 -0.53 7.76 -13.23
CA SER A 62 -1.34 7.37 -12.03
C SER A 62 -0.95 8.24 -10.83
N GLN A 63 -1.78 8.25 -9.82
CA GLN A 63 -1.48 9.07 -8.59
C GLN A 63 -1.05 8.14 -7.46
N SER A 64 -0.46 8.69 -6.44
CA SER A 64 0.01 7.86 -5.29
C SER A 64 -1.04 6.81 -4.92
N ILE A 65 -0.63 5.58 -4.76
CA ILE A 65 -1.59 4.49 -4.40
C ILE A 65 -1.38 4.12 -2.93
N TRP A 66 -2.44 3.79 -2.24
CA TRP A 66 -2.31 3.43 -0.79
C TRP A 66 -1.74 2.02 -0.63
N ILE A 67 -1.14 1.77 0.50
CA ILE A 67 -0.54 0.43 0.79
C ILE A 67 -0.92 0.06 2.23
N GLY A 68 -0.63 -1.14 2.67
CA GLY A 68 -0.99 -1.53 4.06
C GLY A 68 0.08 -1.06 5.04
N LEU A 69 0.30 0.23 5.14
CA LEU A 69 1.32 0.78 6.09
C LEU A 69 0.64 1.81 6.98
N HIS A 70 0.64 1.59 8.27
CA HIS A 70 -0.02 2.57 9.20
C HIS A 70 0.63 2.52 10.57
N ASP A 71 0.29 3.45 11.42
CA ASP A 71 0.89 3.49 12.79
C ASP A 71 0.00 2.63 13.73
N PRO A 72 0.58 2.05 14.75
CA PRO A 72 -0.20 1.20 15.72
C PRO A 72 -1.21 2.02 16.53
N GLN A 73 -0.79 2.54 17.65
CA GLN A 73 -1.70 3.36 18.52
C GLN A 73 -0.98 4.66 18.88
N LYS A 74 -0.38 5.30 17.91
CA LYS A 74 0.37 6.56 18.17
C LYS A 74 1.62 6.24 18.98
N ARG A 75 2.28 5.16 18.67
CA ARG A 75 3.52 4.78 19.39
C ARG A 75 4.72 5.21 18.56
N GLN A 76 4.47 5.98 17.54
CA GLN A 76 5.57 6.46 16.64
C GLN A 76 6.29 5.27 16.02
N GLN A 77 5.55 4.33 15.50
CA GLN A 77 6.15 3.13 14.85
C GLN A 77 5.40 2.84 13.57
N TRP A 78 6.10 2.57 12.50
CA TRP A 78 5.44 2.27 11.20
C TRP A 78 5.45 0.76 10.97
N GLN A 79 4.29 0.14 10.95
CA GLN A 79 4.21 -1.33 10.73
C GLN A 79 3.04 -1.64 9.80
N TRP A 80 3.02 -2.82 9.25
CA TRP A 80 1.91 -3.20 8.32
C TRP A 80 0.82 -3.92 9.10
N ILE A 81 -0.25 -4.29 8.45
CA ILE A 81 -1.36 -4.99 9.14
C ILE A 81 -0.84 -6.25 9.83
N ASP A 82 -0.22 -7.14 9.10
CA ASP A 82 0.29 -8.39 9.74
C ASP A 82 1.37 -8.04 10.77
N GLY A 83 1.62 -6.77 10.97
CA GLY A 83 2.65 -6.38 11.96
C GLY A 83 4.03 -6.57 11.32
N ALA A 84 4.06 -6.71 10.02
CA ALA A 84 5.36 -6.92 9.31
C ALA A 84 6.43 -5.99 9.89
N MET A 85 7.67 -6.42 9.90
CA MET A 85 8.77 -5.57 10.46
C MET A 85 9.81 -5.29 9.37
N TYR A 86 9.87 -4.07 8.91
CA TYR A 86 10.88 -3.72 7.86
C TYR A 86 12.24 -3.56 8.54
N LEU A 87 13.26 -4.17 7.99
CA LEU A 87 14.62 -4.06 8.60
C LEU A 87 15.36 -2.86 7.99
N TYR A 88 15.43 -1.77 8.70
CA TYR A 88 16.14 -0.57 8.17
C TYR A 88 15.57 -0.21 6.80
N ARG A 89 14.58 0.65 6.77
CA ARG A 89 13.97 1.07 5.48
C ARG A 89 14.81 2.19 4.85
N SER A 90 14.60 2.47 3.60
CA SER A 90 15.38 3.55 2.94
C SER A 90 15.04 4.89 3.61
N TRP A 91 16.01 5.53 4.24
CA TRP A 91 15.73 6.84 4.91
C TRP A 91 17.00 7.68 4.93
N SER A 92 17.11 8.65 4.07
CA SER A 92 18.33 9.49 4.06
C SER A 92 18.07 10.77 3.25
N GLY A 93 18.02 11.90 3.90
CA GLY A 93 17.77 13.18 3.17
C GLY A 93 16.28 13.53 3.20
N LYS A 94 15.48 12.67 3.79
CA LYS A 94 14.02 12.94 3.86
C LYS A 94 13.46 12.27 5.13
N SER A 95 12.39 12.79 5.66
CA SER A 95 11.79 12.20 6.89
C SER A 95 10.26 12.24 6.80
N MET A 96 9.62 11.11 6.74
CA MET A 96 8.14 11.09 6.65
C MET A 96 7.54 11.72 7.92
N GLY A 97 8.37 12.10 8.84
CA GLY A 97 7.85 12.71 10.10
C GLY A 97 7.37 11.60 11.04
N GLY A 98 6.41 10.83 10.61
CA GLY A 98 5.90 9.72 11.48
C GLY A 98 4.76 9.00 10.77
N ASN A 99 4.76 9.00 9.46
CA ASN A 99 3.68 8.30 8.71
C ASN A 99 2.32 8.69 9.29
N LYS A 100 2.28 9.72 10.09
CA LYS A 100 1.00 10.19 10.71
C LYS A 100 0.11 8.99 11.05
N HIS A 101 -1.12 9.00 10.60
CA HIS A 101 -2.04 7.86 10.89
C HIS A 101 -1.95 6.87 9.73
N CYS A 102 -1.45 7.31 8.60
CA CYS A 102 -1.33 6.41 7.42
C CYS A 102 -0.21 6.93 6.50
N ALA A 103 0.38 6.07 5.72
CA ALA A 103 1.48 6.50 4.80
C ALA A 103 1.11 6.15 3.35
N GLU A 104 1.67 6.85 2.40
CA GLU A 104 1.35 6.57 0.97
C GLU A 104 2.60 6.80 0.12
N MET A 105 2.68 6.18 -1.02
CA MET A 105 3.87 6.36 -1.91
C MET A 105 3.64 7.55 -2.84
N SER A 106 4.53 8.51 -2.83
CA SER A 106 4.35 9.69 -3.72
C SER A 106 4.70 9.31 -5.15
N SER A 107 3.74 8.88 -5.92
CA SER A 107 4.03 8.49 -7.33
C SER A 107 4.40 9.74 -8.14
N ASN A 108 3.80 10.86 -7.84
CA ASN A 108 4.14 12.10 -8.59
C ASN A 108 5.64 12.36 -8.51
N ASN A 109 6.25 12.02 -7.41
CA ASN A 109 7.72 12.24 -7.26
C ASN A 109 8.48 11.08 -7.90
N ASN A 110 8.97 11.26 -9.09
CA ASN A 110 9.71 10.17 -9.78
C ASN A 110 10.77 9.60 -8.81
N PHE A 111 11.11 10.34 -7.79
CA PHE A 111 12.12 9.84 -6.81
C PHE A 111 11.46 8.90 -5.80
N LEU A 112 10.28 8.44 -6.11
CA LEU A 112 9.54 7.51 -5.18
C LEU A 112 9.68 7.99 -3.74
N THR A 113 9.56 9.27 -3.51
CA THR A 113 9.69 9.80 -2.13
C THR A 113 8.46 9.40 -1.31
N TRP A 114 8.65 8.98 -0.09
CA TRP A 114 7.50 8.57 0.77
C TRP A 114 6.94 9.81 1.49
N SER A 115 5.69 9.79 1.85
CA SER A 115 5.09 10.95 2.56
C SER A 115 4.00 10.46 3.51
N SER A 116 3.80 11.15 4.61
CA SER A 116 2.75 10.73 5.58
C SER A 116 1.40 11.32 5.15
N ASN A 117 0.32 10.70 5.54
CA ASN A 117 -1.02 11.21 5.16
C ASN A 117 -2.06 10.79 6.20
N GLU A 118 -3.12 11.53 6.35
CA GLU A 118 -4.16 11.16 7.33
C GLU A 118 -5.01 10.02 6.76
N CYS A 119 -5.49 9.15 7.60
CA CYS A 119 -6.32 8.01 7.09
C CYS A 119 -7.75 8.49 6.79
N ASN A 120 -7.89 9.73 6.36
CA ASN A 120 -9.25 10.27 6.06
C ASN A 120 -9.25 10.94 4.68
N LYS A 121 -8.15 10.91 3.97
CA LYS A 121 -8.11 11.54 2.63
C LYS A 121 -8.51 10.50 1.58
N ARG A 122 -9.63 10.68 0.94
CA ARG A 122 -10.08 9.70 -0.07
C ARG A 122 -9.11 9.70 -1.26
N GLN A 123 -8.45 8.59 -1.50
CA GLN A 123 -7.48 8.50 -2.64
C GLN A 123 -7.48 7.08 -3.20
N HIS A 124 -6.98 6.90 -4.39
CA HIS A 124 -6.95 5.54 -4.99
C HIS A 124 -6.34 4.55 -3.98
N PHE A 125 -6.45 3.28 -4.22
CA PHE A 125 -5.88 2.29 -3.27
C PHE A 125 -5.69 0.93 -3.95
N LEU A 126 -4.77 0.13 -3.46
CA LEU A 126 -4.53 -1.22 -4.05
C LEU A 126 -5.09 -2.29 -3.10
N CYS A 127 -5.51 -3.41 -3.64
CA CYS A 127 -6.07 -4.50 -2.77
C CYS A 127 -5.33 -5.81 -3.08
N LYS A 128 -5.09 -6.60 -2.07
CA LYS A 128 -4.38 -7.91 -2.26
C LYS A 128 -5.30 -9.06 -1.83
N TYR A 129 -5.13 -10.21 -2.41
CA TYR A 129 -6.00 -11.38 -2.05
C TYR A 129 -5.14 -12.62 -1.83
N ARG A 130 -5.42 -13.37 -0.81
CA ARG A 130 -4.63 -14.61 -0.52
C ARG A 130 -5.35 -15.82 -1.15
N PRO A 131 -4.61 -16.80 -1.62
CA PRO A 131 -5.21 -18.01 -2.26
C PRO A 131 -5.89 -18.93 -1.21
N GLN A 1 -12.75 -13.89 -4.91
CA GLN A 1 -13.58 -14.74 -5.81
C GLN A 1 -12.66 -15.57 -6.70
N SER A 2 -12.93 -15.62 -7.97
CA SER A 2 -12.07 -16.42 -8.89
C SER A 2 -10.75 -15.70 -9.11
N CYS A 3 -9.99 -16.11 -10.09
CA CYS A 3 -8.69 -15.43 -10.37
C CYS A 3 -8.26 -15.71 -11.81
N ALA A 4 -8.80 -14.98 -12.74
CA ALA A 4 -8.42 -15.20 -14.17
C ALA A 4 -9.19 -14.19 -15.06
N PRO A 5 -10.48 -14.08 -14.90
CA PRO A 5 -11.30 -13.12 -15.72
C PRO A 5 -10.70 -11.71 -15.73
N GLY A 6 -9.71 -11.49 -16.55
CA GLY A 6 -9.08 -10.14 -16.59
C GLY A 6 -8.14 -9.97 -15.40
N TRP A 7 -8.17 -10.91 -14.49
CA TRP A 7 -7.28 -10.82 -13.29
C TRP A 7 -5.90 -11.39 -13.65
N PHE A 8 -4.84 -10.82 -13.11
CA PHE A 8 -3.47 -11.32 -13.42
C PHE A 8 -2.95 -12.16 -12.25
N TYR A 9 -2.47 -13.35 -12.53
CA TYR A 9 -1.94 -14.22 -11.43
C TYR A 9 -0.48 -13.86 -11.18
N HIS A 10 -0.21 -13.17 -10.10
CA HIS A 10 1.20 -12.77 -9.76
C HIS A 10 1.59 -13.35 -8.40
N LYS A 11 2.81 -13.81 -8.27
CA LYS A 11 3.25 -14.38 -6.95
C LYS A 11 2.28 -15.47 -6.50
N SER A 12 1.72 -16.17 -7.42
CA SER A 12 0.77 -17.27 -7.08
C SER A 12 -0.43 -16.73 -6.29
N ASN A 13 -0.52 -15.43 -6.13
CA ASN A 13 -1.69 -14.84 -5.38
C ASN A 13 -2.44 -13.90 -6.31
N CYS A 14 -3.62 -13.48 -5.91
CA CYS A 14 -4.44 -12.57 -6.78
C CYS A 14 -4.40 -11.15 -6.22
N TYR A 15 -4.01 -10.20 -7.03
CA TYR A 15 -3.94 -8.77 -6.58
C TYR A 15 -4.35 -7.86 -7.74
N GLY A 16 -4.89 -6.70 -7.45
CA GLY A 16 -5.31 -5.79 -8.54
C GLY A 16 -5.36 -4.35 -8.03
N TYR A 17 -5.12 -3.39 -8.89
CA TYR A 17 -5.15 -1.96 -8.46
C TYR A 17 -6.56 -1.40 -8.66
N PHE A 18 -6.96 -0.46 -7.83
CA PHE A 18 -8.32 0.15 -7.97
C PHE A 18 -8.18 1.65 -8.24
N ARG A 19 -8.80 2.12 -9.28
CA ARG A 19 -8.72 3.57 -9.62
C ARG A 19 -9.93 4.30 -9.03
N LYS A 20 -10.08 4.27 -7.73
CA LYS A 20 -11.24 4.96 -7.08
C LYS A 20 -10.74 5.76 -5.87
N LEU A 21 -11.30 6.92 -5.64
CA LEU A 21 -10.86 7.74 -4.49
C LEU A 21 -11.61 7.29 -3.24
N ARG A 22 -10.95 6.59 -2.37
CA ARG A 22 -11.60 6.10 -1.12
C ARG A 22 -10.64 6.24 0.06
N ASN A 23 -11.13 6.71 1.18
CA ASN A 23 -10.26 6.88 2.38
C ASN A 23 -9.78 5.49 2.85
N TRP A 24 -8.58 5.42 3.35
CA TRP A 24 -8.03 4.11 3.83
C TRP A 24 -9.08 3.36 4.65
N SER A 25 -9.93 4.06 5.34
CA SER A 25 -10.96 3.37 6.17
C SER A 25 -11.98 2.68 5.25
N ASP A 26 -12.39 3.35 4.21
CA ASP A 26 -13.37 2.73 3.28
C ASP A 26 -12.62 1.79 2.34
N ALA A 27 -11.37 2.04 2.13
CA ALA A 27 -10.56 1.17 1.23
C ALA A 27 -10.27 -0.16 1.93
N GLU A 28 -9.74 -0.10 3.13
CA GLU A 28 -9.42 -1.37 3.86
C GLU A 28 -10.69 -2.19 4.05
N LEU A 29 -11.72 -1.59 4.57
CA LEU A 29 -12.99 -2.33 4.80
C LEU A 29 -13.46 -2.95 3.47
N GLU A 30 -13.21 -2.28 2.38
CA GLU A 30 -13.64 -2.81 1.07
C GLU A 30 -12.86 -4.10 0.77
N CYS A 31 -11.73 -4.28 1.39
CA CYS A 31 -10.92 -5.51 1.13
C CYS A 31 -11.29 -6.60 2.13
N GLN A 32 -11.00 -6.41 3.40
CA GLN A 32 -11.36 -7.47 4.39
C GLN A 32 -12.81 -7.88 4.22
N SER A 33 -13.57 -7.13 3.46
CA SER A 33 -14.99 -7.47 3.25
C SER A 33 -15.09 -8.90 2.69
N TYR A 34 -14.06 -9.37 2.03
CA TYR A 34 -14.11 -10.75 1.48
C TYR A 34 -13.80 -11.75 2.60
N GLY A 35 -13.36 -11.27 3.72
CA GLY A 35 -13.05 -12.17 4.86
C GLY A 35 -11.99 -13.19 4.43
N ASN A 36 -11.52 -13.12 3.23
CA ASN A 36 -10.47 -14.07 2.76
C ASN A 36 -9.11 -13.53 3.20
N GLY A 37 -9.12 -12.58 4.08
CA GLY A 37 -7.84 -11.99 4.56
C GLY A 37 -7.40 -10.91 3.57
N ALA A 38 -8.33 -10.43 2.78
CA ALA A 38 -7.98 -9.38 1.78
C ALA A 38 -7.64 -8.08 2.50
N HIS A 39 -6.58 -7.43 2.09
CA HIS A 39 -6.18 -6.15 2.74
C HIS A 39 -5.29 -5.35 1.79
N LEU A 40 -4.94 -4.15 2.17
CA LEU A 40 -4.06 -3.31 1.29
C LEU A 40 -2.71 -4.00 1.12
N ALA A 41 -2.04 -3.72 0.03
CA ALA A 41 -0.71 -4.35 -0.25
C ALA A 41 0.11 -4.51 1.04
N SER A 42 0.87 -5.57 1.15
CA SER A 42 1.69 -5.80 2.37
C SER A 42 3.07 -6.33 1.97
N ILE A 43 4.11 -5.60 2.29
CA ILE A 43 5.50 -6.06 1.95
C ILE A 43 6.45 -5.66 3.08
N LEU A 44 7.42 -6.49 3.38
CA LEU A 44 8.41 -6.18 4.45
C LEU A 44 9.74 -5.82 3.78
N SER A 45 9.99 -6.34 2.61
CA SER A 45 11.26 -6.04 1.89
C SER A 45 11.03 -4.92 0.88
N LEU A 46 11.93 -3.97 0.82
CA LEU A 46 11.76 -2.83 -0.13
C LEU A 46 12.01 -3.33 -1.56
N LYS A 47 12.91 -4.24 -1.74
CA LYS A 47 13.19 -4.75 -3.12
C LYS A 47 11.90 -5.28 -3.77
N GLU A 48 11.10 -5.99 -3.03
CA GLU A 48 9.83 -6.52 -3.62
C GLU A 48 8.84 -5.38 -3.86
N ALA A 49 8.61 -4.55 -2.88
CA ALA A 49 7.65 -3.43 -3.07
C ALA A 49 8.12 -2.53 -4.21
N SER A 50 9.40 -2.37 -4.38
CA SER A 50 9.92 -1.51 -5.47
C SER A 50 9.52 -2.09 -6.83
N THR A 51 9.55 -3.39 -6.96
CA THR A 51 9.19 -4.01 -8.27
C THR A 51 7.70 -3.79 -8.55
N ILE A 52 6.85 -4.02 -7.58
CA ILE A 52 5.40 -3.83 -7.83
C ILE A 52 5.14 -2.37 -8.22
N ALA A 53 5.79 -1.45 -7.57
CA ALA A 53 5.57 0.00 -7.91
C ALA A 53 5.85 0.22 -9.39
N GLU A 54 6.88 -0.40 -9.90
CA GLU A 54 7.19 -0.22 -11.34
C GLU A 54 5.97 -0.65 -12.16
N TYR A 55 5.17 -1.53 -11.63
CA TYR A 55 3.96 -1.99 -12.37
C TYR A 55 2.76 -1.10 -12.02
N ILE A 56 2.41 -1.02 -10.75
CA ILE A 56 1.23 -0.18 -10.37
C ILE A 56 1.59 1.30 -10.27
N SER A 57 2.83 1.67 -10.52
CA SER A 57 3.22 3.11 -10.43
C SER A 57 2.11 4.00 -11.00
N GLY A 58 1.62 3.68 -12.16
CA GLY A 58 0.51 4.48 -12.74
C GLY A 58 0.99 5.89 -13.14
N TYR A 59 2.28 6.09 -13.23
CA TYR A 59 2.77 7.46 -13.60
C TYR A 59 2.11 7.90 -14.91
N GLN A 60 1.35 7.04 -15.53
CA GLN A 60 0.68 7.42 -16.82
C GLN A 60 -0.59 8.23 -16.53
N ARG A 61 -1.15 8.09 -15.37
CA ARG A 61 -2.38 8.86 -15.04
C ARG A 61 -2.74 8.65 -13.57
N SER A 62 -2.40 7.51 -13.02
CA SER A 62 -2.71 7.25 -11.58
C SER A 62 -1.45 7.49 -10.74
N GLN A 63 -1.47 8.52 -9.93
CA GLN A 63 -0.28 8.84 -9.08
C GLN A 63 -0.57 8.48 -7.62
N SER A 64 0.45 8.07 -6.90
CA SER A 64 0.27 7.74 -5.46
C SER A 64 -0.75 6.60 -5.28
N ILE A 65 -0.36 5.58 -4.56
CA ILE A 65 -1.29 4.43 -4.30
C ILE A 65 -1.16 4.04 -2.82
N TRP A 66 -2.25 3.72 -2.18
CA TRP A 66 -2.19 3.37 -0.74
C TRP A 66 -1.63 1.95 -0.55
N ILE A 67 -1.08 1.70 0.61
CA ILE A 67 -0.52 0.35 0.95
C ILE A 67 -0.94 0.02 2.39
N GLY A 68 -0.71 -1.18 2.84
CA GLY A 68 -1.13 -1.52 4.23
C GLY A 68 -0.07 -1.07 5.24
N LEU A 69 0.20 0.21 5.32
CA LEU A 69 1.22 0.73 6.30
C LEU A 69 0.55 1.76 7.20
N HIS A 70 0.52 1.54 8.49
CA HIS A 70 -0.14 2.53 9.39
C HIS A 70 0.47 2.47 10.80
N ASP A 71 0.15 3.43 11.62
CA ASP A 71 0.68 3.45 13.01
C ASP A 71 -0.28 2.67 13.92
N PRO A 72 0.20 2.11 15.00
CA PRO A 72 -0.65 1.32 15.95
C PRO A 72 -1.61 2.22 16.75
N GLN A 73 -1.23 2.58 17.95
CA GLN A 73 -2.09 3.46 18.81
C GLN A 73 -1.33 4.76 19.11
N LYS A 74 -0.74 5.35 18.10
CA LYS A 74 0.04 6.61 18.32
C LYS A 74 1.28 6.29 19.14
N ARG A 75 1.90 5.17 18.89
CA ARG A 75 3.13 4.78 19.65
C ARG A 75 4.35 5.18 18.81
N GLN A 76 4.12 5.87 17.72
CA GLN A 76 5.24 6.30 16.83
C GLN A 76 5.95 5.07 16.28
N GLN A 77 5.20 4.14 15.73
CA GLN A 77 5.80 2.91 15.15
C GLN A 77 5.11 2.63 13.82
N TRP A 78 5.86 2.31 12.81
CA TRP A 78 5.28 2.01 11.47
C TRP A 78 5.25 0.49 11.26
N GLN A 79 4.08 -0.09 11.18
CA GLN A 79 3.98 -1.56 10.98
C GLN A 79 2.86 -1.89 9.99
N TRP A 80 2.91 -3.03 9.37
CA TRP A 80 1.86 -3.43 8.39
C TRP A 80 0.80 -4.27 9.10
N ILE A 81 -0.21 -4.68 8.38
CA ILE A 81 -1.29 -5.52 8.99
C ILE A 81 -0.68 -6.77 9.65
N ASP A 82 0.04 -7.56 8.91
CA ASP A 82 0.63 -8.79 9.50
C ASP A 82 1.55 -8.41 10.67
N GLY A 83 1.68 -7.14 10.94
CA GLY A 83 2.56 -6.70 12.04
C GLY A 83 4.00 -6.68 11.54
N ALA A 84 4.17 -6.80 10.25
CA ALA A 84 5.56 -6.79 9.70
C ALA A 84 6.26 -5.51 10.16
N MET A 85 7.49 -5.61 10.61
CA MET A 85 8.22 -4.39 11.08
C MET A 85 9.51 -4.19 10.28
N TYR A 86 9.53 -3.20 9.42
CA TYR A 86 10.79 -2.93 8.65
C TYR A 86 11.86 -2.55 9.68
N LEU A 87 12.87 -3.36 9.85
CA LEU A 87 13.94 -3.05 10.86
C LEU A 87 15.19 -2.52 10.14
N TYR A 88 15.78 -1.53 10.72
CA TYR A 88 17.01 -0.95 10.11
C TYR A 88 16.75 -0.64 8.63
N ARG A 89 15.83 0.24 8.35
CA ARG A 89 15.53 0.59 6.94
C ARG A 89 16.55 1.63 6.47
N SER A 90 17.11 1.46 5.30
CA SER A 90 18.10 2.44 4.81
C SER A 90 17.50 3.84 4.89
N TRP A 91 18.27 4.80 5.33
CA TRP A 91 17.73 6.18 5.42
C TRP A 91 18.86 7.20 5.21
N SER A 92 18.94 7.76 4.04
CA SER A 92 19.99 8.77 3.75
C SER A 92 19.64 9.49 2.46
N GLY A 93 19.26 10.74 2.56
CA GLY A 93 18.89 11.51 1.33
C GLY A 93 17.41 11.24 1.02
N LYS A 94 16.71 10.68 1.96
CA LYS A 94 15.26 10.35 1.75
C LYS A 94 14.43 10.90 2.91
N SER A 95 13.20 11.26 2.66
CA SER A 95 12.33 11.82 3.74
C SER A 95 11.31 10.75 4.16
N MET A 96 10.47 11.06 5.11
CA MET A 96 9.45 10.06 5.57
C MET A 96 8.26 10.81 6.19
N GLY A 97 8.51 11.91 6.84
CA GLY A 97 7.39 12.68 7.45
C GLY A 97 7.02 12.07 8.81
N GLY A 98 6.69 10.80 8.84
CA GLY A 98 6.31 10.13 10.13
C GLY A 98 5.08 9.24 9.92
N ASN A 99 4.71 9.01 8.69
CA ASN A 99 3.52 8.15 8.39
C ASN A 99 2.26 8.70 9.06
N LYS A 100 2.38 9.63 9.98
CA LYS A 100 1.18 10.20 10.66
C LYS A 100 0.19 9.08 11.00
N HIS A 101 -1.06 9.23 10.66
CA HIS A 101 -2.03 8.14 10.95
C HIS A 101 -1.89 7.05 9.90
N CYS A 102 -1.41 7.41 8.74
CA CYS A 102 -1.21 6.40 7.65
C CYS A 102 -0.19 6.94 6.64
N ALA A 103 0.42 6.07 5.88
CA ALA A 103 1.44 6.51 4.88
C ALA A 103 0.95 6.19 3.46
N GLU A 104 1.56 6.81 2.47
CA GLU A 104 1.14 6.56 1.06
C GLU A 104 2.36 6.75 0.14
N MET A 105 2.21 6.49 -1.14
CA MET A 105 3.34 6.64 -2.09
C MET A 105 3.29 8.04 -2.71
N SER A 106 4.38 8.76 -2.68
CA SER A 106 4.41 10.13 -3.28
C SER A 106 4.97 10.05 -4.70
N SER A 107 4.13 10.10 -5.69
CA SER A 107 4.62 10.03 -7.10
C SER A 107 5.41 11.30 -7.43
N ASN A 108 5.21 12.35 -6.69
CA ASN A 108 5.96 13.60 -6.96
C ASN A 108 7.46 13.31 -6.98
N ASN A 109 7.90 12.38 -6.16
CA ASN A 109 9.35 12.04 -6.12
C ASN A 109 9.67 11.05 -7.24
N ASN A 110 10.66 11.33 -8.03
CA ASN A 110 11.01 10.41 -9.15
C ASN A 110 11.31 9.02 -8.57
N PHE A 111 11.85 8.96 -7.38
CA PHE A 111 12.17 7.63 -6.77
C PHE A 111 10.91 7.06 -6.12
N LEU A 112 9.77 7.66 -6.37
CA LEU A 112 8.52 7.14 -5.76
C LEU A 112 8.72 6.93 -4.26
N THR A 113 9.22 7.92 -3.57
CA THR A 113 9.44 7.78 -2.11
C THR A 113 8.10 7.76 -1.38
N TRP A 114 8.09 7.38 -0.13
CA TRP A 114 6.80 7.33 0.63
C TRP A 114 6.54 8.71 1.26
N SER A 115 5.33 8.95 1.69
CA SER A 115 5.00 10.27 2.31
C SER A 115 3.95 10.06 3.40
N SER A 116 4.00 10.85 4.44
CA SER A 116 3.00 10.69 5.54
C SER A 116 1.74 11.47 5.21
N ASN A 117 0.59 10.94 5.54
CA ASN A 117 -0.68 11.64 5.25
C ASN A 117 -1.75 11.20 6.25
N GLU A 118 -2.80 11.97 6.42
CA GLU A 118 -3.85 11.57 7.38
C GLU A 118 -4.61 10.37 6.82
N CYS A 119 -4.98 9.44 7.66
CA CYS A 119 -5.71 8.24 7.19
C CYS A 119 -7.15 8.60 6.83
N ASN A 120 -7.35 9.76 6.24
CA ASN A 120 -8.73 10.20 5.87
C ASN A 120 -8.70 10.87 4.49
N LYS A 121 -7.61 10.72 3.77
CA LYS A 121 -7.53 11.35 2.41
C LYS A 121 -8.07 10.38 1.36
N ARG A 122 -9.24 10.64 0.83
CA ARG A 122 -9.81 9.71 -0.18
C ARG A 122 -8.95 9.73 -1.46
N GLN A 123 -8.26 8.66 -1.73
CA GLN A 123 -7.39 8.60 -2.96
C GLN A 123 -7.36 7.17 -3.51
N HIS A 124 -6.57 6.92 -4.52
CA HIS A 124 -6.51 5.56 -5.11
C HIS A 124 -5.95 4.57 -4.09
N PHE A 125 -6.16 3.30 -4.29
CA PHE A 125 -5.63 2.30 -3.32
C PHE A 125 -5.56 0.91 -3.97
N LEU A 126 -4.60 0.10 -3.60
CA LEU A 126 -4.48 -1.27 -4.20
C LEU A 126 -4.90 -2.30 -3.15
N CYS A 127 -5.53 -3.37 -3.59
CA CYS A 127 -5.98 -4.44 -2.64
C CYS A 127 -5.23 -5.73 -2.95
N LYS A 128 -5.14 -6.62 -1.98
CA LYS A 128 -4.44 -7.92 -2.20
C LYS A 128 -5.28 -9.06 -1.64
N TYR A 129 -5.16 -10.23 -2.21
CA TYR A 129 -5.97 -11.40 -1.72
C TYR A 129 -5.05 -12.62 -1.59
N ARG A 130 -5.22 -13.39 -0.54
CA ARG A 130 -4.36 -14.60 -0.34
C ARG A 130 -5.09 -15.82 -0.93
N PRO A 131 -4.36 -16.76 -1.48
CA PRO A 131 -4.97 -17.99 -2.08
C PRO A 131 -5.53 -18.94 -1.02
#